data_7K8Z
#
_entry.id   7K8Z
#
_cell.length_a   1.00
_cell.length_b   1.00
_cell.length_c   1.00
_cell.angle_alpha   90.00
_cell.angle_beta   90.00
_cell.angle_gamma   90.00
#
_symmetry.space_group_name_H-M   'P 1'
#
loop_
_entity.id
_entity.type
_entity.pdbx_description
1 polymer 'Spike glycoprotein'
2 polymer 'C135 Fab Heavy Chain'
3 polymer 'C135 Fab Light Chain'
4 branched 2-acetamido-2-deoxy-beta-D-glucopyranose-(1-4)-2-acetamido-2-deoxy-beta-D-glucopyranose
5 branched alpha-D-mannopyranose-(1-3)-[alpha-D-mannopyranose-(1-6)]beta-D-mannopyranose-(1-4)-2-acetamido-2-deoxy-beta-D-glucopyranose-(1-4)-[alpha-L-fucopyranose-(1-6)]2-acetamido-2-deoxy-beta-D-glucopyranose
6 branched beta-D-mannopyranose-(1-4)-2-acetamido-2-deoxy-beta-D-glucopyranose-(1-4)-[alpha-L-fucopyranose-(1-6)]2-acetamido-2-deoxy-beta-D-glucopyranose
7 non-polymer 2-acetamido-2-deoxy-beta-D-glucopyranose
#
loop_
_entity_poly.entity_id
_entity_poly.type
_entity_poly.pdbx_seq_one_letter_code
_entity_poly.pdbx_strand_id
1 'polypeptide(L)'
;MFVFLVLLPLVSSQCVNLTTRTQLPPAYTNSFTRGVYYPDKVFRSSVLHSTQDLFLPFFSNVTWFHAIHVSGTNGTKRFD
NPVLPFNDGVYFASTEKSNIIRGWIFGTTLDSKTQSLLIVNNATNVVIKVCEFQFCNDPFLGVYYHKNNKSWMESEFRVY
SSANNCTFEYVSQPFLMDLEGKQGNFKNLREFVFKNIDGYFKIYSKHTPINLVRDLPQGFSALEPLVDLPIGINITRFQT
LLALHRSYLTPGDSSSGWTAGAAAYYVGYLQPRTFLLKYNENGTITDAVDCALDPLSETKCTLKSFTVEKGIYQTSNFRV
QPTESIVRFPNITNLCPFGEVFNATRFASVYAWNRKRISNCVADYSVLYNSASFSTFKCYGVSPTKLNDLCFTNVYADSF
VIRGDEVRQIAPGQTGKIADYNYKLPDDFTGCVIAWNSNNLDSKVGGNYNYLYRLFRKSNLKPFERDISTEIYQAGSTPC
NGVEGFNCYFPLQSYGFQPTNGVGYQPYRVVVLSFELLHAPATVCGPKKSTNLVKNKCVNFNFNGLTGTGVLTESNKKFL
PFQQFGRDIADTTDAVRDPQTLEILDITPCSFGGVSVITPGTNTSNEVAVLYQDVNCTEVPVAIHADQLTPTWRVYSTGS
NVFQTRAGCLIGAEHVNNSYECDIPIGAGICASYQTQTNSPRRARSVASQSIIAYTMSLGAENSVAYSNNSIAIPTNFTI
SVTTEILPVSMTKTSVDCTMYICGDSTECSNLLLQYGSFCTQLNRALTGIAVEQDKNTQEVFAQVKQIYKTPPIKDFGGF
NFSQILPDPSKPSKRSFIEDLLFNKVTLADAGFIKQYGDCLGDIAARDLICAQKFNGLTVLPPLLTDEMIAQYTSALLAG
TITSGWTFGAGAALQIPFAMQMAYRFNGIGVTQNVLYENQKLIANQFNSAIGKIQDSLSSTASALGKLQDVVNQNAQALN
TLVKQLSSNFGAISSVLNDILSRLDPPEAEVQIDRLITGRLQSLQTYVTQQLIRAAEIRASANLAATKMSECVLGQSKRV
DFCGKGYHLMSFPQSAPHGVVFLHVTYVPAQEKNFTTAPAICHDGKAHFPREGVFVSNGTHWFVTQRNFYEPQIITTDNT
FVSGNCDVVIGIVNNTVYDPLQPELDSFKEELDKYFKNHTSPDVDLGDISGINASVVNIQKEIDRLNEVAKNLNESLIDL
QELGKYEQYIKWPSGRLVPRGSPGSGYIPEAPRDGQAYVRKDGEWVLLSTFLGHHHHHH
;
A,B,C
2 'polypeptide(L)'
;QVQLVESGGGVVQPGRSLRLSCAASGFTFSSYAMHWVRQAPGKGLEWVAVIPFDGRNKYYADSVTGRFTISRDNSKNTLY
LQMNSLRAEDTAVYYCASSSGYLFHSDYWGQGTLVTVSSASTKGPSVFPLAPSSKSTSGGTAALGCLVKDYFPEPVTVSW
NSGALTSGVHTFPAVLQSSGLYSLSSVVTVPSSSLGTQTYICNVNHKPSNTKVDKRVEPKSCDKTHHHHHH
;
H,M
3 'polypeptide(L)'
;DIQMTQSPSTLSASVGDRVTITCRASQSISNWLAWFQQKPGKAPKLLIYEASSLESGVPSRFSGSGSGTEFTLTISSLQP
DDFATYYCQQYNSYPWTFGQGTKVEIKRTVAAPSVFIFPPSDEQLKSGTASVVCLLNNFYPREAKVQWKVDNALQSGNSQ
ESVTEQDSKDSTYSLSSTLTLSKADYEKHKVYACEVTHQGLSSPVTKSFNRGEC
;
L,N
#
# COMPACT_ATOMS: atom_id res chain seq x y z
N ALA A 27 -44.89 27.64 18.75
CA ALA A 27 -45.19 27.38 17.34
C ALA A 27 -44.01 26.70 16.67
N TYR A 28 -44.27 25.98 15.58
CA TYR A 28 -43.23 25.25 14.88
C TYR A 28 -43.59 25.15 13.40
N THR A 29 -42.56 25.04 12.56
CA THR A 29 -42.72 25.05 11.10
C THR A 29 -41.77 24.07 10.45
N ASN A 30 -42.00 23.81 9.16
CA ASN A 30 -41.21 22.87 8.39
C ASN A 30 -40.14 23.60 7.60
N SER A 31 -38.89 23.46 8.03
CA SER A 31 -37.77 23.93 7.22
C SER A 31 -37.54 23.04 6.01
N PHE A 32 -38.42 23.12 5.01
CA PHE A 32 -38.51 22.12 3.95
C PHE A 32 -37.17 21.68 3.38
N THR A 33 -36.43 22.60 2.75
CA THR A 33 -35.14 22.26 2.15
C THR A 33 -34.08 23.34 2.37
N ARG A 34 -34.39 24.37 3.14
CA ARG A 34 -33.45 25.49 3.24
C ARG A 34 -32.33 25.18 4.23
N GLY A 35 -31.31 26.03 4.20
CA GLY A 35 -30.15 25.90 5.05
C GLY A 35 -28.88 25.50 4.32
N VAL A 36 -28.96 25.21 3.03
CA VAL A 36 -27.82 24.75 2.26
C VAL A 36 -26.99 25.95 1.83
N TYR A 37 -25.69 25.90 2.10
CA TYR A 37 -24.82 27.03 1.80
C TYR A 37 -23.55 26.50 1.15
N TYR A 38 -22.91 27.37 0.38
CA TYR A 38 -21.71 27.00 -0.37
C TYR A 38 -20.62 26.52 0.59
N PRO A 39 -20.24 25.24 0.55
CA PRO A 39 -19.33 24.70 1.57
C PRO A 39 -17.99 25.38 1.61
N ASP A 40 -17.47 25.85 0.49
CA ASP A 40 -16.15 26.47 0.44
C ASP A 40 -16.19 27.63 -0.53
N LYS A 41 -15.02 28.19 -0.83
CA LYS A 41 -14.91 29.35 -1.70
C LYS A 41 -14.28 28.98 -3.04
N VAL A 42 -14.65 27.84 -3.60
CA VAL A 42 -14.11 27.35 -4.85
C VAL A 42 -15.24 27.15 -5.84
N PHE A 43 -15.13 27.79 -7.01
CA PHE A 43 -16.12 27.63 -8.06
C PHE A 43 -16.08 26.22 -8.63
N ARG A 44 -17.27 25.67 -8.89
CA ARG A 44 -17.41 24.43 -9.66
C ARG A 44 -18.61 24.59 -10.56
N SER A 45 -18.84 23.60 -11.43
CA SER A 45 -19.94 23.72 -12.37
C SER A 45 -20.35 22.35 -12.90
N SER A 46 -21.66 22.16 -13.02
CA SER A 46 -22.24 20.99 -13.68
C SER A 46 -21.70 19.69 -13.10
N VAL A 47 -21.55 19.66 -11.78
CA VAL A 47 -20.97 18.51 -11.11
C VAL A 47 -21.63 18.33 -9.76
N LEU A 48 -21.82 17.08 -9.37
CA LEU A 48 -22.47 16.74 -8.11
C LEU A 48 -21.37 16.54 -7.06
N HIS A 49 -21.28 17.49 -6.14
CA HIS A 49 -20.21 17.50 -5.16
C HIS A 49 -20.76 17.06 -3.80
N SER A 50 -20.11 16.07 -3.21
CA SER A 50 -20.48 15.58 -1.89
C SER A 50 -19.61 16.25 -0.83
N THR A 51 -20.23 16.78 0.21
CA THR A 51 -19.50 17.43 1.27
C THR A 51 -20.25 17.27 2.59
N GLN A 52 -19.52 17.39 3.69
CA GLN A 52 -20.10 17.28 5.02
C GLN A 52 -19.71 18.51 5.83
N ASP A 53 -20.68 19.03 6.58
CA ASP A 53 -20.48 20.19 7.43
C ASP A 53 -21.69 20.34 8.32
N LEU A 54 -21.79 21.47 9.01
CA LEU A 54 -22.88 21.72 9.95
C LEU A 54 -24.06 22.31 9.20
N PHE A 55 -25.00 21.45 8.79
CA PHE A 55 -26.12 21.85 7.95
C PHE A 55 -27.42 21.78 8.73
N LEU A 56 -28.43 22.44 8.19
CA LEU A 56 -29.77 22.36 8.77
C LEU A 56 -30.52 21.20 8.13
N PRO A 57 -30.77 20.12 8.86
CA PRO A 57 -31.34 18.92 8.25
C PRO A 57 -32.69 19.23 7.61
N PHE A 58 -32.97 18.53 6.52
CA PHE A 58 -34.16 18.80 5.74
C PHE A 58 -35.43 18.44 6.52
N PHE A 59 -36.49 19.20 6.25
CA PHE A 59 -37.80 18.98 6.85
C PHE A 59 -37.70 18.85 8.37
N SER A 60 -36.93 19.75 8.98
CA SER A 60 -36.66 19.68 10.41
C SER A 60 -37.60 20.58 11.19
N ASN A 61 -37.65 20.37 12.50
CA ASN A 61 -38.31 21.32 13.38
C ASN A 61 -37.47 22.58 13.48
N VAL A 62 -38.10 23.71 13.23
CA VAL A 62 -37.50 25.02 13.46
C VAL A 62 -38.48 25.83 14.29
N THR A 63 -37.96 26.53 15.28
CA THR A 63 -38.81 27.25 16.21
C THR A 63 -39.25 28.57 15.61
N TRP A 64 -40.54 28.85 15.66
CA TRP A 64 -41.12 30.04 15.06
C TRP A 64 -41.42 31.02 16.19
N PHE A 65 -40.95 32.25 16.04
CA PHE A 65 -41.32 33.34 16.92
C PHE A 65 -42.07 34.38 16.09
N HIS A 66 -43.08 35.01 16.68
CA HIS A 66 -43.80 36.04 15.94
C HIS A 66 -43.72 37.35 16.75
N ALA A 67 -44.12 38.47 16.16
CA ALA A 67 -43.82 39.78 16.73
C ALA A 67 -45.02 40.74 16.71
N ILE A 68 -46.18 40.28 17.19
CA ILE A 68 -47.29 41.20 17.40
C ILE A 68 -47.86 41.02 18.79
N HIS A 69 -48.54 42.07 19.25
CA HIS A 69 -49.35 42.04 20.47
C HIS A 69 -48.64 41.45 21.69
N PRO A 82 -36.14 37.13 23.27
CA PRO A 82 -36.10 35.73 23.73
C PRO A 82 -34.76 35.04 23.47
N VAL A 83 -34.00 34.80 24.52
CA VAL A 83 -32.65 34.26 24.40
C VAL A 83 -32.75 32.76 24.10
N LEU A 84 -32.04 32.31 23.07
CA LEU A 84 -32.12 30.94 22.62
C LEU A 84 -30.76 30.26 22.64
N PRO A 85 -30.71 28.94 22.68
CA PRO A 85 -29.42 28.24 22.63
C PRO A 85 -28.76 28.36 21.26
N PHE A 86 -27.44 28.27 21.25
CA PHE A 86 -26.63 28.29 20.03
C PHE A 86 -25.83 27.01 19.85
N ASN A 87 -26.41 25.86 20.20
CA ASN A 87 -25.66 24.64 20.52
C ASN A 87 -24.43 24.39 19.66
N ASP A 88 -24.54 24.41 18.34
CA ASP A 88 -23.39 24.15 17.48
C ASP A 88 -23.35 25.03 16.23
N GLY A 89 -24.32 25.92 16.06
CA GLY A 89 -24.41 26.73 14.85
C GLY A 89 -25.88 26.80 14.49
N VAL A 90 -26.35 28.02 14.28
CA VAL A 90 -27.77 28.31 14.23
C VAL A 90 -28.14 28.87 12.88
N TYR A 91 -28.93 28.12 12.12
CA TYR A 91 -29.66 28.64 10.98
C TYR A 91 -30.54 29.77 11.47
N PHE A 92 -30.65 30.82 10.68
CA PHE A 92 -31.55 31.92 11.01
C PHE A 92 -32.25 32.33 9.73
N ALA A 93 -33.45 32.83 9.86
CA ALA A 93 -34.20 33.34 8.72
C ALA A 93 -35.27 34.28 9.24
N SER A 94 -35.72 35.19 8.38
CA SER A 94 -36.74 36.13 8.78
C SER A 94 -37.47 36.65 7.55
N THR A 95 -38.76 36.90 7.72
CA THR A 95 -39.60 37.48 6.68
C THR A 95 -40.04 38.85 7.14
N GLU A 96 -39.89 39.85 6.27
CA GLU A 96 -40.06 41.24 6.66
C GLU A 96 -41.06 41.95 5.75
N LYS A 97 -41.65 43.01 6.32
CA LYS A 97 -42.40 44.01 5.58
C LYS A 97 -41.81 45.41 5.71
N SER A 98 -41.16 45.70 6.85
CA SER A 98 -40.62 47.04 7.08
C SER A 98 -39.26 47.02 7.75
N ASN A 99 -38.54 45.89 7.71
CA ASN A 99 -37.20 45.78 8.28
C ASN A 99 -37.18 46.16 9.75
N ILE A 100 -38.09 45.57 10.53
CA ILE A 100 -38.08 45.78 11.97
C ILE A 100 -37.00 44.92 12.63
N ILE A 101 -36.78 43.72 12.12
CA ILE A 101 -35.69 42.88 12.64
C ILE A 101 -34.38 43.52 12.25
N ARG A 102 -33.54 43.81 13.23
CA ARG A 102 -32.29 44.48 12.97
C ARG A 102 -31.07 43.83 13.58
N GLY A 103 -31.21 43.02 14.63
CA GLY A 103 -29.98 42.68 15.33
C GLY A 103 -29.96 41.33 16.00
N TRP A 104 -28.73 40.92 16.33
CA TRP A 104 -28.42 39.69 17.02
C TRP A 104 -27.46 39.99 18.16
N ILE A 105 -27.60 39.25 19.25
CA ILE A 105 -26.64 39.26 20.35
C ILE A 105 -26.14 37.83 20.51
N PHE A 106 -24.85 37.61 20.30
CA PHE A 106 -24.25 36.30 20.50
C PHE A 106 -23.34 36.37 21.71
N GLY A 107 -23.40 35.34 22.55
CA GLY A 107 -22.54 35.31 23.72
C GLY A 107 -22.95 34.23 24.69
N THR A 108 -22.49 34.36 25.92
CA THR A 108 -22.83 33.45 27.00
C THR A 108 -23.73 34.14 28.02
N THR A 109 -23.42 35.37 28.42
CA THR A 109 -24.26 36.12 29.35
C THR A 109 -24.99 37.28 28.68
N LEU A 110 -24.41 37.87 27.63
CA LEU A 110 -25.12 38.76 26.72
C LEU A 110 -25.42 40.13 27.36
N ASP A 111 -24.69 40.47 28.41
CA ASP A 111 -24.89 41.78 29.06
C ASP A 111 -23.59 42.16 29.78
N SER A 112 -22.85 43.08 29.17
CA SER A 112 -21.69 43.71 29.81
C SER A 112 -20.67 42.68 30.28
N LYS A 113 -20.47 41.65 29.46
CA LYS A 113 -19.46 40.64 29.74
C LYS A 113 -19.17 39.79 28.51
N SER A 116 -18.86 39.01 23.93
CA SER A 116 -20.18 39.22 23.33
C SER A 116 -20.08 39.91 21.99
N LEU A 117 -21.13 39.79 21.18
CA LEU A 117 -21.18 40.39 19.86
C LEU A 117 -22.41 41.28 19.74
N LEU A 118 -22.36 42.18 18.77
CA LEU A 118 -23.49 43.06 18.49
C LEU A 118 -23.55 43.28 16.99
N ILE A 119 -24.71 43.06 16.39
CA ILE A 119 -24.91 43.30 14.97
C ILE A 119 -26.16 44.17 14.84
N VAL A 120 -26.02 45.31 14.17
CA VAL A 120 -27.10 46.31 14.07
C VAL A 120 -27.07 46.95 12.70
N ASN A 121 -28.25 47.10 12.09
CA ASN A 121 -28.40 47.81 10.82
C ASN A 121 -29.43 48.92 11.03
N ASN A 122 -28.94 50.15 11.25
CA ASN A 122 -29.81 51.28 11.55
C ASN A 122 -30.15 52.04 10.28
N ALA A 123 -30.83 51.36 9.37
CA ALA A 123 -31.64 51.94 8.29
C ALA A 123 -30.89 52.52 7.11
N THR A 124 -29.57 52.66 7.19
CA THR A 124 -28.77 52.84 5.98
C THR A 124 -27.40 52.19 6.04
N ASN A 125 -26.91 51.84 7.22
CA ASN A 125 -25.49 51.54 7.40
C ASN A 125 -25.32 50.43 8.43
N VAL A 126 -24.87 49.26 7.97
CA VAL A 126 -24.63 48.12 8.85
C VAL A 126 -23.50 48.44 9.81
N VAL A 127 -23.67 48.06 11.08
CA VAL A 127 -22.65 48.24 12.11
C VAL A 127 -22.47 46.92 12.84
N ILE A 128 -21.23 46.46 12.93
CA ILE A 128 -20.89 45.25 13.67
C ILE A 128 -19.85 45.63 14.72
N LYS A 129 -20.20 45.50 15.99
CA LYS A 129 -19.26 45.73 17.07
C LYS A 129 -19.29 44.51 17.98
N VAL A 130 -18.14 44.17 18.57
CA VAL A 130 -18.10 43.06 19.51
C VAL A 130 -17.69 43.58 20.87
N CYS A 131 -18.00 44.84 21.14
CA CYS A 131 -17.83 45.38 22.48
C CYS A 131 -18.80 44.71 23.44
N GLU A 132 -18.42 44.68 24.71
CA GLU A 132 -19.27 44.11 25.76
C GLU A 132 -20.22 45.21 26.22
N PHE A 133 -21.28 45.41 25.45
CA PHE A 133 -22.18 46.53 25.65
C PHE A 133 -23.03 46.34 26.89
N GLN A 134 -23.63 47.44 27.35
CA GLN A 134 -24.68 47.39 28.36
C GLN A 134 -26.01 47.16 27.66
N PHE A 135 -26.65 46.05 27.99
CA PHE A 135 -27.90 45.64 27.38
C PHE A 135 -28.99 45.49 28.43
N CYS A 136 -30.19 45.93 28.07
CA CYS A 136 -31.32 45.81 28.98
C CYS A 136 -31.72 44.34 29.10
N ASN A 137 -32.53 44.06 30.12
CA ASN A 137 -33.05 42.69 30.29
C ASN A 137 -33.92 42.28 29.12
N ASP A 138 -34.51 43.25 28.42
CA ASP A 138 -35.30 42.98 27.23
C ASP A 138 -34.83 43.95 26.14
N PRO A 139 -33.72 43.65 25.48
CA PRO A 139 -33.13 44.60 24.53
C PRO A 139 -34.08 44.93 23.39
N PHE A 140 -34.00 46.17 22.93
CA PHE A 140 -34.90 46.67 21.89
C PHE A 140 -34.26 47.85 21.18
N LEU A 141 -34.83 48.21 20.04
CA LEU A 141 -34.39 49.35 19.26
C LEU A 141 -35.57 50.28 18.99
N GLY A 142 -35.32 51.58 19.12
CA GLY A 142 -36.35 52.58 18.97
C GLY A 142 -36.59 52.97 17.52
N VAL A 143 -37.62 53.78 17.32
CA VAL A 143 -38.00 54.22 15.98
C VAL A 143 -38.10 55.74 15.94
N ASN A 165 -13.70 46.37 26.06
CA ASN A 165 -13.12 45.09 25.72
C ASN A 165 -13.77 44.48 24.49
N CYS A 166 -13.05 44.52 23.38
CA CYS A 166 -13.56 44.10 22.08
C CYS A 166 -12.39 43.75 21.17
N THR A 167 -12.70 43.08 20.06
CA THR A 167 -11.68 42.81 19.04
C THR A 167 -12.03 43.45 17.71
N PHE A 168 -13.21 43.15 17.18
CA PHE A 168 -13.60 43.61 15.85
C PHE A 168 -14.42 44.88 15.94
N GLU A 169 -14.51 45.57 14.80
CA GLU A 169 -15.52 46.60 14.58
C GLU A 169 -15.65 46.87 13.09
N TYR A 170 -16.77 46.48 12.49
CA TYR A 170 -17.01 46.75 11.09
C TYR A 170 -17.94 47.95 10.94
N VAL A 171 -18.04 48.47 9.72
CA VAL A 171 -19.04 49.47 9.35
C VAL A 171 -19.44 49.18 7.91
N SER A 172 -20.51 49.81 7.43
CA SER A 172 -20.84 49.78 6.01
C SER A 172 -21.21 51.18 5.53
N PHE A 186 -45.40 39.46 4.15
CA PHE A 186 -44.03 39.93 4.18
C PHE A 186 -43.47 40.03 2.77
N LYS A 187 -42.55 40.95 2.56
CA LYS A 187 -42.09 41.28 1.22
C LYS A 187 -40.69 40.79 0.88
N ASN A 188 -39.79 40.72 1.86
CA ASN A 188 -38.44 40.26 1.61
C ASN A 188 -38.10 39.14 2.58
N LEU A 189 -37.38 38.13 2.08
CA LEU A 189 -36.88 37.05 2.92
C LEU A 189 -35.36 37.16 3.02
N ARG A 190 -34.86 37.12 4.25
CA ARG A 190 -33.43 37.22 4.51
C ARG A 190 -33.03 35.98 5.28
N GLU A 191 -32.02 35.28 4.79
CA GLU A 191 -31.56 34.06 5.43
C GLU A 191 -30.11 34.21 5.85
N PHE A 192 -29.72 33.46 6.87
CA PHE A 192 -28.39 33.56 7.47
C PHE A 192 -27.99 32.20 8.01
N VAL A 193 -26.69 32.01 8.21
CA VAL A 193 -26.16 30.90 8.97
C VAL A 193 -25.02 31.41 9.83
N PHE A 194 -25.01 31.06 11.10
CA PHE A 194 -24.00 31.52 12.03
C PHE A 194 -23.37 30.29 12.67
N LYS A 195 -22.15 29.97 12.30
CA LYS A 195 -21.41 28.92 12.98
C LYS A 195 -20.04 29.42 13.38
N ASN A 196 -19.63 29.07 14.59
CA ASN A 196 -18.37 29.53 15.18
C ASN A 196 -17.51 28.31 15.45
N ILE A 197 -16.56 28.04 14.56
CA ILE A 197 -15.64 26.93 14.70
C ILE A 197 -14.22 27.48 14.81
N ASP A 198 -13.48 27.01 15.81
CA ASP A 198 -12.08 27.35 15.98
C ASP A 198 -11.86 28.86 16.05
N GLY A 199 -12.77 29.56 16.72
CA GLY A 199 -12.65 30.99 16.91
C GLY A 199 -13.07 31.81 15.72
N TYR A 200 -13.50 31.19 14.63
CA TYR A 200 -13.91 31.91 13.43
C TYR A 200 -15.43 31.91 13.34
N PHE A 201 -16.01 33.09 13.48
CA PHE A 201 -17.45 33.27 13.41
C PHE A 201 -17.83 33.52 11.97
N LYS A 202 -18.41 32.52 11.32
CA LYS A 202 -18.68 32.55 9.89
C LYS A 202 -20.15 32.84 9.64
N ILE A 203 -20.43 33.79 8.76
CA ILE A 203 -21.77 34.22 8.46
C ILE A 203 -22.01 34.08 6.96
N TYR A 204 -23.11 33.45 6.61
CA TYR A 204 -23.55 33.33 5.23
C TYR A 204 -24.89 34.02 5.10
N SER A 205 -25.30 34.36 3.88
CA SER A 205 -26.57 35.04 3.74
C SER A 205 -27.07 34.93 2.31
N LYS A 206 -28.34 35.29 2.13
CA LYS A 206 -28.99 35.32 0.83
C LYS A 206 -30.31 36.07 0.96
N HIS A 207 -30.54 37.02 0.08
CA HIS A 207 -31.76 37.82 0.09
C HIS A 207 -32.59 37.47 -1.13
N THR A 208 -33.92 37.50 -0.98
CA THR A 208 -34.81 37.22 -2.09
C THR A 208 -36.16 37.84 -1.80
N PRO A 209 -36.87 38.32 -2.84
CA PRO A 209 -38.22 38.82 -2.62
C PRO A 209 -39.20 37.70 -2.37
N ILE A 210 -40.24 38.00 -1.59
CA ILE A 210 -41.28 37.03 -1.24
C ILE A 210 -42.62 37.76 -1.18
N ASN A 211 -43.69 36.99 -1.44
CA ASN A 211 -45.06 37.46 -1.24
C ASN A 211 -45.80 36.35 -0.51
N LEU A 212 -45.74 36.39 0.83
CA LEU A 212 -46.36 35.39 1.67
C LEU A 212 -46.36 35.91 3.10
N VAL A 213 -47.40 35.56 3.85
CA VAL A 213 -47.59 36.13 5.18
C VAL A 213 -47.53 35.06 6.26
N ARG A 214 -47.40 33.78 5.88
CA ARG A 214 -47.54 32.72 6.86
C ARG A 214 -46.22 32.27 7.47
N ASP A 215 -45.33 31.72 6.66
CA ASP A 215 -44.13 31.07 7.17
C ASP A 215 -43.10 30.98 6.04
N LEU A 216 -42.08 30.16 6.25
CA LEU A 216 -41.01 30.04 5.27
C LEU A 216 -41.55 29.48 3.97
N PRO A 217 -41.40 30.20 2.86
CA PRO A 217 -41.85 29.65 1.58
C PRO A 217 -41.08 28.39 1.24
N GLN A 218 -41.79 27.41 0.69
CA GLN A 218 -41.15 26.18 0.27
C GLN A 218 -40.41 26.43 -1.03
N GLY A 219 -39.12 26.12 -1.04
CA GLY A 219 -38.29 26.36 -2.19
C GLY A 219 -36.83 26.25 -1.80
N PHE A 220 -35.98 26.35 -2.81
CA PHE A 220 -34.56 26.14 -2.58
C PHE A 220 -33.74 27.30 -3.14
N SER A 221 -32.83 27.78 -2.31
CA SER A 221 -31.76 28.68 -2.68
C SER A 221 -30.61 28.41 -1.74
N ALA A 222 -29.41 28.82 -2.13
CA ALA A 222 -28.22 28.52 -1.34
C ALA A 222 -27.66 29.79 -0.72
N LEU A 223 -27.24 29.68 0.52
CA LEU A 223 -26.62 30.81 1.20
C LEU A 223 -25.15 30.87 0.82
N GLU A 224 -24.59 32.08 0.90
CA GLU A 224 -23.24 32.33 0.45
C GLU A 224 -22.47 33.15 1.47
N PRO A 225 -21.19 32.91 1.63
CA PRO A 225 -20.41 33.66 2.61
C PRO A 225 -20.37 35.13 2.27
N LEU A 226 -20.38 35.96 3.27
CA LEU A 226 -20.07 37.37 3.08
C LEU A 226 -19.00 37.87 4.02
N VAL A 227 -18.91 37.34 5.22
CA VAL A 227 -18.00 37.84 6.23
C VAL A 227 -17.30 36.65 6.88
N ASP A 228 -16.16 36.91 7.49
CA ASP A 228 -15.48 35.94 8.34
C ASP A 228 -14.95 36.71 9.55
N LEU A 229 -15.44 36.37 10.74
CA LEU A 229 -15.01 37.04 11.97
C LEU A 229 -14.22 36.09 12.85
N PRO A 230 -12.89 36.18 12.84
CA PRO A 230 -12.04 35.49 13.82
C PRO A 230 -12.03 36.21 15.17
N ILE A 231 -13.20 36.24 15.82
CA ILE A 231 -13.30 36.84 17.15
C ILE A 231 -12.62 36.00 18.22
N GLY A 232 -12.78 34.68 18.19
CA GLY A 232 -12.35 33.84 19.29
C GLY A 232 -13.34 33.90 20.43
N ILE A 233 -14.36 34.75 20.27
CA ILE A 233 -15.35 34.93 21.33
C ILE A 233 -16.24 33.70 21.40
N ASN A 234 -16.40 33.18 22.61
CA ASN A 234 -17.14 31.94 22.81
C ASN A 234 -18.64 32.23 22.79
N ILE A 235 -19.40 31.42 22.06
CA ILE A 235 -20.82 31.67 21.85
C ILE A 235 -21.61 30.45 22.30
N THR A 236 -22.59 30.67 23.16
CA THR A 236 -23.50 29.61 23.61
C THR A 236 -24.97 29.96 23.47
N ARG A 237 -25.34 31.23 23.62
CA ARG A 237 -26.74 31.64 23.53
C ARG A 237 -26.81 32.87 22.63
N PHE A 238 -27.96 33.05 21.99
CA PHE A 238 -28.14 34.23 21.17
C PHE A 238 -29.56 34.74 21.30
N GLN A 239 -29.73 36.02 21.01
CA GLN A 239 -31.00 36.70 21.15
C GLN A 239 -31.23 37.57 19.93
N THR A 240 -32.46 37.61 19.45
CA THR A 240 -32.81 38.43 18.30
C THR A 240 -33.24 39.81 18.78
N LEU A 241 -32.88 40.84 18.03
CA LEU A 241 -33.18 42.22 18.37
C LEU A 241 -34.21 42.78 17.39
N LEU A 242 -34.96 43.78 17.83
CA LEU A 242 -35.92 44.44 16.95
C LEU A 242 -36.16 45.88 17.36
N ALA A 263 -43.17 40.91 12.54
CA ALA A 263 -42.34 40.22 11.57
C ALA A 263 -41.71 38.98 12.18
N ALA A 264 -42.13 37.83 11.67
CA ALA A 264 -41.64 36.57 12.20
C ALA A 264 -40.16 36.37 11.89
N TYR A 265 -39.51 35.57 12.71
CA TYR A 265 -38.18 35.05 12.44
C TYR A 265 -38.10 33.64 12.97
N TYR A 266 -37.20 32.84 12.41
CA TYR A 266 -37.22 31.42 12.65
C TYR A 266 -35.83 30.93 13.00
N VAL A 267 -35.76 29.86 13.76
CA VAL A 267 -34.49 29.32 14.25
C VAL A 267 -34.49 27.81 14.05
N GLY A 268 -33.45 27.31 13.38
CA GLY A 268 -33.17 25.89 13.37
C GLY A 268 -31.94 25.60 14.22
N TYR A 269 -31.38 24.43 13.98
CA TYR A 269 -30.05 24.10 14.50
C TYR A 269 -29.33 23.22 13.49
N LEU A 270 -28.01 23.40 13.43
CA LEU A 270 -27.19 22.73 12.45
C LEU A 270 -26.74 21.38 12.98
N GLN A 271 -26.59 20.42 12.08
CA GLN A 271 -26.12 19.10 12.48
C GLN A 271 -25.12 18.57 11.47
N PRO A 272 -24.05 17.95 11.93
CA PRO A 272 -22.95 17.56 11.03
C PRO A 272 -23.36 16.43 10.10
N ARG A 273 -24.14 16.77 9.07
CA ARG A 273 -24.64 15.81 8.12
C ARG A 273 -23.98 16.01 6.76
N THR A 274 -23.76 14.91 6.06
CA THR A 274 -23.22 14.96 4.70
C THR A 274 -24.34 15.25 3.71
N PHE A 275 -24.07 16.15 2.77
CA PHE A 275 -25.01 16.44 1.69
C PHE A 275 -24.36 16.19 0.34
N LEU A 276 -25.21 16.02 -0.66
CA LEU A 276 -24.80 16.01 -2.06
C LEU A 276 -25.37 17.25 -2.72
N LEU A 277 -24.49 18.13 -3.20
CA LEU A 277 -24.89 19.40 -3.76
C LEU A 277 -24.85 19.31 -5.28
N LYS A 278 -25.85 19.89 -5.94
CA LYS A 278 -25.90 19.90 -7.40
C LYS A 278 -25.64 21.31 -7.92
N TYR A 279 -24.44 21.54 -8.42
CA TYR A 279 -24.10 22.79 -9.07
C TYR A 279 -24.64 22.77 -10.48
N ASN A 280 -25.26 23.87 -10.91
CA ASN A 280 -25.86 23.94 -12.23
C ASN A 280 -24.77 24.27 -13.26
N GLU A 281 -25.19 24.63 -14.47
CA GLU A 281 -24.24 25.03 -15.49
C GLU A 281 -23.55 26.34 -15.14
N ASN A 282 -24.22 27.22 -14.41
CA ASN A 282 -23.71 28.54 -14.10
C ASN A 282 -22.96 28.59 -12.76
N GLY A 283 -22.79 27.47 -12.10
CA GLY A 283 -22.12 27.49 -10.81
C GLY A 283 -23.00 27.85 -9.65
N THR A 284 -24.30 27.61 -9.74
CA THR A 284 -25.24 27.91 -8.66
C THR A 284 -25.84 26.62 -8.13
N ILE A 285 -26.00 26.55 -6.82
CA ILE A 285 -26.58 25.37 -6.17
C ILE A 285 -28.08 25.39 -6.42
N THR A 286 -28.60 24.34 -7.04
CA THR A 286 -30.01 24.27 -7.39
C THR A 286 -30.78 23.14 -6.73
N ASP A 287 -30.09 22.08 -6.29
CA ASP A 287 -30.74 20.97 -5.63
C ASP A 287 -29.77 20.38 -4.62
N ALA A 288 -30.32 19.66 -3.63
CA ALA A 288 -29.49 19.05 -2.63
C ALA A 288 -30.20 17.82 -2.07
N VAL A 289 -29.40 16.89 -1.54
CA VAL A 289 -29.92 15.68 -0.92
C VAL A 289 -29.29 15.53 0.45
N ASP A 290 -30.12 15.38 1.47
CA ASP A 290 -29.64 15.11 2.82
C ASP A 290 -29.35 13.62 2.92
N CYS A 291 -28.10 13.27 3.18
CA CYS A 291 -27.73 11.87 3.11
C CYS A 291 -28.36 11.03 4.21
N ALA A 292 -28.97 11.64 5.23
CA ALA A 292 -29.55 10.87 6.32
C ALA A 292 -31.04 11.14 6.50
N LEU A 293 -31.70 11.74 5.51
CA LEU A 293 -33.11 12.05 5.66
C LEU A 293 -33.95 10.79 5.74
N ASP A 294 -33.96 9.99 4.67
CA ASP A 294 -34.72 8.76 4.65
C ASP A 294 -33.96 7.76 3.79
N PRO A 295 -34.30 6.48 3.86
CA PRO A 295 -33.56 5.47 3.10
C PRO A 295 -33.57 5.71 1.61
N LEU A 296 -34.52 6.47 1.06
CA LEU A 296 -34.34 6.89 -0.32
C LEU A 296 -33.22 7.92 -0.45
N SER A 297 -33.14 8.85 0.49
CA SER A 297 -32.09 9.86 0.41
C SER A 297 -30.72 9.24 0.53
N GLU A 298 -30.60 8.20 1.36
CA GLU A 298 -29.31 7.51 1.48
C GLU A 298 -28.86 6.95 0.14
N THR A 299 -29.78 6.34 -0.61
CA THR A 299 -29.41 5.75 -1.89
C THR A 299 -28.91 6.80 -2.85
N LYS A 300 -29.59 7.95 -2.89
CA LYS A 300 -29.13 9.05 -3.73
C LYS A 300 -27.74 9.51 -3.33
N CYS A 301 -27.48 9.60 -2.03
CA CYS A 301 -26.17 10.02 -1.56
C CYS A 301 -25.08 9.03 -1.93
N THR A 302 -25.40 7.73 -1.84
CA THR A 302 -24.39 6.72 -2.15
C THR A 302 -24.13 6.63 -3.64
N LEU A 303 -25.17 6.64 -4.45
CA LEU A 303 -25.02 6.52 -5.89
C LEU A 303 -24.58 7.82 -6.53
N LYS A 304 -24.35 8.88 -5.76
CA LYS A 304 -23.92 10.17 -6.27
C LYS A 304 -24.79 10.61 -7.44
N SER A 305 -26.10 10.44 -7.28
CA SER A 305 -27.04 10.77 -8.33
C SER A 305 -28.38 11.14 -7.75
N PHE A 306 -29.19 11.80 -8.54
CA PHE A 306 -30.52 12.19 -8.13
C PHE A 306 -31.60 11.29 -8.72
N THR A 307 -31.20 10.21 -9.38
CA THR A 307 -32.13 9.23 -9.94
C THR A 307 -31.57 7.84 -9.70
N VAL A 308 -32.45 6.91 -9.32
CA VAL A 308 -32.05 5.57 -8.92
C VAL A 308 -32.97 4.57 -9.61
N GLU A 309 -32.39 3.46 -10.08
CA GLU A 309 -33.16 2.48 -10.82
C GLU A 309 -33.72 1.40 -9.91
N LYS A 310 -34.53 0.53 -10.52
CA LYS A 310 -35.01 -0.68 -9.87
C LYS A 310 -33.84 -1.51 -9.38
N GLY A 311 -33.96 -2.06 -8.19
CA GLY A 311 -33.00 -3.03 -7.70
C GLY A 311 -32.82 -2.90 -6.20
N ILE A 312 -31.92 -3.72 -5.69
CA ILE A 312 -31.57 -3.73 -4.28
C ILE A 312 -30.18 -3.14 -4.13
N TYR A 313 -30.06 -2.14 -3.27
CA TYR A 313 -28.82 -1.40 -3.09
C TYR A 313 -28.33 -1.58 -1.67
N GLN A 314 -27.08 -1.96 -1.51
CA GLN A 314 -26.46 -1.93 -0.20
C GLN A 314 -25.94 -0.52 0.03
N THR A 315 -26.34 0.10 1.12
CA THR A 315 -26.04 1.51 1.32
C THR A 315 -25.34 1.82 2.63
N SER A 316 -25.70 1.17 3.74
CA SER A 316 -25.15 1.55 5.02
C SER A 316 -25.06 0.33 5.91
N ASN A 317 -24.86 0.57 7.20
CA ASN A 317 -24.62 -0.52 8.14
C ASN A 317 -25.38 -0.20 9.42
N PHE A 318 -26.35 -1.02 9.78
CA PHE A 318 -27.06 -0.84 11.02
C PHE A 318 -26.10 -1.09 12.17
N ARG A 319 -26.05 -0.15 13.13
CA ARG A 319 -25.19 -0.31 14.29
C ARG A 319 -25.86 0.27 15.51
N VAL A 320 -26.03 -0.55 16.55
CA VAL A 320 -26.64 -0.07 17.78
C VAL A 320 -25.65 0.84 18.50
N GLN A 321 -26.12 1.87 19.00
CA GLN A 321 -25.13 2.71 19.65
C GLN A 321 -24.97 2.34 21.11
N PRO A 322 -23.81 2.62 21.69
CA PRO A 322 -23.65 2.44 23.14
C PRO A 322 -24.54 3.39 23.92
N THR A 323 -24.97 2.93 25.10
CA THR A 323 -25.88 3.71 25.92
C THR A 323 -25.32 4.10 27.27
N GLU A 324 -24.28 3.44 27.75
CA GLU A 324 -23.63 3.80 29.00
C GLU A 324 -22.12 3.80 28.80
N SER A 325 -21.42 4.32 29.81
CA SER A 325 -19.96 4.32 29.84
C SER A 325 -19.53 3.57 31.10
N ILE A 326 -18.77 2.50 30.93
CA ILE A 326 -18.29 1.68 32.04
C ILE A 326 -16.79 1.85 32.15
N VAL A 327 -16.34 2.25 33.34
CA VAL A 327 -14.94 2.46 33.63
C VAL A 327 -14.62 1.68 34.89
N ARG A 328 -13.72 0.70 34.79
CA ARG A 328 -13.40 -0.15 35.92
C ARG A 328 -11.89 -0.28 36.11
N PHE A 329 -11.47 -0.24 37.36
CA PHE A 329 -10.09 -0.48 37.76
C PHE A 329 -10.13 -1.10 39.14
N PRO A 330 -9.14 -1.95 39.47
CA PRO A 330 -9.09 -2.54 40.81
C PRO A 330 -8.94 -1.48 41.88
N ASN A 331 -9.63 -1.67 43.00
CA ASN A 331 -9.65 -0.63 44.02
C ASN A 331 -8.36 -0.67 44.84
N ILE A 332 -7.41 0.14 44.41
CA ILE A 332 -6.25 0.47 45.21
C ILE A 332 -6.45 1.87 45.77
N THR A 333 -6.03 2.07 47.01
CA THR A 333 -6.11 3.38 47.64
C THR A 333 -4.73 3.94 47.94
N ASN A 334 -3.67 3.27 47.52
CA ASN A 334 -2.32 3.66 47.85
C ASN A 334 -1.84 4.71 46.86
N LEU A 335 -1.60 5.92 47.35
CA LEU A 335 -1.01 6.96 46.51
C LEU A 335 0.37 6.52 46.07
N CYS A 336 0.64 6.66 44.79
CA CYS A 336 1.86 6.09 44.22
C CYS A 336 3.07 6.92 44.59
N PRO A 337 4.16 6.31 45.01
CA PRO A 337 5.30 7.07 45.55
C PRO A 337 6.30 7.52 44.49
N PHE A 338 5.81 8.28 43.51
CA PHE A 338 6.75 8.95 42.62
C PHE A 338 7.57 9.99 43.37
N GLY A 339 7.04 10.50 44.49
CA GLY A 339 7.81 11.42 45.29
C GLY A 339 9.15 10.84 45.70
N GLU A 340 9.18 9.59 46.13
CA GLU A 340 10.44 8.98 46.50
C GLU A 340 11.38 8.83 45.32
N VAL A 341 10.95 9.17 44.11
CA VAL A 341 11.82 9.12 42.93
C VAL A 341 12.22 10.52 42.47
N PHE A 342 11.26 11.33 42.04
CA PHE A 342 11.62 12.55 41.32
C PHE A 342 12.32 13.56 42.22
N ASN A 343 11.69 13.93 43.32
CA ASN A 343 12.24 14.96 44.17
C ASN A 343 13.19 14.39 45.20
N ALA A 344 13.67 13.16 44.99
CA ALA A 344 14.63 12.56 45.88
C ALA A 344 15.87 13.43 45.96
N THR A 345 16.39 13.61 47.16
CA THR A 345 17.48 14.56 47.35
C THR A 345 18.72 14.15 46.58
N ARG A 346 18.75 12.94 46.04
CA ARG A 346 19.98 12.39 45.50
C ARG A 346 19.69 11.36 44.42
N PHE A 347 20.33 11.52 43.28
CA PHE A 347 20.26 10.60 42.15
C PHE A 347 21.60 9.92 41.90
N ALA A 348 21.52 8.72 41.34
CA ALA A 348 22.69 7.93 41.02
C ALA A 348 23.45 8.54 39.84
N SER A 349 24.75 8.30 39.82
CA SER A 349 25.54 8.60 38.65
C SER A 349 25.11 7.71 37.49
N VAL A 350 25.28 8.21 36.28
CA VAL A 350 24.61 7.60 35.13
C VAL A 350 25.22 6.24 34.79
N TYR A 351 26.53 6.06 34.96
CA TYR A 351 27.12 4.75 34.64
C TYR A 351 26.59 3.66 35.55
N ALA A 352 26.13 4.03 36.74
CA ALA A 352 25.55 3.11 37.70
C ALA A 352 24.15 3.61 38.05
N TRP A 353 23.40 3.93 37.00
CA TRP A 353 22.08 4.50 37.14
C TRP A 353 21.19 3.61 38.00
N ASN A 354 20.48 4.23 38.93
CA ASN A 354 19.61 3.51 39.84
C ASN A 354 18.29 3.22 39.16
N ARG A 355 17.49 2.35 39.79
CA ARG A 355 16.12 2.16 39.35
C ARG A 355 15.30 1.72 40.54
N LYS A 356 14.10 2.27 40.65
CA LYS A 356 13.15 1.86 41.67
C LYS A 356 11.94 1.24 40.98
N ARG A 357 11.42 0.17 41.55
CA ARG A 357 10.26 -0.50 40.99
C ARG A 357 8.99 0.12 41.56
N ILE A 358 7.94 0.18 40.74
CA ILE A 358 6.68 0.76 41.12
C ILE A 358 5.58 -0.26 40.88
N SER A 359 4.80 -0.54 41.92
CA SER A 359 3.69 -1.47 41.82
C SER A 359 2.72 -1.23 42.98
N ASN A 360 1.48 -1.63 42.77
CA ASN A 360 0.43 -1.57 43.79
C ASN A 360 0.21 -0.13 44.26
N CYS A 361 -0.18 0.72 43.33
CA CYS A 361 -0.35 2.13 43.65
C CYS A 361 -1.36 2.75 42.70
N VAL A 362 -1.75 3.98 43.01
CA VAL A 362 -2.60 4.78 42.14
C VAL A 362 -1.72 5.88 41.55
N ALA A 363 -1.36 5.74 40.29
CA ALA A 363 -0.40 6.63 39.66
C ALA A 363 -1.14 7.76 38.96
N ASP A 364 -1.11 8.94 39.56
CA ASP A 364 -1.70 10.13 38.95
C ASP A 364 -0.62 10.86 38.17
N TYR A 365 -0.55 10.61 36.86
CA TYR A 365 0.47 11.19 36.01
C TYR A 365 0.23 12.67 35.72
N SER A 366 -0.96 13.18 36.01
CA SER A 366 -1.21 14.60 35.85
C SER A 366 -0.32 15.44 36.75
N VAL A 367 -0.19 15.08 38.01
CA VAL A 367 0.56 15.91 38.95
C VAL A 367 2.00 16.06 38.49
N LEU A 368 2.55 15.02 37.87
CA LEU A 368 3.88 15.13 37.31
C LEU A 368 3.86 15.99 36.05
N TYR A 369 2.96 15.65 35.12
CA TYR A 369 2.93 16.31 33.83
C TYR A 369 2.64 17.81 33.96
N ASN A 370 1.60 18.17 34.70
CA ASN A 370 1.26 19.58 34.77
C ASN A 370 2.21 20.35 35.67
N SER A 371 3.02 19.66 36.46
CA SER A 371 4.06 20.36 37.20
C SER A 371 5.00 21.04 36.21
N ALA A 372 5.16 22.36 36.35
CA ALA A 372 5.84 23.18 35.36
C ALA A 372 7.35 23.21 35.52
N SER A 373 7.88 22.52 36.53
CA SER A 373 9.32 22.49 36.74
C SER A 373 10.06 21.75 35.65
N PHE A 374 9.37 21.01 34.78
CA PHE A 374 10.03 20.13 33.83
C PHE A 374 10.37 20.86 32.54
N SER A 375 11.64 20.76 32.15
CA SER A 375 12.09 21.38 30.90
C SER A 375 11.71 20.55 29.68
N THR A 376 11.54 19.25 29.84
CA THR A 376 11.08 18.41 28.74
C THR A 376 10.31 17.24 29.30
N PHE A 377 9.32 16.79 28.54
CA PHE A 377 8.47 15.68 28.96
C PHE A 377 8.02 14.98 27.69
N LYS A 378 8.79 13.99 27.25
CA LYS A 378 8.56 13.35 25.97
C LYS A 378 8.17 11.90 26.20
N CYS A 379 6.97 11.55 25.78
CA CYS A 379 6.49 10.18 25.85
C CYS A 379 6.52 9.58 24.45
N TYR A 380 6.78 8.27 24.37
CA TYR A 380 7.07 7.64 23.10
C TYR A 380 6.07 6.55 22.71
N GLY A 381 5.74 5.65 23.61
CA GLY A 381 4.77 4.63 23.27
C GLY A 381 3.35 5.06 23.56
N VAL A 382 3.22 6.17 24.28
CA VAL A 382 1.94 6.69 24.75
C VAL A 382 1.99 8.22 24.73
N SER A 383 0.85 8.82 25.02
CA SER A 383 0.88 10.27 25.11
C SER A 383 0.57 10.73 26.53
N PRO A 384 1.20 11.81 26.99
CA PRO A 384 1.12 12.15 28.42
C PRO A 384 -0.26 12.53 28.90
N THR A 385 -1.24 12.64 28.02
CA THR A 385 -2.62 12.89 28.44
C THR A 385 -3.48 11.64 28.39
N LYS A 386 -2.96 10.53 27.87
CA LYS A 386 -3.65 9.26 27.94
C LYS A 386 -3.14 8.37 29.07
N LEU A 387 -2.13 8.82 29.82
CA LEU A 387 -1.59 8.01 30.90
C LEU A 387 -2.64 7.73 31.97
N ASN A 388 -3.38 8.75 32.37
CA ASN A 388 -4.28 8.58 33.50
C ASN A 388 -5.40 7.60 33.20
N ASP A 389 -5.61 7.23 31.94
CA ASP A 389 -6.62 6.24 31.61
C ASP A 389 -6.09 4.82 31.63
N LEU A 390 -4.79 4.63 31.41
CA LEU A 390 -4.26 3.29 31.26
C LEU A 390 -3.97 2.66 32.63
N CYS A 391 -3.78 1.34 32.59
CA CYS A 391 -3.29 0.61 33.76
C CYS A 391 -2.23 -0.38 33.30
N PHE A 392 -1.15 -0.49 34.06
CA PHE A 392 0.04 -1.24 33.67
C PHE A 392 0.30 -2.40 34.62
N THR A 393 1.36 -3.15 34.30
CA THR A 393 1.79 -4.26 35.12
C THR A 393 3.09 -3.99 35.87
N ASN A 394 4.02 -3.23 35.28
CA ASN A 394 5.21 -2.84 35.99
C ASN A 394 5.63 -1.45 35.53
N VAL A 395 6.04 -0.63 36.48
CA VAL A 395 6.57 0.70 36.20
C VAL A 395 7.95 0.80 36.81
N TYR A 396 8.93 1.14 35.99
CA TYR A 396 10.31 1.26 36.42
C TYR A 396 10.74 2.72 36.31
N ALA A 397 11.29 3.25 37.39
CA ALA A 397 11.72 4.64 37.44
C ALA A 397 13.24 4.65 37.42
N ASP A 398 13.82 4.72 36.23
CA ASP A 398 15.26 4.83 36.07
C ASP A 398 15.66 6.28 36.28
N SER A 399 16.59 6.55 37.19
CA SER A 399 16.97 7.91 37.53
C SER A 399 18.48 8.06 37.45
N PHE A 400 18.92 9.20 36.93
CA PHE A 400 20.34 9.51 36.83
C PHE A 400 20.48 10.96 36.39
N VAL A 401 21.73 11.40 36.31
CA VAL A 401 22.08 12.78 35.98
C VAL A 401 23.03 12.80 34.80
N ILE A 402 22.71 13.59 33.78
CA ILE A 402 23.59 13.78 32.63
C ILE A 402 23.68 15.27 32.33
N ARG A 403 24.69 15.65 31.55
CA ARG A 403 24.88 17.05 31.20
C ARG A 403 23.87 17.47 30.15
N GLY A 404 23.58 18.77 30.13
CA GLY A 404 22.45 19.26 29.35
C GLY A 404 22.52 18.91 27.89
N ASP A 405 23.70 19.07 27.29
CA ASP A 405 23.83 18.77 25.87
C ASP A 405 23.49 17.32 25.55
N GLU A 406 23.65 16.42 26.51
CA GLU A 406 23.45 14.99 26.28
C GLU A 406 22.01 14.55 26.51
N VAL A 407 21.12 15.47 26.92
CA VAL A 407 19.76 15.08 27.26
C VAL A 407 19.06 14.42 26.08
N ARG A 408 19.27 14.95 24.87
CA ARG A 408 18.62 14.38 23.70
C ARG A 408 19.01 12.94 23.47
N GLN A 409 20.13 12.51 24.03
CA GLN A 409 20.60 11.14 23.81
C GLN A 409 19.76 10.11 24.53
N ILE A 410 18.97 10.51 25.53
CA ILE A 410 18.11 9.57 26.25
C ILE A 410 16.81 9.52 25.44
N ALA A 411 16.82 8.70 24.40
CA ALA A 411 15.70 8.57 23.50
C ALA A 411 15.88 7.27 22.72
N PRO A 412 14.79 6.59 22.40
CA PRO A 412 14.93 5.34 21.65
C PRO A 412 15.59 5.57 20.32
N GLY A 413 16.44 4.64 19.94
CA GLY A 413 17.12 4.75 18.67
C GLY A 413 18.15 5.85 18.56
N GLN A 414 18.91 6.12 19.61
CA GLN A 414 19.93 7.15 19.60
C GLN A 414 21.31 6.51 19.66
N THR A 415 22.29 7.25 19.16
CA THR A 415 23.68 6.83 19.18
C THR A 415 24.55 7.98 19.64
N GLY A 416 25.67 7.63 20.26
CA GLY A 416 26.56 8.59 20.86
C GLY A 416 27.24 8.01 22.08
N LYS A 417 27.92 8.90 22.82
CA LYS A 417 28.70 8.46 23.97
C LYS A 417 27.80 7.82 25.03
N ILE A 418 26.68 8.45 25.33
CA ILE A 418 25.81 7.98 26.40
C ILE A 418 24.96 6.81 25.96
N ALA A 419 24.31 6.93 24.81
CA ALA A 419 23.35 5.92 24.39
C ALA A 419 24.03 4.61 24.00
N ASP A 420 25.29 4.66 23.59
CA ASP A 420 25.93 3.46 23.10
C ASP A 420 26.83 2.79 24.14
N TYR A 421 27.43 3.57 25.04
CA TYR A 421 28.39 3.02 25.99
C TYR A 421 28.01 3.22 27.44
N ASN A 422 26.94 3.96 27.72
CA ASN A 422 26.65 4.32 29.10
C ASN A 422 25.28 3.84 29.56
N TYR A 423 24.23 4.08 28.77
CA TYR A 423 22.88 3.69 29.09
C TYR A 423 22.07 3.71 27.80
N LYS A 424 21.41 2.61 27.47
CA LYS A 424 20.74 2.51 26.19
C LYS A 424 19.29 2.11 26.38
N LEU A 425 18.41 2.76 25.63
CA LEU A 425 17.01 2.38 25.61
C LEU A 425 16.68 1.60 24.36
N PRO A 426 15.78 0.63 24.46
CA PRO A 426 15.45 -0.19 23.29
C PRO A 426 14.81 0.64 22.20
N ASP A 427 14.93 0.16 20.97
CA ASP A 427 14.28 0.82 19.85
C ASP A 427 12.77 0.80 19.97
N ASP A 428 12.22 -0.13 20.76
CA ASP A 428 10.78 -0.22 20.97
C ASP A 428 10.37 0.22 22.37
N PHE A 429 11.18 1.06 23.01
CA PHE A 429 10.89 1.52 24.35
C PHE A 429 9.54 2.22 24.41
N THR A 430 8.74 1.84 25.40
CA THR A 430 7.44 2.44 25.65
C THR A 430 7.47 3.11 27.01
N GLY A 431 7.26 4.41 27.05
CA GLY A 431 7.32 5.16 28.27
C GLY A 431 7.58 6.62 27.98
N CYS A 432 7.93 7.33 29.02
CA CYS A 432 8.16 8.77 28.94
C CYS A 432 9.57 9.08 29.39
N VAL A 433 10.21 10.00 28.70
CA VAL A 433 11.52 10.51 29.07
C VAL A 433 11.33 11.91 29.60
N ILE A 434 11.72 12.14 30.84
CA ILE A 434 11.43 13.38 31.56
C ILE A 434 12.74 13.95 32.05
N ALA A 435 12.94 15.24 31.84
CA ALA A 435 14.20 15.86 32.26
C ALA A 435 13.95 17.31 32.66
N TRP A 436 14.80 17.81 33.54
CA TRP A 436 14.74 19.19 34.00
C TRP A 436 16.08 19.59 34.58
N ASN A 437 16.28 20.89 34.69
CA ASN A 437 17.55 21.42 35.17
C ASN A 437 17.69 21.21 36.66
N SER A 438 18.94 21.09 37.13
CA SER A 438 19.19 20.75 38.53
C SER A 438 20.41 21.47 39.11
N ASN A 439 20.73 22.66 38.64
CA ASN A 439 22.01 23.27 39.02
C ASN A 439 22.08 23.59 40.50
N ASN A 440 21.18 24.44 40.98
CA ASN A 440 21.29 25.01 42.31
C ASN A 440 20.94 24.01 43.40
N LEU A 441 20.80 22.73 43.05
CA LEU A 441 20.70 21.67 44.05
C LEU A 441 21.81 20.66 43.79
N ASP A 442 22.16 20.49 42.52
CA ASP A 442 23.26 19.62 42.13
C ASP A 442 24.32 20.43 41.36
N ASN A 448 31.46 20.27 41.51
CA ASN A 448 30.79 19.01 41.77
C ASN A 448 31.23 17.96 40.76
N TYR A 449 32.03 16.99 41.22
CA TYR A 449 32.63 16.00 40.33
C TYR A 449 32.27 14.58 40.72
N ASN A 450 31.22 14.39 41.50
CA ASN A 450 30.81 13.07 41.95
C ASN A 450 29.99 12.31 40.93
N TYR A 451 29.72 12.91 39.78
CA TYR A 451 28.92 12.28 38.74
C TYR A 451 29.85 11.78 37.65
N LEU A 452 29.98 10.47 37.55
CA LEU A 452 30.89 9.84 36.61
C LEU A 452 30.10 9.31 35.42
N TYR A 453 30.80 9.15 34.30
CA TYR A 453 30.19 8.59 33.10
C TYR A 453 31.24 7.84 32.31
N ARG A 454 30.78 6.92 31.48
CA ARG A 454 31.65 5.98 30.79
C ARG A 454 31.99 6.47 29.39
N LEU A 455 33.28 6.42 29.07
CA LEU A 455 33.79 6.76 27.74
C LEU A 455 34.11 5.54 26.90
N PHE A 456 34.83 4.58 27.46
CA PHE A 456 35.40 3.47 26.71
C PHE A 456 34.76 2.17 27.14
N ARG A 457 34.45 1.32 26.18
CA ARG A 457 33.91 0.01 26.49
C ARG A 457 34.21 -0.91 25.32
N LYS A 458 34.35 -2.20 25.62
CA LYS A 458 34.70 -3.16 24.58
C LYS A 458 33.64 -3.23 23.49
N SER A 459 32.39 -2.91 23.81
CA SER A 459 31.31 -2.98 22.86
C SER A 459 30.15 -2.14 23.36
N ASN A 460 29.19 -1.92 22.47
CA ASN A 460 27.94 -1.29 22.89
C ASN A 460 27.24 -2.17 23.92
N LEU A 461 26.60 -1.53 24.88
CA LEU A 461 25.88 -2.25 25.92
C LEU A 461 24.42 -2.42 25.54
N LYS A 462 23.85 -3.54 25.97
CA LYS A 462 22.49 -3.89 25.66
C LYS A 462 21.52 -2.95 26.35
N PRO A 463 20.29 -2.85 25.86
CA PRO A 463 19.31 -1.98 26.51
C PRO A 463 19.10 -2.37 27.97
N PHE A 464 18.96 -1.36 28.82
CA PHE A 464 18.73 -1.52 30.25
C PHE A 464 19.82 -2.34 30.93
N GLU A 465 20.97 -2.53 30.28
CA GLU A 465 22.08 -3.21 30.91
C GLU A 465 22.90 -2.22 31.72
N ARG A 466 23.14 -2.53 32.98
CA ARG A 466 23.87 -1.65 33.88
C ARG A 466 25.23 -2.26 34.14
N ASP A 467 26.28 -1.57 33.70
CA ASP A 467 27.63 -2.10 33.81
C ASP A 467 28.39 -1.39 34.93
N ILE A 468 29.20 -2.16 35.65
CA ILE A 468 29.97 -1.63 36.76
C ILE A 468 31.41 -2.10 36.65
N SER A 469 32.28 -1.22 36.18
CA SER A 469 33.69 -1.56 35.99
C SER A 469 34.52 -0.29 35.99
N THR A 470 35.80 -0.44 36.33
CA THR A 470 36.71 0.70 36.38
C THR A 470 38.02 0.39 35.68
N PHE A 490 41.13 3.35 32.67
CA PHE A 490 40.02 3.77 33.52
C PHE A 490 38.96 4.46 32.68
N PRO A 491 37.91 3.71 32.32
CA PRO A 491 36.96 4.19 31.30
C PRO A 491 35.99 5.24 31.77
N LEU A 492 36.06 5.67 33.03
CA LEU A 492 35.07 6.57 33.58
C LEU A 492 35.65 7.95 33.78
N GLN A 493 34.87 8.96 33.40
CA GLN A 493 35.25 10.36 33.58
C GLN A 493 34.14 11.05 34.35
N SER A 494 34.51 12.13 35.04
CA SER A 494 33.54 12.90 35.80
C SER A 494 33.10 14.11 34.98
N TYR A 495 31.83 14.49 35.15
CA TYR A 495 31.31 15.71 34.57
C TYR A 495 31.87 16.91 35.33
N GLY A 496 32.27 17.93 34.59
CA GLY A 496 32.75 19.15 35.20
C GLY A 496 31.62 20.11 35.54
N PHE A 497 30.66 19.63 36.32
CA PHE A 497 29.52 20.46 36.67
C PHE A 497 29.95 21.52 37.67
N GLN A 498 29.58 22.77 37.40
CA GLN A 498 29.75 23.87 38.32
C GLN A 498 28.55 24.80 38.23
N PRO A 499 28.23 25.53 39.30
CA PRO A 499 27.08 26.42 39.26
C PRO A 499 27.20 27.52 38.22
N THR A 500 28.42 27.79 37.74
CA THR A 500 28.66 28.87 36.79
C THR A 500 28.59 28.42 35.34
N ASN A 501 28.39 27.14 35.08
CA ASN A 501 28.45 26.62 33.71
C ASN A 501 27.38 27.24 32.83
N VAL A 503 25.33 26.32 28.57
CA VAL A 503 24.22 25.61 29.18
C VAL A 503 24.21 24.15 28.76
N GLY A 504 25.11 23.80 27.84
CA GLY A 504 25.24 22.41 27.43
C GLY A 504 25.97 21.56 28.45
N TYR A 505 27.01 22.10 29.06
CA TYR A 505 27.73 21.43 30.14
C TYR A 505 27.01 21.56 31.47
N GLN A 506 25.74 21.93 31.44
CA GLN A 506 24.97 22.29 32.62
C GLN A 506 24.07 21.13 33.02
N PRO A 507 24.27 20.56 34.22
CA PRO A 507 23.73 19.23 34.53
C PRO A 507 22.21 19.19 34.48
N TYR A 508 21.68 18.05 34.06
CA TYR A 508 20.25 17.78 34.06
C TYR A 508 19.97 16.47 34.78
N ARG A 509 18.87 16.44 35.53
CA ARG A 509 18.38 15.21 36.14
C ARG A 509 17.33 14.61 35.21
N VAL A 510 17.46 13.33 34.93
CA VAL A 510 16.55 12.65 34.03
C VAL A 510 15.99 11.43 34.75
N VAL A 511 14.70 11.19 34.56
CA VAL A 511 14.06 9.98 35.05
C VAL A 511 13.26 9.38 33.90
N VAL A 512 13.45 8.11 33.64
CA VAL A 512 12.88 7.46 32.48
C VAL A 512 11.93 6.37 32.96
N LEU A 513 10.63 6.59 32.74
CA LEU A 513 9.61 5.66 33.18
C LEU A 513 9.40 4.63 32.08
N SER A 514 9.72 3.38 32.37
CA SER A 514 9.44 2.29 31.45
C SER A 514 8.18 1.57 31.89
N PHE A 515 7.21 1.47 30.98
CA PHE A 515 5.93 0.84 31.27
C PHE A 515 5.89 -0.54 30.62
N GLU A 516 5.51 -1.54 31.40
CA GLU A 516 5.39 -2.90 30.91
C GLU A 516 3.94 -3.23 30.63
N LEU A 517 3.59 -3.31 29.35
CA LEU A 517 2.21 -3.53 28.92
C LEU A 517 1.90 -5.02 28.73
N LEU A 518 2.68 -5.88 29.37
CA LEU A 518 2.54 -7.32 29.20
C LEU A 518 1.39 -7.80 30.09
N HIS A 519 0.41 -8.46 29.48
CA HIS A 519 -0.82 -8.82 30.17
C HIS A 519 -0.56 -9.70 31.39
N ALA A 520 -1.07 -9.26 32.53
CA ALA A 520 -0.91 -9.89 33.83
C ALA A 520 -1.92 -9.22 34.75
N PRO A 521 -2.04 -9.62 36.02
CA PRO A 521 -2.78 -8.76 36.96
C PRO A 521 -2.20 -7.35 36.93
N ALA A 522 -3.00 -6.41 36.45
CA ALA A 522 -2.56 -5.04 36.36
C ALA A 522 -2.31 -4.48 37.75
N THR A 523 -1.25 -3.73 37.91
CA THR A 523 -0.79 -3.41 39.25
C THR A 523 -0.62 -1.92 39.49
N VAL A 524 -0.50 -1.12 38.44
CA VAL A 524 -0.44 0.33 38.55
C VAL A 524 -1.50 0.90 37.62
N CYS A 525 -2.60 1.39 38.16
CA CYS A 525 -3.68 1.98 37.39
C CYS A 525 -3.71 3.49 37.58
N GLY A 526 -4.38 4.16 36.64
CA GLY A 526 -4.52 5.59 36.68
C GLY A 526 -5.62 6.02 37.63
N PRO A 527 -5.58 7.31 37.98
CA PRO A 527 -6.52 7.82 38.99
C PRO A 527 -7.92 8.04 38.41
N LYS A 528 -8.52 6.97 37.90
CA LYS A 528 -9.89 7.01 37.41
C LYS A 528 -10.78 6.25 38.37
N LYS A 529 -12.06 6.61 38.41
CA LYS A 529 -13.00 6.02 39.34
C LYS A 529 -13.73 4.85 38.69
N SER A 530 -13.79 3.74 39.41
CA SER A 530 -14.52 2.58 38.91
C SER A 530 -16.02 2.81 39.03
N THR A 531 -16.77 2.11 38.18
CA THR A 531 -18.22 2.22 38.18
C THR A 531 -18.87 0.85 38.14
N ASN A 532 -20.19 0.81 38.24
CA ASN A 532 -20.91 -0.45 38.12
C ASN A 532 -20.98 -0.89 36.68
N LEU A 533 -20.94 -2.20 36.48
CA LEU A 533 -21.11 -2.81 35.17
C LEU A 533 -22.59 -3.07 34.92
N VAL A 534 -23.00 -2.99 33.66
CA VAL A 534 -24.36 -3.32 33.28
C VAL A 534 -24.31 -4.38 32.19
N LYS A 535 -24.99 -5.49 32.44
CA LYS A 535 -24.92 -6.65 31.57
C LYS A 535 -26.05 -6.63 30.57
N ASN A 536 -25.87 -7.41 29.50
CA ASN A 536 -26.94 -7.69 28.54
C ASN A 536 -27.40 -6.43 27.80
N LYS A 537 -26.52 -5.44 27.65
CA LYS A 537 -26.83 -4.25 26.89
C LYS A 537 -25.62 -3.82 26.08
N CYS A 538 -25.89 -3.08 25.01
CA CYS A 538 -24.81 -2.50 24.22
C CYS A 538 -24.19 -1.34 24.98
N VAL A 539 -23.00 -1.56 25.54
CA VAL A 539 -22.37 -0.60 26.44
C VAL A 539 -20.95 -0.32 25.98
N ASN A 540 -20.38 0.74 26.52
CA ASN A 540 -19.01 1.14 26.23
C ASN A 540 -18.18 0.87 27.48
N PHE A 541 -17.18 0.00 27.36
CA PHE A 541 -16.49 -0.53 28.53
C PHE A 541 -14.99 -0.27 28.45
N ASN A 542 -14.35 -0.46 29.60
CA ASN A 542 -12.91 -0.25 29.76
C ASN A 542 -12.47 -1.06 30.96
N PHE A 543 -11.80 -2.18 30.74
CA PHE A 543 -11.26 -3.00 31.81
C PHE A 543 -9.75 -2.87 31.83
N ASN A 544 -9.22 -2.21 32.86
CA ASN A 544 -7.78 -2.10 33.08
C ASN A 544 -7.09 -1.37 31.94
N GLY A 545 -7.87 -0.74 31.07
CA GLY A 545 -7.35 -0.13 29.87
C GLY A 545 -7.65 -0.87 28.58
N LEU A 546 -8.17 -2.09 28.65
CA LEU A 546 -8.62 -2.81 27.47
C LEU A 546 -10.00 -2.29 27.09
N THR A 547 -10.07 -1.51 26.03
CA THR A 547 -11.28 -0.78 25.67
C THR A 547 -12.00 -1.47 24.53
N GLY A 548 -13.27 -1.12 24.37
CA GLY A 548 -14.07 -1.68 23.31
C GLY A 548 -15.54 -1.41 23.56
N THR A 549 -16.36 -1.96 22.67
CA THR A 549 -17.80 -1.84 22.76
C THR A 549 -18.42 -3.22 22.59
N GLY A 550 -19.36 -3.56 23.46
CA GLY A 550 -19.99 -4.87 23.38
C GLY A 550 -21.04 -5.05 24.44
N VAL A 551 -21.61 -6.25 24.46
CA VAL A 551 -22.64 -6.64 25.40
C VAL A 551 -22.05 -7.63 26.39
N LEU A 552 -21.82 -7.18 27.61
CA LEU A 552 -21.26 -8.01 28.66
C LEU A 552 -22.35 -8.96 29.16
N THR A 553 -22.10 -10.26 29.02
CA THR A 553 -23.04 -11.28 29.46
C THR A 553 -22.30 -12.25 30.36
N GLU A 554 -23.06 -13.01 31.14
CA GLU A 554 -22.44 -14.03 31.98
C GLU A 554 -21.98 -15.22 31.14
N SER A 555 -20.76 -15.67 31.41
CA SER A 555 -20.09 -16.65 30.58
C SER A 555 -20.05 -18.01 31.25
N ASN A 556 -19.88 -19.05 30.44
CA ASN A 556 -19.69 -20.41 30.92
C ASN A 556 -18.28 -20.91 30.63
N LYS A 557 -17.38 -20.01 30.25
CA LYS A 557 -16.00 -20.41 29.97
C LYS A 557 -15.30 -20.81 31.25
N LYS A 558 -14.43 -21.81 31.17
CA LYS A 558 -13.71 -22.32 32.34
C LYS A 558 -12.35 -21.65 32.43
N PHE A 559 -12.37 -20.39 32.87
CA PHE A 559 -11.15 -19.64 33.05
C PHE A 559 -10.29 -20.26 34.15
N LEU A 560 -8.99 -20.31 33.91
CA LEU A 560 -8.07 -20.79 34.91
C LEU A 560 -7.78 -19.69 35.92
N PRO A 561 -7.41 -20.05 37.14
CA PRO A 561 -7.23 -19.04 38.19
C PRO A 561 -6.16 -18.01 37.90
N PHE A 562 -5.26 -18.30 36.95
CA PHE A 562 -4.21 -17.36 36.59
C PHE A 562 -4.50 -16.60 35.31
N GLN A 563 -5.54 -16.97 34.57
CA GLN A 563 -5.81 -16.39 33.26
C GLN A 563 -6.64 -15.12 33.40
N GLN A 564 -6.16 -14.05 32.77
CA GLN A 564 -6.87 -12.79 32.85
C GLN A 564 -7.96 -12.65 31.81
N PHE A 565 -7.69 -12.98 30.55
CA PHE A 565 -8.70 -12.79 29.52
C PHE A 565 -8.43 -13.74 28.37
N GLY A 566 -9.48 -13.97 27.57
CA GLY A 566 -9.40 -14.86 26.43
C GLY A 566 -9.32 -14.06 25.14
N ARG A 567 -9.18 -14.79 24.03
CA ARG A 567 -9.16 -14.19 22.72
C ARG A 567 -9.89 -15.08 21.73
N ASP A 568 -10.31 -14.48 20.63
CA ASP A 568 -10.85 -15.21 19.51
C ASP A 568 -9.74 -15.46 18.49
N ILE A 569 -10.09 -16.14 17.40
CA ILE A 569 -9.09 -16.49 16.41
C ILE A 569 -8.47 -15.24 15.78
N ALA A 570 -9.21 -14.14 15.72
CA ALA A 570 -8.70 -12.93 15.12
C ALA A 570 -7.82 -12.12 16.06
N ASP A 571 -7.34 -12.72 17.15
CA ASP A 571 -6.58 -12.00 18.18
C ASP A 571 -7.39 -10.83 18.74
N THR A 572 -8.71 -11.03 18.86
CA THR A 572 -9.61 -10.05 19.42
C THR A 572 -10.16 -10.55 20.75
N THR A 573 -10.39 -9.61 21.66
CA THR A 573 -10.84 -9.96 23.00
C THR A 573 -12.18 -10.69 22.94
N ASP A 574 -12.26 -11.81 23.64
CA ASP A 574 -13.46 -12.65 23.64
C ASP A 574 -14.07 -12.81 25.02
N ALA A 575 -13.26 -12.72 26.07
CA ALA A 575 -13.79 -12.80 27.43
C ALA A 575 -12.84 -12.09 28.36
N VAL A 576 -13.41 -11.48 29.40
CA VAL A 576 -12.63 -10.67 30.33
C VAL A 576 -13.03 -11.02 31.75
N ARG A 577 -12.08 -10.83 32.67
CA ARG A 577 -12.33 -11.05 34.08
C ARG A 577 -12.35 -9.70 34.79
N ASP A 578 -13.43 -9.41 35.46
CA ASP A 578 -13.59 -8.12 36.11
C ASP A 578 -12.53 -7.93 37.19
N PRO A 579 -11.78 -6.83 37.17
CA PRO A 579 -10.73 -6.65 38.15
C PRO A 579 -11.24 -6.58 39.59
N GLN A 580 -12.47 -6.13 39.81
CA GLN A 580 -12.99 -6.01 41.17
C GLN A 580 -13.84 -7.19 41.60
N THR A 581 -14.52 -7.84 40.67
CA THR A 581 -15.25 -9.07 40.92
C THR A 581 -14.60 -10.18 40.12
N LEU A 582 -14.10 -11.20 40.80
CA LEU A 582 -13.43 -12.28 40.10
C LEU A 582 -14.49 -13.10 39.37
N GLU A 583 -15.00 -12.50 38.29
CA GLU A 583 -16.07 -13.06 37.49
C GLU A 583 -15.63 -13.08 36.03
N ILE A 584 -16.24 -13.95 35.24
CA ILE A 584 -15.86 -14.15 33.85
C ILE A 584 -17.02 -13.72 32.96
N LEU A 585 -16.76 -12.73 32.10
CA LEU A 585 -17.76 -12.12 31.26
C LEU A 585 -17.42 -12.35 29.79
N ASP A 586 -18.39 -12.81 29.03
CA ASP A 586 -18.22 -12.91 27.58
C ASP A 586 -18.59 -11.59 26.93
N ILE A 587 -17.77 -11.14 25.99
CA ILE A 587 -18.00 -9.88 25.28
C ILE A 587 -18.52 -10.21 23.89
N THR A 588 -19.74 -9.79 23.61
CA THR A 588 -20.34 -9.93 22.29
C THR A 588 -20.54 -8.55 21.70
N PRO A 589 -20.10 -8.29 20.48
CA PRO A 589 -20.29 -6.97 19.88
C PRO A 589 -21.77 -6.67 19.72
N CYS A 590 -22.12 -5.40 19.77
CA CYS A 590 -23.51 -4.99 19.69
C CYS A 590 -24.13 -5.45 18.38
N SER A 591 -25.43 -5.77 18.42
CA SER A 591 -26.11 -6.28 17.25
C SER A 591 -26.00 -5.30 16.09
N PHE A 592 -25.67 -5.82 14.92
CA PHE A 592 -25.52 -5.00 13.74
C PHE A 592 -25.82 -5.86 12.52
N GLY A 593 -25.95 -5.20 11.37
CA GLY A 593 -26.26 -5.93 10.16
C GLY A 593 -26.33 -4.98 8.98
N GLY A 594 -26.36 -5.58 7.79
CA GLY A 594 -26.40 -4.79 6.58
C GLY A 594 -27.76 -4.15 6.38
N VAL A 595 -27.73 -2.97 5.77
CA VAL A 595 -28.94 -2.21 5.45
C VAL A 595 -29.01 -2.09 3.93
N SER A 596 -30.03 -2.68 3.34
CA SER A 596 -30.23 -2.62 1.90
C SER A 596 -31.56 -1.97 1.59
N VAL A 597 -31.56 -1.01 0.69
CA VAL A 597 -32.74 -0.24 0.33
C VAL A 597 -33.36 -0.86 -0.90
N ILE A 598 -34.61 -1.27 -0.81
CA ILE A 598 -35.39 -1.70 -1.96
C ILE A 598 -36.26 -0.55 -2.39
N THR A 599 -36.04 -0.05 -3.60
CA THR A 599 -36.82 1.06 -4.11
C THR A 599 -37.33 0.78 -5.51
N PRO A 600 -38.52 1.26 -5.84
CA PRO A 600 -38.87 1.38 -7.26
C PRO A 600 -38.13 2.56 -7.85
N GLY A 601 -38.26 2.72 -9.16
CA GLY A 601 -37.58 3.82 -9.82
C GLY A 601 -38.02 5.16 -9.28
N THR A 602 -37.03 6.02 -9.00
CA THR A 602 -37.34 7.35 -8.52
C THR A 602 -38.16 8.15 -9.51
N ASN A 603 -38.15 7.75 -10.79
CA ASN A 603 -39.17 8.23 -11.71
C ASN A 603 -40.55 7.79 -11.25
N THR A 604 -40.70 6.54 -10.85
CA THR A 604 -42.00 5.99 -10.48
C THR A 604 -42.50 6.52 -9.14
N SER A 605 -41.66 6.55 -8.12
CA SER A 605 -42.13 6.90 -6.78
C SER A 605 -40.96 7.32 -5.91
N ASN A 606 -41.26 7.56 -4.64
CA ASN A 606 -40.26 7.73 -3.62
C ASN A 606 -40.48 6.80 -2.43
N GLU A 607 -41.53 6.00 -2.46
CA GLU A 607 -41.81 5.07 -1.38
C GLU A 607 -40.81 3.92 -1.44
N VAL A 608 -40.20 3.62 -0.30
CA VAL A 608 -39.08 2.67 -0.24
C VAL A 608 -39.38 1.60 0.78
N ALA A 609 -38.67 0.48 0.64
CA ALA A 609 -38.73 -0.61 1.61
C ALA A 609 -37.32 -1.03 1.97
N VAL A 610 -37.07 -1.15 3.26
CA VAL A 610 -35.72 -1.36 3.79
C VAL A 610 -35.57 -2.82 4.19
N LEU A 611 -34.45 -3.41 3.84
CA LEU A 611 -34.10 -4.76 4.24
C LEU A 611 -32.99 -4.70 5.27
N TYR A 612 -33.24 -5.26 6.45
CA TYR A 612 -32.22 -5.40 7.48
C TYR A 612 -31.60 -6.78 7.35
N GLN A 613 -30.35 -6.82 6.91
CA GLN A 613 -29.73 -8.09 6.56
C GLN A 613 -29.41 -8.91 7.79
N ASP A 614 -29.95 -10.13 7.82
CA ASP A 614 -29.59 -11.13 8.82
C ASP A 614 -29.75 -10.61 10.24
N VAL A 615 -30.91 -10.01 10.53
CA VAL A 615 -31.23 -9.56 11.87
C VAL A 615 -32.68 -9.93 12.16
N ASN A 616 -32.91 -10.43 13.36
CA ASN A 616 -34.23 -10.86 13.79
C ASN A 616 -35.13 -9.65 13.97
N CYS A 617 -36.43 -9.86 13.78
CA CYS A 617 -37.40 -8.76 13.88
C CYS A 617 -37.73 -8.48 15.34
N THR A 618 -36.67 -8.34 16.14
CA THR A 618 -36.82 -7.89 17.51
C THR A 618 -36.03 -6.62 17.76
N GLU A 619 -34.73 -6.65 17.45
CA GLU A 619 -33.86 -5.54 17.80
C GLU A 619 -34.12 -4.33 16.91
N VAL A 620 -34.53 -4.55 15.67
CA VAL A 620 -34.80 -3.44 14.77
C VAL A 620 -36.03 -2.67 15.21
N ASN A 641 -46.73 -4.05 9.53
CA ASN A 641 -46.30 -4.21 8.15
C ASN A 641 -44.82 -4.56 8.07
N VAL A 642 -44.43 -5.62 8.77
CA VAL A 642 -43.06 -6.07 8.80
C VAL A 642 -43.04 -7.55 8.42
N PHE A 643 -42.18 -7.90 7.47
CA PHE A 643 -42.03 -9.27 7.01
C PHE A 643 -40.67 -9.78 7.44
N GLN A 644 -40.66 -10.94 8.08
CA GLN A 644 -39.43 -11.63 8.43
C GLN A 644 -39.10 -12.67 7.37
N THR A 645 -37.91 -12.56 6.79
CA THR A 645 -37.45 -13.50 5.77
C THR A 645 -36.11 -14.08 6.19
N ARG A 646 -35.74 -15.19 5.56
CA ARG A 646 -34.48 -15.83 5.90
C ARG A 646 -33.30 -14.88 5.71
N ALA A 647 -33.42 -13.90 4.81
CA ALA A 647 -32.37 -12.92 4.62
C ALA A 647 -32.36 -11.83 5.68
N GLY A 648 -33.44 -11.65 6.41
CA GLY A 648 -33.46 -10.68 7.47
C GLY A 648 -34.86 -10.16 7.71
N CYS A 649 -34.92 -9.01 8.37
CA CYS A 649 -36.18 -8.39 8.74
C CYS A 649 -36.51 -7.33 7.71
N LEU A 650 -37.54 -7.57 6.91
CA LEU A 650 -37.90 -6.69 5.81
C LEU A 650 -38.98 -5.72 6.27
N ILE A 651 -38.67 -4.42 6.20
CA ILE A 651 -39.57 -3.36 6.67
C ILE A 651 -40.01 -2.54 5.47
N GLY A 652 -41.29 -2.20 5.42
CA GLY A 652 -41.84 -1.37 4.39
C GLY A 652 -42.63 -2.11 3.34
N ALA A 653 -42.59 -3.44 3.37
CA ALA A 653 -43.22 -4.24 2.34
C ALA A 653 -44.36 -5.08 2.91
N GLU A 654 -45.44 -5.17 2.13
CA GLU A 654 -46.49 -6.15 2.39
C GLU A 654 -46.07 -7.51 1.88
N HIS A 655 -46.36 -8.54 2.67
CA HIS A 655 -46.17 -9.91 2.21
C HIS A 655 -47.42 -10.32 1.44
N VAL A 656 -47.22 -11.04 0.34
CA VAL A 656 -48.32 -11.44 -0.52
C VAL A 656 -48.31 -12.95 -0.66
N ASN A 657 -49.50 -13.55 -0.65
CA ASN A 657 -49.61 -15.01 -0.80
C ASN A 657 -49.37 -15.46 -2.24
N ASN A 658 -49.73 -14.65 -3.23
CA ASN A 658 -49.57 -15.05 -4.62
C ASN A 658 -48.11 -15.07 -5.03
N SER A 659 -47.83 -15.71 -6.16
CA SER A 659 -46.50 -15.76 -6.73
C SER A 659 -46.45 -15.01 -8.07
N TYR A 660 -45.33 -14.35 -8.31
CA TYR A 660 -45.09 -13.65 -9.56
C TYR A 660 -43.65 -13.86 -9.97
N GLU A 661 -43.29 -13.34 -11.14
CA GLU A 661 -41.90 -13.38 -11.58
C GLU A 661 -41.07 -12.43 -10.73
N CYS A 662 -39.78 -12.71 -10.63
CA CYS A 662 -38.90 -11.86 -9.84
C CYS A 662 -38.67 -10.55 -10.54
N ASP A 663 -38.75 -9.45 -9.80
CA ASP A 663 -38.54 -8.14 -10.37
C ASP A 663 -37.34 -7.46 -9.71
N ILE A 664 -37.31 -7.45 -8.38
CA ILE A 664 -36.10 -7.14 -7.63
C ILE A 664 -35.78 -8.36 -6.77
N PRO A 665 -34.60 -8.95 -6.92
CA PRO A 665 -34.22 -10.02 -5.99
C PRO A 665 -33.96 -9.47 -4.60
N ILE A 666 -34.28 -10.26 -3.60
CA ILE A 666 -34.07 -9.91 -2.20
C ILE A 666 -33.14 -10.90 -1.52
N GLY A 667 -33.38 -12.18 -1.74
CA GLY A 667 -32.68 -13.24 -1.05
C GLY A 667 -33.69 -14.27 -0.59
N ALA A 668 -33.21 -15.49 -0.41
CA ALA A 668 -34.05 -16.57 0.10
C ALA A 668 -35.32 -16.73 -0.74
N GLY A 669 -35.19 -16.57 -2.05
CA GLY A 669 -36.32 -16.74 -2.94
C GLY A 669 -37.37 -15.66 -2.85
N ILE A 670 -37.14 -14.63 -2.05
CA ILE A 670 -38.08 -13.53 -1.89
C ILE A 670 -37.76 -12.47 -2.94
N CYS A 671 -38.76 -12.09 -3.73
CA CYS A 671 -38.59 -11.04 -4.72
C CYS A 671 -39.67 -9.99 -4.54
N ALA A 672 -39.26 -8.73 -4.67
CA ALA A 672 -40.13 -7.60 -4.44
C ALA A 672 -40.45 -6.89 -5.75
N SER A 673 -41.55 -6.15 -5.73
CA SER A 673 -41.91 -5.29 -6.87
C SER A 673 -42.88 -4.23 -6.38
N TYR A 674 -43.03 -3.19 -7.19
CA TYR A 674 -43.92 -2.07 -6.91
C TYR A 674 -45.20 -2.29 -7.68
N GLN A 675 -46.29 -2.55 -6.97
CA GLN A 675 -47.55 -2.88 -7.63
C GLN A 675 -48.72 -2.18 -6.96
N THR A 676 -49.80 -2.06 -7.70
CA THR A 676 -51.00 -1.37 -7.27
C THR A 676 -51.86 -2.25 -6.38
N GLN A 690 -51.10 2.04 -4.58
CA GLN A 690 -49.89 1.29 -4.90
C GLN A 690 -49.00 1.14 -3.67
N SER A 691 -48.14 0.12 -3.68
CA SER A 691 -47.29 -0.18 -2.53
C SER A 691 -46.20 -1.14 -2.97
N ILE A 692 -45.28 -1.41 -2.05
CA ILE A 692 -44.17 -2.33 -2.30
C ILE A 692 -44.51 -3.68 -1.70
N ILE A 693 -44.54 -4.72 -2.53
CA ILE A 693 -44.91 -6.05 -2.10
C ILE A 693 -43.71 -6.97 -2.23
N ALA A 694 -43.65 -7.95 -1.33
CA ALA A 694 -42.61 -8.98 -1.35
C ALA A 694 -43.27 -10.34 -1.33
N TYR A 695 -42.72 -11.29 -2.07
CA TYR A 695 -43.42 -12.56 -2.20
C TYR A 695 -42.41 -13.64 -2.55
N THR A 696 -42.85 -14.89 -2.40
CA THR A 696 -42.05 -16.02 -2.84
C THR A 696 -42.07 -16.08 -4.35
N MET A 697 -40.91 -15.86 -4.96
CA MET A 697 -40.85 -15.71 -6.40
C MET A 697 -41.38 -16.95 -7.09
N SER A 698 -42.02 -16.75 -8.23
CA SER A 698 -42.50 -17.87 -9.01
C SER A 698 -41.36 -18.48 -9.80
N LEU A 699 -41.43 -19.78 -9.99
CA LEU A 699 -40.57 -20.47 -10.92
C LEU A 699 -41.21 -20.60 -12.28
N GLY A 700 -42.34 -19.93 -12.47
CA GLY A 700 -43.17 -20.09 -13.64
C GLY A 700 -44.43 -20.86 -13.31
N ALA A 701 -45.34 -20.84 -14.27
CA ALA A 701 -46.56 -21.61 -14.11
C ALA A 701 -46.25 -23.10 -14.13
N GLU A 702 -46.67 -23.80 -13.09
CA GLU A 702 -46.53 -25.24 -13.04
C GLU A 702 -47.27 -25.87 -14.20
N ASN A 703 -46.69 -26.94 -14.75
CA ASN A 703 -47.29 -27.59 -15.91
C ASN A 703 -46.99 -29.08 -15.80
N SER A 704 -47.96 -29.86 -15.35
CA SER A 704 -47.81 -31.30 -15.42
C SER A 704 -47.86 -31.74 -16.88
N VAL A 705 -47.37 -32.96 -17.13
CA VAL A 705 -47.32 -33.52 -18.47
C VAL A 705 -48.12 -34.82 -18.46
N ALA A 706 -48.97 -35.00 -19.46
CA ALA A 706 -49.86 -36.16 -19.50
C ALA A 706 -49.09 -37.36 -20.04
N TYR A 707 -48.07 -37.75 -19.29
CA TYR A 707 -47.29 -38.93 -19.65
C TYR A 707 -48.14 -40.18 -19.55
N SER A 708 -47.85 -41.13 -20.43
CA SER A 708 -48.36 -42.49 -20.29
C SER A 708 -47.45 -43.39 -21.10
N ASN A 709 -47.76 -44.68 -21.10
CA ASN A 709 -46.93 -45.61 -21.83
C ASN A 709 -47.35 -45.81 -23.28
N ASN A 710 -48.44 -45.20 -23.71
CA ASN A 710 -48.89 -45.40 -25.09
C ASN A 710 -49.43 -44.11 -25.71
N SER A 711 -48.92 -42.96 -25.31
CA SER A 711 -49.42 -41.69 -25.84
C SER A 711 -48.29 -40.90 -26.44
N ILE A 712 -48.54 -40.28 -27.59
CA ILE A 712 -47.54 -39.50 -28.31
C ILE A 712 -48.11 -38.12 -28.60
N ALA A 713 -47.25 -37.10 -28.48
CA ALA A 713 -47.65 -35.70 -28.68
C ALA A 713 -46.82 -35.09 -29.79
N ILE A 714 -47.39 -34.99 -30.99
CA ILE A 714 -46.66 -34.65 -32.20
C ILE A 714 -47.22 -33.35 -32.75
N PRO A 715 -46.41 -32.31 -32.92
CA PRO A 715 -46.92 -31.04 -33.42
C PRO A 715 -47.50 -31.18 -34.82
N THR A 716 -48.54 -30.40 -35.08
CA THR A 716 -49.15 -30.32 -36.40
C THR A 716 -48.94 -28.99 -37.09
N ASN A 717 -48.35 -28.02 -36.40
CA ASN A 717 -48.09 -26.71 -36.98
C ASN A 717 -46.94 -26.08 -36.22
N PHE A 718 -46.29 -25.12 -36.85
CA PHE A 718 -45.05 -24.61 -36.30
C PHE A 718 -45.06 -23.09 -36.34
N THR A 719 -43.93 -22.52 -35.96
CA THR A 719 -43.66 -21.11 -36.10
C THR A 719 -42.21 -20.94 -36.53
N ILE A 720 -41.91 -19.76 -37.05
CA ILE A 720 -40.53 -19.28 -37.18
C ILE A 720 -40.42 -18.04 -36.32
N SER A 721 -39.57 -18.09 -35.31
CA SER A 721 -39.39 -16.94 -34.44
C SER A 721 -38.00 -16.39 -34.67
N VAL A 722 -37.81 -15.12 -34.31
CA VAL A 722 -36.54 -14.44 -34.45
C VAL A 722 -36.14 -13.92 -33.09
N THR A 723 -35.01 -14.37 -32.58
CA THR A 723 -34.57 -14.05 -31.24
C THR A 723 -33.31 -13.20 -31.32
N THR A 724 -33.32 -12.10 -30.58
CA THR A 724 -32.19 -11.19 -30.55
C THR A 724 -31.28 -11.57 -29.41
N GLU A 725 -30.00 -11.76 -29.71
CA GLU A 725 -29.01 -12.11 -28.71
C GLU A 725 -27.78 -11.24 -28.91
N ILE A 726 -27.32 -10.62 -27.84
CA ILE A 726 -26.33 -9.54 -27.91
C ILE A 726 -25.09 -9.96 -27.14
N LEU A 727 -23.92 -9.64 -27.67
CA LEU A 727 -22.65 -10.01 -27.07
C LEU A 727 -21.68 -8.84 -27.13
N PRO A 728 -21.03 -8.49 -26.03
CA PRO A 728 -19.93 -7.52 -26.13
C PRO A 728 -18.83 -8.13 -26.97
N VAL A 729 -18.05 -7.28 -27.64
CA VAL A 729 -16.93 -7.73 -28.44
C VAL A 729 -15.62 -7.04 -28.04
N SER A 730 -15.64 -5.72 -27.88
CA SER A 730 -14.41 -5.02 -27.60
C SER A 730 -14.66 -3.94 -26.56
N MET A 731 -13.61 -3.58 -25.86
CA MET A 731 -13.65 -2.47 -24.93
C MET A 731 -13.33 -1.18 -25.66
N THR A 732 -13.24 -0.10 -24.89
CA THR A 732 -12.74 1.15 -25.43
C THR A 732 -11.24 1.23 -25.22
N LYS A 733 -10.49 1.38 -26.32
CA LYS A 733 -9.05 1.15 -26.31
C LYS A 733 -8.35 2.27 -25.54
N THR A 734 -8.53 2.23 -24.23
CA THR A 734 -8.01 3.28 -23.37
C THR A 734 -6.50 3.13 -23.23
N SER A 735 -5.80 4.26 -23.08
CA SER A 735 -4.38 4.28 -22.79
C SER A 735 -4.12 5.33 -21.73
N VAL A 736 -3.07 5.12 -20.94
CA VAL A 736 -2.71 6.02 -19.85
C VAL A 736 -1.20 6.16 -19.83
N ASP A 737 -0.71 7.37 -19.58
CA ASP A 737 0.73 7.60 -19.47
C ASP A 737 1.11 7.55 -18.00
N CYS A 738 1.89 6.53 -17.64
CA CYS A 738 2.25 6.34 -16.25
C CYS A 738 2.94 7.56 -15.68
N THR A 739 3.77 8.22 -16.49
CA THR A 739 4.45 9.41 -16.01
C THR A 739 3.49 10.58 -15.91
N MET A 740 2.64 10.77 -16.93
CA MET A 740 1.81 11.96 -16.98
C MET A 740 0.75 11.94 -15.89
N TYR A 741 0.12 10.79 -15.67
CA TYR A 741 -0.91 10.69 -14.64
C TYR A 741 -0.32 10.96 -13.27
N ILE A 742 0.87 10.44 -13.01
CA ILE A 742 1.41 10.45 -11.67
C ILE A 742 2.23 11.71 -11.42
N CYS A 743 3.02 12.13 -12.40
CA CYS A 743 3.86 13.32 -12.23
C CYS A 743 3.64 14.34 -13.33
N GLY A 744 2.40 14.68 -13.60
CA GLY A 744 2.10 15.63 -14.66
C GLY A 744 2.97 16.88 -14.66
N ASP A 745 3.83 16.97 -15.67
CA ASP A 745 4.63 18.17 -15.94
C ASP A 745 5.39 18.65 -14.70
N SER A 746 6.05 17.72 -14.02
CA SER A 746 6.86 18.06 -12.85
C SER A 746 8.15 17.28 -12.89
N THR A 747 9.27 17.98 -13.11
CA THR A 747 10.57 17.31 -13.09
C THR A 747 10.89 16.78 -11.70
N GLU A 748 10.65 17.58 -10.66
CA GLU A 748 10.94 17.13 -9.31
C GLU A 748 10.13 15.89 -8.96
N CYS A 749 8.99 15.69 -9.63
CA CYS A 749 8.21 14.49 -9.41
C CYS A 749 8.73 13.32 -10.21
N SER A 750 9.04 13.55 -11.49
CA SER A 750 9.39 12.44 -12.37
C SER A 750 10.66 11.73 -11.90
N ASN A 751 11.63 12.50 -11.39
CA ASN A 751 12.82 11.88 -10.84
C ASN A 751 12.48 10.92 -9.72
N LEU A 752 11.61 11.34 -8.79
CA LEU A 752 11.23 10.46 -7.69
C LEU A 752 10.46 9.25 -8.18
N LEU A 753 9.84 9.34 -9.36
CA LEU A 753 9.19 8.17 -9.92
C LEU A 753 10.20 7.15 -10.43
N LEU A 754 11.32 7.63 -10.99
CA LEU A 754 12.30 6.71 -11.52
C LEU A 754 12.87 5.78 -10.45
N GLN A 755 12.92 6.23 -9.20
CA GLN A 755 13.35 5.34 -8.15
C GLN A 755 12.42 4.14 -8.00
N TYR A 756 11.20 4.22 -8.52
CA TYR A 756 10.28 3.10 -8.57
C TYR A 756 10.47 2.25 -9.80
N GLY A 757 11.57 2.42 -10.52
CA GLY A 757 11.94 1.43 -11.51
C GLY A 757 10.88 1.26 -12.56
N SER A 758 10.49 0.00 -12.78
CA SER A 758 9.67 -0.37 -13.92
C SER A 758 8.18 -0.51 -13.62
N PHE A 759 7.71 -0.08 -12.44
CA PHE A 759 6.28 -0.24 -12.18
C PHE A 759 5.44 0.41 -13.25
N CYS A 760 5.70 1.67 -13.59
CA CYS A 760 4.73 2.32 -14.45
C CYS A 760 4.98 1.93 -15.89
N THR A 761 6.24 1.61 -16.22
CA THR A 761 6.57 1.19 -17.57
C THR A 761 5.82 -0.08 -17.95
N GLN A 762 5.80 -1.07 -17.07
CA GLN A 762 5.02 -2.25 -17.35
C GLN A 762 3.52 -1.96 -17.34
N LEU A 763 3.08 -1.01 -16.53
CA LEU A 763 1.67 -0.62 -16.57
C LEU A 763 1.30 -0.10 -17.95
N ASN A 764 2.09 0.82 -18.49
CA ASN A 764 1.83 1.29 -19.83
C ASN A 764 1.88 0.13 -20.81
N ARG A 765 2.77 -0.83 -20.57
CA ARG A 765 2.81 -2.01 -21.44
C ARG A 765 1.54 -2.82 -21.33
N ALA A 766 1.02 -2.98 -20.11
CA ALA A 766 -0.14 -3.84 -19.93
C ALA A 766 -1.34 -3.32 -20.70
N LEU A 767 -1.64 -2.04 -20.57
CA LEU A 767 -2.77 -1.46 -21.29
C LEU A 767 -2.55 -1.52 -22.79
N THR A 768 -1.29 -1.45 -23.22
CA THR A 768 -1.01 -1.57 -24.65
C THR A 768 -1.40 -2.95 -25.15
N GLY A 769 -1.08 -4.00 -24.40
CA GLY A 769 -1.48 -5.34 -24.80
C GLY A 769 -2.98 -5.52 -24.85
N ILE A 770 -3.68 -4.93 -23.89
CA ILE A 770 -5.13 -4.92 -23.94
C ILE A 770 -5.61 -4.27 -25.22
N ALA A 771 -5.04 -3.11 -25.55
CA ALA A 771 -5.52 -2.34 -26.69
C ALA A 771 -5.38 -3.14 -27.98
N VAL A 772 -4.24 -3.80 -28.18
CA VAL A 772 -4.07 -4.57 -29.40
C VAL A 772 -5.06 -5.72 -29.45
N GLU A 773 -5.23 -6.41 -28.32
CA GLU A 773 -6.15 -7.54 -28.28
C GLU A 773 -7.56 -7.11 -28.67
N GLN A 774 -7.96 -5.90 -28.28
CA GLN A 774 -9.27 -5.38 -28.64
C GLN A 774 -9.48 -5.40 -30.14
N ASP A 775 -8.51 -4.92 -30.90
CA ASP A 775 -8.58 -5.07 -32.35
C ASP A 775 -8.61 -6.54 -32.73
N LYS A 776 -7.74 -7.35 -32.13
CA LYS A 776 -7.69 -8.77 -32.46
C LYS A 776 -9.04 -9.43 -32.19
N ASN A 777 -9.77 -8.94 -31.18
CA ASN A 777 -11.14 -9.40 -30.98
C ASN A 777 -11.97 -9.16 -32.22
N THR A 778 -12.03 -7.91 -32.68
CA THR A 778 -12.96 -7.54 -33.73
C THR A 778 -12.60 -8.23 -35.04
N GLN A 779 -11.31 -8.50 -35.25
CA GLN A 779 -10.93 -9.26 -36.44
C GLN A 779 -11.46 -10.68 -36.37
N GLU A 780 -11.23 -11.36 -35.24
CA GLU A 780 -11.69 -12.73 -35.11
C GLU A 780 -13.20 -12.82 -35.18
N VAL A 781 -13.90 -11.86 -34.57
CA VAL A 781 -15.35 -11.90 -34.58
C VAL A 781 -15.89 -11.71 -35.99
N PHE A 782 -15.45 -10.65 -36.68
CA PHE A 782 -16.03 -10.27 -37.96
C PHE A 782 -15.26 -10.74 -39.17
N ALA A 783 -13.94 -10.70 -39.15
CA ALA A 783 -13.16 -10.96 -40.36
C ALA A 783 -13.02 -12.46 -40.59
N GLN A 784 -14.16 -13.13 -40.62
CA GLN A 784 -14.21 -14.56 -40.83
C GLN A 784 -14.36 -14.91 -42.31
N VAL A 785 -14.44 -13.92 -43.18
CA VAL A 785 -14.63 -14.14 -44.60
C VAL A 785 -13.54 -13.37 -45.34
N LYS A 786 -12.99 -14.00 -46.39
CA LYS A 786 -11.87 -13.43 -47.12
C LYS A 786 -12.29 -12.47 -48.21
N GLN A 787 -13.55 -12.46 -48.61
CA GLN A 787 -14.00 -11.61 -49.71
C GLN A 787 -15.30 -10.91 -49.32
N ILE A 788 -15.40 -9.65 -49.72
CA ILE A 788 -16.56 -8.83 -49.44
C ILE A 788 -17.59 -9.11 -50.53
N TYR A 789 -18.52 -10.01 -50.25
CA TYR A 789 -19.56 -10.36 -51.19
C TYR A 789 -20.60 -9.26 -51.25
N LYS A 790 -21.20 -9.09 -52.42
CA LYS A 790 -22.29 -8.15 -52.64
C LYS A 790 -23.49 -8.86 -53.25
N THR A 791 -24.65 -8.62 -52.64
CA THR A 791 -25.91 -9.15 -53.12
C THR A 791 -26.28 -8.53 -54.46
N PRO A 792 -27.02 -9.25 -55.29
CA PRO A 792 -27.47 -8.68 -56.56
C PRO A 792 -28.50 -7.59 -56.32
N PRO A 793 -28.73 -6.71 -57.30
CA PRO A 793 -29.77 -5.69 -57.14
C PRO A 793 -31.17 -6.26 -56.98
N ILE A 794 -31.46 -7.40 -57.58
CA ILE A 794 -32.80 -7.98 -57.54
C ILE A 794 -32.91 -8.88 -56.32
N LYS A 795 -33.82 -8.53 -55.41
CA LYS A 795 -34.01 -9.28 -54.17
C LYS A 795 -35.11 -10.35 -54.35
N ASP A 796 -34.86 -11.27 -55.27
CA ASP A 796 -35.83 -12.34 -55.55
C ASP A 796 -35.59 -13.51 -54.61
N PHE A 797 -35.74 -13.22 -53.31
CA PHE A 797 -35.53 -14.21 -52.27
C PHE A 797 -36.80 -14.97 -51.89
N GLY A 798 -37.45 -15.56 -52.88
CA GLY A 798 -38.59 -16.45 -52.66
C GLY A 798 -39.71 -15.88 -51.83
N GLY A 799 -39.66 -14.61 -51.48
CA GLY A 799 -40.64 -14.00 -50.61
C GLY A 799 -40.09 -13.53 -49.28
N PHE A 800 -38.91 -13.97 -48.89
CA PHE A 800 -38.28 -13.46 -47.69
C PHE A 800 -37.87 -12.02 -47.96
N ASN A 801 -37.98 -11.16 -46.95
CA ASN A 801 -37.69 -9.74 -47.12
C ASN A 801 -36.54 -9.34 -46.23
N PHE A 802 -35.37 -9.16 -46.83
CA PHE A 802 -34.17 -8.78 -46.10
C PHE A 802 -33.90 -7.29 -46.13
N SER A 803 -34.82 -6.50 -46.69
CA SER A 803 -34.57 -5.08 -46.86
C SER A 803 -34.24 -4.39 -45.54
N GLN A 804 -34.72 -4.94 -44.43
CA GLN A 804 -34.44 -4.34 -43.14
C GLN A 804 -33.01 -4.58 -42.69
N ILE A 805 -32.39 -5.68 -43.13
CA ILE A 805 -31.06 -6.04 -42.67
C ILE A 805 -29.98 -5.88 -43.73
N LEU A 806 -30.30 -5.86 -45.01
CA LEU A 806 -29.25 -5.52 -45.95
C LEU A 806 -28.92 -4.04 -45.83
N PRO A 807 -27.66 -3.67 -46.02
CA PRO A 807 -27.27 -2.27 -45.83
C PRO A 807 -28.02 -1.37 -46.80
N ASP A 808 -28.33 -0.16 -46.34
CA ASP A 808 -29.10 0.80 -47.13
C ASP A 808 -28.12 1.68 -47.89
N PRO A 809 -28.09 1.61 -49.23
CA PRO A 809 -27.09 2.38 -49.99
C PRO A 809 -27.26 3.88 -49.87
N SER A 810 -28.44 4.37 -49.48
CA SER A 810 -28.71 5.81 -49.52
C SER A 810 -28.11 6.57 -48.34
N LYS A 811 -27.56 5.88 -47.34
CA LYS A 811 -26.97 6.57 -46.20
C LYS A 811 -25.46 6.61 -46.36
N SER A 813 -22.85 6.31 -44.38
CA SER A 813 -22.73 5.04 -43.68
C SER A 813 -23.69 4.02 -44.27
N LYS A 814 -23.17 3.15 -45.14
CA LYS A 814 -24.00 2.16 -45.82
C LYS A 814 -24.40 1.07 -44.83
N ARG A 815 -25.38 1.42 -43.99
CA ARG A 815 -25.80 0.57 -42.89
C ARG A 815 -27.27 0.20 -43.07
N SER A 816 -27.62 -0.96 -42.56
CA SER A 816 -28.99 -1.44 -42.67
C SER A 816 -29.87 -0.79 -41.62
N PHE A 817 -31.18 -1.00 -41.75
CA PHE A 817 -32.12 -0.29 -40.89
C PHE A 817 -31.89 -0.64 -39.42
N ILE A 818 -31.88 -1.93 -39.10
CA ILE A 818 -31.93 -2.34 -37.71
C ILE A 818 -30.69 -1.86 -36.95
N GLU A 819 -29.52 -1.99 -37.57
CA GLU A 819 -28.30 -1.59 -36.89
C GLU A 819 -28.27 -0.08 -36.66
N ASP A 820 -29.01 0.68 -37.46
CA ASP A 820 -29.18 2.10 -37.14
C ASP A 820 -29.86 2.27 -35.80
N LEU A 821 -30.96 1.55 -35.57
CA LEU A 821 -31.59 1.58 -34.26
C LEU A 821 -30.59 1.19 -33.18
N LEU A 822 -29.81 0.15 -33.46
CA LEU A 822 -28.83 -0.31 -32.50
C LEU A 822 -27.81 0.78 -32.18
N PHE A 823 -27.34 1.47 -33.22
CA PHE A 823 -26.36 2.51 -32.99
C PHE A 823 -26.94 3.66 -32.18
N ASN A 824 -28.26 3.85 -32.24
CA ASN A 824 -28.84 4.99 -31.56
C ASN A 824 -29.17 4.71 -30.09
N LYS A 825 -29.28 3.44 -29.69
CA LYS A 825 -29.68 3.10 -28.34
C LYS A 825 -28.51 3.02 -27.38
N VAL A 826 -27.28 3.24 -27.83
CA VAL A 826 -26.10 3.12 -27.00
C VAL A 826 -25.31 4.42 -27.08
N THR A 827 -24.81 4.88 -25.93
CA THR A 827 -24.09 6.14 -25.88
C THR A 827 -22.58 5.93 -25.73
N PHE A 855 -7.12 15.02 -20.44
CA PHE A 855 -6.15 16.08 -20.21
C PHE A 855 -5.17 15.68 -19.11
N ASN A 856 -5.41 14.54 -18.48
CA ASN A 856 -4.54 14.01 -17.46
C ASN A 856 -3.75 12.81 -17.95
N GLY A 857 -3.31 12.84 -19.20
CA GLY A 857 -2.62 11.73 -19.81
C GLY A 857 -3.53 10.64 -20.34
N LEU A 858 -4.80 10.68 -20.01
CA LEU A 858 -5.74 9.65 -20.42
C LEU A 858 -6.22 9.98 -21.83
N THR A 859 -5.99 9.07 -22.75
CA THR A 859 -6.49 9.22 -24.11
C THR A 859 -7.39 8.04 -24.43
N VAL A 860 -7.88 8.03 -25.66
CA VAL A 860 -8.62 6.90 -26.20
C VAL A 860 -8.08 6.58 -27.58
N LEU A 861 -7.61 5.44 -27.73
CA LEU A 861 -7.18 5.17 -29.09
C LEU A 861 -8.38 4.83 -29.95
N PRO A 862 -8.32 5.09 -31.25
CA PRO A 862 -9.40 4.70 -32.13
C PRO A 862 -9.28 3.25 -32.54
N PRO A 863 -10.40 2.58 -32.80
CA PRO A 863 -10.33 1.20 -33.26
C PRO A 863 -9.73 1.11 -34.65
N LEU A 864 -9.03 0.00 -34.91
CA LEU A 864 -8.44 -0.17 -36.23
C LEU A 864 -9.51 -0.20 -37.31
N LEU A 865 -10.55 -1.00 -37.11
CA LEU A 865 -11.66 -1.02 -38.05
C LEU A 865 -12.60 0.12 -37.66
N THR A 866 -13.17 0.78 -38.66
CA THR A 866 -14.11 1.86 -38.39
C THR A 866 -15.54 1.34 -38.39
N ASP A 867 -16.45 2.17 -37.90
CA ASP A 867 -17.84 1.75 -37.80
C ASP A 867 -18.41 1.39 -39.17
N GLU A 868 -18.14 2.22 -40.18
CA GLU A 868 -18.51 1.83 -41.54
C GLU A 868 -17.71 0.61 -41.99
N MET A 869 -16.44 0.53 -41.61
CA MET A 869 -15.65 -0.64 -41.96
C MET A 869 -16.33 -1.91 -41.50
N ILE A 870 -16.80 -1.92 -40.24
CA ILE A 870 -17.49 -3.08 -39.72
C ILE A 870 -18.70 -3.41 -40.58
N ALA A 871 -19.43 -2.39 -41.02
CA ALA A 871 -20.69 -2.62 -41.71
C ALA A 871 -20.49 -3.37 -43.01
N GLN A 872 -19.35 -3.17 -43.67
CA GLN A 872 -19.09 -3.91 -44.90
C GLN A 872 -18.91 -5.39 -44.62
N TYR A 873 -18.10 -5.74 -43.62
CA TYR A 873 -17.95 -7.13 -43.24
C TYR A 873 -19.30 -7.77 -42.97
N THR A 874 -20.09 -7.13 -42.10
CA THR A 874 -21.39 -7.68 -41.74
C THR A 874 -22.32 -7.71 -42.94
N SER A 875 -22.10 -6.84 -43.93
CA SER A 875 -22.82 -6.99 -45.18
C SER A 875 -22.40 -8.25 -45.91
N ALA A 876 -21.10 -8.51 -45.96
CA ALA A 876 -20.62 -9.70 -46.65
C ALA A 876 -21.15 -10.97 -45.99
N LEU A 877 -20.89 -11.12 -44.69
CA LEU A 877 -21.39 -12.28 -43.97
C LEU A 877 -22.88 -12.47 -44.20
N LEU A 878 -23.62 -11.36 -44.19
CA LEU A 878 -25.01 -11.43 -44.56
C LEU A 878 -25.18 -11.76 -46.03
N ALA A 879 -24.32 -11.23 -46.89
CA ALA A 879 -24.48 -11.49 -48.32
C ALA A 879 -24.17 -12.93 -48.66
N GLY A 880 -23.20 -13.54 -47.98
CA GLY A 880 -22.91 -14.93 -48.23
C GLY A 880 -23.99 -15.86 -47.73
N THR A 881 -24.47 -15.61 -46.51
CA THR A 881 -25.52 -16.44 -45.92
C THR A 881 -26.78 -16.42 -46.78
N ILE A 882 -27.09 -15.27 -47.37
CA ILE A 882 -28.30 -15.16 -48.16
C ILE A 882 -28.20 -15.96 -49.46
N THR A 883 -27.08 -15.80 -50.18
CA THR A 883 -26.98 -16.31 -51.53
C THR A 883 -26.27 -17.64 -51.64
N SER A 884 -25.44 -17.99 -50.67
CA SER A 884 -24.56 -19.14 -50.80
C SER A 884 -24.74 -20.16 -49.69
N GLY A 885 -25.57 -19.86 -48.68
CA GLY A 885 -25.76 -20.81 -47.60
C GLY A 885 -24.56 -20.85 -46.69
N TRP A 886 -24.15 -22.07 -46.32
CA TRP A 886 -23.00 -22.27 -45.47
C TRP A 886 -21.71 -22.34 -46.24
N THR A 887 -21.77 -22.60 -47.54
CA THR A 887 -20.58 -22.96 -48.27
C THR A 887 -19.52 -21.87 -48.25
N PHE A 888 -19.90 -20.60 -48.12
CA PHE A 888 -18.89 -19.57 -48.23
C PHE A 888 -17.96 -19.56 -47.02
N GLY A 889 -18.27 -20.34 -46.01
CA GLY A 889 -17.35 -20.51 -44.90
C GLY A 889 -16.32 -21.57 -45.18
N ALA A 890 -16.76 -22.68 -45.78
CA ALA A 890 -15.85 -23.78 -46.04
C ALA A 890 -14.93 -23.50 -47.21
N GLY A 891 -15.49 -23.32 -48.40
CA GLY A 891 -14.66 -23.19 -49.58
C GLY A 891 -15.02 -22.02 -50.46
N ALA A 892 -15.32 -22.27 -51.72
CA ALA A 892 -15.78 -21.23 -52.62
C ALA A 892 -17.26 -20.97 -52.38
N ALA A 893 -17.62 -19.69 -52.28
CA ALA A 893 -19.01 -19.31 -52.07
C ALA A 893 -19.81 -19.73 -53.28
N LEU A 894 -20.66 -20.72 -53.11
CA LEU A 894 -21.46 -21.25 -54.21
C LEU A 894 -22.87 -20.69 -54.08
N GLN A 895 -23.29 -19.93 -55.08
CA GLN A 895 -24.61 -19.33 -55.05
C GLN A 895 -25.70 -20.40 -55.05
N ILE A 896 -26.65 -20.25 -54.13
CA ILE A 896 -27.81 -21.12 -54.00
C ILE A 896 -29.06 -20.26 -53.89
N PRO A 897 -30.07 -20.49 -54.72
CA PRO A 897 -31.31 -19.75 -54.59
C PRO A 897 -31.90 -19.96 -53.20
N PHE A 898 -32.34 -18.86 -52.59
CA PHE A 898 -32.66 -18.87 -51.16
C PHE A 898 -33.77 -19.86 -50.84
N ALA A 899 -34.74 -19.99 -51.75
CA ALA A 899 -35.84 -20.91 -51.50
C ALA A 899 -35.34 -22.33 -51.26
N MET A 900 -34.34 -22.77 -52.03
CA MET A 900 -33.83 -24.10 -51.78
C MET A 900 -32.78 -24.11 -50.69
N GLN A 901 -32.42 -22.95 -50.14
CA GLN A 901 -31.50 -22.99 -49.01
C GLN A 901 -32.21 -23.49 -47.77
N MET A 902 -33.42 -22.99 -47.51
CA MET A 902 -34.11 -23.42 -46.30
C MET A 902 -34.39 -24.92 -46.35
N ALA A 903 -34.76 -25.44 -47.51
CA ALA A 903 -35.04 -26.86 -47.63
C ALA A 903 -33.82 -27.69 -47.27
N TYR A 904 -32.65 -27.07 -47.25
CA TYR A 904 -31.51 -27.71 -46.58
C TYR A 904 -31.56 -27.46 -45.07
N ARG A 905 -31.92 -26.25 -44.65
CA ARG A 905 -31.98 -25.99 -43.22
C ARG A 905 -33.04 -26.84 -42.53
N PHE A 906 -34.20 -27.01 -43.15
CA PHE A 906 -35.26 -27.79 -42.50
C PHE A 906 -34.90 -29.27 -42.38
N ASN A 907 -34.26 -29.87 -43.39
CA ASN A 907 -33.89 -31.26 -43.15
C ASN A 907 -32.62 -31.34 -42.33
N GLY A 908 -32.05 -30.19 -41.98
CA GLY A 908 -31.04 -30.13 -40.95
C GLY A 908 -31.59 -30.20 -39.54
N ILE A 909 -32.91 -30.10 -39.38
CA ILE A 909 -33.57 -30.27 -38.09
C ILE A 909 -34.58 -31.41 -38.12
N GLY A 910 -34.35 -32.43 -38.93
CA GLY A 910 -35.23 -33.57 -38.94
C GLY A 910 -36.60 -33.31 -39.52
N VAL A 911 -36.75 -32.30 -40.37
CA VAL A 911 -38.01 -32.00 -41.03
C VAL A 911 -37.79 -32.12 -42.53
N THR A 912 -38.43 -33.10 -43.14
CA THR A 912 -38.23 -33.34 -44.56
C THR A 912 -38.64 -32.11 -45.36
N GLN A 913 -37.88 -31.79 -46.40
CA GLN A 913 -37.97 -30.48 -47.03
C GLN A 913 -39.32 -30.23 -47.70
N ASN A 914 -40.12 -31.26 -47.95
CA ASN A 914 -41.42 -31.04 -48.57
C ASN A 914 -42.32 -30.20 -47.71
N VAL A 915 -41.97 -30.00 -46.44
CA VAL A 915 -42.69 -29.06 -45.60
C VAL A 915 -42.55 -27.64 -46.13
N LEU A 916 -41.32 -27.23 -46.44
CA LEU A 916 -41.07 -25.83 -46.78
C LEU A 916 -41.87 -25.38 -47.99
N TYR A 917 -41.65 -26.03 -49.13
CA TYR A 917 -42.23 -25.54 -50.37
C TYR A 917 -43.75 -25.54 -50.31
N GLU A 918 -44.31 -26.55 -49.65
CA GLU A 918 -45.75 -26.57 -49.48
C GLU A 918 -46.23 -25.44 -48.58
N ASN A 919 -45.34 -24.86 -47.78
CA ASN A 919 -45.70 -23.77 -46.88
C ASN A 919 -44.88 -22.51 -47.11
N GLN A 920 -44.38 -22.29 -48.34
CA GLN A 920 -43.39 -21.25 -48.53
C GLN A 920 -43.93 -19.87 -48.19
N LYS A 921 -45.07 -19.50 -48.77
CA LYS A 921 -45.61 -18.16 -48.57
C LYS A 921 -45.89 -17.90 -47.09
N LEU A 922 -46.51 -18.85 -46.41
CA LEU A 922 -46.73 -18.71 -44.97
C LEU A 922 -45.41 -18.52 -44.25
N ILE A 923 -44.43 -19.39 -44.54
CA ILE A 923 -43.13 -19.26 -43.91
C ILE A 923 -42.51 -17.93 -44.26
N ALA A 924 -42.75 -17.47 -45.48
CA ALA A 924 -42.28 -16.14 -45.85
C ALA A 924 -42.90 -15.08 -44.95
N ASN A 925 -44.23 -15.07 -44.83
CA ASN A 925 -44.88 -14.02 -44.05
C ASN A 925 -44.45 -14.10 -42.59
N GLN A 926 -44.33 -15.32 -42.06
CA GLN A 926 -43.93 -15.45 -40.66
C GLN A 926 -42.55 -14.87 -40.44
N PHE A 927 -41.63 -15.10 -41.37
CA PHE A 927 -40.28 -14.55 -41.19
C PHE A 927 -40.29 -13.04 -41.34
N ASN A 928 -41.00 -12.52 -42.35
CA ASN A 928 -41.06 -11.07 -42.53
C ASN A 928 -41.63 -10.39 -41.30
N SER A 929 -42.80 -10.84 -40.85
CA SER A 929 -43.40 -10.29 -39.64
C SER A 929 -42.46 -10.47 -38.45
N ALA A 930 -41.81 -11.63 -38.36
CA ALA A 930 -40.84 -11.84 -37.30
C ALA A 930 -39.77 -10.76 -37.32
N ILE A 931 -39.26 -10.43 -38.50
CA ILE A 931 -38.27 -9.36 -38.60
C ILE A 931 -38.84 -8.06 -38.04
N GLY A 932 -40.08 -7.74 -38.40
CA GLY A 932 -40.64 -6.47 -38.01
C GLY A 932 -40.69 -6.29 -36.51
N LYS A 933 -41.09 -7.33 -35.79
CA LYS A 933 -41.18 -7.21 -34.34
C LYS A 933 -39.84 -6.89 -33.70
N ILE A 934 -38.74 -7.31 -34.34
CA ILE A 934 -37.42 -6.98 -33.83
C ILE A 934 -37.23 -5.48 -33.79
N GLN A 935 -37.70 -4.79 -34.84
CA GLN A 935 -37.62 -3.34 -34.85
C GLN A 935 -38.30 -2.75 -33.63
N ASP A 936 -39.56 -3.13 -33.39
CA ASP A 936 -40.32 -2.52 -32.31
C ASP A 936 -39.70 -2.84 -30.95
N SER A 937 -39.31 -4.09 -30.73
CA SER A 937 -38.66 -4.44 -29.49
C SER A 937 -37.38 -3.63 -29.31
N LEU A 938 -36.61 -3.48 -30.38
CA LEU A 938 -35.42 -2.64 -30.32
C LEU A 938 -35.79 -1.17 -30.24
N SER A 939 -36.78 -0.74 -31.01
CA SER A 939 -37.11 0.69 -31.05
C SER A 939 -37.68 1.15 -29.72
N SER A 940 -38.46 0.31 -29.05
CA SER A 940 -39.10 0.73 -27.81
C SER A 940 -38.22 0.48 -26.60
N THR A 941 -37.68 -0.73 -26.47
CA THR A 941 -36.97 -1.15 -25.28
C THR A 941 -35.50 -0.78 -25.43
N ALA A 942 -35.08 0.28 -24.72
CA ALA A 942 -33.67 0.63 -24.68
C ALA A 942 -32.86 -0.37 -23.87
N SER A 943 -33.51 -1.08 -22.95
CA SER A 943 -32.81 -2.06 -22.13
C SER A 943 -32.59 -3.38 -22.85
N ALA A 944 -33.10 -3.53 -24.07
CA ALA A 944 -32.74 -4.70 -24.87
C ALA A 944 -31.24 -4.77 -25.11
N LEU A 945 -30.56 -3.62 -25.11
CA LEU A 945 -29.11 -3.53 -25.30
C LEU A 945 -28.39 -3.26 -24.00
N GLY A 946 -28.85 -3.88 -22.91
CA GLY A 946 -28.20 -3.67 -21.63
C GLY A 946 -26.76 -4.10 -21.61
N LYS A 947 -26.43 -5.23 -22.26
CA LYS A 947 -25.09 -5.77 -22.14
C LYS A 947 -24.03 -4.80 -22.64
N LEU A 948 -24.19 -4.30 -23.87
CA LEU A 948 -23.23 -3.36 -24.41
C LEU A 948 -23.17 -2.09 -23.57
N GLN A 949 -24.34 -1.57 -23.19
CA GLN A 949 -24.39 -0.39 -22.35
C GLN A 949 -23.65 -0.60 -21.04
N ASP A 950 -23.71 -1.80 -20.49
CA ASP A 950 -22.96 -2.09 -19.28
C ASP A 950 -21.46 -1.98 -19.52
N VAL A 951 -20.99 -2.49 -20.66
CA VAL A 951 -19.56 -2.44 -20.95
C VAL A 951 -19.07 -1.01 -20.93
N VAL A 952 -19.78 -0.12 -21.63
CA VAL A 952 -19.39 1.28 -21.64
C VAL A 952 -19.49 1.87 -20.24
N ASN A 953 -20.60 1.61 -19.56
CA ASN A 953 -20.81 2.21 -18.23
C ASN A 953 -19.72 1.78 -17.27
N GLN A 954 -19.40 0.49 -17.23
CA GLN A 954 -18.35 0.02 -16.35
C GLN A 954 -17.04 0.75 -16.63
N ASN A 955 -16.66 0.82 -17.91
CA ASN A 955 -15.42 1.52 -18.26
C ASN A 955 -15.52 3.00 -17.89
N ALA A 956 -16.66 3.62 -18.19
CA ALA A 956 -16.86 5.00 -17.79
C ALA A 956 -16.71 5.16 -16.29
N GLN A 957 -17.26 4.22 -15.53
CA GLN A 957 -17.04 4.24 -14.09
C GLN A 957 -15.57 4.08 -13.76
N ALA A 958 -14.89 3.15 -14.45
CA ALA A 958 -13.49 2.92 -14.16
C ALA A 958 -12.68 4.20 -14.32
N LEU A 959 -12.81 4.85 -15.47
CA LEU A 959 -12.03 6.05 -15.71
C LEU A 959 -12.37 7.15 -14.71
N ASN A 960 -13.66 7.38 -14.48
CA ASN A 960 -14.04 8.47 -13.58
C ASN A 960 -13.46 8.26 -12.19
N THR A 961 -13.60 7.05 -11.65
CA THR A 961 -12.91 6.75 -10.41
C THR A 961 -11.43 7.01 -10.54
N LEU A 962 -10.82 6.55 -11.63
CA LEU A 962 -9.40 6.78 -11.84
C LEU A 962 -9.08 8.26 -11.84
N VAL A 963 -9.91 9.07 -12.50
CA VAL A 963 -9.67 10.50 -12.50
C VAL A 963 -9.79 11.08 -11.10
N LYS A 964 -10.82 10.67 -10.37
CA LYS A 964 -11.12 11.33 -9.10
C LYS A 964 -10.02 11.16 -8.07
N GLN A 965 -9.30 10.04 -8.12
CA GLN A 965 -8.29 9.79 -7.11
C GLN A 965 -7.27 10.92 -7.05
N LEU A 966 -7.06 11.63 -8.14
CA LEU A 966 -6.11 12.73 -8.15
C LEU A 966 -6.45 13.78 -7.11
N SER A 967 -7.71 13.83 -6.69
CA SER A 967 -8.13 14.76 -5.65
C SER A 967 -7.80 14.29 -4.25
N SER A 968 -7.40 13.03 -4.08
CA SER A 968 -7.19 12.49 -2.76
C SER A 968 -5.84 12.91 -2.20
N ASN A 969 -5.80 13.16 -0.90
CA ASN A 969 -4.57 13.61 -0.26
C ASN A 969 -3.63 12.46 0.08
N PHE A 970 -4.17 11.26 0.29
CA PHE A 970 -3.36 10.10 0.63
C PHE A 970 -2.50 10.34 1.86
N GLY A 971 -2.86 11.33 2.66
CA GLY A 971 -2.04 11.78 3.76
C GLY A 971 -1.14 12.94 3.44
N ALA A 972 -1.03 13.30 2.17
CA ALA A 972 -0.19 14.44 1.82
C ALA A 972 -0.86 15.74 2.24
N ILE A 973 -0.04 16.78 2.38
CA ILE A 973 -0.52 18.08 2.81
C ILE A 973 -1.50 18.68 1.79
N SER A 974 -1.45 18.24 0.54
CA SER A 974 -2.37 18.73 -0.47
C SER A 974 -2.38 17.74 -1.62
N SER A 975 -3.50 17.71 -2.35
CA SER A 975 -3.58 16.82 -3.50
C SER A 975 -3.21 17.50 -4.81
N VAL A 976 -2.80 18.76 -4.77
CA VAL A 976 -2.35 19.48 -5.95
C VAL A 976 -0.84 19.44 -5.97
N LEU A 977 -0.29 18.70 -6.93
CA LEU A 977 1.15 18.46 -6.94
C LEU A 977 1.93 19.77 -7.05
N ASN A 978 1.46 20.68 -7.90
CA ASN A 978 2.14 21.96 -8.04
C ASN A 978 2.11 22.76 -6.74
N ASP A 979 1.05 22.61 -5.96
CA ASP A 979 0.96 23.37 -4.72
C ASP A 979 2.09 23.02 -3.77
N ILE A 980 2.41 21.73 -3.64
CA ILE A 980 3.46 21.32 -2.72
C ILE A 980 4.79 21.92 -3.13
N LEU A 981 5.13 21.79 -4.43
CA LEU A 981 6.39 22.31 -4.91
C LEU A 981 6.50 23.81 -4.73
N SER A 982 5.39 24.52 -4.83
CA SER A 982 5.43 25.96 -4.56
C SER A 982 5.67 26.23 -3.08
N ARG A 983 5.19 25.35 -2.21
CA ARG A 983 5.17 25.64 -0.79
C ARG A 983 6.38 25.08 -0.05
N LEU A 984 6.94 23.97 -0.51
CA LEU A 984 7.94 23.26 0.25
C LEU A 984 9.24 23.13 -0.52
N ASP A 985 10.35 23.24 0.21
CA ASP A 985 11.65 22.98 -0.38
C ASP A 985 11.83 21.48 -0.62
N PRO A 986 12.72 21.11 -1.54
CA PRO A 986 12.86 19.69 -1.93
C PRO A 986 13.10 18.75 -0.76
N PRO A 987 13.89 19.14 0.27
CA PRO A 987 14.11 18.18 1.37
C PRO A 987 12.84 17.67 2.01
N GLU A 988 11.81 18.50 2.17
CA GLU A 988 10.56 18.06 2.75
C GLU A 988 9.50 17.67 1.73
N ALA A 989 9.41 18.41 0.62
CA ALA A 989 8.37 18.14 -0.37
C ALA A 989 8.51 16.72 -0.92
N GLU A 990 9.75 16.26 -1.07
CA GLU A 990 9.97 14.90 -1.58
C GLU A 990 9.26 13.86 -0.72
N VAL A 991 9.16 14.09 0.59
CA VAL A 991 8.38 13.18 1.42
C VAL A 991 6.91 13.24 1.04
N GLN A 992 6.36 14.45 0.97
CA GLN A 992 4.96 14.59 0.63
C GLN A 992 4.68 14.06 -0.77
N ILE A 993 5.55 14.40 -1.73
CA ILE A 993 5.35 13.94 -3.09
C ILE A 993 5.34 12.42 -3.13
N ASP A 994 6.26 11.79 -2.41
CA ASP A 994 6.29 10.34 -2.36
C ASP A 994 4.95 9.78 -1.90
N ARG A 995 4.32 10.44 -0.92
CA ARG A 995 3.04 9.96 -0.44
C ARG A 995 2.02 9.93 -1.57
N LEU A 996 1.95 11.00 -2.36
CA LEU A 996 1.04 11.01 -3.51
C LEU A 996 1.39 9.94 -4.51
N ILE A 997 2.70 9.74 -4.75
CA ILE A 997 3.12 8.84 -5.80
C ILE A 997 2.66 7.42 -5.49
N THR A 998 2.96 6.94 -4.29
CA THR A 998 2.60 5.58 -3.95
C THR A 998 1.09 5.40 -3.96
N GLY A 999 0.36 6.46 -3.65
CA GLY A 999 -1.09 6.37 -3.73
C GLY A 999 -1.58 6.29 -5.16
N ARG A 1000 -1.27 7.29 -5.97
CA ARG A 1000 -1.75 7.30 -7.34
C ARG A 1000 -1.25 6.08 -8.09
N LEU A 1001 0.00 5.70 -7.90
CA LEU A 1001 0.50 4.49 -8.53
C LEU A 1001 -0.30 3.28 -8.09
N GLN A 1002 -0.62 3.20 -6.80
CA GLN A 1002 -1.49 2.15 -6.33
C GLN A 1002 -2.86 2.23 -7.00
N SER A 1003 -3.27 3.44 -7.39
CA SER A 1003 -4.56 3.59 -8.05
C SER A 1003 -4.51 3.06 -9.47
N LEU A 1004 -3.46 3.37 -10.22
CA LEU A 1004 -3.31 2.78 -11.54
C LEU A 1004 -3.22 1.27 -11.45
N GLN A 1005 -2.44 0.77 -10.48
CA GLN A 1005 -2.35 -0.67 -10.27
C GLN A 1005 -3.72 -1.30 -10.18
N THR A 1006 -4.59 -0.72 -9.35
CA THR A 1006 -5.94 -1.25 -9.24
C THR A 1006 -6.68 -1.13 -10.56
N TYR A 1007 -6.59 0.04 -11.20
CA TYR A 1007 -7.35 0.23 -12.43
C TYR A 1007 -6.86 -0.68 -13.54
N VAL A 1008 -5.54 -0.79 -13.71
CA VAL A 1008 -5.02 -1.67 -14.75
C VAL A 1008 -5.43 -3.10 -14.48
N THR A 1009 -5.32 -3.53 -13.23
CA THR A 1009 -5.76 -4.88 -12.88
C THR A 1009 -7.23 -5.07 -13.21
N GLN A 1010 -8.07 -4.12 -12.82
CA GLN A 1010 -9.50 -4.21 -13.15
C GLN A 1010 -9.69 -4.40 -14.64
N GLN A 1011 -8.93 -3.67 -15.45
CA GLN A 1011 -9.08 -3.80 -16.89
C GLN A 1011 -8.75 -5.21 -17.36
N LEU A 1012 -7.64 -5.77 -16.87
CA LEU A 1012 -7.20 -7.07 -17.36
C LEU A 1012 -8.27 -8.14 -17.14
N ILE A 1013 -8.78 -8.26 -15.92
CA ILE A 1013 -9.84 -9.23 -15.67
C ILE A 1013 -11.03 -8.92 -16.54
N ARG A 1014 -11.43 -7.65 -16.59
CA ARG A 1014 -12.56 -7.28 -17.43
C ARG A 1014 -12.26 -7.57 -18.89
N ALA A 1015 -11.00 -7.38 -19.30
CA ALA A 1015 -10.64 -7.68 -20.68
C ALA A 1015 -10.85 -9.15 -20.98
N ALA A 1016 -10.42 -10.04 -20.08
CA ALA A 1016 -10.61 -11.47 -20.30
C ALA A 1016 -12.09 -11.81 -20.39
N GLU A 1017 -12.90 -11.19 -19.53
CA GLU A 1017 -14.34 -11.42 -19.60
C GLU A 1017 -14.85 -11.10 -21.00
N ILE A 1018 -14.45 -9.96 -21.55
CA ILE A 1018 -14.77 -9.65 -22.93
C ILE A 1018 -14.14 -10.69 -23.85
N ARG A 1019 -12.92 -11.10 -23.53
CA ARG A 1019 -12.19 -12.01 -24.42
C ARG A 1019 -12.93 -13.32 -24.59
N ALA A 1020 -13.47 -13.87 -23.50
CA ALA A 1020 -14.33 -15.04 -23.63
C ALA A 1020 -15.57 -14.69 -24.43
N SER A 1021 -16.13 -13.51 -24.21
CA SER A 1021 -17.31 -13.12 -24.95
C SER A 1021 -17.03 -13.04 -26.44
N ALA A 1022 -15.91 -12.43 -26.82
CA ALA A 1022 -15.56 -12.33 -28.22
C ALA A 1022 -15.36 -13.71 -28.83
N ASN A 1023 -14.57 -14.55 -28.17
CA ASN A 1023 -14.35 -15.89 -28.67
C ASN A 1023 -15.67 -16.64 -28.78
N LEU A 1024 -16.52 -16.53 -27.77
CA LEU A 1024 -17.86 -17.07 -27.87
C LEU A 1024 -18.60 -16.43 -29.03
N ALA A 1025 -18.51 -15.11 -29.17
CA ALA A 1025 -19.09 -14.45 -30.33
C ALA A 1025 -18.45 -14.95 -31.60
N ALA A 1026 -17.10 -14.97 -31.63
CA ALA A 1026 -16.40 -15.52 -32.77
C ALA A 1026 -16.86 -16.93 -33.05
N THR A 1027 -17.14 -17.69 -31.99
CA THR A 1027 -17.69 -19.02 -32.18
C THR A 1027 -19.07 -18.94 -32.83
N LYS A 1028 -19.97 -18.15 -32.23
CA LYS A 1028 -21.36 -18.18 -32.67
C LYS A 1028 -21.49 -17.80 -34.14
N MET A 1029 -20.65 -16.90 -34.62
CA MET A 1029 -20.68 -16.57 -36.04
C MET A 1029 -20.04 -17.68 -36.87
N SER A 1030 -19.21 -18.51 -36.23
CA SER A 1030 -18.57 -19.57 -36.99
C SER A 1030 -19.51 -20.74 -37.23
N GLU A 1031 -20.18 -21.22 -36.18
CA GLU A 1031 -21.14 -22.31 -36.37
C GLU A 1031 -22.51 -21.82 -36.79
N CYS A 1032 -23.07 -20.87 -36.05
CA CYS A 1032 -24.47 -20.50 -36.22
C CYS A 1032 -24.71 -19.67 -37.47
N VAL A 1033 -23.82 -18.75 -37.80
CA VAL A 1033 -23.98 -17.95 -39.01
C VAL A 1033 -23.50 -18.70 -40.24
N LEU A 1034 -22.22 -19.05 -40.26
CA LEU A 1034 -21.62 -19.74 -41.40
C LEU A 1034 -22.17 -21.14 -41.60
N GLY A 1035 -22.89 -21.69 -40.63
CA GLY A 1035 -23.51 -22.99 -40.78
C GLY A 1035 -24.77 -23.13 -39.96
N GLN A 1036 -25.19 -24.36 -39.67
CA GLN A 1036 -26.43 -24.62 -38.93
C GLN A 1036 -26.08 -25.48 -37.72
N SER A 1037 -25.85 -24.84 -36.59
CA SER A 1037 -25.45 -25.59 -35.40
C SER A 1037 -26.54 -26.55 -34.96
N LYS A 1038 -26.13 -27.71 -34.46
CA LYS A 1038 -27.05 -28.66 -33.87
C LYS A 1038 -26.97 -28.66 -32.36
N ARG A 1039 -26.25 -27.71 -31.77
CA ARG A 1039 -26.23 -27.57 -30.32
C ARG A 1039 -27.49 -26.82 -29.89
N VAL A 1040 -28.41 -27.53 -29.24
CA VAL A 1040 -29.65 -26.90 -28.82
C VAL A 1040 -29.34 -25.78 -27.84
N ASP A 1041 -30.10 -24.69 -27.95
CA ASP A 1041 -29.96 -23.49 -27.13
C ASP A 1041 -28.63 -22.79 -27.34
N PHE A 1042 -27.82 -23.24 -28.31
CA PHE A 1042 -26.69 -22.42 -28.73
C PHE A 1042 -27.14 -21.27 -29.61
N CYS A 1043 -28.15 -21.50 -30.44
CA CYS A 1043 -28.62 -20.52 -31.42
C CYS A 1043 -30.03 -20.05 -31.11
N GLY A 1044 -30.29 -19.74 -29.85
CA GLY A 1044 -31.62 -19.34 -29.44
C GLY A 1044 -32.54 -20.53 -29.30
N LYS A 1045 -33.61 -20.31 -28.53
CA LYS A 1045 -34.52 -21.39 -28.20
C LYS A 1045 -35.08 -22.01 -29.48
N GLY A 1046 -35.16 -23.34 -29.47
CA GLY A 1046 -35.75 -24.07 -30.57
C GLY A 1046 -34.69 -24.66 -31.49
N TYR A 1047 -35.17 -25.56 -32.35
CA TYR A 1047 -34.32 -26.12 -33.39
C TYR A 1047 -33.82 -24.98 -34.24
N HIS A 1048 -32.52 -24.95 -34.48
CA HIS A 1048 -31.92 -23.79 -35.12
C HIS A 1048 -31.99 -23.92 -36.64
N LEU A 1049 -32.20 -22.80 -37.32
CA LEU A 1049 -32.21 -22.75 -38.77
C LEU A 1049 -31.00 -22.05 -39.36
N MET A 1050 -30.76 -20.82 -38.95
CA MET A 1050 -29.76 -19.94 -39.55
C MET A 1050 -29.86 -18.61 -38.84
N SER A 1051 -28.90 -17.74 -39.09
CA SER A 1051 -28.86 -16.51 -38.32
C SER A 1051 -28.15 -15.43 -39.11
N PHE A 1052 -28.29 -14.20 -38.65
CA PHE A 1052 -27.63 -13.06 -39.27
C PHE A 1052 -26.90 -12.28 -38.20
N PRO A 1053 -25.71 -11.79 -38.49
CA PRO A 1053 -25.09 -10.82 -37.59
C PRO A 1053 -25.51 -9.42 -37.96
N GLN A 1054 -25.40 -8.52 -36.99
CA GLN A 1054 -25.59 -7.10 -37.22
C GLN A 1054 -24.60 -6.37 -36.32
N SER A 1055 -23.96 -5.36 -36.87
CA SER A 1055 -22.96 -4.65 -36.10
C SER A 1055 -23.61 -3.89 -34.98
N ALA A 1056 -22.78 -3.34 -34.10
CA ALA A 1056 -23.25 -2.58 -32.95
C ALA A 1056 -22.05 -1.95 -32.28
N PRO A 1057 -22.26 -0.95 -31.44
CA PRO A 1057 -21.13 -0.35 -30.73
C PRO A 1057 -20.46 -1.38 -29.84
N HIS A 1058 -19.16 -1.58 -30.05
CA HIS A 1058 -18.35 -2.44 -29.21
C HIS A 1058 -18.90 -3.85 -29.08
N GLY A 1059 -19.72 -4.30 -30.01
CA GLY A 1059 -20.29 -5.62 -29.88
C GLY A 1059 -21.09 -5.96 -31.11
N VAL A 1060 -21.63 -7.18 -31.10
CA VAL A 1060 -22.38 -7.68 -32.24
C VAL A 1060 -23.73 -8.16 -31.75
N VAL A 1061 -24.71 -8.22 -32.65
CA VAL A 1061 -26.06 -8.64 -32.34
C VAL A 1061 -26.50 -9.64 -33.38
N PHE A 1062 -27.04 -10.77 -32.94
CA PHE A 1062 -27.46 -11.83 -33.83
C PHE A 1062 -28.98 -11.87 -33.90
N LEU A 1063 -29.51 -12.29 -35.04
CA LEU A 1063 -30.93 -12.51 -35.20
C LEU A 1063 -31.14 -13.97 -35.55
N HIS A 1064 -31.13 -14.84 -34.55
CA HIS A 1064 -31.25 -16.26 -34.77
C HIS A 1064 -32.64 -16.55 -35.30
N VAL A 1065 -32.71 -17.29 -36.39
CA VAL A 1065 -33.98 -17.72 -36.96
C VAL A 1065 -34.18 -19.18 -36.57
N THR A 1066 -35.17 -19.44 -35.74
CA THR A 1066 -35.32 -20.75 -35.13
C THR A 1066 -36.69 -21.33 -35.44
N TYR A 1067 -36.76 -22.65 -35.47
CA TYR A 1067 -38.00 -23.35 -35.76
C TYR A 1067 -38.58 -23.88 -34.45
N VAL A 1068 -39.75 -23.38 -34.07
CA VAL A 1068 -40.40 -23.77 -32.82
C VAL A 1068 -41.78 -24.34 -33.16
N PRO A 1069 -42.05 -25.61 -32.88
CA PRO A 1069 -43.37 -26.18 -33.18
C PRO A 1069 -44.44 -25.53 -32.32
N ALA A 1070 -45.67 -25.50 -32.83
CA ALA A 1070 -46.71 -24.69 -32.20
C ALA A 1070 -47.92 -25.47 -31.70
N GLN A 1071 -48.57 -26.25 -32.55
CA GLN A 1071 -49.86 -26.84 -32.19
C GLN A 1071 -49.75 -28.36 -32.17
N GLU A 1072 -50.25 -28.95 -31.08
CA GLU A 1072 -50.08 -30.36 -30.81
C GLU A 1072 -51.40 -31.07 -30.86
N LYS A 1073 -51.33 -32.37 -31.13
CA LYS A 1073 -52.46 -33.26 -30.99
C LYS A 1073 -51.98 -34.56 -30.37
N ASN A 1074 -52.77 -35.07 -29.43
CA ASN A 1074 -52.49 -36.35 -28.78
C ASN A 1074 -52.70 -37.46 -29.81
N PHE A 1075 -51.86 -38.48 -29.76
CA PHE A 1075 -52.10 -39.69 -30.54
C PHE A 1075 -51.66 -40.92 -29.76
N THR A 1076 -52.18 -42.07 -30.15
CA THR A 1076 -51.83 -43.33 -29.52
C THR A 1076 -50.77 -44.06 -30.34
N THR A 1077 -49.70 -44.47 -29.68
CA THR A 1077 -48.50 -44.94 -30.34
C THR A 1077 -48.18 -46.37 -29.92
N ALA A 1078 -47.22 -46.97 -30.61
CA ALA A 1078 -46.73 -48.30 -30.29
C ALA A 1078 -45.40 -48.50 -31.02
N PRO A 1079 -44.35 -48.93 -30.33
CA PRO A 1079 -43.01 -48.84 -30.93
C PRO A 1079 -42.80 -49.74 -32.12
N ALA A 1080 -43.76 -50.57 -32.50
CA ALA A 1080 -43.59 -51.45 -33.62
C ALA A 1080 -44.93 -52.03 -34.00
N ILE A 1081 -45.00 -52.61 -35.20
CA ILE A 1081 -46.20 -53.29 -35.64
C ILE A 1081 -45.83 -54.63 -36.28
N CYS A 1082 -46.72 -55.61 -36.11
CA CYS A 1082 -46.58 -56.94 -36.68
C CYS A 1082 -47.40 -57.03 -37.96
N HIS A 1083 -46.79 -57.51 -39.05
CA HIS A 1083 -47.64 -57.83 -40.18
C HIS A 1083 -47.84 -59.34 -40.32
N ASP A 1084 -46.75 -60.08 -40.48
CA ASP A 1084 -46.78 -61.54 -40.57
C ASP A 1084 -46.12 -62.20 -39.38
N GLY A 1085 -46.13 -61.56 -38.22
CA GLY A 1085 -45.37 -62.03 -37.09
C GLY A 1085 -43.98 -61.43 -37.02
N LYS A 1086 -43.52 -60.80 -38.08
CA LYS A 1086 -42.27 -60.07 -38.03
C LYS A 1086 -42.51 -58.72 -37.37
N ALA A 1087 -41.49 -58.19 -36.72
CA ALA A 1087 -41.58 -56.87 -36.11
C ALA A 1087 -41.16 -55.83 -37.14
N HIS A 1088 -41.97 -54.79 -37.32
CA HIS A 1088 -41.65 -53.70 -38.22
C HIS A 1088 -41.42 -52.43 -37.41
N PHE A 1089 -40.47 -51.63 -37.84
CA PHE A 1089 -40.08 -50.41 -37.17
C PHE A 1089 -40.03 -49.27 -38.17
N PRO A 1090 -40.20 -48.03 -37.74
CA PRO A 1090 -40.15 -46.92 -38.70
C PRO A 1090 -38.72 -46.64 -39.12
N ARG A 1091 -38.50 -46.57 -40.43
CA ARG A 1091 -37.16 -46.23 -40.90
C ARG A 1091 -36.75 -44.85 -40.42
N GLU A 1092 -37.66 -43.88 -40.49
CA GLU A 1092 -37.47 -42.58 -39.88
C GLU A 1092 -38.85 -42.04 -39.55
N GLY A 1093 -39.04 -41.63 -38.31
CA GLY A 1093 -40.35 -41.29 -37.79
C GLY A 1093 -40.79 -42.27 -36.71
N VAL A 1094 -42.02 -42.07 -36.25
CA VAL A 1094 -42.60 -42.87 -35.19
C VAL A 1094 -44.01 -43.26 -35.58
N PHE A 1095 -44.49 -44.40 -35.08
CA PHE A 1095 -45.86 -44.80 -35.32
C PHE A 1095 -46.85 -44.00 -34.50
N VAL A 1096 -48.03 -43.75 -35.09
CA VAL A 1096 -49.16 -43.14 -34.41
C VAL A 1096 -50.44 -43.73 -34.98
N SER A 1097 -51.55 -43.45 -34.32
CA SER A 1097 -52.87 -43.73 -34.86
C SER A 1097 -53.80 -42.58 -34.55
N ASN A 1098 -54.78 -42.36 -35.41
CA ASN A 1098 -55.87 -41.45 -35.12
C ASN A 1098 -57.05 -42.15 -34.48
N GLY A 1099 -56.86 -43.38 -34.03
CA GLY A 1099 -57.87 -44.13 -33.31
C GLY A 1099 -58.38 -45.35 -34.03
N THR A 1100 -58.41 -45.33 -35.36
CA THR A 1100 -58.94 -46.45 -36.12
C THR A 1100 -57.90 -46.98 -37.10
N HIS A 1101 -57.01 -46.12 -37.54
CA HIS A 1101 -56.01 -46.48 -38.52
C HIS A 1101 -54.63 -46.10 -37.98
N TRP A 1102 -53.63 -46.91 -38.31
CA TRP A 1102 -52.28 -46.71 -37.80
C TRP A 1102 -51.40 -46.02 -38.83
N PHE A 1103 -50.70 -44.98 -38.38
CA PHE A 1103 -49.93 -44.12 -39.26
C PHE A 1103 -48.52 -43.92 -38.71
N VAL A 1104 -47.57 -43.80 -39.62
CA VAL A 1104 -46.20 -43.40 -39.31
C VAL A 1104 -46.05 -41.95 -39.72
N THR A 1105 -45.32 -41.18 -38.92
CA THR A 1105 -45.12 -39.77 -39.25
C THR A 1105 -43.76 -39.33 -38.76
N GLN A 1106 -43.21 -38.32 -39.43
CA GLN A 1106 -41.96 -37.73 -39.00
C GLN A 1106 -42.12 -37.11 -37.62
N ARG A 1107 -41.00 -36.76 -37.00
CA ARG A 1107 -41.00 -36.60 -35.55
C ARG A 1107 -41.47 -35.22 -35.12
N ASN A 1108 -41.21 -34.20 -35.92
CA ASN A 1108 -41.49 -32.83 -35.49
C ASN A 1108 -42.53 -32.10 -36.34
N PHE A 1109 -43.36 -32.83 -37.09
CA PHE A 1109 -44.46 -32.18 -37.80
C PHE A 1109 -45.43 -33.27 -38.22
N TYR A 1110 -46.63 -33.26 -37.66
CA TYR A 1110 -47.59 -34.31 -37.95
C TYR A 1110 -47.82 -34.40 -39.44
N GLU A 1111 -47.38 -35.49 -40.05
CA GLU A 1111 -47.55 -35.71 -41.49
C GLU A 1111 -47.71 -37.20 -41.73
N PRO A 1112 -48.92 -37.70 -41.66
CA PRO A 1112 -49.13 -39.15 -41.77
C PRO A 1112 -48.87 -39.65 -43.17
N GLN A 1113 -48.46 -40.91 -43.26
CA GLN A 1113 -48.48 -41.68 -44.50
C GLN A 1113 -48.91 -43.10 -44.18
N ILE A 1114 -49.54 -43.74 -45.17
CA ILE A 1114 -49.86 -45.14 -45.03
C ILE A 1114 -48.58 -45.92 -44.78
N ILE A 1115 -48.62 -46.84 -43.83
CA ILE A 1115 -47.41 -47.57 -43.45
C ILE A 1115 -47.20 -48.71 -44.44
N THR A 1116 -46.08 -48.68 -45.15
CA THR A 1116 -45.77 -49.65 -46.19
C THR A 1116 -44.33 -50.11 -46.03
N THR A 1117 -43.96 -51.09 -46.84
CA THR A 1117 -42.63 -51.70 -46.78
C THR A 1117 -41.51 -50.70 -47.02
N ASP A 1118 -41.73 -49.67 -47.82
CA ASP A 1118 -40.71 -48.67 -48.09
C ASP A 1118 -40.53 -47.70 -46.93
N ASN A 1119 -41.46 -47.67 -45.99
CA ASN A 1119 -41.37 -46.82 -44.82
C ASN A 1119 -40.69 -47.49 -43.65
N THR A 1120 -40.64 -48.81 -43.64
CA THR A 1120 -40.30 -49.59 -42.47
C THR A 1120 -39.36 -50.74 -42.82
N PHE A 1121 -38.58 -51.16 -41.83
CA PHE A 1121 -37.65 -52.26 -41.97
C PHE A 1121 -37.94 -53.34 -40.94
N VAL A 1122 -37.66 -54.59 -41.32
CA VAL A 1122 -38.08 -55.76 -40.55
C VAL A 1122 -36.91 -56.23 -39.70
N SER A 1123 -37.20 -56.60 -38.44
CA SER A 1123 -36.19 -57.05 -37.51
C SER A 1123 -36.82 -57.92 -36.42
N GLY A 1124 -36.43 -59.19 -36.38
CA GLY A 1124 -36.94 -60.07 -35.33
C GLY A 1124 -38.38 -60.48 -35.56
N ASN A 1125 -39.08 -60.77 -34.46
CA ASN A 1125 -40.48 -61.15 -34.52
C ASN A 1125 -41.21 -60.60 -33.28
N CYS A 1126 -42.52 -60.81 -33.26
CA CYS A 1126 -43.40 -60.11 -32.32
C CYS A 1126 -43.12 -60.46 -30.86
N ASP A 1127 -42.52 -61.61 -30.59
CA ASP A 1127 -42.53 -62.17 -29.24
C ASP A 1127 -41.52 -61.52 -28.31
N VAL A 1128 -40.79 -60.51 -28.75
CA VAL A 1128 -39.78 -59.85 -27.95
C VAL A 1128 -40.12 -58.40 -27.69
N VAL A 1129 -40.69 -57.72 -28.69
CA VAL A 1129 -40.94 -56.29 -28.59
C VAL A 1129 -42.00 -56.03 -27.52
N ILE A 1130 -41.79 -55.00 -26.71
CA ILE A 1130 -42.77 -54.59 -25.73
C ILE A 1130 -43.67 -53.51 -26.32
N GLY A 1131 -44.98 -53.76 -26.25
CA GLY A 1131 -45.93 -52.78 -26.76
C GLY A 1131 -46.19 -52.86 -28.24
N ILE A 1132 -45.67 -53.86 -28.93
CA ILE A 1132 -45.95 -54.02 -30.34
C ILE A 1132 -47.43 -54.31 -30.51
N VAL A 1133 -48.01 -53.82 -31.60
CA VAL A 1133 -49.43 -53.96 -31.85
C VAL A 1133 -49.65 -54.47 -33.25
N ASN A 1134 -50.79 -55.11 -33.47
CA ASN A 1134 -51.11 -55.71 -34.76
C ASN A 1134 -51.55 -54.61 -35.71
N ASN A 1135 -51.15 -54.73 -36.98
CA ASN A 1135 -51.56 -53.78 -38.00
C ASN A 1135 -51.49 -54.47 -39.36
N THR A 1136 -51.67 -53.69 -40.41
CA THR A 1136 -51.52 -54.16 -41.78
C THR A 1136 -50.54 -53.25 -42.51
N VAL A 1137 -49.48 -53.84 -43.07
CA VAL A 1137 -48.48 -53.10 -43.83
C VAL A 1137 -48.73 -53.32 -45.31
N TYR A 1138 -48.91 -52.23 -46.04
CA TYR A 1138 -49.19 -52.31 -47.47
C TYR A 1138 -47.92 -52.62 -48.24
N ASP A 1139 -48.05 -53.46 -49.26
CA ASP A 1139 -46.95 -53.76 -50.17
C ASP A 1139 -47.20 -53.07 -51.50
N PRO A 1140 -46.35 -52.13 -51.91
CA PRO A 1140 -46.52 -51.52 -53.23
C PRO A 1140 -46.46 -52.52 -54.37
N LEU A 1141 -45.70 -53.61 -54.20
CA LEU A 1141 -45.41 -54.49 -55.33
C LEU A 1141 -46.58 -55.39 -55.69
N GLN A 1142 -47.37 -55.83 -54.70
CA GLN A 1142 -48.43 -56.79 -54.98
C GLN A 1142 -49.44 -56.27 -55.99
N PRO A 1143 -49.95 -55.04 -55.90
CA PRO A 1143 -50.88 -54.57 -56.94
C PRO A 1143 -50.29 -54.59 -58.33
N GLU A 1144 -48.99 -54.26 -58.46
CA GLU A 1144 -48.36 -54.33 -59.77
C GLU A 1144 -48.36 -55.76 -60.31
N LEU A 1145 -48.07 -56.73 -59.45
CA LEU A 1145 -48.08 -58.12 -59.88
C LEU A 1145 -49.48 -58.56 -60.30
N ASP A 1146 -50.49 -58.23 -59.50
CA ASP A 1146 -51.86 -58.64 -59.82
C ASP A 1146 -52.34 -57.96 -61.09
N SER A 1147 -52.03 -56.68 -61.27
CA SER A 1147 -52.42 -55.94 -62.46
C SER A 1147 -51.63 -56.42 -63.67
N ALA B 27 23.41 -41.60 32.75
CA ALA B 27 22.15 -42.27 32.42
C ALA B 27 21.19 -41.30 31.74
N TYR B 28 20.65 -41.71 30.60
CA TYR B 28 19.81 -40.86 29.76
C TYR B 28 18.46 -41.53 29.56
N THR B 29 17.44 -40.73 29.31
CA THR B 29 16.08 -41.22 29.19
C THR B 29 15.32 -40.39 28.16
N ASN B 30 14.23 -40.96 27.64
CA ASN B 30 13.45 -40.34 26.58
C ASN B 30 12.39 -39.42 27.17
N SER B 31 12.62 -38.11 27.09
CA SER B 31 11.61 -37.14 27.47
C SER B 31 10.51 -37.01 26.42
N PHE B 32 9.64 -38.01 26.31
CA PHE B 32 8.82 -38.25 25.13
C PHE B 32 8.14 -37.00 24.56
N THR B 33 7.19 -36.43 25.30
CA THR B 33 6.45 -35.27 24.83
C THR B 33 6.25 -34.25 25.95
N ARG B 34 6.93 -34.41 27.07
CA ARG B 34 6.69 -33.53 28.19
C ARG B 34 7.45 -32.22 28.03
N GLY B 35 7.13 -31.27 28.88
CA GLY B 35 7.70 -29.95 28.81
C GLY B 35 6.82 -28.91 28.16
N VAL B 36 5.58 -29.24 27.85
CA VAL B 36 4.66 -28.28 27.24
C VAL B 36 3.95 -27.52 28.35
N TYR B 37 3.95 -26.20 28.24
CA TYR B 37 3.38 -25.33 29.25
C TYR B 37 2.73 -24.15 28.55
N TYR B 38 1.77 -23.54 29.22
CA TYR B 38 1.03 -22.45 28.62
C TYR B 38 1.97 -21.27 28.37
N PRO B 39 2.12 -20.83 27.12
CA PRO B 39 3.14 -19.80 26.83
C PRO B 39 2.86 -18.45 27.43
N ASP B 40 1.59 -18.13 27.72
CA ASP B 40 1.23 -16.83 28.27
C ASP B 40 0.03 -17.03 29.19
N LYS B 41 -0.61 -15.91 29.54
CA LYS B 41 -1.75 -15.93 30.47
C LYS B 41 -3.05 -15.59 29.75
N VAL B 42 -3.20 -16.03 28.51
CA VAL B 42 -4.35 -15.71 27.69
C VAL B 42 -5.15 -16.97 27.41
N PHE B 43 -6.42 -16.96 27.77
CA PHE B 43 -7.29 -18.10 27.52
C PHE B 43 -7.60 -18.21 26.03
N ARG B 44 -7.55 -19.44 25.52
CA ARG B 44 -8.02 -19.76 24.17
C ARG B 44 -8.72 -21.10 24.23
N SER B 45 -9.50 -21.41 23.21
CA SER B 45 -10.23 -22.67 23.23
C SER B 45 -10.48 -23.18 21.83
N SER B 46 -10.42 -24.50 21.67
CA SER B 46 -10.75 -25.19 20.43
C SER B 46 -9.98 -24.62 19.25
N VAL B 47 -8.74 -24.22 19.52
CA VAL B 47 -7.93 -23.49 18.55
C VAL B 47 -6.52 -24.02 18.58
N LEU B 48 -5.93 -24.13 17.39
CA LEU B 48 -4.53 -24.54 17.25
C LEU B 48 -3.70 -23.28 17.07
N HIS B 49 -3.00 -22.89 18.12
CA HIS B 49 -2.27 -21.64 18.18
C HIS B 49 -0.78 -21.90 18.06
N SER B 50 -0.16 -21.34 17.02
CA SER B 50 1.28 -21.46 16.82
C SER B 50 1.98 -20.42 17.66
N THR B 51 3.13 -20.79 18.22
CA THR B 51 3.90 -19.85 19.03
C THR B 51 5.35 -20.29 19.09
N GLN B 52 6.21 -19.35 19.45
CA GLN B 52 7.63 -19.61 19.63
C GLN B 52 8.06 -19.17 21.02
N ASP B 53 8.67 -20.08 21.75
CA ASP B 53 9.24 -19.76 23.05
C ASP B 53 10.27 -20.84 23.38
N LEU B 54 10.78 -20.80 24.59
CA LEU B 54 11.74 -21.81 25.04
C LEU B 54 10.97 -23.04 25.49
N PHE B 55 11.31 -24.19 24.92
CA PHE B 55 10.61 -25.43 25.21
C PHE B 55 11.58 -26.58 25.29
N LEU B 56 11.13 -27.67 25.90
CA LEU B 56 11.88 -28.92 25.85
C LEU B 56 11.66 -29.57 24.50
N PRO B 57 12.69 -29.77 23.70
CA PRO B 57 12.51 -30.47 22.42
C PRO B 57 11.97 -31.87 22.67
N PHE B 58 11.01 -32.29 21.84
CA PHE B 58 10.43 -33.61 22.01
C PHE B 58 11.47 -34.70 21.83
N PHE B 59 11.28 -35.79 22.57
CA PHE B 59 12.10 -36.99 22.46
C PHE B 59 13.58 -36.66 22.59
N SER B 60 13.92 -35.63 23.34
CA SER B 60 15.32 -35.29 23.56
C SER B 60 15.86 -36.08 24.74
N ASN B 61 17.19 -36.03 24.88
CA ASN B 61 17.87 -36.73 25.96
C ASN B 61 17.82 -35.89 27.23
N VAL B 62 17.34 -36.50 28.31
CA VAL B 62 17.27 -35.87 29.61
C VAL B 62 18.14 -36.68 30.57
N THR B 63 19.06 -35.99 31.24
CA THR B 63 20.00 -36.68 32.12
C THR B 63 19.27 -37.24 33.33
N TRP B 64 19.51 -38.51 33.62
CA TRP B 64 18.81 -39.20 34.70
C TRP B 64 19.73 -39.28 35.91
N PHE B 65 19.24 -38.80 37.05
CA PHE B 65 20.00 -38.80 38.28
C PHE B 65 19.28 -39.62 39.34
N HIS B 66 20.04 -40.08 40.33
CA HIS B 66 19.47 -40.70 41.51
C HIS B 66 20.47 -40.63 42.66
N ASN B 81 22.42 -34.09 42.97
CA ASN B 81 23.60 -33.91 43.80
C ASN B 81 24.66 -33.01 43.16
N PRO B 82 25.03 -33.24 41.89
CA PRO B 82 26.01 -32.34 41.26
C PRO B 82 25.39 -31.01 40.90
N VAL B 83 26.27 -30.08 40.51
CA VAL B 83 25.86 -28.74 40.10
C VAL B 83 25.83 -28.67 38.58
N LEU B 84 24.71 -28.20 38.04
CA LEU B 84 24.40 -28.31 36.63
C LEU B 84 24.23 -26.95 35.98
N PRO B 85 24.43 -26.85 34.67
CA PRO B 85 24.22 -25.57 33.98
C PRO B 85 22.75 -25.19 33.92
N PHE B 86 22.50 -23.90 33.69
CA PHE B 86 21.17 -23.36 33.50
C PHE B 86 20.98 -22.72 32.14
N ASN B 87 21.68 -23.21 31.12
CA ASN B 87 22.02 -22.43 29.92
C ASN B 87 20.92 -21.50 29.44
N ASP B 88 19.74 -22.03 29.15
CA ASP B 88 18.63 -21.17 28.76
C ASP B 88 17.40 -21.39 29.61
N GLY B 89 17.19 -22.62 30.06
CA GLY B 89 16.05 -22.93 30.90
C GLY B 89 16.02 -24.41 31.21
N VAL B 90 15.70 -24.76 32.44
CA VAL B 90 15.79 -26.13 32.91
C VAL B 90 14.39 -26.70 33.09
N TYR B 91 14.08 -27.75 32.35
CA TYR B 91 12.93 -28.58 32.63
C TYR B 91 13.30 -29.55 33.74
N PHE B 92 12.73 -29.35 34.92
CA PHE B 92 12.97 -30.27 36.02
C PHE B 92 11.78 -31.17 36.20
N ALA B 93 12.05 -32.45 36.40
CA ALA B 93 11.01 -33.42 36.69
C ALA B 93 11.55 -34.40 37.72
N SER B 94 10.66 -34.93 38.54
CA SER B 94 11.03 -35.91 39.53
C SER B 94 9.84 -36.80 39.85
N THR B 95 10.14 -38.07 40.09
CA THR B 95 9.19 -39.00 40.67
C THR B 95 9.77 -39.46 42.00
N GLU B 96 8.96 -39.42 43.05
CA GLU B 96 9.44 -39.71 44.38
C GLU B 96 8.41 -40.54 45.13
N LYS B 97 8.89 -41.20 46.19
CA LYS B 97 8.07 -41.93 47.13
C LYS B 97 8.11 -41.33 48.52
N SER B 98 9.20 -40.64 48.88
CA SER B 98 9.37 -40.11 50.22
C SER B 98 9.67 -38.61 50.22
N ASN B 99 9.49 -37.93 49.09
CA ASN B 99 9.64 -36.47 49.01
C ASN B 99 11.04 -36.04 49.43
N ILE B 100 12.05 -36.73 48.89
CA ILE B 100 13.43 -36.46 49.27
C ILE B 100 13.85 -35.07 48.79
N ILE B 101 13.55 -34.74 47.54
CA ILE B 101 13.92 -33.43 47.02
C ILE B 101 13.10 -32.36 47.71
N ARG B 102 13.76 -31.32 48.18
CA ARG B 102 13.08 -30.24 48.90
C ARG B 102 13.16 -28.89 48.20
N GLY B 103 14.20 -28.64 47.41
CA GLY B 103 14.29 -27.34 46.78
C GLY B 103 15.43 -27.26 45.78
N TRP B 104 15.66 -26.03 45.30
CA TRP B 104 16.66 -25.78 44.27
C TRP B 104 17.48 -24.55 44.63
N ILE B 105 18.62 -24.42 43.96
CA ILE B 105 19.55 -23.33 44.16
C ILE B 105 19.94 -22.79 42.79
N PHE B 106 20.05 -21.48 42.65
CA PHE B 106 20.36 -20.85 41.37
C PHE B 106 21.31 -19.68 41.56
N GLY B 107 22.17 -19.47 40.57
CA GLY B 107 23.08 -18.35 40.58
C GLY B 107 24.16 -18.47 39.52
N THR B 108 25.29 -17.81 39.75
CA THR B 108 26.44 -17.94 38.86
C THR B 108 27.58 -18.62 39.61
N THR B 109 27.93 -18.09 40.78
CA THR B 109 28.94 -18.74 41.60
C THR B 109 28.35 -19.74 42.57
N LEU B 110 27.11 -19.51 43.02
CA LEU B 110 26.51 -20.31 44.09
C LEU B 110 27.43 -20.34 45.32
N ASP B 111 28.05 -19.19 45.57
CA ASP B 111 28.74 -18.92 46.82
C ASP B 111 28.72 -17.41 47.01
N SER B 112 28.87 -16.94 48.24
CA SER B 112 28.61 -15.56 48.64
C SER B 112 29.43 -14.58 47.77
N LYS B 113 29.09 -13.29 47.88
CA LYS B 113 29.59 -12.17 47.07
C LYS B 113 28.85 -12.03 45.75
N THR B 114 27.73 -12.74 45.60
CA THR B 114 26.74 -12.43 44.58
C THR B 114 25.39 -13.01 45.02
N GLN B 115 24.31 -12.47 44.45
CA GLN B 115 22.98 -12.92 44.82
C GLN B 115 22.68 -14.27 44.20
N SER B 116 21.97 -15.09 44.96
CA SER B 116 21.70 -16.48 44.61
C SER B 116 20.28 -16.83 45.04
N LEU B 117 19.56 -17.53 44.19
CA LEU B 117 18.15 -17.85 44.45
C LEU B 117 18.09 -19.15 45.25
N LEU B 118 17.26 -19.15 46.29
CA LEU B 118 17.01 -20.35 47.10
C LEU B 118 15.52 -20.55 47.21
N ILE B 119 15.07 -21.75 46.85
CA ILE B 119 13.68 -22.17 47.02
C ILE B 119 13.70 -23.41 47.90
N VAL B 120 13.01 -23.36 49.03
CA VAL B 120 13.00 -24.47 49.99
C VAL B 120 11.58 -24.70 50.47
N ASN B 121 11.14 -25.96 50.42
CA ASN B 121 9.90 -26.39 51.03
C ASN B 121 10.24 -27.22 52.27
N ASN B 122 9.69 -26.84 53.42
CA ASN B 122 9.91 -27.60 54.64
C ASN B 122 8.57 -27.88 55.33
N ALA B 123 7.89 -28.93 54.86
CA ALA B 123 6.86 -29.67 55.57
C ALA B 123 5.56 -28.89 55.81
N THR B 124 5.57 -27.59 55.59
CA THR B 124 4.33 -26.81 55.72
C THR B 124 4.16 -25.77 54.61
N ASN B 125 5.25 -25.26 54.06
CA ASN B 125 5.19 -24.16 53.10
C ASN B 125 6.55 -24.04 52.42
N VAL B 126 6.67 -23.05 51.55
CA VAL B 126 7.86 -22.84 50.74
C VAL B 126 8.44 -21.47 51.08
N VAL B 127 9.76 -21.39 51.22
CA VAL B 127 10.46 -20.15 51.47
C VAL B 127 11.37 -19.86 50.28
N ILE B 128 11.20 -18.68 49.68
CA ILE B 128 11.98 -18.27 48.53
C ILE B 128 12.73 -16.99 48.91
N LYS B 129 14.02 -16.95 48.61
CA LYS B 129 14.89 -15.90 49.11
C LYS B 129 16.11 -15.82 48.20
N VAL B 130 16.58 -14.60 47.95
CA VAL B 130 17.55 -14.35 46.89
C VAL B 130 18.78 -13.62 47.40
N CYS B 131 19.13 -13.82 48.67
CA CYS B 131 20.17 -13.05 49.31
C CYS B 131 21.55 -13.49 48.82
N GLU B 132 22.57 -12.82 49.35
CA GLU B 132 23.97 -13.23 49.15
C GLU B 132 24.31 -14.26 50.23
N PHE B 133 23.83 -15.48 50.02
CA PHE B 133 23.85 -16.48 51.07
C PHE B 133 25.25 -17.06 51.26
N GLN B 134 25.50 -17.61 52.45
CA GLN B 134 26.67 -18.43 52.72
C GLN B 134 26.30 -19.89 52.53
N PHE B 135 26.72 -20.47 51.42
CA PHE B 135 26.40 -21.84 51.04
C PHE B 135 27.39 -22.86 51.61
N CYS B 136 26.85 -24.04 51.91
CA CYS B 136 27.68 -25.18 52.25
C CYS B 136 28.27 -25.79 50.99
N ASN B 137 29.38 -26.51 51.16
CA ASN B 137 30.04 -27.16 50.04
C ASN B 137 29.14 -28.22 49.41
N ASP B 138 28.46 -29.01 50.22
CA ASP B 138 27.54 -30.04 49.74
C ASP B 138 26.20 -29.88 50.46
N PRO B 139 25.45 -28.83 50.14
CA PRO B 139 24.20 -28.58 50.85
C PRO B 139 23.14 -29.60 50.50
N PHE B 140 22.23 -29.80 51.44
CA PHE B 140 21.10 -30.72 51.26
C PHE B 140 20.03 -30.47 52.32
N ASN B 164 23.47 -11.96 53.08
CA ASN B 164 22.77 -10.72 53.41
C ASN B 164 22.50 -9.89 52.16
N ASN B 165 22.26 -8.59 52.37
CA ASN B 165 21.98 -7.65 51.29
C ASN B 165 20.83 -8.16 50.41
N CYS B 166 19.75 -8.53 51.08
CA CYS B 166 18.64 -9.22 50.44
C CYS B 166 17.80 -8.27 49.61
N THR B 167 17.09 -8.82 48.63
CA THR B 167 16.20 -8.04 47.78
C THR B 167 14.79 -8.58 47.70
N PHE B 168 14.58 -9.88 47.95
CA PHE B 168 13.25 -10.45 47.85
C PHE B 168 13.10 -11.58 48.87
N GLU B 169 11.89 -11.71 49.41
CA GLU B 169 11.52 -12.83 50.25
C GLU B 169 10.08 -13.20 49.98
N TYR B 170 9.78 -14.49 49.95
CA TYR B 170 8.40 -14.95 49.87
C TYR B 170 8.28 -16.24 50.66
N VAL B 171 7.19 -16.36 51.43
CA VAL B 171 6.87 -17.55 52.18
C VAL B 171 5.46 -17.97 51.80
N SER B 172 5.29 -19.25 51.47
CA SER B 172 3.98 -19.79 51.13
C SER B 172 3.08 -19.85 52.36
N PHE B 186 7.44 -44.71 43.88
CA PHE B 186 7.67 -43.51 43.08
C PHE B 186 6.39 -43.13 42.35
N LYS B 187 5.33 -42.88 43.13
CA LYS B 187 4.01 -42.62 42.58
C LYS B 187 3.76 -41.15 42.28
N ASN B 188 4.55 -40.25 42.86
CA ASN B 188 4.34 -38.82 42.73
C ASN B 188 5.27 -38.28 41.67
N LEU B 189 4.71 -37.87 40.54
CA LEU B 189 5.47 -37.26 39.45
C LEU B 189 5.27 -35.76 39.51
N ARG B 190 6.36 -35.01 39.63
CA ARG B 190 6.34 -33.56 39.69
C ARG B 190 7.18 -33.01 38.55
N GLU B 191 6.60 -32.12 37.75
CA GLU B 191 7.30 -31.47 36.66
C GLU B 191 7.42 -29.98 36.92
N PHE B 192 8.56 -29.41 36.55
CA PHE B 192 8.82 -28.00 36.74
C PHE B 192 9.58 -27.46 35.53
N VAL B 193 9.35 -26.19 35.22
CA VAL B 193 10.04 -25.50 34.13
C VAL B 193 10.58 -24.19 34.67
N PHE B 194 11.89 -24.02 34.59
CA PHE B 194 12.57 -22.87 35.16
C PHE B 194 13.18 -22.08 34.00
N LYS B 195 12.56 -20.95 33.65
CA LYS B 195 13.00 -20.16 32.51
C LYS B 195 13.03 -18.69 32.87
N ASN B 196 13.86 -17.95 32.15
CA ASN B 196 13.98 -16.51 32.32
C ASN B 196 13.68 -15.76 31.04
N TYR B 200 12.80 -11.57 33.97
CA TYR B 200 12.87 -12.12 35.32
C TYR B 200 12.63 -13.62 35.33
N PHE B 201 12.21 -14.16 36.48
CA PHE B 201 12.17 -15.59 36.71
C PHE B 201 10.73 -16.09 36.72
N LYS B 202 10.48 -17.18 36.02
CA LYS B 202 9.15 -17.77 35.91
C LYS B 202 9.20 -19.26 36.23
N ILE B 203 8.16 -19.75 36.89
CA ILE B 203 8.06 -21.15 37.28
C ILE B 203 6.74 -21.70 36.80
N TYR B 204 6.78 -22.85 36.14
CA TYR B 204 5.61 -23.62 35.78
C TYR B 204 5.69 -24.97 36.46
N SER B 205 4.54 -25.54 36.81
CA SER B 205 4.54 -26.77 37.57
C SER B 205 3.30 -27.59 37.24
N LYS B 206 3.39 -28.89 37.52
CA LYS B 206 2.28 -29.81 37.38
C LYS B 206 2.59 -31.08 38.14
N HIS B 207 1.64 -31.52 38.96
CA HIS B 207 1.80 -32.71 39.79
C HIS B 207 0.75 -33.73 39.39
N THR B 208 1.19 -34.94 39.08
CA THR B 208 0.28 -36.00 38.72
C THR B 208 0.68 -37.30 39.39
N PRO B 209 -0.28 -38.17 39.68
CA PRO B 209 0.07 -39.51 40.18
C PRO B 209 0.44 -40.44 39.04
N ILE B 210 1.42 -41.30 39.30
CA ILE B 210 1.93 -42.23 38.30
C ILE B 210 2.17 -43.59 38.94
N ASN B 211 2.30 -44.60 38.08
CA ASN B 211 2.63 -45.95 38.52
C ASN B 211 3.10 -46.80 37.35
N ASP B 215 11.66 -44.96 32.42
CA ASP B 215 11.53 -44.58 33.83
C ASP B 215 10.64 -43.36 33.99
N LEU B 216 10.68 -42.46 32.99
CA LEU B 216 9.79 -41.32 32.96
C LEU B 216 8.54 -41.68 32.16
N PRO B 217 7.34 -41.54 32.74
CA PRO B 217 6.13 -42.04 32.07
C PRO B 217 5.91 -41.39 30.71
N GLN B 218 5.47 -42.20 29.75
CA GLN B 218 5.10 -41.70 28.45
C GLN B 218 3.66 -41.20 28.47
N GLY B 219 3.45 -40.03 27.90
CA GLY B 219 2.16 -39.38 27.94
C GLY B 219 2.36 -37.90 27.66
N PHE B 220 1.25 -37.17 27.69
CA PHE B 220 1.34 -35.74 27.46
C PHE B 220 0.51 -35.01 28.51
N SER B 221 1.07 -33.95 29.09
CA SER B 221 0.36 -33.13 30.04
C SER B 221 0.89 -31.70 29.92
N ALA B 222 0.10 -30.77 30.42
CA ALA B 222 0.40 -29.34 30.30
C ALA B 222 0.75 -28.77 31.66
N LEU B 223 1.77 -27.91 31.66
CA LEU B 223 2.19 -27.25 32.88
C LEU B 223 1.62 -25.84 32.96
N GLU B 224 1.13 -25.49 34.14
CA GLU B 224 0.52 -24.19 34.36
C GLU B 224 1.49 -23.29 35.10
N PRO B 225 1.49 -22.00 34.80
CA PRO B 225 2.31 -21.07 35.58
C PRO B 225 1.77 -20.99 37.00
N LEU B 226 2.67 -21.02 37.95
CA LEU B 226 2.28 -20.92 39.35
C LEU B 226 2.86 -19.71 40.04
N VAL B 227 4.15 -19.47 39.89
CA VAL B 227 4.85 -18.46 40.67
C VAL B 227 5.63 -17.56 39.73
N ASP B 228 5.72 -16.29 40.07
CA ASP B 228 6.49 -15.31 39.31
C ASP B 228 7.53 -14.71 40.25
N LEU B 229 8.80 -14.76 39.83
CA LEU B 229 9.86 -14.09 40.57
C LEU B 229 10.34 -12.89 39.77
N PRO B 230 9.95 -11.68 40.13
CA PRO B 230 10.51 -10.49 39.49
C PRO B 230 11.80 -10.03 40.15
N ILE B 231 12.82 -10.87 40.08
CA ILE B 231 14.04 -10.67 40.84
C ILE B 231 15.20 -10.24 39.95
N GLY B 232 15.19 -10.61 38.68
CA GLY B 232 16.26 -10.21 37.78
C GLY B 232 17.62 -10.70 38.18
N ILE B 233 17.72 -11.93 38.66
CA ILE B 233 19.00 -12.49 39.08
C ILE B 233 19.67 -13.20 37.91
N ASN B 234 20.99 -13.09 37.84
CA ASN B 234 21.77 -13.69 36.75
C ASN B 234 21.98 -15.16 37.07
N ILE B 235 21.41 -16.04 36.25
CA ILE B 235 21.47 -17.48 36.49
C ILE B 235 22.17 -18.16 35.32
N THR B 236 23.27 -18.85 35.62
CA THR B 236 23.94 -19.70 34.65
C THR B 236 24.18 -21.12 35.16
N ARG B 237 24.07 -21.36 36.46
CA ARG B 237 24.38 -22.63 37.08
C ARG B 237 23.41 -22.89 38.21
N PHE B 238 23.06 -24.16 38.42
CA PHE B 238 22.09 -24.50 39.44
C PHE B 238 22.37 -25.91 39.96
N GLN B 239 21.78 -26.22 41.10
CA GLN B 239 21.86 -27.54 41.70
C GLN B 239 20.55 -27.86 42.40
N THR B 240 20.32 -29.14 42.66
CA THR B 240 19.11 -29.55 43.36
C THR B 240 19.41 -29.81 44.83
N LEU B 241 18.40 -29.63 45.68
CA LEU B 241 18.53 -29.83 47.11
C LEU B 241 17.65 -31.00 47.53
N LEU B 242 18.26 -31.99 48.19
CA LEU B 242 17.55 -33.19 48.59
C LEU B 242 17.49 -33.31 50.11
N ALA B 263 15.22 -41.34 45.45
CA ALA B 263 14.45 -40.38 44.67
C ALA B 263 15.06 -40.16 43.30
N ALA B 264 14.23 -40.26 42.28
CA ALA B 264 14.66 -40.11 40.89
C ALA B 264 14.18 -38.79 40.32
N TYR B 265 15.08 -38.06 39.66
CA TYR B 265 14.72 -36.82 39.01
C TYR B 265 15.48 -36.71 37.71
N TYR B 266 14.96 -35.89 36.81
CA TYR B 266 15.50 -35.76 35.46
C TYR B 266 15.66 -34.28 35.14
N VAL B 267 16.74 -33.93 34.43
CA VAL B 267 17.06 -32.54 34.13
C VAL B 267 17.22 -32.39 32.62
N GLY B 268 16.32 -31.60 32.01
CA GLY B 268 16.40 -31.27 30.61
C GLY B 268 16.76 -29.81 30.42
N TYR B 269 16.74 -29.38 29.17
CA TYR B 269 17.04 -28.00 28.84
C TYR B 269 16.11 -27.47 27.76
N LEU B 270 15.90 -26.17 27.79
CA LEU B 270 14.90 -25.51 26.96
C LEU B 270 15.56 -24.92 25.72
N GLN B 271 14.86 -25.01 24.60
CA GLN B 271 15.37 -24.50 23.33
C GLN B 271 14.31 -23.66 22.64
N PRO B 272 14.73 -22.67 21.84
CA PRO B 272 13.77 -21.81 21.13
C PRO B 272 13.17 -22.49 19.91
N ARG B 273 12.15 -23.30 20.15
CA ARG B 273 11.52 -24.05 19.08
C ARG B 273 10.08 -23.62 18.86
N THR B 274 9.56 -23.95 17.67
CA THR B 274 8.23 -23.56 17.27
C THR B 274 7.26 -24.71 17.51
N PHE B 275 6.10 -24.38 18.07
CA PHE B 275 5.14 -25.38 18.49
C PHE B 275 3.75 -25.02 17.98
N LEU B 276 2.95 -26.05 17.75
CA LEU B 276 1.54 -25.87 17.40
C LEU B 276 0.69 -26.50 18.50
N LEU B 277 0.22 -25.67 19.43
CA LEU B 277 -0.45 -26.13 20.64
C LEU B 277 -1.92 -26.35 20.36
N LYS B 278 -2.45 -27.48 20.81
CA LYS B 278 -3.87 -27.81 20.61
C LYS B 278 -4.63 -27.57 21.90
N TYR B 279 -5.41 -26.49 21.93
CA TYR B 279 -6.30 -26.18 23.05
C TYR B 279 -7.63 -26.88 22.80
N ASN B 280 -8.17 -27.50 23.85
CA ASN B 280 -9.47 -28.15 23.73
C ASN B 280 -10.57 -27.12 23.99
N GLU B 281 -11.80 -27.61 24.12
CA GLU B 281 -12.91 -26.72 24.45
C GLU B 281 -12.73 -26.09 25.82
N ASN B 282 -12.01 -26.75 26.73
CA ASN B 282 -11.85 -26.29 28.09
C ASN B 282 -10.64 -25.37 28.26
N GLY B 283 -9.97 -25.00 27.19
CA GLY B 283 -8.78 -24.18 27.34
C GLY B 283 -7.60 -24.92 27.93
N THR B 284 -7.51 -26.21 27.70
CA THR B 284 -6.43 -27.03 28.22
C THR B 284 -5.61 -27.60 27.05
N ILE B 285 -4.30 -27.59 27.21
CA ILE B 285 -3.41 -28.10 26.16
C ILE B 285 -3.53 -29.62 26.12
N THR B 286 -4.02 -30.15 25.00
CA THR B 286 -4.25 -31.58 24.90
C THR B 286 -3.36 -32.29 23.89
N ASP B 287 -2.78 -31.56 22.93
CA ASP B 287 -1.79 -32.11 22.01
C ASP B 287 -0.77 -31.03 21.71
N ALA B 288 0.34 -31.43 21.11
CA ALA B 288 1.39 -30.49 20.74
C ALA B 288 2.20 -31.08 19.59
N VAL B 289 2.89 -30.20 18.87
CA VAL B 289 3.79 -30.58 17.80
C VAL B 289 5.06 -29.77 17.92
N ASP B 290 6.21 -30.42 17.73
CA ASP B 290 7.48 -29.72 17.61
C ASP B 290 7.76 -29.51 16.13
N CYS B 291 7.67 -28.27 15.67
CA CYS B 291 7.84 -27.98 14.25
C CYS B 291 9.19 -28.41 13.72
N ALA B 292 10.23 -28.43 14.55
CA ALA B 292 11.58 -28.76 14.12
C ALA B 292 11.95 -30.21 14.40
N LEU B 293 11.01 -31.01 14.92
CA LEU B 293 11.33 -32.38 15.28
C LEU B 293 11.74 -33.21 14.06
N ASP B 294 10.93 -33.20 13.01
CA ASP B 294 11.18 -34.04 11.86
C ASP B 294 10.38 -33.48 10.68
N PRO B 295 10.76 -33.85 9.46
CA PRO B 295 10.04 -33.33 8.29
C PRO B 295 8.55 -33.58 8.31
N LEU B 296 8.10 -34.68 8.93
CA LEU B 296 6.67 -34.82 9.14
C LEU B 296 6.14 -33.71 10.03
N SER B 297 6.88 -33.35 11.08
CA SER B 297 6.38 -32.35 12.00
C SER B 297 6.52 -30.95 11.41
N GLU B 298 7.34 -30.77 10.38
CA GLU B 298 7.28 -29.54 9.61
C GLU B 298 5.95 -29.41 8.87
N THR B 299 5.45 -30.53 8.34
CA THR B 299 4.22 -30.48 7.58
C THR B 299 3.04 -30.07 8.45
N LYS B 300 2.95 -30.64 9.65
CA LYS B 300 1.82 -30.34 10.52
C LYS B 300 1.79 -28.87 10.90
N CYS B 301 2.95 -28.28 11.18
CA CYS B 301 2.97 -26.87 11.57
C CYS B 301 2.56 -25.96 10.41
N THR B 302 3.06 -26.22 9.20
CA THR B 302 2.74 -25.35 8.08
C THR B 302 1.25 -25.41 7.75
N LEU B 303 0.66 -26.59 7.78
CA LEU B 303 -0.77 -26.73 7.55
C LEU B 303 -1.61 -26.31 8.75
N LYS B 304 -0.97 -26.00 9.89
CA LYS B 304 -1.68 -25.64 11.10
C LYS B 304 -2.74 -26.68 11.47
N SER B 305 -2.34 -27.95 11.35
CA SER B 305 -3.26 -29.04 11.63
C SER B 305 -2.49 -30.22 12.18
N PHE B 306 -3.18 -31.08 12.90
CA PHE B 306 -2.59 -32.29 13.41
C PHE B 306 -2.85 -33.49 12.51
N THR B 307 -3.50 -33.29 11.38
CA THR B 307 -3.72 -34.34 10.40
C THR B 307 -3.30 -33.82 9.03
N VAL B 308 -2.59 -34.65 8.28
CA VAL B 308 -2.05 -34.28 6.98
C VAL B 308 -2.54 -35.28 5.95
N GLU B 309 -3.17 -34.78 4.91
CA GLU B 309 -3.74 -35.65 3.90
C GLU B 309 -2.67 -36.12 2.92
N LYS B 310 -3.02 -37.14 2.15
CA LYS B 310 -2.16 -37.64 1.08
C LYS B 310 -1.77 -36.51 0.14
N GLY B 311 -0.49 -36.40 -0.15
CA GLY B 311 -0.04 -35.41 -1.11
C GLY B 311 1.42 -35.07 -0.87
N ILE B 312 1.87 -34.05 -1.59
CA ILE B 312 3.21 -33.50 -1.44
C ILE B 312 3.08 -32.07 -0.95
N TYR B 313 3.76 -31.75 0.13
CA TYR B 313 3.62 -30.47 0.79
C TYR B 313 4.97 -29.78 0.87
N GLN B 314 5.05 -28.58 0.33
CA GLN B 314 6.16 -27.71 0.66
C GLN B 314 5.99 -27.26 2.10
N THR B 315 6.97 -27.55 2.93
CA THR B 315 6.84 -27.26 4.35
C THR B 315 7.75 -26.16 4.84
N SER B 316 8.94 -26.04 4.30
CA SER B 316 9.88 -25.04 4.79
C SER B 316 10.77 -24.62 3.65
N ASN B 317 11.83 -23.88 3.98
CA ASN B 317 12.78 -23.41 3.00
C ASN B 317 14.15 -23.93 3.39
N PHE B 318 14.91 -24.37 2.39
CA PHE B 318 16.25 -24.85 2.62
C PHE B 318 17.26 -23.80 2.20
N ARG B 319 18.21 -23.50 3.07
CA ARG B 319 19.13 -22.38 2.89
C ARG B 319 20.45 -22.75 3.50
N VAL B 320 21.52 -22.80 2.69
CA VAL B 320 22.83 -23.09 3.23
C VAL B 320 23.40 -21.85 3.91
N GLN B 321 23.82 -22.00 5.11
CA GLN B 321 24.29 -20.93 5.99
C GLN B 321 25.75 -20.62 5.66
N PRO B 322 26.10 -19.34 5.49
CA PRO B 322 27.48 -18.99 5.15
C PRO B 322 28.44 -19.35 6.28
N THR B 323 29.63 -19.79 5.90
CA THR B 323 30.55 -20.40 6.85
C THR B 323 31.45 -19.41 7.57
N GLU B 324 31.79 -18.28 6.95
CA GLU B 324 32.76 -17.37 7.56
C GLU B 324 32.63 -15.99 6.93
N SER B 325 33.17 -15.00 7.62
CA SER B 325 33.09 -13.61 7.21
C SER B 325 34.44 -13.14 6.68
N ILE B 326 34.39 -12.35 5.61
CA ILE B 326 35.58 -11.79 4.99
C ILE B 326 35.38 -10.29 4.87
N VAL B 327 36.35 -9.52 5.34
CA VAL B 327 36.40 -8.08 5.14
C VAL B 327 37.69 -7.77 4.39
N ARG B 328 37.58 -7.03 3.29
CA ARG B 328 38.69 -6.85 2.36
C ARG B 328 38.86 -5.39 1.98
N PHE B 329 40.10 -5.00 1.75
CA PHE B 329 40.49 -3.73 1.19
C PHE B 329 41.75 -3.95 0.36
N PRO B 330 42.01 -3.07 -0.61
CA PRO B 330 43.05 -3.36 -1.61
C PRO B 330 44.46 -3.31 -1.02
N ASN B 331 45.45 -3.38 -1.92
CA ASN B 331 46.83 -3.22 -1.49
C ASN B 331 47.06 -1.83 -0.88
N ILE B 332 48.26 -1.61 -0.35
CA ILE B 332 48.43 -0.69 0.76
C ILE B 332 49.38 0.48 0.49
N THR B 333 49.93 0.55 -0.72
CA THR B 333 51.01 1.52 -0.98
C THR B 333 50.52 2.97 -0.84
N ASN B 334 51.50 3.89 -0.92
CA ASN B 334 51.25 5.33 -0.89
C ASN B 334 50.57 5.81 0.39
N LEU B 335 51.28 5.73 1.51
CA LEU B 335 50.79 6.23 2.79
C LEU B 335 51.10 7.72 2.93
N CYS B 336 50.46 8.35 3.92
CA CYS B 336 50.79 9.74 4.23
C CYS B 336 52.09 9.83 5.02
N PRO B 337 52.79 10.97 4.94
CA PRO B 337 54.04 11.13 5.69
C PRO B 337 53.80 11.50 7.16
N PHE B 338 53.35 10.50 7.93
CA PHE B 338 53.29 10.68 9.37
C PHE B 338 54.67 10.78 9.99
N GLY B 339 55.69 10.28 9.28
CA GLY B 339 57.06 10.35 9.76
C GLY B 339 57.67 11.74 9.71
N GLU B 340 57.06 12.66 8.97
CA GLU B 340 57.50 14.05 8.96
C GLU B 340 56.84 14.87 10.05
N VAL B 341 55.93 14.29 10.82
CA VAL B 341 55.21 14.96 11.89
C VAL B 341 55.61 14.41 13.25
N PHE B 342 55.75 13.10 13.35
CA PHE B 342 56.04 12.46 14.64
C PHE B 342 57.50 12.13 14.81
N ASN B 343 58.18 11.73 13.74
CA ASN B 343 59.62 11.48 13.74
C ASN B 343 60.41 12.74 13.46
N ALA B 344 59.83 13.91 13.71
CA ALA B 344 60.39 15.17 13.25
C ALA B 344 61.47 15.68 14.21
N THR B 345 62.26 16.65 13.72
CA THR B 345 63.36 17.18 14.50
C THR B 345 62.94 18.39 15.33
N ARG B 346 62.22 19.33 14.72
CA ARG B 346 61.86 20.58 15.38
C ARG B 346 60.35 20.74 15.39
N PHE B 347 59.83 21.39 16.44
CA PHE B 347 58.41 21.67 16.57
C PHE B 347 58.21 23.15 16.88
N ALA B 348 57.04 23.66 16.52
CA ALA B 348 56.74 25.07 16.71
C ALA B 348 56.15 25.32 18.09
N SER B 349 56.01 26.60 18.43
CA SER B 349 55.45 27.00 19.70
C SER B 349 53.92 26.90 19.69
N VAL B 350 53.33 27.00 20.88
CA VAL B 350 51.88 26.89 20.99
C VAL B 350 51.21 28.13 20.39
N TYR B 351 51.80 29.31 20.57
CA TYR B 351 51.19 30.54 20.07
C TYR B 351 51.06 30.51 18.56
N ALA B 352 52.10 30.08 17.85
CA ALA B 352 52.10 29.97 16.40
C ALA B 352 52.51 28.54 16.03
N TRP B 353 51.53 27.66 15.99
CA TRP B 353 51.81 26.26 15.68
C TRP B 353 51.84 26.05 14.17
N ASN B 354 52.55 25.01 13.76
CA ASN B 354 52.60 24.62 12.35
C ASN B 354 51.39 23.76 12.00
N ARG B 355 50.88 23.96 10.78
CA ARG B 355 49.70 23.24 10.31
C ARG B 355 50.06 22.52 9.01
N LYS B 356 50.11 21.19 9.06
CA LYS B 356 50.38 20.38 7.89
C LYS B 356 49.12 19.66 7.47
N ARG B 357 48.78 19.74 6.19
CA ARG B 357 47.60 19.08 5.65
C ARG B 357 47.97 17.69 5.16
N ILE B 358 47.14 16.71 5.52
CA ILE B 358 47.33 15.33 5.10
C ILE B 358 46.18 14.94 4.17
N SER B 359 46.52 14.49 2.97
CA SER B 359 45.51 14.08 2.01
C SER B 359 46.16 13.22 0.93
N ASN B 360 45.31 12.52 0.18
CA ASN B 360 45.71 11.74 -0.99
C ASN B 360 46.73 10.66 -0.62
N CYS B 361 46.28 9.74 0.24
CA CYS B 361 47.10 8.59 0.61
C CYS B 361 46.20 7.55 1.26
N VAL B 362 46.84 6.49 1.76
CA VAL B 362 46.22 5.55 2.68
C VAL B 362 46.83 5.80 4.05
N ALA B 363 46.10 6.50 4.91
CA ALA B 363 46.65 7.00 6.17
C ALA B 363 46.57 5.90 7.22
N ASP B 364 47.69 5.23 7.48
CA ASP B 364 47.76 4.15 8.45
C ASP B 364 47.97 4.74 9.84
N TYR B 365 46.93 4.71 10.66
CA TYR B 365 47.00 5.21 12.03
C TYR B 365 47.31 4.11 13.04
N SER B 366 47.54 2.87 12.59
CA SER B 366 47.83 1.79 13.51
C SER B 366 49.19 1.97 14.18
N VAL B 367 50.18 2.46 13.44
CA VAL B 367 51.50 2.66 14.03
C VAL B 367 51.43 3.70 15.14
N LEU B 368 50.74 4.81 14.90
CA LEU B 368 50.61 5.84 15.92
C LEU B 368 49.85 5.32 17.14
N TYR B 369 48.79 4.54 16.91
CA TYR B 369 47.99 4.04 18.03
C TYR B 369 48.77 3.02 18.84
N ASN B 370 49.45 2.08 18.16
CA ASN B 370 50.13 1.00 18.87
C ASN B 370 51.49 1.41 19.40
N SER B 371 52.02 2.54 18.96
CA SER B 371 53.35 2.96 19.40
C SER B 371 53.36 3.28 20.89
N ALA B 372 54.40 2.81 21.57
CA ALA B 372 54.57 3.08 22.99
C ALA B 372 55.32 4.38 23.26
N SER B 373 55.82 5.04 22.21
CA SER B 373 56.60 6.26 22.38
C SER B 373 55.73 7.47 22.71
N PHE B 374 54.41 7.36 22.60
CA PHE B 374 53.51 8.47 22.84
C PHE B 374 53.01 8.43 24.29
N SER B 375 53.06 9.57 24.96
CA SER B 375 52.56 9.66 26.32
C SER B 375 51.04 9.50 26.37
N THR B 376 50.33 10.06 25.39
CA THR B 376 48.88 9.97 25.35
C THR B 376 48.42 9.89 23.91
N PHE B 377 47.28 9.23 23.71
CA PHE B 377 46.69 9.09 22.38
C PHE B 377 45.18 8.98 22.57
N LYS B 378 44.46 10.08 22.34
CA LYS B 378 43.03 10.13 22.57
C LYS B 378 42.32 10.71 21.36
N CYS B 379 41.15 10.16 21.05
CA CYS B 379 40.29 10.65 19.99
C CYS B 379 38.92 10.96 20.57
N TYR B 380 38.37 12.10 20.20
CA TYR B 380 37.08 12.54 20.72
C TYR B 380 35.92 12.25 19.79
N GLY B 381 36.04 12.62 18.52
CA GLY B 381 34.94 12.45 17.60
C GLY B 381 34.74 11.04 17.09
N VAL B 382 35.80 10.24 17.06
CA VAL B 382 35.76 8.90 16.50
C VAL B 382 36.46 7.92 17.43
N SER B 383 36.19 6.65 17.20
CA SER B 383 36.93 5.61 17.90
C SER B 383 38.36 5.56 17.39
N PRO B 384 39.35 5.60 18.29
CA PRO B 384 40.75 5.53 17.83
C PRO B 384 41.10 4.25 17.10
N THR B 385 40.34 3.18 17.34
CA THR B 385 40.58 1.89 16.68
C THR B 385 39.87 1.78 15.34
N LYS B 386 39.03 2.75 14.99
CA LYS B 386 38.35 2.77 13.70
C LYS B 386 38.99 3.75 12.73
N LEU B 387 40.14 4.33 13.09
CA LEU B 387 40.85 5.20 12.16
C LEU B 387 41.31 4.44 10.94
N ASN B 388 41.63 3.15 11.09
CA ASN B 388 42.04 2.32 9.97
C ASN B 388 40.91 2.03 9.00
N ASP B 389 39.66 2.22 9.43
CA ASP B 389 38.50 1.93 8.59
C ASP B 389 37.81 3.18 8.06
N LEU B 390 37.90 4.30 8.78
CA LEU B 390 37.25 5.53 8.34
C LEU B 390 38.14 6.28 7.33
N CYS B 391 37.52 7.20 6.61
CA CYS B 391 38.20 8.00 5.61
C CYS B 391 37.73 9.44 5.72
N PHE B 392 38.67 10.38 5.61
CA PHE B 392 38.39 11.81 5.79
C PHE B 392 38.72 12.57 4.53
N THR B 393 37.93 13.63 4.27
CA THR B 393 38.17 14.49 3.12
C THR B 393 39.53 15.17 3.23
N ASN B 394 39.85 15.69 4.42
CA ASN B 394 41.12 16.33 4.67
C ASN B 394 41.49 16.18 6.13
N VAL B 395 42.77 15.96 6.38
CA VAL B 395 43.31 15.81 7.73
C VAL B 395 44.43 16.83 7.91
N TYR B 396 44.36 17.61 8.98
CA TYR B 396 45.34 18.65 9.26
C TYR B 396 46.03 18.33 10.58
N ALA B 397 47.35 18.50 10.60
CA ALA B 397 48.17 18.22 11.78
C ALA B 397 48.61 19.55 12.39
N ASP B 398 48.14 19.80 13.61
CA ASP B 398 48.55 20.99 14.35
C ASP B 398 49.63 20.57 15.35
N SER B 399 50.88 20.92 15.06
CA SER B 399 52.02 20.51 15.87
C SER B 399 52.54 21.71 16.65
N PHE B 400 52.64 21.54 17.97
CA PHE B 400 53.14 22.61 18.83
C PHE B 400 53.81 21.98 20.05
N VAL B 401 54.65 22.76 20.71
CA VAL B 401 55.35 22.34 21.91
C VAL B 401 54.76 23.10 23.09
N ILE B 402 54.21 22.37 24.06
CA ILE B 402 53.58 22.96 25.23
C ILE B 402 54.04 22.20 26.47
N ARG B 403 53.87 22.83 27.63
CA ARG B 403 54.25 22.23 28.89
C ARG B 403 53.37 21.01 29.18
N GLY B 404 53.93 20.06 29.92
CA GLY B 404 53.21 18.84 30.26
C GLY B 404 51.93 19.07 31.02
N ASP B 405 51.97 19.94 32.03
CA ASP B 405 50.77 20.22 32.82
C ASP B 405 49.69 20.91 31.99
N GLU B 406 50.07 21.62 30.94
CA GLU B 406 49.13 22.29 30.06
C GLU B 406 48.62 21.40 28.95
N VAL B 407 49.08 20.14 28.88
CA VAL B 407 48.68 19.25 27.81
C VAL B 407 47.20 18.91 27.90
N ARG B 408 46.65 18.88 29.11
CA ARG B 408 45.24 18.57 29.29
C ARG B 408 44.31 19.59 28.66
N GLN B 409 44.79 20.80 28.41
CA GLN B 409 43.96 21.83 27.79
C GLN B 409 43.73 21.60 26.30
N ILE B 410 44.45 20.67 25.69
CA ILE B 410 44.28 20.39 24.26
C ILE B 410 43.18 19.34 24.16
N ALA B 411 41.95 19.82 24.18
CA ALA B 411 40.76 18.96 24.12
C ALA B 411 39.55 19.85 23.87
N PRO B 412 38.52 19.31 23.22
CA PRO B 412 37.28 20.09 23.07
C PRO B 412 36.64 20.37 24.42
N GLY B 413 36.03 21.54 24.54
CA GLY B 413 35.39 21.92 25.79
C GLY B 413 36.33 22.21 26.93
N GLN B 414 37.54 22.67 26.65
CA GLN B 414 38.52 22.99 27.68
C GLN B 414 38.82 24.49 27.68
N THR B 415 39.38 24.96 28.79
CA THR B 415 39.77 26.36 28.96
C THR B 415 41.16 26.42 29.56
N GLY B 416 41.79 27.58 29.43
CA GLY B 416 43.11 27.81 29.98
C GLY B 416 43.93 28.75 29.12
N LYS B 417 45.22 28.83 29.44
CA LYS B 417 46.12 29.72 28.72
C LYS B 417 46.23 29.33 27.26
N ILE B 418 46.36 28.04 26.97
CA ILE B 418 46.45 27.58 25.59
C ILE B 418 45.09 27.48 24.94
N ALA B 419 44.11 26.93 25.67
CA ALA B 419 42.79 26.68 25.08
C ALA B 419 42.07 27.96 24.72
N ASP B 420 42.39 29.07 25.40
CA ASP B 420 41.68 30.32 25.17
C ASP B 420 42.49 31.33 24.36
N TYR B 421 43.81 31.25 24.37
CA TYR B 421 44.63 32.26 23.74
C TYR B 421 45.62 31.73 22.71
N ASN B 422 45.99 30.45 22.76
CA ASN B 422 47.05 29.92 21.91
C ASN B 422 46.54 28.95 20.87
N TYR B 423 45.84 27.88 21.26
CA TYR B 423 45.36 26.85 20.34
C TYR B 423 43.99 26.40 20.83
N LYS B 424 42.94 26.98 20.25
CA LYS B 424 41.57 26.69 20.64
C LYS B 424 41.00 25.59 19.75
N LEU B 425 40.27 24.66 20.37
CA LEU B 425 39.64 23.58 19.65
C LEU B 425 38.13 23.77 19.58
N PRO B 426 37.49 23.35 18.49
CA PRO B 426 36.03 23.48 18.40
C PRO B 426 35.33 22.61 19.42
N ASP B 427 34.13 23.06 19.81
CA ASP B 427 33.33 22.30 20.77
C ASP B 427 32.89 20.95 20.19
N ASP B 428 32.65 20.89 18.88
CA ASP B 428 32.33 19.64 18.20
C ASP B 428 33.53 19.11 17.40
N PHE B 429 34.74 19.36 17.88
CA PHE B 429 35.93 18.98 17.14
C PHE B 429 35.98 17.48 16.92
N THR B 430 36.35 17.09 15.70
CA THR B 430 36.51 15.68 15.33
C THR B 430 37.97 15.45 14.98
N GLY B 431 38.62 14.59 15.75
CA GLY B 431 40.03 14.32 15.53
C GLY B 431 40.64 13.65 16.74
N CYS B 432 41.97 13.51 16.68
CA CYS B 432 42.73 12.80 17.69
C CYS B 432 43.87 13.67 18.19
N VAL B 433 44.18 13.52 19.47
CA VAL B 433 45.28 14.24 20.11
C VAL B 433 46.31 13.22 20.57
N ILE B 434 47.53 13.34 20.07
CA ILE B 434 48.64 12.48 20.45
C ILE B 434 49.79 13.36 20.91
N ALA B 435 50.34 13.05 22.09
CA ALA B 435 51.41 13.85 22.65
C ALA B 435 52.44 12.94 23.31
N TRP B 436 53.68 13.42 23.34
CA TRP B 436 54.77 12.71 24.00
C TRP B 436 55.77 13.73 24.52
N ASN B 437 56.42 13.37 25.62
CA ASN B 437 57.40 14.25 26.23
C ASN B 437 58.68 14.28 25.41
N SER B 438 59.28 15.47 25.33
CA SER B 438 60.53 15.68 24.63
C SER B 438 61.57 16.27 25.55
N ASN B 439 61.62 15.77 26.79
CA ASN B 439 62.56 16.30 27.77
C ASN B 439 64.01 16.06 27.34
N ASN B 440 64.26 15.00 26.58
CA ASN B 440 65.59 14.70 26.07
C ASN B 440 65.81 15.26 24.67
N LEU B 441 64.82 15.95 24.12
CA LEU B 441 64.93 16.50 22.77
C LEU B 441 64.87 18.03 22.77
N ASP B 442 63.88 18.62 23.43
CA ASP B 442 63.70 20.07 23.40
C ASP B 442 64.27 20.78 24.61
N SER B 443 64.27 20.16 25.78
CA SER B 443 64.74 20.81 26.99
C SER B 443 66.24 21.08 26.92
N LYS B 444 66.65 22.21 27.47
CA LYS B 444 68.06 22.61 27.50
C LYS B 444 68.47 22.90 28.93
N VAL B 445 69.75 22.67 29.23
CA VAL B 445 70.26 22.86 30.58
C VAL B 445 70.10 24.31 31.01
N GLY B 446 70.41 25.24 30.12
CA GLY B 446 70.22 26.65 30.40
C GLY B 446 68.81 27.15 30.23
N GLY B 447 67.89 26.30 29.79
CA GLY B 447 66.51 26.69 29.59
C GLY B 447 66.17 26.95 28.13
N ASN B 448 65.23 26.20 27.59
CA ASN B 448 64.80 26.35 26.20
C ASN B 448 63.64 27.33 26.16
N TYR B 449 63.94 28.61 25.94
CA TYR B 449 62.95 29.68 25.98
C TYR B 449 62.42 30.03 24.59
N ASN B 450 62.69 29.18 23.60
CA ASN B 450 62.24 29.45 22.24
C ASN B 450 60.76 29.14 22.03
N TYR B 451 60.10 28.51 23.00
CA TYR B 451 58.68 28.20 22.92
C TYR B 451 57.90 29.27 23.65
N LEU B 452 56.99 29.95 22.95
CA LEU B 452 56.24 31.05 23.50
C LEU B 452 54.75 30.73 23.50
N TYR B 453 54.05 31.29 24.50
CA TYR B 453 52.61 31.13 24.62
C TYR B 453 52.01 32.44 25.12
N ARG B 454 50.76 32.66 24.74
CA ARG B 454 50.04 33.87 25.13
C ARG B 454 49.30 33.66 26.45
N LYS B 462 38.67 31.98 18.92
CA LYS B 462 38.12 31.14 17.86
C LYS B 462 38.99 29.91 17.65
N PRO B 463 38.36 28.78 17.32
CA PRO B 463 39.11 27.54 17.11
C PRO B 463 40.15 27.68 16.00
N PHE B 464 41.34 27.13 16.25
CA PHE B 464 42.44 27.10 15.29
C PHE B 464 42.83 28.49 14.80
N GLU B 465 42.62 29.52 15.62
CA GLU B 465 42.98 30.88 15.25
C GLU B 465 44.42 31.15 15.66
N ARG B 466 45.34 31.08 14.71
CA ARG B 466 46.75 31.30 15.01
C ARG B 466 47.06 32.78 15.15
N PRO B 491 53.25 40.45 25.12
CA PRO B 491 52.00 39.69 24.97
C PRO B 491 52.19 38.19 25.16
N LEU B 492 53.36 37.68 24.80
CA LEU B 492 53.67 36.26 24.91
C LEU B 492 54.81 36.05 25.89
N GLN B 493 54.83 34.87 26.51
CA GLN B 493 55.84 34.49 27.47
C GLN B 493 56.48 33.17 27.08
N SER B 494 57.74 33.01 27.45
CA SER B 494 58.51 31.81 27.12
C SER B 494 58.41 30.77 28.24
N TYR B 495 58.56 29.51 27.85
CA TYR B 495 58.50 28.41 28.80
C TYR B 495 59.91 27.95 29.15
N GLY B 496 60.17 27.79 30.45
CA GLY B 496 61.48 27.38 30.91
C GLY B 496 61.66 25.87 30.93
N PHE B 497 61.80 25.28 29.74
CA PHE B 497 61.97 23.84 29.64
C PHE B 497 63.40 23.47 30.00
N GLN B 498 63.55 22.68 31.08
CA GLN B 498 64.84 22.19 31.50
C GLN B 498 64.76 20.69 31.76
N PRO B 499 65.82 19.94 31.45
CA PRO B 499 65.78 18.48 31.65
C PRO B 499 65.71 18.07 33.10
N THR B 500 66.13 18.92 34.04
CA THR B 500 66.12 18.59 35.45
C THR B 500 64.81 18.96 36.14
N ASN B 501 63.86 19.54 35.40
CA ASN B 501 62.57 19.90 35.96
C ASN B 501 61.71 18.65 36.13
N GLY B 502 60.54 18.83 36.74
CA GLY B 502 59.62 17.73 36.95
C GLY B 502 58.92 17.32 35.67
N VAL B 503 58.11 16.27 35.80
CA VAL B 503 57.34 15.77 34.65
C VAL B 503 56.36 16.84 34.18
N GLY B 504 55.69 17.50 35.11
CA GLY B 504 54.72 18.53 34.76
C GLY B 504 55.32 19.75 34.11
N TYR B 505 56.63 20.00 34.30
CA TYR B 505 57.32 21.10 33.65
C TYR B 505 58.06 20.67 32.40
N GLN B 506 58.02 19.39 32.04
CA GLN B 506 58.74 18.92 30.87
C GLN B 506 58.03 19.36 29.59
N PRO B 507 58.79 19.68 28.55
CA PRO B 507 58.16 20.01 27.26
C PRO B 507 57.57 18.76 26.61
N TYR B 508 56.39 18.92 26.01
CA TYR B 508 55.69 17.83 25.36
C TYR B 508 55.38 18.21 23.92
N ARG B 509 55.72 17.32 23.00
CA ARG B 509 55.38 17.50 21.59
C ARG B 509 53.97 16.97 21.36
N VAL B 510 53.04 17.89 21.07
CA VAL B 510 51.63 17.57 20.94
C VAL B 510 51.21 17.83 19.51
N VAL B 511 50.59 16.82 18.89
CA VAL B 511 50.09 16.92 17.53
C VAL B 511 48.62 16.54 17.53
N VAL B 512 47.78 17.40 16.96
CA VAL B 512 46.34 17.17 16.87
C VAL B 512 45.99 16.99 15.40
N LEU B 513 45.40 15.85 15.08
CA LEU B 513 44.97 15.55 13.71
C LEU B 513 43.51 15.97 13.59
N SER B 514 43.28 17.06 12.86
CA SER B 514 41.93 17.56 12.65
C SER B 514 41.27 16.81 11.51
N PHE B 515 40.06 16.32 11.75
CA PHE B 515 39.33 15.55 10.74
C PHE B 515 38.14 16.34 10.20
N ALA B 522 36.74 12.10 -0.60
CA ALA B 522 37.74 12.05 0.47
C ALA B 522 39.06 11.52 -0.06
N THR B 523 40.16 12.04 0.49
CA THR B 523 41.49 11.71 0.00
C THR B 523 42.35 11.00 1.03
N VAL B 524 42.01 11.05 2.31
CA VAL B 524 42.80 10.44 3.36
C VAL B 524 41.96 9.31 3.95
N CYS B 525 42.14 8.11 3.43
CA CYS B 525 41.45 6.92 3.92
C CYS B 525 42.40 6.09 4.77
N GLY B 526 41.81 5.26 5.63
CA GLY B 526 42.58 4.38 6.49
C GLY B 526 43.20 3.22 5.75
N PRO B 527 44.05 2.47 6.44
CA PRO B 527 44.71 1.33 5.79
C PRO B 527 43.74 0.21 5.46
N LYS B 528 44.31 -0.89 4.98
CA LYS B 528 43.57 -1.90 4.24
C LYS B 528 43.88 -3.28 4.82
N LYS B 529 42.91 -3.85 5.52
CA LYS B 529 43.06 -5.19 6.07
C LYS B 529 42.30 -6.19 5.22
N SER B 530 42.99 -7.24 4.81
CA SER B 530 42.39 -8.26 3.97
C SER B 530 42.67 -9.65 4.51
N THR B 531 41.92 -10.63 4.01
CA THR B 531 42.04 -12.01 4.44
C THR B 531 42.48 -12.89 3.28
N ASN B 532 42.70 -14.16 3.60
CA ASN B 532 43.00 -15.14 2.57
C ASN B 532 41.77 -15.41 1.73
N LEU B 533 42.00 -15.97 0.55
CA LEU B 533 40.95 -16.33 -0.38
C LEU B 533 40.77 -17.84 -0.39
N VAL B 534 39.52 -18.29 -0.31
CA VAL B 534 39.19 -19.71 -0.32
C VAL B 534 38.28 -19.96 -1.50
N LYS B 535 38.61 -20.97 -2.30
CA LYS B 535 37.85 -21.28 -3.50
C LYS B 535 36.98 -22.52 -3.29
N ASN B 536 35.97 -22.64 -4.16
CA ASN B 536 35.16 -23.86 -4.27
C ASN B 536 34.35 -24.13 -3.01
N LYS B 537 34.08 -23.11 -2.20
CA LYS B 537 33.31 -23.29 -0.98
C LYS B 537 32.31 -22.15 -0.84
N CYS B 538 31.13 -22.49 -0.32
CA CYS B 538 30.12 -21.47 -0.07
C CYS B 538 30.60 -20.55 1.03
N VAL B 539 31.13 -19.39 0.65
CA VAL B 539 31.72 -18.46 1.60
C VAL B 539 31.07 -17.10 1.42
N ASN B 540 31.09 -16.32 2.50
CA ASN B 540 30.54 -14.98 2.51
C ASN B 540 31.68 -14.04 2.16
N PHE B 541 31.61 -13.44 0.97
CA PHE B 541 32.73 -12.73 0.38
C PHE B 541 32.50 -11.23 0.37
N ASN B 542 33.59 -10.49 0.47
CA ASN B 542 33.60 -9.04 0.34
C ASN B 542 34.76 -8.70 -0.59
N PHE B 543 34.46 -8.24 -1.79
CA PHE B 543 35.48 -7.68 -2.67
C PHE B 543 35.31 -6.17 -2.65
N ASN B 544 36.09 -5.47 -3.47
CA ASN B 544 36.36 -4.04 -3.30
C ASN B 544 35.16 -3.25 -2.80
N GLY B 545 34.06 -3.29 -3.54
CA GLY B 545 32.85 -2.61 -3.15
C GLY B 545 31.62 -3.48 -3.04
N LEU B 546 31.70 -4.76 -3.39
CA LEU B 546 30.54 -5.62 -3.46
C LEU B 546 30.66 -6.75 -2.45
N THR B 547 29.54 -7.05 -1.80
CA THR B 547 29.47 -8.14 -0.84
C THR B 547 28.34 -9.08 -1.23
N GLY B 548 28.48 -10.33 -0.82
CA GLY B 548 27.49 -11.33 -1.14
C GLY B 548 27.95 -12.70 -0.69
N THR B 549 27.14 -13.70 -1.01
CA THR B 549 27.42 -15.07 -0.66
C THR B 549 27.43 -15.92 -1.92
N GLY B 550 28.49 -16.70 -2.09
CA GLY B 550 28.61 -17.53 -3.27
C GLY B 550 29.84 -18.39 -3.19
N VAL B 551 30.04 -19.19 -4.24
CA VAL B 551 31.16 -20.11 -4.35
C VAL B 551 32.14 -19.52 -5.34
N LEU B 552 33.32 -19.14 -4.86
CA LEU B 552 34.33 -18.50 -5.69
C LEU B 552 35.14 -19.59 -6.40
N THR B 553 35.04 -19.63 -7.72
CA THR B 553 35.73 -20.64 -8.52
C THR B 553 36.56 -19.96 -9.60
N GLU B 554 37.58 -20.67 -10.06
CA GLU B 554 38.39 -20.17 -11.15
C GLU B 554 37.55 -20.10 -12.43
N SER B 555 37.68 -19.00 -13.15
CA SER B 555 36.88 -18.73 -14.33
C SER B 555 37.68 -18.93 -15.61
N ASN B 556 36.99 -18.80 -16.73
CA ASN B 556 37.61 -18.74 -18.05
C ASN B 556 37.27 -17.42 -18.74
N LYS B 557 36.91 -16.41 -17.97
CA LYS B 557 36.54 -15.12 -18.52
C LYS B 557 37.77 -14.23 -18.68
N LYS B 558 37.68 -13.31 -19.64
CA LYS B 558 38.77 -12.40 -19.98
C LYS B 558 38.31 -10.98 -19.67
N PHE B 559 38.62 -10.49 -18.47
CA PHE B 559 38.32 -9.12 -18.15
C PHE B 559 39.31 -8.16 -18.78
N LEU B 560 38.85 -6.95 -19.05
CA LEU B 560 39.72 -5.90 -19.53
C LEU B 560 40.57 -5.38 -18.37
N PRO B 561 41.70 -4.75 -18.67
CA PRO B 561 42.62 -4.31 -17.61
C PRO B 561 42.01 -3.32 -16.63
N PHE B 562 40.91 -2.69 -17.00
CA PHE B 562 40.27 -1.69 -16.15
C PHE B 562 38.95 -2.14 -15.57
N GLN B 563 38.38 -3.25 -16.05
CA GLN B 563 37.08 -3.70 -15.57
C GLN B 563 37.25 -4.55 -14.32
N GLN B 564 36.52 -4.20 -13.26
CA GLN B 564 36.61 -4.89 -11.99
C GLN B 564 35.48 -5.85 -11.72
N PHE B 565 34.28 -5.58 -12.21
CA PHE B 565 33.14 -6.46 -11.98
C PHE B 565 32.51 -6.84 -13.31
N GLY B 566 32.05 -8.08 -13.39
CA GLY B 566 31.24 -8.54 -14.49
C GLY B 566 29.79 -8.55 -14.06
N ARG B 567 28.89 -8.71 -15.03
CA ARG B 567 27.48 -8.74 -14.73
C ARG B 567 26.80 -9.70 -15.70
N ASP B 568 25.66 -10.24 -15.29
CA ASP B 568 24.88 -11.08 -16.19
C ASP B 568 23.91 -10.23 -16.99
N ILE B 569 23.02 -10.90 -17.71
CA ILE B 569 22.07 -10.19 -18.57
C ILE B 569 21.10 -9.36 -17.72
N ALA B 570 20.56 -9.94 -16.66
CA ALA B 570 19.58 -9.24 -15.82
C ALA B 570 20.25 -8.62 -14.60
N ASP B 571 21.32 -7.86 -14.84
CA ASP B 571 22.00 -7.09 -13.80
C ASP B 571 22.20 -7.90 -12.52
N THR B 572 23.06 -8.91 -12.59
CA THR B 572 23.53 -9.62 -11.41
C THR B 572 25.00 -9.97 -11.58
N THR B 573 25.74 -9.95 -10.48
CA THR B 573 27.18 -10.17 -10.54
C THR B 573 27.48 -11.64 -10.84
N ASP B 574 28.35 -11.87 -11.83
CA ASP B 574 28.84 -13.20 -12.14
C ASP B 574 30.31 -13.40 -11.82
N ALA B 575 31.13 -12.38 -12.01
CA ALA B 575 32.57 -12.53 -11.82
C ALA B 575 33.12 -11.30 -11.12
N VAL B 576 34.29 -11.46 -10.53
CA VAL B 576 34.97 -10.38 -9.84
C VAL B 576 36.47 -10.56 -10.04
N ARG B 577 37.16 -9.44 -10.25
CA ARG B 577 38.60 -9.41 -10.32
C ARG B 577 39.16 -9.18 -8.91
N ASP B 578 39.98 -10.09 -8.44
CA ASP B 578 40.53 -9.95 -7.10
C ASP B 578 41.47 -8.74 -7.03
N PRO B 579 41.26 -7.83 -6.08
CA PRO B 579 42.11 -6.63 -6.02
C PRO B 579 43.58 -6.94 -5.74
N GLN B 580 43.91 -8.09 -5.16
CA GLN B 580 45.30 -8.43 -4.90
C GLN B 580 45.91 -9.29 -6.00
N THR B 581 45.26 -10.35 -6.40
CA THR B 581 45.72 -11.19 -7.51
C THR B 581 44.85 -10.88 -8.71
N LEU B 582 45.49 -10.47 -9.81
CA LEU B 582 44.74 -10.12 -11.02
C LEU B 582 44.23 -11.40 -11.67
N GLU B 583 43.24 -11.99 -11.01
CA GLU B 583 42.58 -13.19 -11.50
C GLU B 583 41.09 -12.94 -11.51
N ILE B 584 40.37 -13.67 -12.35
CA ILE B 584 38.93 -13.52 -12.49
C ILE B 584 38.25 -14.69 -11.82
N LEU B 585 37.39 -14.40 -10.86
CA LEU B 585 36.71 -15.42 -10.08
C LEU B 585 35.21 -15.36 -10.37
N ASP B 586 34.67 -16.47 -10.87
CA ASP B 586 33.22 -16.61 -11.01
C ASP B 586 32.58 -16.67 -9.64
N ILE B 587 31.35 -16.22 -9.56
CA ILE B 587 30.55 -16.35 -8.34
C ILE B 587 29.32 -17.18 -8.68
N THR B 588 29.32 -18.42 -8.19
CA THR B 588 28.18 -19.31 -8.34
C THR B 588 27.33 -19.22 -7.08
N PRO B 589 26.01 -19.03 -7.20
CA PRO B 589 25.17 -18.99 -6.00
C PRO B 589 25.29 -20.28 -5.22
N CYS B 590 25.30 -20.17 -3.90
CA CYS B 590 25.35 -21.35 -3.05
C CYS B 590 24.11 -22.21 -3.28
N SER B 591 24.33 -23.52 -3.36
CA SER B 591 23.24 -24.44 -3.72
C SER B 591 22.10 -24.32 -2.73
N PHE B 592 20.89 -24.26 -3.25
CA PHE B 592 19.69 -24.08 -2.43
C PHE B 592 18.50 -24.59 -3.22
N GLY B 593 17.42 -24.85 -2.50
CA GLY B 593 16.23 -25.38 -3.15
C GLY B 593 15.11 -25.57 -2.16
N GLY B 594 13.98 -26.02 -2.69
CA GLY B 594 12.82 -26.27 -1.85
C GLY B 594 12.87 -27.63 -1.19
N VAL B 595 12.20 -27.73 -0.05
CA VAL B 595 12.07 -28.98 0.69
C VAL B 595 10.60 -29.36 0.69
N SER B 596 10.29 -30.49 0.07
CA SER B 596 8.93 -30.98 0.00
C SER B 596 8.84 -32.33 0.70
N VAL B 597 7.83 -32.49 1.55
CA VAL B 597 7.68 -33.67 2.37
C VAL B 597 6.68 -34.59 1.72
N ILE B 598 7.15 -35.70 1.18
CA ILE B 598 6.30 -36.69 0.52
C ILE B 598 5.82 -37.65 1.59
N THR B 599 4.55 -37.54 1.96
CA THR B 599 4.02 -38.42 2.99
C THR B 599 2.65 -38.98 2.61
N PRO B 600 2.38 -40.24 2.95
CA PRO B 600 1.00 -40.71 2.90
C PRO B 600 0.22 -40.18 4.09
N GLY B 601 -1.09 -40.37 4.04
CA GLY B 601 -1.95 -39.82 5.07
C GLY B 601 -1.57 -40.33 6.46
N THR B 602 -1.58 -39.40 7.42
CA THR B 602 -1.26 -39.77 8.79
C THR B 602 -2.24 -40.78 9.35
N ASN B 603 -3.43 -40.92 8.75
CA ASN B 603 -4.34 -41.98 9.13
C ASN B 603 -3.79 -43.34 8.74
N THR B 604 -2.78 -43.39 7.87
CA THR B 604 -2.18 -44.63 7.41
C THR B 604 -0.79 -44.86 7.97
N SER B 605 0.07 -43.86 7.93
CA SER B 605 1.44 -44.04 8.39
C SER B 605 2.00 -42.70 8.83
N ASN B 606 3.11 -42.75 9.55
CA ASN B 606 3.84 -41.56 9.92
C ASN B 606 5.21 -41.50 9.27
N GLU B 607 5.49 -42.39 8.31
CA GLU B 607 6.78 -42.41 7.65
C GLU B 607 6.77 -41.46 6.47
N VAL B 608 7.84 -40.69 6.32
CA VAL B 608 7.91 -39.64 5.32
C VAL B 608 9.19 -39.80 4.51
N ALA B 609 9.14 -39.28 3.30
CA ALA B 609 10.32 -39.14 2.46
C ALA B 609 10.43 -37.69 2.01
N VAL B 610 11.65 -37.18 2.00
CA VAL B 610 11.92 -35.77 1.77
C VAL B 610 12.47 -35.60 0.37
N LEU B 611 12.00 -34.58 -0.33
CA LEU B 611 12.54 -34.18 -1.63
C LEU B 611 13.28 -32.87 -1.47
N TYR B 612 14.56 -32.87 -1.79
CA TYR B 612 15.36 -31.64 -1.84
C TYR B 612 15.38 -31.17 -3.28
N GLN B 613 14.84 -29.98 -3.52
CA GLN B 613 14.65 -29.51 -4.89
C GLN B 613 15.97 -29.11 -5.52
N ASP B 614 16.23 -29.61 -6.72
CA ASP B 614 17.26 -29.07 -7.60
C ASP B 614 18.65 -29.13 -6.98
N VAL B 615 18.88 -30.14 -6.14
CA VAL B 615 20.18 -30.33 -5.51
C VAL B 615 20.60 -31.78 -5.71
N ASN B 616 21.86 -31.98 -6.07
CA ASN B 616 22.39 -33.33 -6.11
C ASN B 616 22.59 -33.81 -4.68
N CYS B 617 22.67 -35.13 -4.51
CA CYS B 617 22.64 -35.76 -3.21
C CYS B 617 23.98 -35.68 -2.50
N THR B 618 24.85 -34.78 -2.93
CA THR B 618 26.15 -34.58 -2.30
C THR B 618 26.15 -33.50 -1.25
N GLU B 619 25.58 -32.34 -1.54
CA GLU B 619 25.57 -31.26 -0.55
C GLU B 619 24.61 -31.58 0.59
N VAL B 620 23.52 -32.27 0.30
CA VAL B 620 22.49 -32.53 1.29
C VAL B 620 23.03 -33.41 2.42
N ASN B 641 19.65 -45.67 0.59
CA ASN B 641 18.25 -45.38 0.35
C ASN B 641 18.04 -43.93 -0.09
N VAL B 642 18.87 -43.49 -1.02
CA VAL B 642 18.79 -42.15 -1.58
C VAL B 642 18.71 -42.28 -3.09
N PHE B 643 17.66 -41.72 -3.69
CA PHE B 643 17.40 -41.86 -5.11
C PHE B 643 17.39 -40.48 -5.75
N GLN B 644 18.19 -40.30 -6.80
CA GLN B 644 18.38 -38.99 -7.41
C GLN B 644 17.51 -38.86 -8.66
N THR B 645 16.70 -37.79 -8.70
CA THR B 645 15.82 -37.50 -9.82
C THR B 645 16.21 -36.16 -10.44
N ARG B 646 15.68 -35.92 -11.64
CA ARG B 646 15.94 -34.65 -12.30
C ARG B 646 15.37 -33.48 -11.51
N ALA B 647 14.28 -33.72 -10.78
CA ALA B 647 13.69 -32.65 -9.98
C ALA B 647 14.50 -32.32 -8.74
N GLY B 648 15.33 -33.25 -8.29
CA GLY B 648 16.17 -33.01 -7.12
C GLY B 648 16.60 -34.31 -6.50
N CYS B 649 17.09 -34.20 -5.27
CA CYS B 649 17.57 -35.35 -4.51
C CYS B 649 16.45 -35.83 -3.59
N LEU B 650 16.06 -37.09 -3.76
CA LEU B 650 14.96 -37.67 -3.01
C LEU B 650 15.52 -38.59 -1.93
N ILE B 651 15.19 -38.30 -0.68
CA ILE B 651 15.67 -39.07 0.47
C ILE B 651 14.49 -39.80 1.08
N GLY B 652 14.68 -41.07 1.39
CA GLY B 652 13.71 -41.85 2.13
C GLY B 652 12.89 -42.78 1.29
N ALA B 653 12.85 -42.59 -0.01
CA ALA B 653 12.05 -43.44 -0.87
C ALA B 653 12.93 -44.48 -1.55
N GLU B 654 12.50 -45.73 -1.50
CA GLU B 654 13.14 -46.76 -2.29
C GLU B 654 12.82 -46.54 -3.76
N HIS B 655 13.80 -46.79 -4.61
CA HIS B 655 13.58 -46.77 -6.05
C HIS B 655 13.03 -48.12 -6.48
N VAL B 656 12.04 -48.12 -7.36
CA VAL B 656 11.42 -49.33 -7.84
C VAL B 656 11.53 -49.38 -9.35
N ASN B 657 11.97 -50.53 -9.87
CA ASN B 657 12.01 -50.70 -11.32
C ASN B 657 10.62 -50.78 -11.92
N ASN B 658 9.68 -51.46 -11.26
CA ASN B 658 8.34 -51.62 -11.80
C ASN B 658 7.63 -50.29 -11.84
N SER B 659 6.64 -50.18 -12.72
CA SER B 659 5.89 -48.94 -12.90
C SER B 659 4.46 -49.10 -12.38
N TYR B 660 3.92 -48.01 -11.85
CA TYR B 660 2.53 -47.96 -11.41
C TYR B 660 1.94 -46.63 -11.87
N GLU B 661 0.65 -46.44 -11.62
CA GLU B 661 0.03 -45.15 -11.85
C GLU B 661 0.54 -44.15 -10.82
N CYS B 662 0.42 -42.86 -11.14
CA CYS B 662 0.94 -41.84 -10.24
C CYS B 662 0.05 -41.69 -9.03
N ASP B 663 0.66 -41.51 -7.87
CA ASP B 663 -0.11 -41.30 -6.65
C ASP B 663 0.21 -39.94 -6.05
N ILE B 664 1.48 -39.66 -5.83
CA ILE B 664 1.95 -38.34 -5.42
C ILE B 664 2.93 -37.85 -6.48
N PRO B 665 2.57 -36.87 -7.29
CA PRO B 665 3.51 -36.39 -8.30
C PRO B 665 4.77 -35.83 -7.67
N ILE B 666 5.89 -36.03 -8.36
CA ILE B 666 7.22 -35.69 -7.84
C ILE B 666 7.90 -34.67 -8.72
N GLY B 667 8.02 -34.97 -10.00
CA GLY B 667 8.78 -34.14 -10.93
C GLY B 667 9.50 -35.06 -11.90
N ALA B 668 9.55 -34.63 -13.16
CA ALA B 668 10.23 -35.38 -14.21
C ALA B 668 9.73 -36.82 -14.29
N GLY B 669 8.43 -37.02 -14.11
CA GLY B 669 7.84 -38.32 -14.31
C GLY B 669 8.00 -39.31 -13.18
N ILE B 670 8.51 -38.87 -12.03
CA ILE B 670 8.62 -39.73 -10.85
C ILE B 670 7.36 -39.56 -10.01
N CYS B 671 6.85 -40.65 -9.45
CA CYS B 671 5.71 -40.60 -8.55
C CYS B 671 5.92 -41.55 -7.39
N ALA B 672 5.49 -41.10 -6.21
CA ALA B 672 5.74 -41.81 -4.96
C ALA B 672 4.42 -42.24 -4.34
N SER B 673 4.42 -43.43 -3.75
CA SER B 673 3.23 -44.00 -3.13
C SER B 673 3.66 -44.96 -2.05
N TYR B 674 2.70 -45.34 -1.21
CA TYR B 674 2.97 -46.16 -0.04
C TYR B 674 2.44 -47.56 -0.34
N GLN B 675 3.35 -48.52 -0.50
CA GLN B 675 2.98 -49.88 -0.89
C GLN B 675 3.73 -50.88 -0.03
N THR B 676 3.22 -52.11 -0.04
CA THR B 676 3.85 -53.21 0.69
C THR B 676 5.14 -53.66 0.02
N SER B 689 6.63 -54.38 6.35
CA SER B 689 6.49 -54.82 4.97
C SER B 689 6.36 -53.63 4.03
N GLN B 690 5.63 -52.62 4.48
CA GLN B 690 5.34 -51.45 3.65
C GLN B 690 6.44 -50.39 3.82
N SER B 691 6.54 -49.52 2.81
CA SER B 691 7.46 -48.40 2.82
C SER B 691 7.07 -47.46 1.69
N ILE B 692 7.79 -46.34 1.63
CA ILE B 692 7.54 -45.34 0.59
C ILE B 692 8.39 -45.65 -0.63
N ILE B 693 7.74 -45.85 -1.77
CA ILE B 693 8.45 -46.19 -3.00
C ILE B 693 8.26 -45.06 -4.00
N ALA B 694 9.25 -44.88 -4.87
CA ALA B 694 9.20 -43.92 -5.96
C ALA B 694 9.56 -44.65 -7.24
N TYR B 695 8.98 -44.22 -8.35
CA TYR B 695 9.15 -45.00 -9.58
C TYR B 695 8.83 -44.12 -10.77
N THR B 696 9.25 -44.58 -11.94
CA THR B 696 8.83 -43.95 -13.18
C THR B 696 7.34 -44.13 -13.31
N MET B 697 6.61 -43.03 -13.37
CA MET B 697 5.16 -43.15 -13.33
C MET B 697 4.67 -43.79 -14.62
N SER B 698 3.83 -44.80 -14.48
CA SER B 698 3.31 -45.45 -15.66
C SER B 698 2.18 -44.63 -16.24
N LEU B 699 2.32 -44.28 -17.50
CA LEU B 699 1.21 -43.86 -18.34
C LEU B 699 0.10 -44.89 -18.45
N GLY B 700 0.30 -46.10 -17.96
CA GLY B 700 -0.71 -47.13 -18.02
C GLY B 700 -0.25 -48.33 -18.83
N ALA B 701 -1.16 -49.29 -18.92
CA ALA B 701 -0.87 -50.51 -19.67
C ALA B 701 -0.74 -50.20 -21.14
N GLU B 702 0.38 -50.64 -21.73
CA GLU B 702 0.54 -50.56 -23.17
C GLU B 702 -0.43 -51.48 -23.87
N ASN B 703 -0.82 -51.09 -25.08
CA ASN B 703 -1.63 -51.94 -25.94
C ASN B 703 -1.06 -51.89 -27.34
N SER B 704 -1.38 -52.91 -28.14
CA SER B 704 -1.03 -52.91 -29.55
C SER B 704 -2.29 -53.26 -30.33
N VAL B 705 -2.37 -52.75 -31.55
CA VAL B 705 -3.58 -52.86 -32.34
C VAL B 705 -3.26 -53.66 -33.59
N ALA B 706 -4.03 -54.71 -33.84
CA ALA B 706 -3.76 -55.63 -34.95
C ALA B 706 -4.28 -55.04 -36.25
N TYR B 707 -3.66 -53.92 -36.64
CA TYR B 707 -3.99 -53.32 -37.93
C TYR B 707 -3.66 -54.29 -39.06
N SER B 708 -4.52 -54.31 -40.07
CA SER B 708 -4.21 -55.01 -41.31
C SER B 708 -5.10 -54.45 -42.39
N ASN B 709 -4.84 -54.89 -43.61
CA ASN B 709 -5.62 -54.42 -44.75
C ASN B 709 -7.05 -54.91 -44.76
N ASN B 710 -7.30 -56.09 -44.24
CA ASN B 710 -8.58 -56.75 -44.48
C ASN B 710 -9.16 -57.34 -43.21
N SER B 711 -8.99 -56.67 -42.08
CA SER B 711 -9.56 -57.14 -40.83
C SER B 711 -10.36 -56.03 -40.20
N ILE B 712 -11.56 -56.36 -39.71
CA ILE B 712 -12.46 -55.38 -39.10
C ILE B 712 -12.83 -55.86 -37.70
N ALA B 713 -12.91 -54.92 -36.76
CA ALA B 713 -13.21 -55.23 -35.37
C ALA B 713 -14.53 -54.59 -34.98
N ILE B 714 -15.60 -55.39 -34.97
CA ILE B 714 -16.94 -54.90 -34.70
C ILE B 714 -17.46 -55.45 -33.38
N PRO B 715 -17.89 -54.60 -32.46
CA PRO B 715 -18.41 -55.11 -31.18
C PRO B 715 -19.68 -55.91 -31.37
N THR B 716 -19.87 -56.91 -30.51
CA THR B 716 -21.07 -57.72 -30.53
C THR B 716 -21.94 -57.53 -29.30
N ASN B 717 -21.45 -56.82 -28.29
CA ASN B 717 -22.23 -56.52 -27.10
C ASN B 717 -21.83 -55.15 -26.60
N PHE B 718 -22.66 -54.61 -25.72
CA PHE B 718 -22.49 -53.24 -25.30
C PHE B 718 -22.71 -53.13 -23.79
N THR B 719 -22.46 -51.95 -23.27
CA THR B 719 -22.80 -51.61 -21.91
C THR B 719 -23.38 -50.21 -21.88
N ILE B 720 -24.36 -49.99 -21.01
CA ILE B 720 -24.84 -48.66 -20.67
C ILE B 720 -24.25 -48.28 -19.34
N SER B 721 -23.26 -47.40 -19.34
CA SER B 721 -22.63 -47.01 -18.10
C SER B 721 -23.25 -45.72 -17.64
N VAL B 722 -22.91 -45.32 -16.42
CA VAL B 722 -23.28 -44.02 -15.87
C VAL B 722 -22.07 -43.43 -15.18
N THR B 723 -21.65 -42.28 -15.63
CA THR B 723 -20.47 -41.63 -15.07
C THR B 723 -20.88 -40.31 -14.45
N THR B 724 -20.10 -39.87 -13.48
CA THR B 724 -20.41 -38.67 -12.73
C THR B 724 -19.50 -37.55 -13.19
N GLU B 725 -20.09 -36.40 -13.48
CA GLU B 725 -19.34 -35.21 -13.84
C GLU B 725 -19.77 -34.07 -12.93
N ILE B 726 -18.81 -33.46 -12.26
CA ILE B 726 -19.09 -32.52 -11.19
C ILE B 726 -18.47 -31.18 -11.54
N LEU B 727 -19.27 -30.12 -11.47
CA LEU B 727 -18.86 -28.79 -11.86
C LEU B 727 -19.26 -27.80 -10.79
N PRO B 728 -18.35 -26.97 -10.31
CA PRO B 728 -18.76 -25.85 -9.48
C PRO B 728 -19.60 -24.91 -10.31
N VAL B 729 -20.54 -24.24 -9.65
CA VAL B 729 -21.44 -23.31 -10.30
C VAL B 729 -21.37 -21.92 -9.70
N SER B 730 -21.40 -21.81 -8.39
CA SER B 730 -21.42 -20.51 -7.75
C SER B 730 -20.49 -20.50 -6.56
N MET B 731 -19.99 -19.32 -6.26
CA MET B 731 -19.15 -19.10 -5.09
C MET B 731 -20.06 -18.67 -3.93
N THR B 732 -19.51 -18.76 -2.72
CA THR B 732 -20.21 -18.20 -1.58
C THR B 732 -20.25 -16.68 -1.70
N LYS B 733 -21.45 -16.12 -1.68
CA LYS B 733 -21.63 -14.70 -1.97
C LYS B 733 -21.13 -13.87 -0.80
N THR B 734 -19.80 -13.77 -0.72
CA THR B 734 -19.19 -13.01 0.35
C THR B 734 -19.43 -11.53 0.15
N SER B 735 -19.63 -10.82 1.25
CA SER B 735 -19.73 -9.37 1.23
C SER B 735 -18.90 -8.81 2.37
N VAL B 736 -18.25 -7.68 2.14
CA VAL B 736 -17.33 -7.07 3.09
C VAL B 736 -17.68 -5.61 3.24
N ASP B 737 -17.67 -5.11 4.47
CA ASP B 737 -17.81 -3.68 4.72
C ASP B 737 -16.43 -3.05 4.81
N CYS B 738 -16.18 -2.06 3.97
CA CYS B 738 -14.85 -1.48 3.92
C CYS B 738 -14.49 -0.81 5.24
N THR B 739 -15.34 0.09 5.75
CA THR B 739 -14.91 0.94 6.85
C THR B 739 -14.78 0.16 8.16
N MET B 740 -15.74 -0.71 8.46
CA MET B 740 -15.70 -1.33 9.78
C MET B 740 -14.69 -2.45 9.83
N TYR B 741 -14.41 -3.08 8.68
CA TYR B 741 -13.28 -3.99 8.60
C TYR B 741 -11.99 -3.26 8.94
N ILE B 742 -11.83 -2.06 8.41
CA ILE B 742 -10.58 -1.33 8.56
C ILE B 742 -10.59 -0.50 9.83
N CYS B 743 -11.70 0.17 10.10
CA CYS B 743 -11.73 1.11 11.21
C CYS B 743 -12.98 0.91 12.05
N GLY B 744 -13.33 -0.34 12.36
CA GLY B 744 -14.59 -0.63 13.02
C GLY B 744 -14.73 0.14 14.32
N ASP B 745 -15.85 0.83 14.49
CA ASP B 745 -16.13 1.63 15.68
C ASP B 745 -14.98 2.57 15.99
N SER B 746 -14.73 3.50 15.08
CA SER B 746 -13.66 4.46 15.26
C SER B 746 -13.91 5.64 14.33
N THR B 747 -14.28 6.78 14.90
CA THR B 747 -14.36 8.00 14.10
C THR B 747 -12.97 8.46 13.67
N GLU B 748 -11.99 8.40 14.58
CA GLU B 748 -10.66 8.88 14.26
C GLU B 748 -10.05 8.11 13.10
N CYS B 749 -10.44 6.85 12.92
CA CYS B 749 -9.87 6.05 11.85
C CYS B 749 -10.65 6.22 10.55
N SER B 750 -11.96 6.40 10.64
CA SER B 750 -12.76 6.55 9.43
C SER B 750 -12.40 7.83 8.69
N ASN B 751 -12.12 8.91 9.42
CA ASN B 751 -11.68 10.13 8.77
C ASN B 751 -10.39 9.91 7.97
N LEU B 752 -9.40 9.29 8.59
CA LEU B 752 -8.14 9.05 7.90
C LEU B 752 -8.35 8.17 6.67
N LEU B 753 -9.33 7.27 6.71
CA LEU B 753 -9.61 6.47 5.53
C LEU B 753 -10.18 7.33 4.41
N LEU B 754 -10.86 8.41 4.75
CA LEU B 754 -11.50 9.21 3.72
C LEU B 754 -10.49 9.91 2.83
N GLN B 755 -9.30 10.22 3.33
CA GLN B 755 -8.27 10.81 2.50
C GLN B 755 -7.77 9.86 1.42
N TYR B 756 -8.09 8.58 1.50
CA TYR B 756 -7.76 7.63 0.46
C TYR B 756 -8.83 7.52 -0.61
N GLY B 757 -9.70 8.52 -0.69
CA GLY B 757 -10.63 8.61 -1.79
C GLY B 757 -11.56 7.42 -1.87
N SER B 758 -11.84 7.00 -3.09
CA SER B 758 -12.85 6.00 -3.39
C SER B 758 -12.34 4.57 -3.32
N PHE B 759 -11.26 4.30 -2.58
CA PHE B 759 -10.75 2.94 -2.56
C PHE B 759 -11.80 1.93 -2.14
N CYS B 760 -12.46 2.14 -0.99
CA CYS B 760 -13.31 1.08 -0.48
C CYS B 760 -14.61 1.03 -1.26
N THR B 761 -15.12 2.19 -1.69
CA THR B 761 -16.30 2.17 -2.55
C THR B 761 -16.05 1.34 -3.79
N GLN B 762 -14.80 1.34 -4.28
CA GLN B 762 -14.45 0.43 -5.36
C GLN B 762 -14.49 -1.02 -4.91
N LEU B 763 -13.79 -1.34 -3.82
CA LEU B 763 -13.77 -2.72 -3.35
C LEU B 763 -15.18 -3.22 -3.08
N ASN B 764 -15.94 -2.48 -2.29
CA ASN B 764 -17.29 -2.90 -1.97
C ASN B 764 -18.12 -3.07 -3.24
N ARG B 765 -17.82 -2.28 -4.26
CA ARG B 765 -18.51 -2.46 -5.53
C ARG B 765 -18.12 -3.75 -6.21
N ALA B 766 -16.82 -4.04 -6.27
CA ALA B 766 -16.37 -5.22 -7.01
C ALA B 766 -16.95 -6.49 -6.42
N LEU B 767 -16.90 -6.63 -5.10
CA LEU B 767 -17.50 -7.80 -4.46
C LEU B 767 -18.99 -7.85 -4.70
N THR B 768 -19.65 -6.70 -4.77
CA THR B 768 -21.06 -6.67 -5.14
C THR B 768 -21.24 -7.20 -6.55
N GLY B 769 -20.34 -6.83 -7.46
CA GLY B 769 -20.43 -7.33 -8.82
C GLY B 769 -20.30 -8.84 -8.88
N ILE B 770 -19.40 -9.40 -8.08
CA ILE B 770 -19.30 -10.85 -7.98
C ILE B 770 -20.60 -11.42 -7.44
N ALA B 771 -21.14 -10.79 -6.39
CA ALA B 771 -22.31 -11.34 -5.71
C ALA B 771 -23.47 -11.50 -6.67
N VAL B 772 -23.75 -10.48 -7.48
CA VAL B 772 -24.86 -10.57 -8.41
C VAL B 772 -24.59 -11.64 -9.45
N GLU B 773 -23.36 -11.69 -9.96
CA GLU B 773 -23.03 -12.65 -11.00
C GLU B 773 -23.28 -14.08 -10.53
N GLN B 774 -23.09 -14.33 -9.24
CA GLN B 774 -23.32 -15.68 -8.72
C GLN B 774 -24.75 -16.13 -8.94
N ASP B 775 -25.71 -15.27 -8.63
CA ASP B 775 -27.11 -15.61 -8.85
C ASP B 775 -27.41 -15.73 -10.33
N LYS B 776 -26.74 -14.92 -11.15
CA LYS B 776 -26.86 -15.07 -12.59
C LYS B 776 -26.32 -16.42 -13.04
N ASN B 777 -25.21 -16.85 -12.45
CA ASN B 777 -24.68 -18.17 -12.77
C ASN B 777 -25.72 -19.24 -12.50
N THR B 778 -26.27 -19.24 -11.29
CA THR B 778 -27.26 -20.25 -10.93
C THR B 778 -28.50 -20.14 -11.79
N GLN B 779 -28.85 -18.91 -12.17
CA GLN B 779 -30.03 -18.70 -13.01
C GLN B 779 -29.83 -19.35 -14.36
N GLU B 780 -28.64 -19.22 -14.94
CA GLU B 780 -28.37 -19.75 -16.28
C GLU B 780 -28.19 -21.25 -16.26
N VAL B 781 -27.56 -21.79 -15.21
CA VAL B 781 -27.30 -23.22 -15.19
C VAL B 781 -28.58 -24.01 -15.08
N PHE B 782 -29.46 -23.63 -14.15
CA PHE B 782 -30.66 -24.41 -13.85
C PHE B 782 -31.90 -23.89 -14.55
N ALA B 783 -32.17 -22.60 -14.50
CA ALA B 783 -33.46 -22.07 -14.93
C ALA B 783 -33.52 -21.96 -16.46
N GLN B 784 -33.24 -23.08 -17.10
CA GLN B 784 -33.26 -23.16 -18.54
C GLN B 784 -34.63 -23.52 -19.07
N VAL B 785 -35.58 -23.82 -18.19
CA VAL B 785 -36.90 -24.31 -18.58
C VAL B 785 -37.93 -23.33 -18.05
N LYS B 786 -38.96 -23.07 -18.85
CA LYS B 786 -39.95 -22.07 -18.48
C LYS B 786 -40.92 -22.56 -17.43
N GLN B 787 -41.51 -23.73 -17.62
CA GLN B 787 -42.55 -24.24 -16.75
C GLN B 787 -42.02 -25.38 -15.89
N ILE B 788 -42.39 -25.34 -14.60
CA ILE B 788 -41.99 -26.37 -13.65
C ILE B 788 -42.86 -27.59 -13.89
N TYR B 789 -42.27 -28.62 -14.47
CA TYR B 789 -42.99 -29.83 -14.81
C TYR B 789 -43.08 -30.76 -13.61
N LYS B 790 -43.96 -31.74 -13.69
CA LYS B 790 -44.06 -32.77 -12.67
C LYS B 790 -44.33 -34.12 -13.32
N THR B 791 -43.69 -35.14 -12.80
CA THR B 791 -43.91 -36.49 -13.28
C THR B 791 -45.25 -37.01 -12.81
N PRO B 792 -45.94 -37.79 -13.62
CA PRO B 792 -47.19 -38.40 -13.19
C PRO B 792 -46.92 -39.50 -12.19
N PRO B 793 -47.92 -39.88 -11.38
CA PRO B 793 -47.70 -40.97 -10.43
C PRO B 793 -47.32 -42.28 -11.08
N ILE B 794 -47.77 -42.52 -12.32
CA ILE B 794 -47.42 -43.74 -13.04
C ILE B 794 -45.92 -43.71 -13.32
N LYS B 795 -45.22 -44.75 -12.88
CA LYS B 795 -43.79 -44.89 -13.12
C LYS B 795 -43.50 -45.98 -14.16
N ASP B 796 -44.46 -46.25 -15.04
CA ASP B 796 -44.30 -47.30 -16.04
C ASP B 796 -43.36 -46.80 -17.13
N PHE B 797 -42.07 -46.82 -16.82
CA PHE B 797 -41.02 -46.41 -17.75
C PHE B 797 -40.39 -47.60 -18.45
N GLY B 798 -41.18 -48.63 -18.75
CA GLY B 798 -40.65 -49.79 -19.44
C GLY B 798 -39.54 -50.50 -18.71
N GLY B 799 -39.49 -50.41 -17.38
CA GLY B 799 -38.46 -51.05 -16.59
C GLY B 799 -37.39 -50.13 -16.08
N PHE B 800 -37.27 -48.94 -16.63
CA PHE B 800 -36.27 -47.99 -16.17
C PHE B 800 -36.69 -47.48 -14.80
N ASN B 801 -35.79 -47.54 -13.83
CA ASN B 801 -36.12 -47.15 -12.46
C ASN B 801 -35.39 -45.86 -12.12
N PHE B 802 -36.12 -44.76 -12.06
CA PHE B 802 -35.56 -43.47 -11.71
C PHE B 802 -35.70 -43.13 -10.24
N SER B 803 -36.43 -43.97 -9.47
CA SER B 803 -36.91 -43.56 -8.15
C SER B 803 -35.82 -43.03 -7.25
N GLN B 804 -34.56 -43.27 -7.60
CA GLN B 804 -33.46 -42.77 -6.80
C GLN B 804 -33.05 -41.37 -7.21
N ILE B 805 -33.38 -40.93 -8.42
CA ILE B 805 -33.08 -39.58 -8.87
C ILE B 805 -34.30 -38.68 -8.91
N LEU B 806 -35.51 -39.21 -8.98
CA LEU B 806 -36.67 -38.34 -8.85
C LEU B 806 -36.78 -37.85 -7.42
N PRO B 807 -37.42 -36.71 -7.20
CA PRO B 807 -37.55 -36.21 -5.83
C PRO B 807 -38.33 -37.19 -4.97
N ASP B 808 -37.95 -37.26 -3.70
CA ASP B 808 -38.64 -38.11 -2.74
C ASP B 808 -39.75 -37.29 -2.12
N PRO B 809 -41.02 -37.59 -2.41
CA PRO B 809 -42.11 -36.78 -1.86
C PRO B 809 -42.20 -36.83 -0.35
N SER B 810 -41.60 -37.83 0.30
CA SER B 810 -41.80 -38.04 1.72
C SER B 810 -40.86 -37.23 2.61
N LYS B 811 -40.00 -36.39 2.03
CA LYS B 811 -39.08 -35.61 2.85
C LYS B 811 -39.52 -34.15 2.93
N SER B 813 -37.78 -31.37 2.45
CA SER B 813 -37.27 -30.87 1.18
C SER B 813 -37.37 -31.95 0.11
N LYS B 814 -38.13 -31.67 -0.95
CA LYS B 814 -38.43 -32.68 -1.96
C LYS B 814 -37.18 -32.94 -2.80
N ARG B 815 -36.23 -33.65 -2.20
CA ARG B 815 -34.95 -33.92 -2.82
C ARG B 815 -34.79 -35.41 -3.07
N SER B 816 -34.10 -35.75 -4.15
CA SER B 816 -33.92 -37.13 -4.52
C SER B 816 -32.96 -37.82 -3.55
N PHE B 817 -32.99 -39.15 -3.55
CA PHE B 817 -32.08 -39.89 -2.68
C PHE B 817 -30.64 -39.52 -2.98
N ILE B 818 -30.24 -39.63 -4.25
CA ILE B 818 -28.85 -39.37 -4.61
C ILE B 818 -28.48 -37.93 -4.32
N GLU B 819 -29.46 -37.03 -4.36
CA GLU B 819 -29.18 -35.65 -4.02
C GLU B 819 -28.74 -35.52 -2.57
N ASP B 820 -29.39 -36.25 -1.66
CA ASP B 820 -29.10 -36.11 -0.24
C ASP B 820 -27.65 -36.46 0.07
N LEU B 821 -27.17 -37.59 -0.48
CA LEU B 821 -25.77 -37.95 -0.26
C LEU B 821 -24.85 -36.81 -0.66
N LEU B 822 -25.14 -36.19 -1.80
CA LEU B 822 -24.32 -35.08 -2.27
C LEU B 822 -24.29 -33.95 -1.26
N PHE B 823 -25.47 -33.62 -0.70
CA PHE B 823 -25.50 -32.57 0.31
C PHE B 823 -24.72 -32.98 1.55
N ASN B 824 -24.65 -34.27 1.83
CA ASN B 824 -24.05 -34.73 3.08
C ASN B 824 -22.56 -34.98 2.98
N LYS B 825 -21.98 -35.06 1.79
CA LYS B 825 -20.55 -35.27 1.63
C LYS B 825 -19.78 -33.97 1.58
N VAL B 826 -20.45 -32.83 1.74
CA VAL B 826 -19.83 -31.51 1.59
C VAL B 826 -19.99 -30.75 2.89
N THR B 827 -18.93 -30.08 3.30
CA THR B 827 -18.96 -29.26 4.51
C THR B 827 -19.19 -27.80 4.16
N LYS B 854 -16.11 -12.68 11.30
CA LYS B 854 -17.48 -12.91 11.73
C LYS B 854 -18.12 -11.60 12.20
N PHE B 855 -17.54 -11.00 13.24
CA PHE B 855 -17.92 -9.68 13.71
C PHE B 855 -17.04 -8.60 13.12
N ASN B 856 -16.26 -8.94 12.10
CA ASN B 856 -15.40 -7.98 11.42
C ASN B 856 -15.88 -7.68 10.01
N GLY B 857 -17.19 -7.57 9.83
CA GLY B 857 -17.77 -7.17 8.57
C GLY B 857 -17.87 -8.28 7.54
N LEU B 858 -17.31 -9.44 7.82
CA LEU B 858 -17.32 -10.54 6.88
C LEU B 858 -18.68 -11.22 6.98
N THR B 859 -19.60 -10.83 6.10
CA THR B 859 -20.93 -11.41 6.07
C THR B 859 -21.07 -12.26 4.83
N VAL B 860 -22.13 -13.06 4.81
CA VAL B 860 -22.45 -13.92 3.68
C VAL B 860 -23.84 -13.58 3.21
N LEU B 861 -23.96 -13.27 1.99
CA LEU B 861 -25.35 -13.06 1.64
C LEU B 861 -25.97 -14.38 1.20
N PRO B 862 -27.22 -14.63 1.56
CA PRO B 862 -27.88 -15.85 1.13
C PRO B 862 -28.15 -15.81 -0.37
N PRO B 863 -28.13 -16.97 -1.03
CA PRO B 863 -28.38 -16.98 -2.47
C PRO B 863 -29.81 -16.67 -2.80
N LEU B 864 -30.04 -16.16 -4.01
CA LEU B 864 -31.40 -15.85 -4.41
C LEU B 864 -32.24 -17.12 -4.51
N LEU B 865 -31.78 -18.11 -5.25
CA LEU B 865 -32.49 -19.37 -5.39
C LEU B 865 -32.02 -20.29 -4.27
N THR B 866 -32.92 -20.65 -3.36
CA THR B 866 -32.51 -21.50 -2.26
C THR B 866 -32.50 -22.96 -2.69
N ASP B 867 -31.93 -23.79 -1.83
CA ASP B 867 -31.69 -25.18 -2.20
C ASP B 867 -32.99 -25.90 -2.48
N GLU B 868 -34.04 -25.61 -1.72
CA GLU B 868 -35.33 -26.18 -2.05
C GLU B 868 -35.80 -25.67 -3.42
N MET B 869 -35.55 -24.39 -3.70
CA MET B 869 -35.94 -23.85 -4.99
C MET B 869 -35.23 -24.59 -6.11
N ILE B 870 -33.92 -24.77 -5.98
CA ILE B 870 -33.14 -25.44 -7.00
C ILE B 870 -33.71 -26.82 -7.29
N ALA B 871 -34.04 -27.57 -6.25
CA ALA B 871 -34.51 -28.94 -6.42
C ALA B 871 -35.78 -28.98 -7.26
N GLN B 872 -36.56 -27.91 -7.26
CA GLN B 872 -37.73 -27.89 -8.14
C GLN B 872 -37.31 -27.82 -9.60
N TYR B 873 -36.37 -26.94 -9.93
CA TYR B 873 -35.86 -26.92 -11.29
C TYR B 873 -35.36 -28.29 -11.70
N THR B 874 -34.45 -28.86 -10.91
CA THR B 874 -33.84 -30.13 -11.25
C THR B 874 -34.84 -31.26 -11.21
N SER B 875 -36.01 -31.03 -10.61
CA SER B 875 -37.11 -31.96 -10.81
C SER B 875 -37.71 -31.80 -12.19
N ALA B 876 -37.92 -30.56 -12.61
CA ALA B 876 -38.53 -30.32 -13.92
C ALA B 876 -37.63 -30.84 -15.03
N LEU B 877 -36.38 -30.40 -15.05
CA LEU B 877 -35.46 -30.83 -16.09
C LEU B 877 -35.41 -32.35 -16.17
N LEU B 878 -35.45 -33.01 -15.02
CA LEU B 878 -35.58 -34.46 -15.02
C LEU B 878 -36.99 -34.87 -15.43
N ALA B 879 -38.00 -34.09 -15.08
CA ALA B 879 -39.36 -34.45 -15.44
C ALA B 879 -39.58 -34.30 -16.94
N GLY B 880 -39.05 -33.24 -17.52
CA GLY B 880 -39.14 -33.09 -18.96
C GLY B 880 -38.29 -34.10 -19.70
N THR B 881 -37.12 -34.44 -19.13
CA THR B 881 -36.21 -35.36 -19.79
C THR B 881 -36.80 -36.75 -19.92
N ILE B 882 -37.55 -37.20 -18.92
CA ILE B 882 -38.00 -38.58 -18.94
C ILE B 882 -39.30 -38.71 -19.73
N THR B 883 -40.21 -37.76 -19.58
CA THR B 883 -41.49 -37.85 -20.27
C THR B 883 -41.46 -37.23 -21.66
N SER B 884 -40.67 -36.18 -21.88
CA SER B 884 -40.79 -35.40 -23.09
C SER B 884 -39.57 -35.48 -24.00
N GLY B 885 -38.45 -35.99 -23.52
CA GLY B 885 -37.26 -36.04 -24.35
C GLY B 885 -36.61 -34.68 -24.45
N TRP B 886 -36.01 -34.41 -25.60
CA TRP B 886 -35.35 -33.14 -25.86
C TRP B 886 -36.32 -32.04 -26.17
N THR B 887 -37.55 -32.37 -26.52
CA THR B 887 -38.44 -31.38 -27.12
C THR B 887 -38.80 -30.26 -26.16
N PHE B 888 -38.80 -30.52 -24.85
CA PHE B 888 -39.23 -29.48 -23.94
C PHE B 888 -38.25 -28.31 -23.92
N GLY B 889 -37.08 -28.46 -24.49
CA GLY B 889 -36.16 -27.34 -24.61
C GLY B 889 -36.47 -26.46 -25.80
N ALA B 890 -36.89 -27.08 -26.89
CA ALA B 890 -37.04 -26.36 -28.15
C ALA B 890 -38.43 -25.73 -28.27
N GLY B 891 -39.38 -26.14 -27.44
CA GLY B 891 -40.73 -25.68 -27.63
C GLY B 891 -41.72 -26.18 -26.59
N ALA B 892 -42.87 -26.66 -27.06
CA ALA B 892 -43.84 -27.25 -26.15
C ALA B 892 -43.44 -28.68 -25.82
N ALA B 893 -43.39 -28.97 -24.52
CA ALA B 893 -42.97 -30.28 -24.04
C ALA B 893 -43.94 -31.33 -24.53
N LEU B 894 -43.43 -32.32 -25.26
CA LEU B 894 -44.25 -33.38 -25.81
C LEU B 894 -43.97 -34.68 -25.07
N GLN B 895 -44.97 -35.17 -24.36
CA GLN B 895 -44.82 -36.45 -23.67
C GLN B 895 -44.49 -37.56 -24.67
N ILE B 896 -43.45 -38.32 -24.35
CA ILE B 896 -43.01 -39.43 -25.19
C ILE B 896 -42.91 -40.67 -24.29
N PRO B 897 -43.43 -41.82 -24.69
CA PRO B 897 -43.19 -43.03 -23.91
C PRO B 897 -41.70 -43.27 -23.81
N PHE B 898 -41.22 -43.60 -22.62
CA PHE B 898 -39.77 -43.64 -22.42
C PHE B 898 -39.12 -44.72 -23.27
N ALA B 899 -39.77 -45.87 -23.39
CA ALA B 899 -39.22 -46.91 -24.25
C ALA B 899 -39.06 -46.38 -25.68
N MET B 900 -39.92 -45.43 -26.07
CA MET B 900 -39.70 -44.78 -27.36
C MET B 900 -38.41 -43.99 -27.33
N GLN B 901 -38.21 -43.19 -26.28
CA GLN B 901 -37.20 -42.14 -26.34
C GLN B 901 -35.80 -42.71 -26.51
N MET B 902 -35.45 -43.77 -25.79
CA MET B 902 -34.17 -44.42 -26.04
C MET B 902 -34.00 -44.72 -27.52
N ALA B 903 -35.04 -45.26 -28.14
CA ALA B 903 -34.92 -45.69 -29.53
C ALA B 903 -34.66 -44.50 -30.44
N TYR B 904 -34.95 -43.29 -29.97
CA TYR B 904 -34.40 -42.12 -30.65
C TYR B 904 -32.94 -41.92 -30.30
N ARG B 905 -32.60 -41.99 -29.01
CA ARG B 905 -31.21 -41.76 -28.62
C ARG B 905 -30.28 -42.79 -29.26
N PHE B 906 -30.66 -44.07 -29.25
CA PHE B 906 -29.87 -45.04 -30.00
C PHE B 906 -29.86 -44.71 -31.48
N ASN B 907 -30.97 -44.22 -32.02
CA ASN B 907 -30.95 -43.76 -33.40
C ASN B 907 -30.04 -42.55 -33.54
N GLY B 908 -29.69 -41.91 -32.43
CA GLY B 908 -28.84 -40.73 -32.46
C GLY B 908 -27.36 -41.01 -32.45
N ILE B 909 -26.94 -42.23 -32.14
CA ILE B 909 -25.53 -42.61 -32.18
C ILE B 909 -25.27 -43.70 -33.19
N GLY B 910 -26.04 -43.76 -34.27
CA GLY B 910 -25.84 -44.77 -35.28
C GLY B 910 -26.11 -46.17 -34.83
N VAL B 911 -27.08 -46.38 -33.95
CA VAL B 911 -27.53 -47.70 -33.55
C VAL B 911 -28.99 -47.83 -33.93
N THR B 912 -29.32 -48.85 -34.72
CA THR B 912 -30.67 -49.00 -35.21
C THR B 912 -31.64 -49.14 -34.04
N GLN B 913 -32.89 -48.71 -34.26
CA GLN B 913 -33.89 -48.81 -33.20
C GLN B 913 -33.97 -50.21 -32.62
N ASN B 914 -34.04 -51.22 -33.48
CA ASN B 914 -34.39 -52.57 -33.04
C ASN B 914 -33.37 -53.16 -32.09
N VAL B 915 -32.24 -52.48 -31.87
CA VAL B 915 -31.34 -52.91 -30.79
C VAL B 915 -32.00 -52.73 -29.43
N LEU B 916 -32.62 -51.58 -29.20
CA LEU B 916 -33.27 -51.33 -27.92
C LEU B 916 -34.34 -52.36 -27.60
N TYR B 917 -35.41 -52.39 -28.38
CA TYR B 917 -36.59 -53.14 -27.98
C TYR B 917 -36.27 -54.62 -27.86
N GLU B 918 -35.45 -55.14 -28.76
CA GLU B 918 -35.02 -56.52 -28.63
C GLU B 918 -34.15 -56.73 -27.40
N ASN B 919 -33.58 -55.66 -26.85
CA ASN B 919 -32.80 -55.73 -25.63
C ASN B 919 -33.35 -54.81 -24.54
N GLN B 920 -34.66 -54.55 -24.56
CA GLN B 920 -35.22 -53.60 -23.61
C GLN B 920 -35.00 -54.07 -22.18
N LYS B 921 -35.25 -55.34 -21.92
CA LYS B 921 -35.15 -55.85 -20.56
C LYS B 921 -33.73 -55.76 -20.03
N LEU B 922 -32.74 -56.21 -20.81
CA LEU B 922 -31.36 -56.16 -20.37
C LEU B 922 -30.92 -54.73 -20.09
N ILE B 923 -31.19 -53.82 -21.02
CA ILE B 923 -30.72 -52.45 -20.90
C ILE B 923 -31.32 -51.80 -19.67
N ALA B 924 -32.60 -52.08 -19.42
CA ALA B 924 -33.24 -51.61 -18.20
C ALA B 924 -32.44 -52.04 -16.98
N ASN B 925 -32.15 -53.33 -16.88
CA ASN B 925 -31.39 -53.82 -15.74
C ASN B 925 -30.03 -53.17 -15.65
N GLN B 926 -29.35 -53.03 -16.79
CA GLN B 926 -28.04 -52.39 -16.79
C GLN B 926 -28.16 -50.95 -16.32
N PHE B 927 -29.14 -50.22 -16.83
CA PHE B 927 -29.31 -48.84 -16.37
C PHE B 927 -29.71 -48.80 -14.91
N ASN B 928 -30.66 -49.66 -14.51
CA ASN B 928 -31.05 -49.71 -13.11
C ASN B 928 -29.86 -50.05 -12.23
N SER B 929 -29.11 -51.10 -12.59
CA SER B 929 -27.91 -51.44 -11.84
C SER B 929 -26.88 -50.32 -11.92
N ALA B 930 -26.79 -49.66 -13.08
CA ALA B 930 -25.83 -48.58 -13.22
C ALA B 930 -26.04 -47.52 -12.15
N ILE B 931 -27.29 -47.10 -11.96
CA ILE B 931 -27.58 -46.06 -10.98
C ILE B 931 -27.13 -46.48 -9.60
N GLY B 932 -27.37 -47.74 -9.25
CA GLY B 932 -27.05 -48.20 -7.90
C GLY B 932 -25.59 -48.04 -7.57
N LYS B 933 -24.71 -48.41 -8.49
CA LYS B 933 -23.28 -48.29 -8.24
C LYS B 933 -22.88 -46.83 -8.01
N ILE B 934 -23.61 -45.89 -8.60
CA ILE B 934 -23.36 -44.48 -8.32
C ILE B 934 -23.58 -44.20 -6.83
N GLN B 935 -24.64 -44.77 -6.26
CA GLN B 935 -24.91 -44.56 -4.84
C GLN B 935 -23.75 -45.08 -3.99
N ASP B 936 -23.30 -46.31 -4.27
CA ASP B 936 -22.18 -46.86 -3.53
C ASP B 936 -20.93 -46.00 -3.72
N SER B 937 -20.65 -45.62 -4.97
CA SER B 937 -19.52 -44.74 -5.22
C SER B 937 -19.65 -43.45 -4.44
N LEU B 938 -20.82 -42.82 -4.49
CA LEU B 938 -21.04 -41.60 -3.71
C LEU B 938 -21.02 -41.89 -2.22
N SER B 939 -21.67 -42.99 -1.80
CA SER B 939 -21.78 -43.26 -0.37
C SER B 939 -20.42 -43.54 0.24
N SER B 940 -19.57 -44.29 -0.46
CA SER B 940 -18.33 -44.77 0.14
C SER B 940 -17.35 -43.63 0.39
N THR B 941 -17.08 -42.81 -0.63
CA THR B 941 -15.96 -41.88 -0.57
C THR B 941 -16.43 -40.44 -0.70
N ALA B 942 -15.86 -39.58 0.11
CA ALA B 942 -16.04 -38.14 0.00
C ALA B 942 -15.03 -37.50 -0.94
N SER B 943 -14.11 -38.30 -1.49
CA SER B 943 -13.20 -37.80 -2.52
C SER B 943 -13.88 -37.69 -3.88
N ALA B 944 -15.08 -38.24 -4.02
CA ALA B 944 -15.82 -38.08 -5.27
C ALA B 944 -16.17 -36.62 -5.52
N LEU B 945 -16.42 -35.86 -4.45
CA LEU B 945 -16.85 -34.47 -4.55
C LEU B 945 -15.73 -33.50 -4.24
N GLY B 946 -14.52 -33.81 -4.69
CA GLY B 946 -13.39 -32.93 -4.42
C GLY B 946 -13.57 -31.56 -5.04
N LYS B 947 -14.06 -31.49 -6.27
CA LYS B 947 -14.14 -30.21 -6.96
C LYS B 947 -14.98 -29.20 -6.20
N LEU B 948 -16.21 -29.54 -5.85
CA LEU B 948 -17.05 -28.65 -5.08
C LEU B 948 -16.45 -28.32 -3.73
N GLN B 949 -15.91 -29.34 -3.05
CA GLN B 949 -15.24 -29.11 -1.79
C GLN B 949 -14.09 -28.14 -1.94
N ASP B 950 -13.37 -28.22 -3.06
CA ASP B 950 -12.25 -27.33 -3.29
C ASP B 950 -12.68 -25.87 -3.32
N VAL B 951 -13.83 -25.60 -3.96
CA VAL B 951 -14.32 -24.23 -4.03
C VAL B 951 -14.58 -23.67 -2.65
N VAL B 952 -15.23 -24.45 -1.79
CA VAL B 952 -15.50 -23.97 -0.43
C VAL B 952 -14.21 -23.77 0.33
N ASN B 953 -13.31 -24.74 0.28
CA ASN B 953 -12.09 -24.65 1.08
C ASN B 953 -11.26 -23.44 0.68
N GLN B 954 -11.11 -23.19 -0.62
CA GLN B 954 -10.37 -22.00 -1.04
C GLN B 954 -11.02 -20.75 -0.48
N ASN B 955 -12.35 -20.65 -0.61
CA ASN B 955 -13.05 -19.48 -0.08
C ASN B 955 -12.89 -19.39 1.43
N ALA B 956 -13.01 -20.52 2.12
CA ALA B 956 -12.79 -20.50 3.57
C ALA B 956 -11.39 -20.03 3.89
N GLN B 957 -10.38 -20.54 3.18
CA GLN B 957 -9.03 -20.07 3.41
C GLN B 957 -8.90 -18.59 3.12
N ALA B 958 -9.45 -18.15 1.99
CA ALA B 958 -9.33 -16.75 1.62
C ALA B 958 -9.85 -15.84 2.73
N LEU B 959 -11.08 -16.09 3.18
CA LEU B 959 -11.58 -15.34 4.32
C LEU B 959 -10.74 -15.60 5.56
N ASN B 960 -10.38 -16.85 5.81
CA ASN B 960 -9.57 -17.16 6.99
C ASN B 960 -8.27 -16.38 6.97
N THR B 961 -7.58 -16.37 5.84
CA THR B 961 -6.42 -15.50 5.70
C THR B 961 -6.80 -14.05 5.91
N LEU B 962 -7.92 -13.63 5.32
CA LEU B 962 -8.32 -12.24 5.42
C LEU B 962 -8.52 -11.83 6.86
N VAL B 963 -9.10 -12.71 7.67
CA VAL B 963 -9.29 -12.38 9.08
C VAL B 963 -7.97 -12.23 9.79
N LYS B 964 -7.04 -13.17 9.56
CA LYS B 964 -5.80 -13.17 10.35
C LYS B 964 -4.99 -11.90 10.13
N GLN B 965 -5.10 -11.29 8.96
CA GLN B 965 -4.32 -10.08 8.71
C GLN B 965 -4.65 -8.98 9.70
N LEU B 966 -5.80 -9.04 10.35
CA LEU B 966 -6.12 -8.07 11.38
C LEU B 966 -5.13 -8.10 12.54
N SER B 967 -4.40 -9.20 12.70
CA SER B 967 -3.48 -9.33 13.81
C SER B 967 -2.10 -8.74 13.52
N SER B 968 -1.85 -8.29 12.30
CA SER B 968 -0.50 -7.90 11.94
C SER B 968 -0.25 -6.42 12.25
N ASN B 969 0.98 -6.13 12.64
CA ASN B 969 1.35 -4.78 13.04
C ASN B 969 1.58 -3.84 11.87
N PHE B 970 2.09 -4.36 10.74
CA PHE B 970 2.40 -3.54 9.59
C PHE B 970 3.32 -2.39 9.95
N GLY B 971 4.13 -2.57 10.98
CA GLY B 971 4.97 -1.53 11.51
C GLY B 971 4.36 -0.75 12.65
N ALA B 972 3.07 -0.92 12.92
CA ALA B 972 2.45 -0.19 14.00
C ALA B 972 2.86 -0.77 15.34
N ILE B 973 2.70 0.04 16.38
CA ILE B 973 3.08 -0.40 17.72
C ILE B 973 2.11 -1.44 18.24
N SER B 974 0.94 -1.57 17.63
CA SER B 974 -0.04 -2.56 18.06
C SER B 974 -1.01 -2.81 16.93
N SER B 975 -1.54 -4.04 16.88
CA SER B 975 -2.53 -4.35 15.85
C SER B 975 -3.95 -4.22 16.36
N VAL B 976 -4.15 -3.79 17.59
CA VAL B 976 -5.47 -3.50 18.13
C VAL B 976 -5.72 -2.01 17.94
N LEU B 977 -6.67 -1.68 17.06
CA LEU B 977 -6.87 -0.29 16.71
C LEU B 977 -7.23 0.54 17.93
N ASN B 978 -8.06 0.00 18.81
CA ASN B 978 -8.49 0.75 19.99
C ASN B 978 -7.35 1.00 20.95
N ASP B 979 -6.38 0.08 21.01
CA ASP B 979 -5.23 0.31 21.88
C ASP B 979 -4.46 1.56 21.49
N ILE B 980 -4.26 1.80 20.20
CA ILE B 980 -3.58 3.00 19.78
C ILE B 980 -4.37 4.23 20.19
N LEU B 981 -5.68 4.22 19.92
CA LEU B 981 -6.51 5.38 20.19
C LEU B 981 -6.57 5.70 21.67
N SER B 982 -6.51 4.68 22.53
CA SER B 982 -6.45 4.93 23.95
C SER B 982 -5.08 5.41 24.41
N ARG B 983 -4.05 5.22 23.61
CA ARG B 983 -2.67 5.46 24.05
C ARG B 983 -2.04 6.70 23.46
N LEU B 984 -2.43 7.12 22.27
CA LEU B 984 -1.74 8.19 21.56
C LEU B 984 -2.67 9.35 21.29
N ASP B 985 -2.12 10.56 21.32
CA ASP B 985 -2.84 11.72 20.85
C ASP B 985 -2.99 11.64 19.32
N PRO B 986 -4.01 12.28 18.76
CA PRO B 986 -4.21 12.23 17.30
C PRO B 986 -3.00 12.71 16.52
N PRO B 987 -2.29 13.77 16.95
CA PRO B 987 -1.11 14.20 16.16
C PRO B 987 -0.07 13.11 16.00
N GLU B 988 0.04 12.19 16.94
CA GLU B 988 0.91 11.03 16.79
C GLU B 988 0.16 9.79 16.34
N ALA B 989 -1.11 9.65 16.71
CA ALA B 989 -1.86 8.46 16.35
C ALA B 989 -2.00 8.32 14.85
N GLU B 990 -2.20 9.44 14.16
CA GLU B 990 -2.50 9.38 12.73
C GLU B 990 -1.34 8.77 11.95
N VAL B 991 -0.12 8.89 12.45
CA VAL B 991 0.98 8.17 11.83
C VAL B 991 0.80 6.67 11.98
N GLN B 992 0.57 6.22 13.22
CA GLN B 992 0.41 4.80 13.47
C GLN B 992 -0.79 4.24 12.74
N ILE B 993 -1.94 4.91 12.87
CA ILE B 993 -3.16 4.42 12.26
C ILE B 993 -2.99 4.30 10.75
N ASP B 994 -2.24 5.24 10.17
CA ASP B 994 -2.03 5.20 8.73
C ASP B 994 -1.33 3.92 8.31
N ARG B 995 -0.39 3.44 9.13
CA ARG B 995 0.30 2.20 8.79
C ARG B 995 -0.66 1.02 8.80
N LEU B 996 -1.51 0.91 9.82
CA LEU B 996 -2.47 -0.20 9.84
C LEU B 996 -3.41 -0.15 8.66
N ILE B 997 -3.94 1.04 8.34
CA ILE B 997 -4.84 1.15 7.21
C ILE B 997 -4.12 0.76 5.94
N THR B 998 -2.88 1.21 5.78
CA THR B 998 -2.13 0.93 4.56
C THR B 998 -2.09 -0.57 4.29
N GLY B 999 -1.76 -1.36 5.30
CA GLY B 999 -1.70 -2.79 5.10
C GLY B 999 -3.06 -3.43 4.96
N ARG B 1000 -3.96 -3.15 5.91
CA ARG B 1000 -5.29 -3.76 5.84
C ARG B 1000 -5.97 -3.41 4.54
N LEU B 1001 -5.86 -2.15 4.10
CA LEU B 1001 -6.38 -1.79 2.78
C LEU B 1001 -5.68 -2.57 1.69
N GLN B 1002 -4.36 -2.73 1.80
CA GLN B 1002 -3.65 -3.56 0.84
C GLN B 1002 -4.10 -5.00 0.92
N SER B 1003 -4.47 -5.45 2.12
CA SER B 1003 -4.89 -6.84 2.27
C SER B 1003 -6.22 -7.09 1.58
N LEU B 1004 -7.19 -6.19 1.77
CA LEU B 1004 -8.44 -6.31 1.04
C LEU B 1004 -8.20 -6.34 -0.45
N GLN B 1005 -7.37 -5.41 -0.95
CA GLN B 1005 -7.08 -5.35 -2.36
C GLN B 1005 -6.60 -6.70 -2.87
N THR B 1006 -5.75 -7.37 -2.09
CA THR B 1006 -5.30 -8.70 -2.48
C THR B 1006 -6.46 -9.68 -2.50
N TYR B 1007 -7.29 -9.65 -1.46
CA TYR B 1007 -8.36 -10.64 -1.36
C TYR B 1007 -9.39 -10.46 -2.45
N VAL B 1008 -9.84 -9.23 -2.69
CA VAL B 1008 -10.85 -9.02 -3.72
C VAL B 1008 -10.30 -9.40 -5.08
N THR B 1009 -9.04 -9.06 -5.34
CA THR B 1009 -8.44 -9.46 -6.61
C THR B 1009 -8.43 -10.97 -6.75
N GLN B 1010 -8.15 -11.69 -5.67
CA GLN B 1010 -8.24 -13.14 -5.71
C GLN B 1010 -9.64 -13.59 -6.06
N GLN B 1011 -10.65 -12.98 -5.43
CA GLN B 1011 -12.02 -13.37 -5.71
C GLN B 1011 -12.37 -13.17 -7.17
N LEU B 1012 -12.11 -11.98 -7.71
CA LEU B 1012 -12.45 -11.70 -9.09
C LEU B 1012 -11.91 -12.77 -10.02
N ILE B 1013 -10.61 -13.05 -9.90
CA ILE B 1013 -10.00 -14.05 -10.76
C ILE B 1013 -10.65 -15.41 -10.54
N ARG B 1014 -10.83 -15.79 -9.27
CA ARG B 1014 -11.47 -17.06 -8.99
C ARG B 1014 -12.92 -17.04 -9.45
N ALA B 1015 -13.60 -15.91 -9.28
CA ALA B 1015 -14.95 -15.79 -9.78
C ALA B 1015 -15.00 -16.01 -11.29
N ALA B 1016 -13.99 -15.52 -11.99
CA ALA B 1016 -13.92 -15.79 -13.43
C ALA B 1016 -13.76 -17.27 -13.69
N GLU B 1017 -12.91 -17.96 -12.91
CA GLU B 1017 -12.75 -19.39 -13.09
C GLU B 1017 -14.06 -20.12 -12.89
N ILE B 1018 -14.79 -19.79 -11.81
CA ILE B 1018 -16.12 -20.34 -11.63
C ILE B 1018 -17.01 -19.95 -12.79
N ARG B 1019 -16.87 -18.71 -13.26
CA ARG B 1019 -17.80 -18.17 -14.23
C ARG B 1019 -17.75 -19.00 -15.51
N ALA B 1020 -16.54 -19.30 -15.96
CA ALA B 1020 -16.37 -20.12 -17.15
C ALA B 1020 -16.94 -21.51 -16.94
N SER B 1021 -16.72 -22.07 -15.75
CA SER B 1021 -17.28 -23.39 -15.45
C SER B 1021 -18.80 -23.36 -15.49
N ALA B 1022 -19.40 -22.28 -15.00
CA ALA B 1022 -20.86 -22.17 -15.03
C ALA B 1022 -21.37 -22.24 -16.46
N ASN B 1023 -20.76 -21.48 -17.37
CA ASN B 1023 -21.18 -21.52 -18.75
C ASN B 1023 -21.00 -22.91 -19.33
N LEU B 1024 -19.85 -23.55 -19.05
CA LEU B 1024 -19.68 -24.93 -19.47
C LEU B 1024 -20.76 -25.81 -18.86
N ALA B 1025 -21.07 -25.61 -17.59
CA ALA B 1025 -22.21 -26.29 -17.00
C ALA B 1025 -23.50 -25.90 -17.70
N ALA B 1026 -23.73 -24.60 -17.84
CA ALA B 1026 -24.91 -24.13 -18.55
C ALA B 1026 -24.96 -24.71 -19.95
N THR B 1027 -23.80 -24.77 -20.61
CA THR B 1027 -23.76 -25.40 -21.92
C THR B 1027 -24.12 -26.88 -21.80
N LYS B 1028 -23.48 -27.58 -20.86
CA LYS B 1028 -23.68 -29.02 -20.75
C LYS B 1028 -25.14 -29.37 -20.53
N MET B 1029 -25.79 -28.67 -19.61
CA MET B 1029 -27.20 -28.95 -19.39
C MET B 1029 -28.03 -28.52 -20.59
N SER B 1030 -27.49 -27.61 -21.40
CA SER B 1030 -28.22 -27.19 -22.58
C SER B 1030 -28.19 -28.25 -23.66
N GLU B 1031 -26.99 -28.64 -24.12
CA GLU B 1031 -26.91 -29.71 -25.11
C GLU B 1031 -27.12 -31.09 -24.53
N CYS B 1032 -26.60 -31.36 -23.35
CA CYS B 1032 -26.47 -32.74 -22.92
C CYS B 1032 -27.67 -33.23 -22.13
N VAL B 1033 -28.42 -32.32 -21.51
CA VAL B 1033 -29.67 -32.67 -20.82
C VAL B 1033 -30.87 -32.46 -21.72
N LEU B 1034 -31.06 -31.23 -22.19
CA LEU B 1034 -32.15 -30.86 -23.07
C LEU B 1034 -32.01 -31.45 -24.47
N GLY B 1035 -30.96 -32.23 -24.71
CA GLY B 1035 -30.75 -32.87 -25.98
C GLY B 1035 -29.67 -33.93 -25.86
N GLN B 1036 -29.25 -34.44 -27.01
CA GLN B 1036 -28.24 -35.49 -27.09
C GLN B 1036 -27.04 -34.98 -27.87
N SER B 1037 -26.02 -34.54 -27.16
CA SER B 1037 -24.86 -33.96 -27.81
C SER B 1037 -24.07 -35.00 -28.58
N LYS B 1038 -23.53 -34.61 -29.73
CA LYS B 1038 -22.69 -35.47 -30.54
C LYS B 1038 -21.22 -35.08 -30.43
N ARG B 1039 -20.85 -34.29 -29.44
CA ARG B 1039 -19.45 -33.97 -29.22
C ARG B 1039 -18.82 -35.07 -28.38
N VAL B 1040 -17.95 -35.86 -28.99
CA VAL B 1040 -17.31 -36.95 -28.27
C VAL B 1040 -16.51 -36.40 -27.11
N ASP B 1041 -16.51 -37.12 -26.00
CA ASP B 1041 -15.90 -36.70 -24.75
C ASP B 1041 -16.43 -35.35 -24.28
N PHE B 1042 -17.72 -35.10 -24.48
CA PHE B 1042 -18.34 -33.94 -23.84
C PHE B 1042 -19.38 -34.38 -22.81
N CYS B 1043 -20.02 -35.53 -23.05
CA CYS B 1043 -20.99 -36.11 -22.13
C CYS B 1043 -20.43 -37.44 -21.63
N GLY B 1044 -19.15 -37.45 -21.30
CA GLY B 1044 -18.52 -38.64 -20.77
C GLY B 1044 -18.03 -39.57 -21.86
N LYS B 1045 -17.13 -40.47 -21.46
CA LYS B 1045 -16.52 -41.38 -22.42
C LYS B 1045 -17.60 -42.21 -23.10
N GLY B 1046 -17.58 -42.20 -24.42
CA GLY B 1046 -18.46 -43.03 -25.20
C GLY B 1046 -19.50 -42.24 -25.97
N TYR B 1047 -20.31 -42.95 -26.74
CA TYR B 1047 -21.37 -42.35 -27.54
C TYR B 1047 -22.46 -41.93 -26.57
N HIS B 1048 -22.78 -40.64 -26.55
CA HIS B 1048 -23.68 -40.12 -25.52
C HIS B 1048 -25.12 -40.53 -25.78
N LEU B 1049 -25.86 -40.78 -24.69
CA LEU B 1049 -27.30 -41.02 -24.79
C LEU B 1049 -28.11 -39.87 -24.20
N MET B 1050 -27.95 -39.59 -22.91
CA MET B 1050 -28.71 -38.56 -22.22
C MET B 1050 -28.03 -38.30 -20.89
N SER B 1051 -28.55 -37.31 -20.17
CA SER B 1051 -27.98 -37.06 -18.87
C SER B 1051 -29.08 -36.51 -17.97
N PHE B 1052 -28.87 -36.67 -16.66
CA PHE B 1052 -29.76 -36.12 -15.67
C PHE B 1052 -28.95 -35.23 -14.75
N PRO B 1053 -29.39 -34.03 -14.49
CA PRO B 1053 -28.74 -33.21 -13.47
C PRO B 1053 -29.19 -33.65 -12.10
N GLN B 1054 -28.36 -33.37 -11.12
CA GLN B 1054 -28.74 -33.49 -9.72
C GLN B 1054 -28.10 -32.32 -9.01
N SER B 1055 -28.88 -31.64 -8.18
CA SER B 1055 -28.36 -30.45 -7.52
C SER B 1055 -27.22 -30.83 -6.60
N ALA B 1056 -26.53 -29.81 -6.11
CA ALA B 1056 -25.44 -30.00 -5.17
C ALA B 1056 -25.10 -28.66 -4.57
N PRO B 1057 -24.52 -28.62 -3.38
CA PRO B 1057 -24.16 -27.32 -2.78
C PRO B 1057 -23.12 -26.62 -3.64
N HIS B 1058 -23.45 -25.41 -4.08
CA HIS B 1058 -22.54 -24.58 -4.85
C HIS B 1058 -22.03 -25.29 -6.09
N GLY B 1059 -22.90 -26.01 -6.79
CA GLY B 1059 -22.47 -26.68 -8.00
C GLY B 1059 -23.59 -27.53 -8.53
N VAL B 1060 -23.28 -28.27 -9.58
CA VAL B 1060 -24.23 -29.20 -10.18
C VAL B 1060 -23.49 -30.51 -10.44
N VAL B 1061 -24.22 -31.61 -10.44
CA VAL B 1061 -23.67 -32.93 -10.70
C VAL B 1061 -24.51 -33.58 -11.79
N PHE B 1062 -23.84 -34.13 -12.79
CA PHE B 1062 -24.51 -34.77 -13.90
C PHE B 1062 -24.33 -36.28 -13.80
N LEU B 1063 -25.26 -37.01 -14.39
CA LEU B 1063 -25.16 -38.46 -14.49
C LEU B 1063 -25.25 -38.84 -15.97
N HIS B 1064 -24.15 -38.72 -16.68
CA HIS B 1064 -24.14 -38.95 -18.12
C HIS B 1064 -24.37 -40.42 -18.38
N VAL B 1065 -25.45 -40.74 -19.07
CA VAL B 1065 -25.77 -42.11 -19.46
C VAL B 1065 -25.22 -42.33 -20.85
N THR B 1066 -24.17 -43.13 -20.97
CA THR B 1066 -23.44 -43.26 -22.22
C THR B 1066 -23.46 -44.70 -22.69
N TYR B 1067 -23.27 -44.87 -23.99
CA TYR B 1067 -23.25 -46.19 -24.62
C TYR B 1067 -21.80 -46.54 -24.93
N VAL B 1068 -21.35 -47.70 -24.46
CA VAL B 1068 -19.97 -48.13 -24.62
C VAL B 1068 -19.96 -49.57 -25.11
N PRO B 1069 -19.37 -49.86 -26.27
CA PRO B 1069 -19.35 -51.24 -26.77
C PRO B 1069 -18.47 -52.13 -25.90
N ALA B 1070 -18.79 -53.41 -25.87
CA ALA B 1070 -18.07 -54.23 -24.89
C ALA B 1070 -17.29 -55.40 -25.48
N GLN B 1071 -17.92 -56.22 -26.31
CA GLN B 1071 -17.34 -57.49 -26.73
C GLN B 1071 -17.07 -57.45 -28.23
N GLU B 1072 -15.83 -57.75 -28.61
CA GLU B 1072 -15.39 -57.62 -30.00
C GLU B 1072 -15.17 -58.99 -30.61
N LYS B 1073 -15.33 -59.05 -31.93
CA LYS B 1073 -14.89 -60.18 -32.71
C LYS B 1073 -14.21 -59.68 -33.97
N ASN B 1074 -13.11 -60.32 -34.31
CA ASN B 1074 -12.38 -60.03 -35.55
C ASN B 1074 -13.24 -60.49 -36.71
N PHE B 1075 -13.24 -59.72 -37.79
CA PHE B 1075 -13.86 -60.16 -39.02
C PHE B 1075 -13.03 -59.72 -40.22
N THR B 1076 -13.29 -60.35 -41.36
CA THR B 1076 -12.61 -60.00 -42.60
C THR B 1076 -13.47 -59.04 -43.41
N THR B 1077 -12.88 -57.93 -43.83
CA THR B 1077 -13.59 -56.81 -44.43
C THR B 1077 -13.13 -56.59 -45.86
N ALA B 1078 -13.87 -55.76 -46.59
CA ALA B 1078 -13.51 -55.32 -47.92
C ALA B 1078 -14.40 -54.13 -48.29
N PRO B 1079 -13.83 -53.05 -48.82
CA PRO B 1079 -14.63 -51.82 -48.99
C PRO B 1079 -15.77 -51.93 -49.98
N ALA B 1080 -15.82 -52.97 -50.81
CA ALA B 1080 -16.87 -53.05 -51.81
C ALA B 1080 -16.97 -54.50 -52.26
N ILE B 1081 -18.01 -54.80 -53.03
CA ILE B 1081 -18.17 -56.13 -53.62
C ILE B 1081 -18.65 -56.00 -55.07
N CYS B 1082 -18.26 -56.98 -55.89
CA CYS B 1082 -18.65 -57.03 -57.29
C CYS B 1082 -19.83 -57.99 -57.40
N HIS B 1083 -20.83 -57.66 -58.22
CA HIS B 1083 -21.83 -58.68 -58.50
C HIS B 1083 -21.83 -59.09 -59.97
N ASP B 1084 -22.01 -58.13 -60.87
CA ASP B 1084 -21.94 -58.36 -62.30
C ASP B 1084 -20.80 -57.58 -62.93
N GLY B 1085 -19.73 -57.35 -62.19
CA GLY B 1085 -18.68 -56.45 -62.59
C GLY B 1085 -18.87 -55.04 -62.10
N LYS B 1086 -20.07 -54.71 -61.65
CA LYS B 1086 -20.33 -53.40 -61.07
C LYS B 1086 -19.99 -53.42 -59.59
N ALA B 1087 -19.52 -52.29 -59.10
CA ALA B 1087 -19.15 -52.15 -57.70
C ALA B 1087 -20.41 -51.93 -56.87
N HIS B 1088 -20.48 -52.56 -55.71
CA HIS B 1088 -21.53 -52.29 -54.74
C HIS B 1088 -20.89 -51.84 -53.44
N PHE B 1089 -21.56 -50.94 -52.75
CA PHE B 1089 -21.07 -50.37 -51.51
C PHE B 1089 -22.16 -50.47 -50.44
N PRO B 1090 -21.79 -50.55 -49.18
CA PRO B 1090 -22.82 -50.62 -48.13
C PRO B 1090 -23.51 -49.27 -47.95
N ARG B 1091 -24.85 -49.28 -48.05
CA ARG B 1091 -25.57 -48.04 -47.85
C ARG B 1091 -25.38 -47.50 -46.45
N GLU B 1092 -25.26 -48.39 -45.47
CA GLU B 1092 -24.92 -48.00 -44.11
C GLU B 1092 -24.20 -49.17 -43.44
N GLY B 1093 -23.18 -48.86 -42.66
CA GLY B 1093 -22.35 -49.89 -42.08
C GLY B 1093 -21.20 -50.26 -43.01
N VAL B 1094 -20.58 -51.41 -42.73
CA VAL B 1094 -19.50 -51.94 -43.54
C VAL B 1094 -19.79 -53.37 -43.91
N PHE B 1095 -18.97 -53.90 -44.81
CA PHE B 1095 -19.02 -55.31 -45.15
C PHE B 1095 -18.15 -56.11 -44.20
N VAL B 1096 -18.57 -57.33 -43.92
CA VAL B 1096 -17.82 -58.25 -43.07
C VAL B 1096 -18.02 -59.66 -43.57
N SER B 1097 -17.14 -60.56 -43.12
CA SER B 1097 -17.31 -61.98 -43.35
C SER B 1097 -17.03 -62.74 -42.06
N ASN B 1098 -17.74 -63.85 -41.88
CA ASN B 1098 -17.38 -64.80 -40.84
C ASN B 1098 -16.41 -65.86 -41.36
N GLY B 1099 -15.99 -65.75 -42.61
CA GLY B 1099 -15.01 -66.64 -43.20
C GLY B 1099 -15.51 -67.35 -44.44
N THR B 1100 -16.79 -67.68 -44.52
CA THR B 1100 -17.31 -68.43 -45.65
C THR B 1100 -18.37 -67.62 -46.39
N HIS B 1101 -19.07 -66.76 -45.66
CA HIS B 1101 -20.12 -65.95 -46.23
C HIS B 1101 -19.83 -64.49 -45.91
N TRP B 1102 -20.16 -63.62 -46.86
CA TRP B 1102 -19.96 -62.19 -46.69
C TRP B 1102 -21.22 -61.55 -46.14
N PHE B 1103 -21.05 -60.64 -45.19
CA PHE B 1103 -22.16 -59.97 -44.53
C PHE B 1103 -21.93 -58.48 -44.46
N VAL B 1104 -23.02 -57.73 -44.53
CA VAL B 1104 -23.05 -56.30 -44.26
C VAL B 1104 -23.73 -56.07 -42.93
N THR B 1105 -23.18 -55.18 -42.12
CA THR B 1105 -23.77 -54.92 -40.83
C THR B 1105 -23.56 -53.48 -40.44
N GLN B 1106 -24.38 -53.00 -39.53
CA GLN B 1106 -24.16 -51.70 -38.93
C GLN B 1106 -22.84 -51.72 -38.18
N ARG B 1107 -22.20 -50.55 -38.11
CA ARG B 1107 -20.79 -50.54 -37.77
C ARG B 1107 -20.54 -50.34 -36.29
N ASN B 1108 -21.55 -50.42 -35.45
CA ASN B 1108 -21.32 -50.23 -34.02
C ASN B 1108 -21.99 -51.29 -33.16
N PHE B 1109 -22.55 -52.33 -33.78
CA PHE B 1109 -23.07 -53.50 -33.09
C PHE B 1109 -23.21 -54.65 -34.08
N TYR B 1110 -22.47 -55.73 -33.89
CA TYR B 1110 -22.44 -56.80 -34.87
C TYR B 1110 -23.85 -57.34 -35.10
N GLU B 1111 -24.35 -57.21 -36.32
CA GLU B 1111 -25.68 -57.70 -36.64
C GLU B 1111 -25.77 -57.91 -38.14
N PRO B 1112 -25.46 -59.11 -38.62
CA PRO B 1112 -25.30 -59.31 -40.06
C PRO B 1112 -26.64 -59.23 -40.80
N GLN B 1113 -26.57 -58.81 -42.06
CA GLN B 1113 -27.66 -58.96 -43.01
C GLN B 1113 -27.13 -59.54 -44.30
N ILE B 1114 -27.93 -60.38 -44.93
CA ILE B 1114 -27.61 -60.83 -46.28
C ILE B 1114 -27.58 -59.62 -47.19
N ILE B 1115 -26.52 -59.51 -47.99
CA ILE B 1115 -26.38 -58.35 -48.88
C ILE B 1115 -27.35 -58.50 -50.03
N THR B 1116 -28.30 -57.57 -50.12
CA THR B 1116 -29.20 -57.49 -51.25
C THR B 1116 -29.14 -56.08 -51.81
N THR B 1117 -29.74 -55.90 -52.98
CA THR B 1117 -29.75 -54.61 -53.63
C THR B 1117 -30.38 -53.53 -52.75
N ASP B 1118 -31.27 -53.90 -51.85
CA ASP B 1118 -31.93 -52.95 -50.97
C ASP B 1118 -30.99 -52.43 -49.89
N ASN B 1119 -29.85 -53.08 -49.69
CA ASN B 1119 -28.88 -52.67 -48.69
C ASN B 1119 -27.71 -51.92 -49.26
N THR B 1120 -27.51 -51.96 -50.58
CA THR B 1120 -26.31 -51.45 -51.21
C THR B 1120 -26.65 -50.67 -52.47
N PHE B 1121 -25.75 -49.76 -52.83
CA PHE B 1121 -25.88 -48.94 -54.03
C PHE B 1121 -24.65 -49.10 -54.91
N VAL B 1122 -24.87 -48.92 -56.21
CA VAL B 1122 -23.86 -49.19 -57.24
C VAL B 1122 -23.12 -47.89 -57.53
N SER B 1123 -21.84 -48.00 -57.85
CA SER B 1123 -21.05 -46.81 -58.19
C SER B 1123 -19.83 -47.23 -59.00
N GLY B 1124 -19.85 -46.96 -60.29
CA GLY B 1124 -18.70 -47.31 -61.11
C GLY B 1124 -18.64 -48.81 -61.42
N ASN B 1125 -17.42 -49.31 -61.48
CA ASN B 1125 -17.18 -50.74 -61.66
C ASN B 1125 -15.93 -51.12 -60.88
N CYS B 1126 -15.70 -52.42 -60.75
CA CYS B 1126 -14.64 -52.88 -59.86
C CYS B 1126 -13.31 -53.12 -60.54
N ASP B 1127 -12.99 -52.35 -61.56
CA ASP B 1127 -11.63 -52.23 -62.07
C ASP B 1127 -10.82 -51.16 -61.36
N VAL B 1128 -11.44 -50.33 -60.53
CA VAL B 1128 -10.78 -49.17 -59.95
C VAL B 1128 -10.71 -49.25 -58.42
N VAL B 1129 -11.69 -49.90 -57.79
CA VAL B 1129 -11.75 -49.92 -56.34
C VAL B 1129 -10.67 -50.84 -55.79
N ILE B 1130 -10.09 -50.45 -54.66
CA ILE B 1130 -9.01 -51.21 -54.05
C ILE B 1130 -9.57 -52.13 -52.98
N GLY B 1131 -9.27 -53.41 -53.07
CA GLY B 1131 -9.67 -54.36 -52.06
C GLY B 1131 -11.04 -54.96 -52.24
N ILE B 1132 -11.69 -54.71 -53.38
CA ILE B 1132 -13.00 -55.30 -53.60
C ILE B 1132 -12.87 -56.80 -53.73
N VAL B 1133 -13.94 -57.51 -53.39
CA VAL B 1133 -13.95 -58.96 -53.45
C VAL B 1133 -15.20 -59.42 -54.17
N ASN B 1134 -15.07 -60.47 -54.97
CA ASN B 1134 -16.25 -61.07 -55.57
C ASN B 1134 -17.22 -61.61 -54.54
N ASN B 1135 -18.50 -61.58 -54.91
CA ASN B 1135 -19.60 -61.99 -54.06
C ASN B 1135 -20.81 -62.17 -54.97
N THR B 1136 -21.95 -62.50 -54.36
CA THR B 1136 -23.22 -62.46 -55.04
C THR B 1136 -24.18 -61.61 -54.22
N VAL B 1137 -24.89 -60.71 -54.89
CA VAL B 1137 -25.87 -59.84 -54.24
C VAL B 1137 -27.26 -60.33 -54.60
N TYR B 1138 -28.06 -60.59 -53.57
CA TYR B 1138 -29.40 -61.12 -53.78
C TYR B 1138 -30.32 -60.03 -54.31
N ASP B 1139 -31.23 -60.41 -55.21
CA ASP B 1139 -32.29 -59.53 -55.68
C ASP B 1139 -33.62 -60.04 -55.13
N PRO B 1140 -34.25 -59.32 -54.20
CA PRO B 1140 -35.56 -59.77 -53.70
C PRO B 1140 -36.62 -59.85 -54.77
N LEU B 1141 -36.50 -59.05 -55.82
CA LEU B 1141 -37.57 -58.95 -56.80
C LEU B 1141 -37.62 -60.18 -57.71
N GLN B 1142 -36.46 -60.76 -58.02
CA GLN B 1142 -36.43 -61.85 -58.99
C GLN B 1142 -37.28 -63.06 -58.58
N PRO B 1143 -37.22 -63.57 -57.36
CA PRO B 1143 -38.12 -64.68 -57.00
C PRO B 1143 -39.58 -64.31 -57.12
N GLU B 1144 -39.92 -63.05 -56.83
CA GLU B 1144 -41.31 -62.63 -56.95
C GLU B 1144 -41.80 -62.73 -58.39
N LEU B 1145 -40.98 -62.29 -59.35
CA LEU B 1145 -41.37 -62.39 -60.75
C LEU B 1145 -41.45 -63.83 -61.20
N ASP B 1146 -40.49 -64.66 -60.77
CA ASP B 1146 -40.49 -66.07 -61.16
C ASP B 1146 -41.69 -66.81 -60.58
N SER B 1147 -42.07 -66.48 -59.35
CA SER B 1147 -43.22 -67.11 -58.71
C SER B 1147 -44.52 -66.56 -59.28
N ALA C 27 34.09 27.71 -37.96
CA ALA C 27 34.25 26.50 -38.75
C ALA C 27 33.83 25.27 -37.94
N TYR C 28 32.86 24.53 -38.45
CA TYR C 28 32.28 23.41 -37.71
C TYR C 28 32.30 22.15 -38.56
N THR C 29 32.29 21.01 -37.88
CA THR C 29 32.48 19.71 -38.52
C THR C 29 31.56 18.69 -37.84
N ASN C 30 31.35 17.56 -38.52
CA ASN C 30 30.38 16.56 -38.09
C ASN C 30 31.04 15.53 -37.18
N SER C 31 30.64 15.51 -35.91
CA SER C 31 31.05 14.45 -34.98
C SER C 31 30.26 13.18 -35.20
N PHE C 32 30.57 12.42 -36.25
CA PHE C 32 29.69 11.39 -36.78
C PHE C 32 29.14 10.42 -35.74
N THR C 33 30.01 9.58 -35.16
CA THR C 33 29.58 8.59 -34.19
C THR C 33 30.55 8.44 -33.03
N ARG C 34 31.32 9.47 -32.73
CA ARG C 34 32.38 9.36 -31.73
C ARG C 34 32.08 10.22 -30.51
N GLY C 35 32.77 9.91 -29.43
CA GLY C 35 32.45 10.44 -28.13
C GLY C 35 31.80 9.44 -27.20
N VAL C 36 31.92 8.14 -27.48
CA VAL C 36 31.33 7.08 -26.67
C VAL C 36 32.41 6.48 -25.81
N TYR C 37 32.15 6.38 -24.52
CA TYR C 37 33.13 5.89 -23.57
C TYR C 37 32.46 4.94 -22.60
N TYR C 38 33.25 4.07 -21.99
CA TYR C 38 32.72 3.11 -21.05
C TYR C 38 32.13 3.83 -19.85
N PRO C 39 30.82 3.79 -19.64
CA PRO C 39 30.22 4.56 -18.56
C PRO C 39 30.70 4.16 -17.19
N ASP C 40 31.10 2.91 -17.00
CA ASP C 40 31.49 2.39 -15.70
C ASP C 40 32.65 1.41 -15.90
N LYS C 41 32.94 0.63 -14.87
CA LYS C 41 34.00 -0.36 -14.93
C LYS C 41 33.43 -1.78 -14.93
N VAL C 42 32.24 -1.94 -15.47
CA VAL C 42 31.49 -3.19 -15.40
C VAL C 42 31.72 -3.97 -16.69
N PHE C 43 32.15 -5.23 -16.55
CA PHE C 43 32.21 -6.10 -17.71
C PHE C 43 30.83 -6.65 -18.01
N ARG C 44 30.51 -6.73 -19.30
CA ARG C 44 29.30 -7.38 -19.79
C ARG C 44 29.68 -8.04 -21.10
N SER C 45 28.86 -8.98 -21.57
CA SER C 45 29.20 -9.65 -22.81
C SER C 45 27.94 -10.02 -23.58
N SER C 46 28.00 -9.82 -24.90
CA SER C 46 26.94 -10.22 -25.82
C SER C 46 25.58 -9.73 -25.36
N VAL C 47 25.56 -8.49 -24.86
CA VAL C 47 24.38 -7.93 -24.23
C VAL C 47 24.26 -6.48 -24.64
N LEU C 48 23.02 -6.03 -24.81
CA LEU C 48 22.73 -4.65 -25.16
C LEU C 48 22.30 -3.93 -23.89
N HIS C 49 23.12 -3.01 -23.42
CA HIS C 49 22.89 -2.30 -22.18
C HIS C 49 22.53 -0.85 -22.45
N SER C 50 21.51 -0.37 -21.75
CA SER C 50 21.08 1.02 -21.87
C SER C 50 21.50 1.80 -20.64
N THR C 51 22.08 2.98 -20.86
CA THR C 51 22.48 3.84 -19.76
C THR C 51 22.37 5.29 -20.20
N GLN C 52 22.19 6.17 -19.22
CA GLN C 52 22.06 7.60 -19.45
C GLN C 52 23.19 8.31 -18.75
N ASP C 53 24.05 8.97 -19.52
CA ASP C 53 25.14 9.75 -18.97
C ASP C 53 25.40 10.93 -19.90
N LEU C 54 26.42 11.71 -19.57
CA LEU C 54 26.78 12.87 -20.36
C LEU C 54 27.64 12.43 -21.52
N PHE C 55 27.07 12.45 -22.73
CA PHE C 55 27.77 11.98 -23.91
C PHE C 55 27.70 13.05 -25.00
N LEU C 56 28.55 12.88 -26.00
CA LEU C 56 28.54 13.74 -27.16
C LEU C 56 27.43 13.31 -28.11
N PRO C 57 26.43 14.13 -28.37
CA PRO C 57 25.35 13.71 -29.27
C PRO C 57 25.88 13.37 -30.65
N PHE C 58 25.30 12.34 -31.24
CA PHE C 58 25.73 11.88 -32.56
C PHE C 58 25.44 12.94 -33.62
N PHE C 59 26.34 13.02 -34.60
CA PHE C 59 26.17 13.90 -35.76
C PHE C 59 26.08 15.37 -35.38
N SER C 60 26.48 15.73 -34.16
CA SER C 60 26.42 17.13 -33.78
C SER C 60 27.66 17.87 -34.27
N ASN C 61 27.57 19.20 -34.26
CA ASN C 61 28.67 20.06 -34.71
C ASN C 61 29.72 20.18 -33.62
N VAL C 62 30.98 20.24 -34.03
CA VAL C 62 32.09 20.47 -33.13
C VAL C 62 32.92 21.64 -33.65
N THR C 63 33.26 22.56 -32.76
CA THR C 63 34.03 23.73 -33.14
C THR C 63 35.43 23.32 -33.57
N TRP C 64 35.76 23.59 -34.83
CA TRP C 64 36.99 23.11 -35.43
C TRP C 64 38.04 24.21 -35.38
N PHE C 65 39.21 23.88 -34.85
CA PHE C 65 40.31 24.81 -34.69
C PHE C 65 41.52 24.35 -35.49
N HIS C 66 42.47 25.27 -35.67
CA HIS C 66 43.72 24.95 -36.35
C HIS C 66 44.92 25.32 -35.49
N ASN C 81 45.11 29.44 -28.98
CA ASN C 81 44.77 28.87 -27.69
C ASN C 81 43.57 29.58 -27.06
N PRO C 82 42.40 29.41 -27.66
CA PRO C 82 41.21 30.08 -27.14
C PRO C 82 40.74 29.51 -25.82
N VAL C 83 39.97 30.31 -25.09
CA VAL C 83 39.41 29.89 -23.81
C VAL C 83 37.94 29.55 -24.03
N LEU C 84 37.57 28.32 -23.68
CA LEU C 84 36.27 27.78 -24.08
C LEU C 84 35.45 27.33 -22.85
N PRO C 85 34.12 27.29 -22.98
CA PRO C 85 33.29 26.87 -21.84
C PRO C 85 33.41 25.38 -21.56
N PHE C 86 33.07 25.02 -20.32
CA PHE C 86 33.08 23.64 -19.86
C PHE C 86 31.69 23.19 -19.41
N ASN C 87 30.64 23.61 -20.11
CA ASN C 87 29.27 23.65 -19.59
C ASN C 87 28.87 22.45 -18.75
N ASP C 88 28.92 21.26 -19.32
CA ASP C 88 28.54 20.04 -18.62
C ASP C 88 29.55 18.93 -18.80
N GLY C 89 30.70 19.22 -19.40
CA GLY C 89 31.68 18.23 -19.76
C GLY C 89 31.95 18.46 -21.23
N VAL C 90 33.18 18.17 -21.64
CA VAL C 90 33.67 18.52 -22.96
C VAL C 90 34.16 17.26 -23.66
N TYR C 91 33.69 17.06 -24.89
CA TYR C 91 34.35 16.13 -25.79
C TYR C 91 35.53 16.87 -26.42
N PHE C 92 36.69 16.22 -26.41
CA PHE C 92 37.87 16.77 -27.06
C PHE C 92 38.46 15.67 -27.93
N ALA C 93 38.88 16.06 -29.13
CA ALA C 93 39.58 15.15 -30.01
C ALA C 93 40.62 15.95 -30.78
N SER C 94 41.77 15.33 -31.02
CA SER C 94 42.85 16.00 -31.70
C SER C 94 43.57 15.02 -32.61
N THR C 95 44.07 15.54 -33.71
CA THR C 95 44.86 14.79 -34.67
C THR C 95 46.23 15.43 -34.79
N GLU C 96 47.25 14.59 -34.96
CA GLU C 96 48.62 15.03 -34.78
C GLU C 96 49.50 14.51 -35.91
N LYS C 97 50.62 15.19 -36.10
CA LYS C 97 51.71 14.67 -36.92
C LYS C 97 53.01 14.81 -36.14
N SER C 98 53.11 15.83 -35.30
CA SER C 98 54.36 16.11 -34.58
C SER C 98 54.10 16.57 -33.15
N ASN C 99 53.02 16.09 -32.53
CA ASN C 99 52.74 16.35 -31.11
C ASN C 99 52.72 17.85 -30.80
N ILE C 100 52.00 18.60 -31.63
CA ILE C 100 51.89 20.04 -31.40
C ILE C 100 51.16 20.32 -30.09
N ILE C 101 50.02 19.66 -29.88
CA ILE C 101 49.26 19.85 -28.65
C ILE C 101 50.08 19.31 -27.49
N ARG C 102 49.90 19.93 -26.32
CA ARG C 102 50.63 19.52 -25.13
C ARG C 102 49.75 19.26 -23.92
N GLY C 103 48.66 19.99 -23.75
CA GLY C 103 47.86 19.78 -22.56
C GLY C 103 46.66 20.71 -22.48
N TRP C 104 46.07 20.75 -21.29
CA TRP C 104 44.83 21.47 -21.04
C TRP C 104 44.93 22.21 -19.71
N ILE C 105 43.99 23.13 -19.50
CA ILE C 105 43.85 23.89 -18.26
C ILE C 105 42.38 23.94 -17.91
N PHE C 106 42.05 23.71 -16.65
CA PHE C 106 40.66 23.69 -16.21
C PHE C 106 40.47 24.56 -14.97
N GLY C 107 39.33 25.23 -14.89
CA GLY C 107 39.02 26.03 -13.72
C GLY C 107 37.88 26.98 -14.00
N THR C 108 37.85 28.06 -13.21
CA THR C 108 36.84 29.09 -13.34
C THR C 108 37.49 30.42 -13.72
N THR C 109 38.54 30.80 -12.99
CA THR C 109 39.21 32.06 -13.27
C THR C 109 40.52 31.86 -14.02
N LEU C 110 41.32 30.87 -13.61
CA LEU C 110 42.61 30.58 -14.24
C LEU C 110 43.52 31.81 -14.24
N ASP C 111 43.51 32.54 -13.13
CA ASP C 111 44.39 33.69 -12.99
C ASP C 111 44.97 33.74 -11.57
N SER C 112 45.35 32.58 -11.04
CA SER C 112 45.93 32.46 -9.71
C SER C 112 45.03 33.07 -8.63
N LYS C 113 43.73 32.95 -8.85
CA LYS C 113 42.74 33.40 -7.86
C LYS C 113 42.07 32.26 -7.13
N THR C 114 41.98 31.09 -7.75
CA THR C 114 41.41 29.91 -7.11
C THR C 114 42.17 28.69 -7.60
N GLN C 115 41.76 27.51 -7.15
CA GLN C 115 42.39 26.28 -7.59
C GLN C 115 42.08 26.02 -9.05
N SER C 116 43.09 25.58 -9.78
CA SER C 116 42.94 25.30 -11.21
C SER C 116 43.80 24.11 -11.57
N LEU C 117 43.37 23.38 -12.59
CA LEU C 117 44.01 22.14 -13.00
C LEU C 117 45.00 22.41 -14.12
N LEU C 118 46.19 21.81 -14.02
CA LEU C 118 47.22 21.90 -15.04
C LEU C 118 47.61 20.50 -15.47
N ILE C 119 47.30 20.15 -16.70
CA ILE C 119 47.66 18.86 -17.28
C ILE C 119 48.53 19.14 -18.49
N VAL C 120 49.82 18.83 -18.39
CA VAL C 120 50.78 19.09 -19.46
C VAL C 120 51.70 17.88 -19.59
N ASN C 121 51.97 17.49 -20.83
CA ASN C 121 52.94 16.43 -21.15
C ASN C 121 54.16 17.11 -21.77
N ASN C 122 55.24 17.19 -20.99
CA ASN C 122 56.47 17.84 -21.46
C ASN C 122 57.39 16.78 -22.06
N ALA C 123 56.89 16.10 -23.09
CA ALA C 123 57.63 15.35 -24.10
C ALA C 123 58.20 14.01 -23.64
N THR C 124 58.19 13.72 -22.34
CA THR C 124 58.36 12.35 -21.90
C THR C 124 57.53 12.00 -20.67
N ASN C 125 57.04 13.01 -19.95
CA ASN C 125 56.42 12.80 -18.65
C ASN C 125 55.15 13.61 -18.56
N VAL C 126 54.06 12.97 -18.11
CA VAL C 126 52.80 13.64 -17.90
C VAL C 126 52.77 14.20 -16.49
N VAL C 127 52.56 15.51 -16.36
CA VAL C 127 52.57 16.18 -15.07
C VAL C 127 51.19 16.75 -14.82
N ILE C 128 50.63 16.44 -13.66
CA ILE C 128 49.30 16.91 -13.28
C ILE C 128 49.40 17.60 -11.92
N LYS C 129 48.96 18.85 -11.86
CA LYS C 129 48.94 19.61 -10.62
C LYS C 129 47.69 20.48 -10.58
N VAL C 130 47.20 20.72 -9.38
CA VAL C 130 45.95 21.47 -9.19
C VAL C 130 46.21 22.74 -8.40
N CYS C 131 47.41 23.28 -8.54
CA CYS C 131 47.81 24.43 -7.75
C CYS C 131 47.03 25.68 -8.18
N GLU C 132 47.07 26.70 -7.33
CA GLU C 132 46.56 28.02 -7.68
C GLU C 132 47.58 28.67 -8.60
N PHE C 133 47.51 28.29 -9.87
CA PHE C 133 48.56 28.61 -10.83
C PHE C 133 48.40 30.03 -11.38
N GLN C 134 49.53 30.70 -11.56
CA GLN C 134 49.59 31.98 -12.25
C GLN C 134 49.81 31.70 -13.74
N PHE C 135 48.93 32.24 -14.58
CA PHE C 135 48.91 31.89 -15.99
C PHE C 135 49.27 33.10 -16.85
N CYS C 136 49.90 32.82 -17.98
CA CYS C 136 50.15 33.84 -18.97
C CYS C 136 48.86 34.22 -19.68
N ASN C 137 48.86 35.41 -20.29
CA ASN C 137 47.70 35.83 -21.08
C ASN C 137 47.49 34.93 -22.27
N ASP C 138 48.57 34.50 -22.93
CA ASP C 138 48.48 33.58 -24.06
C ASP C 138 49.50 32.47 -23.84
N PRO C 139 49.19 31.52 -22.96
CA PRO C 139 50.14 30.44 -22.67
C PRO C 139 50.39 29.58 -23.91
N PHE C 140 51.63 29.10 -24.03
CA PHE C 140 52.03 28.26 -25.15
C PHE C 140 53.29 27.52 -24.76
N LEU C 141 53.68 26.57 -25.60
CA LEU C 141 54.90 25.80 -25.41
C LEU C 141 55.78 25.91 -26.64
N GLY C 142 57.08 26.12 -26.42
CA GLY C 142 58.04 26.19 -27.49
C GLY C 142 58.71 24.86 -27.75
N VAL C 143 59.72 24.90 -28.62
CA VAL C 143 60.47 23.70 -28.98
C VAL C 143 61.91 23.81 -28.50
N ASN C 165 50.15 26.89 -3.70
CA ASN C 165 49.06 26.21 -3.02
C ASN C 165 48.57 25.02 -3.85
N CYS C 166 49.13 23.84 -3.56
CA CYS C 166 48.83 22.64 -4.31
C CYS C 166 48.22 21.61 -3.37
N THR C 167 47.15 20.95 -3.82
CA THR C 167 46.55 19.85 -3.08
C THR C 167 46.71 18.50 -3.75
N PHE C 168 47.23 18.46 -4.98
CA PHE C 168 47.47 17.20 -5.67
C PHE C 168 48.60 17.41 -6.67
N GLU C 169 49.43 16.38 -6.84
CA GLU C 169 50.51 16.43 -7.81
C GLU C 169 50.86 15.01 -8.23
N TYR C 170 50.84 14.78 -9.54
CA TYR C 170 51.22 13.49 -10.10
C TYR C 170 52.15 13.72 -11.29
N VAL C 171 53.18 12.89 -11.39
CA VAL C 171 54.07 12.85 -12.54
C VAL C 171 54.16 11.41 -13.01
N SER C 172 53.99 11.19 -14.31
CA SER C 172 54.08 9.84 -14.86
C SER C 172 55.52 9.47 -15.18
N PHE C 186 47.45 14.05 -41.59
CA PHE C 186 47.55 13.75 -40.17
C PHE C 186 47.58 12.24 -39.94
N LYS C 187 48.38 11.80 -38.98
CA LYS C 187 48.74 10.40 -38.85
C LYS C 187 48.11 9.70 -37.66
N ASN C 188 47.84 10.42 -36.57
CA ASN C 188 47.28 9.80 -35.38
C ASN C 188 46.11 10.63 -34.87
N LEU C 189 45.20 9.96 -34.18
CA LEU C 189 44.04 10.61 -33.57
C LEU C 189 44.02 10.28 -32.09
N ARG C 190 43.91 11.30 -31.25
CA ARG C 190 43.77 11.13 -29.81
C ARG C 190 42.45 11.75 -29.38
N GLU C 191 41.51 10.91 -28.99
CA GLU C 191 40.21 11.36 -28.50
C GLU C 191 40.24 11.41 -26.98
N PHE C 192 39.44 12.31 -26.42
CA PHE C 192 39.38 12.48 -24.97
C PHE C 192 37.98 12.90 -24.58
N VAL C 193 37.60 12.59 -23.34
CA VAL C 193 36.34 13.05 -22.76
C VAL C 193 36.63 13.58 -21.38
N PHE C 194 36.28 14.84 -21.14
CA PHE C 194 36.64 15.53 -19.91
C PHE C 194 35.35 15.93 -19.20
N LYS C 195 34.97 15.17 -18.18
CA LYS C 195 33.83 15.55 -17.37
C LYS C 195 34.20 15.50 -15.89
N ASN C 196 33.59 16.40 -15.12
CA ASN C 196 33.88 16.58 -13.70
C ASN C 196 32.57 16.48 -12.93
N ILE C 197 32.39 15.39 -12.20
CA ILE C 197 31.17 15.15 -11.45
C ILE C 197 31.54 14.82 -10.00
N ASP C 198 30.78 15.39 -9.06
CA ASP C 198 30.92 15.10 -7.63
C ASP C 198 32.35 15.33 -7.15
N GLY C 199 32.99 16.36 -7.70
CA GLY C 199 34.36 16.67 -7.35
C GLY C 199 35.38 15.74 -7.96
N TYR C 200 34.96 14.73 -8.71
CA TYR C 200 35.86 13.79 -9.36
C TYR C 200 35.97 14.15 -10.83
N PHE C 201 37.19 14.40 -11.28
CA PHE C 201 37.45 14.68 -12.68
C PHE C 201 37.75 13.37 -13.39
N LYS C 202 36.89 12.99 -14.33
CA LYS C 202 37.04 11.76 -15.09
C LYS C 202 37.76 12.09 -16.38
N ILE C 203 38.65 11.20 -16.81
CA ILE C 203 39.31 11.32 -18.11
C ILE C 203 39.23 9.97 -18.79
N TYR C 204 38.70 9.98 -20.02
CA TYR C 204 38.68 8.82 -20.89
C TYR C 204 39.46 9.16 -22.13
N SER C 205 40.06 8.16 -22.76
CA SER C 205 40.90 8.45 -23.92
C SER C 205 41.00 7.21 -24.80
N LYS C 206 41.52 7.42 -25.99
CA LYS C 206 41.69 6.35 -26.98
C LYS C 206 42.59 6.85 -28.09
N HIS C 207 43.63 6.08 -28.40
CA HIS C 207 44.59 6.43 -29.44
C HIS C 207 44.39 5.53 -30.64
N THR C 208 44.49 6.10 -31.84
CA THR C 208 44.33 5.31 -33.05
C THR C 208 45.08 5.98 -34.19
N PRO C 209 45.74 5.18 -35.04
CA PRO C 209 46.37 5.76 -36.24
C PRO C 209 45.31 6.14 -37.26
N ILE C 210 45.61 7.16 -38.06
CA ILE C 210 44.69 7.68 -39.05
C ILE C 210 45.48 8.07 -40.30
N ASN C 211 44.75 8.22 -41.41
CA ASN C 211 45.27 8.82 -42.64
C ASN C 211 44.17 9.74 -43.18
N LEU C 212 44.19 10.99 -42.73
CA LEU C 212 43.22 12.00 -43.11
C LEU C 212 43.64 13.35 -42.57
N VAL C 213 43.45 14.40 -43.37
CA VAL C 213 43.89 15.74 -42.99
C VAL C 213 42.71 16.66 -42.71
N ARG C 214 41.62 16.49 -43.46
CA ARG C 214 40.55 17.49 -43.44
C ARG C 214 39.72 17.48 -42.17
N ASP C 215 39.26 16.32 -41.71
CA ASP C 215 38.28 16.30 -40.64
C ASP C 215 38.42 15.02 -39.84
N LEU C 216 37.45 14.78 -38.96
CA LEU C 216 37.42 13.56 -38.16
C LEU C 216 36.98 12.38 -39.02
N PRO C 217 37.67 11.25 -38.90
CA PRO C 217 37.25 10.07 -39.66
C PRO C 217 35.92 9.55 -39.16
N GLN C 218 35.14 9.00 -40.09
CA GLN C 218 33.82 8.47 -39.77
C GLN C 218 33.95 7.00 -39.41
N GLY C 219 33.63 6.68 -38.16
CA GLY C 219 33.78 5.33 -37.65
C GLY C 219 33.65 5.34 -36.15
N PHE C 220 33.56 4.13 -35.59
CA PHE C 220 33.16 3.99 -34.20
C PHE C 220 34.30 3.41 -33.38
N SER C 221 34.53 4.01 -32.21
CA SER C 221 35.52 3.53 -31.26
C SER C 221 35.09 3.95 -29.87
N ALA C 222 35.51 3.17 -28.89
CA ALA C 222 35.15 3.42 -27.50
C ALA C 222 36.32 4.10 -26.80
N LEU C 223 36.00 4.85 -25.74
CA LEU C 223 37.01 5.48 -24.91
C LEU C 223 37.02 4.80 -23.55
N GLU C 224 38.15 4.23 -23.17
CA GLU C 224 38.26 3.66 -21.84
C GLU C 224 38.91 4.66 -20.89
N PRO C 225 38.50 4.67 -19.62
CA PRO C 225 39.08 5.62 -18.68
C PRO C 225 40.53 5.30 -18.36
N LEU C 226 41.28 6.34 -18.03
CA LEU C 226 42.64 6.19 -17.54
C LEU C 226 42.86 6.85 -16.19
N VAL C 227 42.31 8.03 -15.97
CA VAL C 227 42.60 8.82 -14.78
C VAL C 227 41.29 9.24 -14.12
N ASP C 228 41.28 9.19 -12.79
CA ASP C 228 40.14 9.66 -12.00
C ASP C 228 40.72 10.51 -10.88
N LEU C 229 40.53 11.82 -10.97
CA LEU C 229 41.12 12.74 -10.01
C LEU C 229 40.07 13.17 -9.00
N PRO C 230 40.29 12.91 -7.71
CA PRO C 230 39.40 13.44 -6.66
C PRO C 230 39.72 14.88 -6.32
N ILE C 231 39.68 15.73 -7.35
CA ILE C 231 40.11 17.12 -7.19
C ILE C 231 39.17 17.90 -6.28
N GLY C 232 37.87 17.74 -6.45
CA GLY C 232 36.93 18.57 -5.74
C GLY C 232 37.02 20.04 -6.06
N ILE C 233 37.37 20.38 -7.30
CA ILE C 233 37.58 21.75 -7.73
C ILE C 233 36.56 22.07 -8.81
N ASN C 234 35.89 23.21 -8.69
CA ASN C 234 34.89 23.62 -9.67
C ASN C 234 35.58 24.01 -10.97
N ILE C 235 35.09 23.46 -12.08
CA ILE C 235 35.63 23.76 -13.40
C ILE C 235 34.49 24.30 -14.26
N THR C 236 34.62 25.54 -14.72
CA THR C 236 33.64 26.14 -15.60
C THR C 236 34.20 26.54 -16.95
N ARG C 237 35.50 26.77 -17.06
CA ARG C 237 36.09 27.20 -18.32
C ARG C 237 37.40 26.44 -18.52
N PHE C 238 37.83 26.35 -19.78
CA PHE C 238 39.06 25.63 -20.07
C PHE C 238 39.67 26.17 -21.34
N GLN C 239 40.93 25.83 -21.56
CA GLN C 239 41.66 26.25 -22.75
C GLN C 239 42.67 25.18 -23.17
N THR C 240 43.09 25.26 -24.42
CA THR C 240 43.94 24.25 -25.05
C THR C 240 45.38 24.72 -25.10
N LEU C 241 46.31 23.87 -24.68
CA LEU C 241 47.74 24.20 -24.65
C LEU C 241 48.45 23.43 -25.77
N LEU C 242 49.22 24.16 -26.57
CA LEU C 242 49.99 23.55 -27.65
C LEU C 242 51.46 23.93 -27.54
N ALA C 264 45.76 20.56 -35.23
CA ALA C 264 44.33 20.88 -35.24
C ALA C 264 43.58 20.00 -34.25
N TYR C 265 42.41 20.48 -33.82
CA TYR C 265 41.62 19.75 -32.83
C TYR C 265 40.18 20.21 -32.92
N TYR C 266 39.32 19.52 -32.17
CA TYR C 266 37.89 19.79 -32.21
C TYR C 266 37.37 19.85 -30.78
N VAL C 267 36.24 20.52 -30.59
CA VAL C 267 35.61 20.65 -29.28
C VAL C 267 34.12 20.39 -29.43
N GLY C 268 33.65 19.31 -28.81
CA GLY C 268 32.22 19.05 -28.68
C GLY C 268 31.77 19.34 -27.25
N TYR C 269 30.50 19.04 -27.01
CA TYR C 269 29.93 19.18 -25.68
C TYR C 269 28.99 18.04 -25.36
N LEU C 270 29.03 17.60 -24.11
CA LEU C 270 28.27 16.44 -23.67
C LEU C 270 26.91 16.84 -23.15
N GLN C 271 25.92 15.98 -23.37
CA GLN C 271 24.58 16.20 -22.90
C GLN C 271 24.02 14.94 -22.27
N PRO C 272 23.10 15.08 -21.33
CA PRO C 272 22.55 13.89 -20.68
C PRO C 272 21.55 13.14 -21.55
N ARG C 273 22.04 12.28 -22.43
CA ARG C 273 21.18 11.51 -23.32
C ARG C 273 21.25 10.03 -22.98
N THR C 274 20.24 9.30 -23.45
CA THR C 274 20.16 7.86 -23.25
C THR C 274 20.84 7.14 -24.41
N PHE C 275 21.62 6.11 -24.09
CA PHE C 275 22.38 5.38 -25.08
C PHE C 275 22.18 3.88 -24.91
N LEU C 276 22.26 3.17 -26.03
CA LEU C 276 22.21 1.71 -26.04
C LEU C 276 23.58 1.19 -26.49
N LEU C 277 24.35 0.69 -25.54
CA LEU C 277 25.73 0.29 -25.78
C LEU C 277 25.80 -1.19 -26.08
N LYS C 278 26.47 -1.54 -27.17
CA LYS C 278 26.59 -2.92 -27.62
C LYS C 278 27.92 -3.49 -27.14
N TYR C 279 27.87 -4.42 -26.19
CA TYR C 279 29.04 -5.15 -25.74
C TYR C 279 29.17 -6.43 -26.55
N ASN C 280 30.35 -6.69 -27.08
CA ASN C 280 30.61 -7.94 -27.77
C ASN C 280 31.01 -9.01 -26.75
N GLU C 281 31.42 -10.17 -27.26
CA GLU C 281 31.76 -11.28 -26.37
C GLU C 281 32.95 -10.94 -25.48
N ASN C 282 33.84 -10.06 -25.95
CA ASN C 282 35.02 -9.70 -25.19
C ASN C 282 34.80 -8.50 -24.29
N GLY C 283 33.59 -7.95 -24.25
CA GLY C 283 33.30 -6.84 -23.38
C GLY C 283 33.70 -5.47 -23.91
N THR C 284 33.86 -5.32 -25.21
CA THR C 284 34.16 -4.02 -25.80
C THR C 284 32.90 -3.43 -26.43
N ILE C 285 32.90 -2.11 -26.55
CA ILE C 285 31.79 -1.38 -27.14
C ILE C 285 32.00 -1.34 -28.65
N THR C 286 31.18 -2.08 -29.39
CA THR C 286 31.33 -2.13 -30.83
C THR C 286 30.34 -1.26 -31.58
N ASP C 287 29.21 -0.92 -30.98
CA ASP C 287 28.23 -0.07 -31.62
C ASP C 287 27.34 0.57 -30.56
N ALA C 288 26.66 1.64 -30.94
CA ALA C 288 25.84 2.37 -29.98
C ALA C 288 24.71 3.04 -30.73
N VAL C 289 23.68 3.45 -29.99
CA VAL C 289 22.54 4.16 -30.54
C VAL C 289 22.23 5.34 -29.66
N ASP C 290 22.11 6.53 -30.26
CA ASP C 290 21.62 7.70 -29.55
C ASP C 290 20.10 7.67 -29.59
N CYS C 291 19.48 7.59 -28.43
CA CYS C 291 18.03 7.39 -28.35
C CYS C 291 17.23 8.56 -28.90
N ALA C 292 17.77 9.78 -28.88
CA ALA C 292 17.00 10.96 -29.25
C ALA C 292 17.38 11.49 -30.63
N LEU C 293 18.21 10.76 -31.38
CA LEU C 293 18.71 11.28 -32.64
C LEU C 293 17.62 11.36 -33.69
N ASP C 294 16.77 10.35 -33.77
CA ASP C 294 15.74 10.29 -34.81
C ASP C 294 14.67 9.31 -34.36
N PRO C 295 13.50 9.33 -34.99
CA PRO C 295 12.46 8.36 -34.62
C PRO C 295 12.89 6.92 -34.70
N LEU C 296 13.67 6.55 -35.72
CA LEU C 296 14.16 5.18 -35.78
C LEU C 296 15.04 4.86 -34.59
N SER C 297 15.90 5.79 -34.20
CA SER C 297 16.80 5.53 -33.08
C SER C 297 16.02 5.45 -31.77
N GLU C 298 14.85 6.08 -31.71
CA GLU C 298 14.00 5.92 -30.54
C GLU C 298 13.44 4.51 -30.46
N THR C 299 13.04 3.95 -31.59
CA THR C 299 12.50 2.59 -31.60
C THR C 299 13.54 1.58 -31.16
N LYS C 300 14.79 1.77 -31.59
CA LYS C 300 15.85 0.86 -31.19
C LYS C 300 16.06 0.89 -29.69
N CYS C 301 16.00 2.07 -29.07
CA CYS C 301 16.21 2.18 -27.65
C CYS C 301 15.08 1.53 -26.85
N THR C 302 13.84 1.73 -27.29
CA THR C 302 12.72 1.09 -26.60
C THR C 302 12.78 -0.43 -26.75
N LEU C 303 12.99 -0.91 -27.97
CA LEU C 303 13.03 -2.34 -28.20
C LEU C 303 14.30 -3.00 -27.70
N LYS C 304 15.29 -2.20 -27.28
CA LYS C 304 16.55 -2.71 -26.76
C LYS C 304 17.25 -3.62 -27.78
N SER C 305 17.13 -3.26 -29.05
CA SER C 305 17.70 -4.06 -30.12
C SER C 305 18.20 -3.15 -31.23
N PHE C 306 19.27 -3.58 -31.89
CA PHE C 306 19.79 -2.81 -33.01
C PHE C 306 19.00 -3.05 -34.28
N THR C 307 18.18 -4.10 -34.33
CA THR C 307 17.24 -4.30 -35.41
C THR C 307 15.87 -4.56 -34.81
N VAL C 308 14.83 -4.08 -35.49
CA VAL C 308 13.46 -4.19 -34.99
C VAL C 308 12.57 -4.74 -36.08
N GLU C 309 11.56 -5.50 -35.65
CA GLU C 309 10.57 -6.03 -36.57
C GLU C 309 9.65 -4.92 -37.05
N LYS C 310 9.08 -5.11 -38.24
CA LYS C 310 8.15 -4.14 -38.79
C LYS C 310 6.93 -4.02 -37.89
N GLY C 311 6.33 -2.84 -37.88
CA GLY C 311 5.16 -2.62 -37.04
C GLY C 311 5.08 -1.15 -36.64
N ILE C 312 4.14 -0.89 -35.76
CA ILE C 312 3.89 0.44 -35.23
C ILE C 312 4.15 0.39 -33.73
N TYR C 313 5.08 1.20 -33.26
CA TYR C 313 5.61 1.08 -31.91
C TYR C 313 5.47 2.41 -31.18
N GLN C 314 4.80 2.39 -30.03
CA GLN C 314 4.72 3.59 -29.19
C GLN C 314 6.06 3.75 -28.48
N THR C 315 6.58 4.98 -28.45
CA THR C 315 7.89 5.22 -27.88
C THR C 315 7.92 6.27 -26.79
N SER C 316 7.22 7.39 -26.94
CA SER C 316 7.37 8.50 -26.02
C SER C 316 6.12 9.36 -26.09
N ASN C 317 6.19 10.55 -25.52
CA ASN C 317 5.04 11.43 -25.44
C ASN C 317 5.43 12.81 -25.95
N PHE C 318 4.75 13.27 -26.98
CA PHE C 318 5.00 14.59 -27.54
C PHE C 318 4.34 15.66 -26.70
N ARG C 319 5.08 16.70 -26.37
CA ARG C 319 4.56 17.79 -25.55
C ARG C 319 5.01 19.12 -26.10
N VAL C 320 4.06 20.02 -26.33
CA VAL C 320 4.41 21.37 -26.76
C VAL C 320 5.15 22.07 -25.62
N GLN C 321 6.18 22.75 -25.95
CA GLN C 321 6.79 23.38 -24.78
C GLN C 321 6.29 24.80 -24.62
N PRO C 322 6.18 25.26 -23.38
CA PRO C 322 5.80 26.66 -23.15
C PRO C 322 6.85 27.60 -23.68
N THR C 323 6.42 28.74 -24.21
CA THR C 323 7.33 29.68 -24.83
C THR C 323 7.72 30.84 -23.94
N GLU C 324 6.78 31.41 -23.18
CA GLU C 324 7.03 32.59 -22.36
C GLU C 324 6.72 32.26 -20.92
N SER C 325 6.96 33.23 -20.04
CA SER C 325 6.70 33.07 -18.61
C SER C 325 5.91 34.28 -18.13
N ILE C 326 4.77 34.03 -17.49
CA ILE C 326 3.84 35.07 -17.09
C ILE C 326 3.63 35.03 -15.59
N VAL C 327 3.82 36.17 -14.94
CA VAL C 327 3.64 36.33 -13.49
C VAL C 327 2.62 37.43 -13.28
N ARG C 328 1.56 37.12 -12.53
CA ARG C 328 0.49 38.08 -12.26
C ARG C 328 0.27 38.25 -10.77
N PHE C 329 0.21 39.49 -10.32
CA PHE C 329 0.01 39.86 -8.93
C PHE C 329 -0.64 41.23 -8.84
N PRO C 330 -1.29 41.54 -7.73
CA PRO C 330 -2.06 42.79 -7.63
C PRO C 330 -1.22 44.01 -7.26
N ASN C 331 -1.85 45.19 -7.38
CA ASN C 331 -1.26 46.51 -7.18
C ASN C 331 -0.81 46.82 -5.76
N ILE C 332 -0.93 45.85 -4.86
CA ILE C 332 -0.94 46.04 -3.41
C ILE C 332 0.36 46.65 -2.87
N THR C 333 1.25 47.08 -3.77
CA THR C 333 2.67 47.34 -3.47
C THR C 333 2.93 48.18 -2.21
N ASN C 334 1.88 48.70 -1.58
CA ASN C 334 1.99 49.18 -0.21
C ASN C 334 2.77 48.18 0.64
N LEU C 335 3.70 48.69 1.44
CA LEU C 335 4.54 47.81 2.25
C LEU C 335 3.74 47.22 3.40
N CYS C 336 4.29 46.17 4.02
CA CYS C 336 3.57 45.42 5.03
C CYS C 336 4.12 45.71 6.42
N PRO C 337 3.29 46.08 7.39
CA PRO C 337 3.81 46.57 8.66
C PRO C 337 4.25 45.46 9.61
N PHE C 338 5.17 44.62 9.17
CA PHE C 338 5.73 43.63 10.08
C PHE C 338 6.54 44.28 11.18
N GLY C 339 7.15 45.43 10.91
CA GLY C 339 7.81 46.16 11.96
C GLY C 339 6.87 46.52 13.10
N GLU C 340 5.65 46.95 12.77
CA GLU C 340 4.67 47.26 13.79
C GLU C 340 4.30 46.06 14.64
N VAL C 341 4.59 44.85 14.18
CA VAL C 341 4.41 43.65 14.98
C VAL C 341 5.69 43.29 15.73
N PHE C 342 6.74 42.97 14.99
CA PHE C 342 7.95 42.43 15.62
C PHE C 342 8.75 43.49 16.36
N ASN C 343 8.47 44.76 16.15
CA ASN C 343 9.14 45.82 16.87
C ASN C 343 8.19 46.49 17.85
N ALA C 344 7.13 45.80 18.22
CA ALA C 344 6.20 46.34 19.19
C ALA C 344 6.92 46.57 20.50
N THR C 345 6.77 47.78 21.05
CA THR C 345 7.38 48.09 22.32
C THR C 345 6.72 47.31 23.45
N ARG C 346 5.41 47.09 23.35
CA ARG C 346 4.65 46.36 24.35
C ARG C 346 4.00 45.16 23.71
N PHE C 347 4.16 44.00 24.33
CA PHE C 347 3.59 42.75 23.87
C PHE C 347 2.47 42.31 24.81
N ALA C 348 1.51 41.59 24.25
CA ALA C 348 0.36 41.15 25.04
C ALA C 348 0.75 40.02 25.97
N SER C 349 0.08 39.99 27.12
CA SER C 349 0.21 38.85 28.01
C SER C 349 -0.41 37.62 27.37
N VAL C 350 0.00 36.45 27.84
CA VAL C 350 -0.31 35.23 27.10
C VAL C 350 -1.78 34.87 27.16
N TYR C 351 -2.48 35.22 28.25
CA TYR C 351 -3.88 34.79 28.35
C TYR C 351 -4.79 35.61 27.46
N ALA C 352 -4.40 36.84 27.13
CA ALA C 352 -5.22 37.76 26.34
C ALA C 352 -4.42 38.19 25.12
N TRP C 353 -3.85 37.20 24.43
CA TRP C 353 -2.84 37.46 23.42
C TRP C 353 -3.38 38.35 22.32
N ASN C 354 -2.51 39.22 21.81
CA ASN C 354 -2.89 40.27 20.88
C ASN C 354 -2.91 39.70 19.47
N ARG C 355 -4.07 39.72 18.84
CA ARG C 355 -4.25 39.17 17.51
C ARG C 355 -4.40 40.32 16.53
N LYS C 356 -3.33 40.64 15.81
CA LYS C 356 -3.34 41.70 14.83
C LYS C 356 -3.50 41.12 13.43
N ARG C 357 -4.44 41.66 12.67
CA ARG C 357 -4.70 41.19 11.32
C ARG C 357 -3.76 41.90 10.35
N ILE C 358 -3.32 41.17 9.34
CA ILE C 358 -2.50 41.72 8.26
C ILE C 358 -3.21 41.45 6.95
N SER C 359 -3.49 42.52 6.20
CA SER C 359 -4.05 42.42 4.87
C SER C 359 -3.75 43.70 4.12
N ASN C 360 -3.85 43.63 2.80
CA ASN C 360 -3.52 44.75 1.93
C ASN C 360 -2.08 45.20 2.13
N CYS C 361 -1.14 44.30 1.82
CA CYS C 361 0.27 44.63 1.90
C CYS C 361 1.05 43.70 0.99
N VAL C 362 2.35 43.96 0.89
CA VAL C 362 3.28 43.09 0.19
C VAL C 362 4.30 42.58 1.19
N ALA C 363 4.12 41.35 1.63
CA ALA C 363 4.87 40.79 2.75
C ALA C 363 6.22 40.29 2.26
N ASP C 364 7.29 40.90 2.76
CA ASP C 364 8.64 40.44 2.50
C ASP C 364 9.09 39.57 3.67
N TYR C 365 9.01 38.25 3.52
CA TYR C 365 9.40 37.33 4.58
C TYR C 365 10.89 37.10 4.65
N SER C 366 11.65 37.49 3.62
CA SER C 366 13.09 37.37 3.70
C SER C 366 13.66 38.20 4.83
N VAL C 367 13.05 39.35 5.13
CA VAL C 367 13.50 40.15 6.26
C VAL C 367 13.34 39.36 7.56
N LEU C 368 12.20 38.70 7.73
CA LEU C 368 12.00 37.88 8.91
C LEU C 368 12.92 36.67 8.91
N TYR C 369 12.95 35.93 7.80
CA TYR C 369 13.65 34.66 7.79
C TYR C 369 15.15 34.83 8.00
N ASN C 370 15.75 35.83 7.34
CA ASN C 370 17.19 35.96 7.36
C ASN C 370 17.70 36.55 8.67
N SER C 371 16.89 37.35 9.35
CA SER C 371 17.36 38.04 10.55
C SER C 371 17.83 37.05 11.60
N ALA C 372 19.02 37.31 12.14
CA ALA C 372 19.62 36.45 13.14
C ALA C 372 19.09 36.71 14.55
N SER C 373 18.28 37.76 14.72
CA SER C 373 17.77 38.09 16.03
C SER C 373 16.79 37.05 16.56
N PHE C 374 16.36 36.11 15.74
CA PHE C 374 15.38 35.11 16.14
C PHE C 374 16.08 33.87 16.66
N SER C 375 15.68 33.45 17.86
CA SER C 375 16.25 32.24 18.44
C SER C 375 15.73 30.99 17.74
N THR C 376 14.56 31.06 17.14
CA THR C 376 14.00 29.95 16.39
C THR C 376 13.16 30.50 15.25
N PHE C 377 12.90 29.66 14.27
CA PHE C 377 11.95 30.00 13.21
C PHE C 377 11.40 28.69 12.68
N LYS C 378 10.25 28.26 13.20
CA LYS C 378 9.75 26.92 12.90
C LYS C 378 8.41 27.02 12.18
N CYS C 379 8.42 26.69 10.90
CA CYS C 379 7.20 26.67 10.11
C CYS C 379 6.66 25.25 10.06
N TYR C 380 5.35 25.13 9.86
CA TYR C 380 4.68 23.85 9.87
C TYR C 380 4.02 23.50 8.54
N GLY C 381 3.22 24.40 7.98
CA GLY C 381 2.54 24.08 6.75
C GLY C 381 3.30 24.41 5.48
N VAL C 382 4.34 25.24 5.56
CA VAL C 382 5.09 25.68 4.40
C VAL C 382 6.57 25.73 4.73
N SER C 383 7.38 25.76 3.67
CA SER C 383 8.81 25.90 3.91
C SER C 383 9.19 27.37 3.97
N PRO C 384 9.95 27.75 5.00
CA PRO C 384 10.11 29.17 5.32
C PRO C 384 10.74 29.99 4.22
N THR C 385 11.43 29.38 3.28
CA THR C 385 12.00 30.12 2.16
C THR C 385 11.02 30.31 1.02
N LYS C 386 9.92 29.55 1.00
CA LYS C 386 8.93 29.65 -0.05
C LYS C 386 7.89 30.73 0.21
N LEU C 387 7.95 31.38 1.36
CA LEU C 387 6.89 32.32 1.74
C LEU C 387 6.73 33.44 0.73
N ASN C 388 7.84 33.98 0.23
CA ASN C 388 7.76 35.13 -0.66
C ASN C 388 7.22 34.78 -2.04
N ASP C 389 6.97 33.50 -2.32
CA ASP C 389 6.40 33.09 -3.59
C ASP C 389 4.90 32.90 -3.55
N LEU C 390 4.35 32.60 -2.38
CA LEU C 390 2.92 32.35 -2.26
C LEU C 390 2.15 33.65 -2.11
N CYS C 391 0.82 33.54 -2.21
CA CYS C 391 -0.07 34.63 -1.86
C CYS C 391 -1.21 34.09 -1.02
N PHE C 392 -1.59 34.83 0.02
CA PHE C 392 -2.47 34.33 1.06
C PHE C 392 -3.78 35.12 1.11
N THR C 393 -4.84 34.43 1.57
CA THR C 393 -6.13 35.08 1.75
C THR C 393 -6.09 36.12 2.85
N ASN C 394 -5.47 35.78 3.98
CA ASN C 394 -5.29 36.72 5.08
C ASN C 394 -4.20 36.19 6.00
N VAL C 395 -3.68 37.07 6.84
CA VAL C 395 -2.60 36.75 7.76
C VAL C 395 -2.95 37.31 9.12
N TYR C 396 -2.71 36.52 10.17
CA TYR C 396 -2.91 36.97 11.53
C TYR C 396 -1.61 36.84 12.30
N ALA C 397 -1.20 37.91 12.96
CA ALA C 397 0.01 37.93 13.76
C ALA C 397 -0.39 37.89 15.23
N ASP C 398 -0.44 36.70 15.80
CA ASP C 398 -0.78 36.52 17.20
C ASP C 398 0.50 36.63 18.01
N SER C 399 0.58 37.64 18.86
CA SER C 399 1.82 37.98 19.55
C SER C 399 1.62 37.93 21.06
N PHE C 400 2.58 37.36 21.78
CA PHE C 400 2.51 37.27 23.22
C PHE C 400 3.88 36.90 23.77
N VAL C 401 4.03 37.02 25.09
CA VAL C 401 5.27 36.72 25.79
C VAL C 401 5.04 35.52 26.69
N ILE C 402 5.89 34.50 26.55
CA ILE C 402 5.79 33.28 27.34
C ILE C 402 7.14 32.97 27.96
N ARG C 403 7.13 32.15 29.01
CA ARG C 403 8.37 31.78 29.70
C ARG C 403 9.18 30.83 28.83
N GLY C 404 10.50 30.92 28.94
CA GLY C 404 11.41 30.17 28.11
C GLY C 404 11.16 28.68 28.10
N ASP C 405 10.88 28.11 29.27
CA ASP C 405 10.65 26.68 29.36
C ASP C 405 9.46 26.21 28.53
N GLU C 406 8.52 27.10 28.21
CA GLU C 406 7.30 26.69 27.54
C GLU C 406 7.28 27.02 26.05
N VAL C 407 8.39 27.55 25.52
CA VAL C 407 8.42 27.90 24.10
C VAL C 407 8.11 26.69 23.24
N ARG C 408 8.48 25.51 23.71
CA ARG C 408 8.13 24.28 23.03
C ARG C 408 6.63 24.02 23.01
N GLN C 409 5.86 24.63 23.91
CA GLN C 409 4.43 24.36 23.95
C GLN C 409 3.65 25.07 22.87
N ILE C 410 4.25 26.06 22.20
CA ILE C 410 3.55 26.79 21.13
C ILE C 410 3.80 26.00 19.85
N ALA C 411 2.99 24.96 19.66
CA ALA C 411 3.19 24.02 18.57
C ALA C 411 1.94 23.18 18.44
N PRO C 412 1.61 22.74 17.23
CA PRO C 412 0.40 21.93 17.04
C PRO C 412 0.46 20.63 17.81
N GLY C 413 -0.69 20.21 18.30
CA GLY C 413 -0.78 18.95 19.00
C GLY C 413 0.05 18.89 20.26
N GLN C 414 0.21 20.01 20.94
CA GLN C 414 0.92 20.08 22.20
C GLN C 414 -0.08 20.35 23.31
N THR C 415 0.31 20.02 24.54
CA THR C 415 -0.48 20.37 25.70
C THR C 415 0.45 20.87 26.79
N GLY C 416 -0.14 21.36 27.87
CA GLY C 416 0.61 21.95 28.97
C GLY C 416 -0.15 23.07 29.62
N LYS C 417 0.42 23.70 30.64
CA LYS C 417 -0.29 24.79 31.31
C LYS C 417 -0.55 25.96 30.36
N ILE C 418 0.46 26.35 29.59
CA ILE C 418 0.29 27.43 28.62
C ILE C 418 -0.50 26.96 27.40
N ALA C 419 -0.26 25.74 26.96
CA ALA C 419 -0.85 25.29 25.71
C ALA C 419 -2.29 24.82 25.90
N ASP C 420 -2.70 24.54 27.12
CA ASP C 420 -4.04 24.02 27.33
C ASP C 420 -4.92 24.89 28.21
N TYR C 421 -4.40 26.02 28.70
CA TYR C 421 -5.20 26.97 29.46
C TYR C 421 -5.05 28.41 28.97
N ASN C 422 -4.08 28.67 28.10
CA ASN C 422 -3.85 30.05 27.68
C ASN C 422 -4.02 30.24 26.18
N TYR C 423 -3.35 29.41 25.37
CA TYR C 423 -3.26 29.64 23.92
C TYR C 423 -3.03 28.31 23.23
N LYS C 424 -4.08 27.75 22.64
CA LYS C 424 -4.01 26.43 22.02
C LYS C 424 -4.04 26.56 20.52
N LEU C 425 -3.12 25.88 19.84
CA LEU C 425 -3.08 25.84 18.39
C LEU C 425 -3.77 24.60 17.87
N PRO C 426 -4.44 24.70 16.73
CA PRO C 426 -5.07 23.52 16.14
C PRO C 426 -4.02 22.55 15.65
N ASP C 427 -4.42 21.28 15.52
CA ASP C 427 -3.51 20.25 15.08
C ASP C 427 -3.04 20.47 13.65
N ASP C 428 -3.92 20.93 12.77
CA ASP C 428 -3.59 21.19 11.37
C ASP C 428 -3.10 22.62 11.16
N PHE C 429 -2.52 23.21 12.20
CA PHE C 429 -2.03 24.58 12.13
C PHE C 429 -1.13 24.79 10.92
N THR C 430 -1.33 25.89 10.22
CA THR C 430 -0.51 26.26 9.07
C THR C 430 0.10 27.63 9.31
N GLY C 431 1.41 27.66 9.44
CA GLY C 431 2.08 28.93 9.68
C GLY C 431 3.46 28.71 10.24
N CYS C 432 4.06 29.82 10.66
CA CYS C 432 5.41 29.82 11.19
C CYS C 432 5.41 30.38 12.60
N VAL C 433 6.17 29.74 13.47
CA VAL C 433 6.30 30.16 14.86
C VAL C 433 7.68 30.79 15.01
N ILE C 434 7.74 31.95 15.65
CA ILE C 434 8.97 32.72 15.77
C ILE C 434 9.14 33.11 17.23
N ALA C 435 10.37 32.99 17.73
CA ALA C 435 10.65 33.36 19.10
C ALA C 435 12.06 33.89 19.21
N TRP C 436 12.28 34.75 20.21
CA TRP C 436 13.61 35.28 20.46
C TRP C 436 13.67 35.81 21.88
N ASN C 437 14.88 35.82 22.43
CA ASN C 437 15.06 36.25 23.81
C ASN C 437 14.66 37.72 23.95
N SER C 438 14.02 38.02 25.08
CA SER C 438 13.62 39.37 25.40
C SER C 438 14.11 39.76 26.78
N ASN C 439 15.20 39.11 27.23
CA ASN C 439 15.56 39.18 28.64
C ASN C 439 15.92 40.59 29.07
N ASN C 440 16.20 41.48 28.13
CA ASN C 440 16.42 42.88 28.45
C ASN C 440 15.35 43.80 27.87
N LEU C 441 14.29 43.24 27.31
CA LEU C 441 13.14 44.05 26.92
C LEU C 441 11.98 43.83 27.89
N ASP C 442 11.91 42.66 28.52
CA ASP C 442 10.82 42.32 29.42
C ASP C 442 11.22 42.23 30.88
N SER C 443 12.32 41.56 31.19
CA SER C 443 12.68 41.34 32.59
C SER C 443 13.04 42.65 33.28
N LYS C 444 12.81 42.70 34.58
CA LYS C 444 13.11 43.89 35.38
C LYS C 444 13.90 43.54 36.63
N ASN C 448 10.13 42.04 36.84
CA ASN C 448 8.85 42.32 36.21
C ASN C 448 7.83 41.24 36.53
N TYR C 449 6.61 41.66 36.82
CA TYR C 449 5.51 40.75 37.12
C TYR C 449 4.21 41.20 36.45
N ASN C 450 4.27 41.63 35.20
CA ASN C 450 3.11 42.12 34.48
C ASN C 450 2.60 41.15 33.42
N TYR C 451 3.17 39.97 33.33
CA TYR C 451 2.75 38.97 32.36
C TYR C 451 2.03 37.87 33.11
N LEU C 452 0.79 37.62 32.73
CA LEU C 452 -0.06 36.69 33.47
C LEU C 452 -0.36 35.45 32.64
N TYR C 453 -0.67 34.36 33.33
CA TYR C 453 -1.04 33.10 32.70
C TYR C 453 -1.96 32.36 33.65
N ARG C 454 -2.91 31.62 33.09
CA ARG C 454 -4.02 31.12 33.88
C ARG C 454 -3.60 29.92 34.72
N LEU C 455 -4.59 29.32 35.41
CA LEU C 455 -4.28 28.40 36.50
C LEU C 455 -5.41 27.42 36.79
N PHE C 456 -5.35 26.85 38.00
CA PHE C 456 -6.11 25.68 38.44
C PHE C 456 -7.51 25.53 37.87
N ARG C 457 -8.36 26.54 38.01
CA ARG C 457 -9.76 26.33 37.68
C ARG C 457 -10.06 26.58 36.21
N LYS C 458 -10.33 25.51 35.47
CA LYS C 458 -10.89 25.55 34.12
C LYS C 458 -11.11 24.14 33.60
N SER C 459 -11.92 24.00 32.55
CA SER C 459 -11.76 22.85 31.67
C SER C 459 -12.22 23.19 30.26
N ASN C 460 -11.33 23.81 29.48
CA ASN C 460 -11.47 23.99 28.04
C ASN C 460 -10.28 24.79 27.53
N LEU C 461 -9.91 24.62 26.26
CA LEU C 461 -8.97 25.54 25.65
C LEU C 461 -9.20 25.73 24.16
N LYS C 462 -10.36 25.30 23.65
CA LYS C 462 -10.59 24.97 22.24
C LYS C 462 -9.91 25.98 21.32
N PRO C 463 -9.31 25.51 20.21
CA PRO C 463 -8.22 26.27 19.57
C PRO C 463 -8.50 27.74 19.29
N PHE C 464 -7.49 28.57 19.50
CA PHE C 464 -7.59 30.01 19.33
C PHE C 464 -8.73 30.63 20.14
N GLU C 465 -9.01 30.10 21.33
CA GLU C 465 -9.97 30.74 22.20
C GLU C 465 -9.23 31.65 23.18
N ARG C 466 -9.78 32.84 23.38
CA ARG C 466 -9.18 33.84 24.27
C ARG C 466 -10.14 34.08 25.41
N ASP C 467 -9.92 33.38 26.52
CA ASP C 467 -10.74 33.52 27.71
C ASP C 467 -10.04 34.49 28.66
N ILE C 468 -10.61 35.68 28.83
CA ILE C 468 -10.02 36.68 29.68
C ILE C 468 -10.82 36.87 30.97
N SER C 469 -11.65 35.90 31.33
CA SER C 469 -12.43 35.99 32.55
C SER C 469 -11.50 36.02 33.77
N THR C 470 -11.88 36.78 34.77
CA THR C 470 -11.08 36.89 35.99
C THR C 470 -11.77 36.20 37.16
N PHE C 486 -11.20 24.50 46.53
CA PHE C 486 -10.49 25.40 47.43
C PHE C 486 -11.28 26.66 47.68
N ASN C 487 -10.78 27.51 48.58
CA ASN C 487 -11.47 28.72 49.03
C ASN C 487 -11.65 29.65 47.83
N CYS C 488 -10.58 30.18 47.24
CA CYS C 488 -10.69 31.14 46.15
C CYS C 488 -9.31 31.37 45.57
N TYR C 489 -9.27 31.64 44.26
CA TYR C 489 -8.03 32.00 43.59
C TYR C 489 -8.33 32.64 42.24
N PHE C 490 -7.87 33.87 42.03
CA PHE C 490 -8.04 34.50 40.73
C PHE C 490 -7.23 33.71 39.72
N PRO C 491 -7.86 33.21 38.66
CA PRO C 491 -7.19 32.22 37.80
C PRO C 491 -6.07 32.80 36.97
N LEU C 492 -5.12 33.48 37.60
CA LEU C 492 -3.97 34.04 36.91
C LEU C 492 -2.87 34.33 37.90
N GLN C 493 -1.66 33.94 37.55
CA GLN C 493 -0.46 34.25 38.32
C GLN C 493 0.62 34.75 37.38
N SER C 494 1.42 35.68 37.87
CA SER C 494 2.37 36.40 37.04
C SER C 494 3.70 35.66 36.99
N TYR C 495 4.37 35.76 35.85
CA TYR C 495 5.72 35.25 35.71
C TYR C 495 6.66 36.12 36.54
N GLY C 496 7.68 35.51 37.11
CA GLY C 496 8.69 36.27 37.82
C GLY C 496 9.89 36.55 36.95
N PHE C 497 9.68 37.25 35.84
CA PHE C 497 10.77 37.51 34.90
C PHE C 497 11.76 38.47 35.53
N GLN C 498 12.99 37.98 35.75
CA GLN C 498 14.06 38.79 36.29
C GLN C 498 15.29 38.63 35.42
N PRO C 499 16.14 39.67 35.34
CA PRO C 499 17.32 39.56 34.47
C PRO C 499 18.34 38.54 34.94
N THR C 500 18.27 38.10 36.19
CA THR C 500 19.29 37.23 36.76
C THR C 500 18.90 35.76 36.76
N ASN C 501 17.79 35.39 36.14
CA ASN C 501 17.36 34.00 36.18
C ASN C 501 17.92 33.24 34.98
N GLY C 502 17.65 31.93 34.94
CA GLY C 502 18.18 31.09 33.91
C GLY C 502 17.47 31.25 32.58
N VAL C 503 18.04 30.62 31.55
CA VAL C 503 17.46 30.69 30.21
C VAL C 503 16.06 30.12 30.21
N GLY C 504 15.86 28.98 30.88
CA GLY C 504 14.54 28.39 30.98
C GLY C 504 13.54 29.26 31.71
N TYR C 505 14.01 30.27 32.43
CA TYR C 505 13.14 31.21 33.13
C TYR C 505 13.15 32.60 32.52
N GLN C 506 13.73 32.79 31.34
CA GLN C 506 13.71 34.09 30.71
C GLN C 506 12.43 34.28 29.90
N PRO C 507 11.96 35.51 29.76
CA PRO C 507 10.77 35.75 28.94
C PRO C 507 11.11 35.74 27.46
N TYR C 508 10.20 35.19 26.67
CA TYR C 508 10.37 35.02 25.25
C TYR C 508 9.20 35.65 24.51
N ARG C 509 9.51 36.58 23.61
CA ARG C 509 8.48 37.22 22.80
C ARG C 509 8.21 36.36 21.56
N VAL C 510 7.00 35.85 21.46
CA VAL C 510 6.63 34.90 20.43
C VAL C 510 5.62 35.54 19.50
N VAL C 511 5.82 35.38 18.20
CA VAL C 511 4.87 35.82 17.18
C VAL C 511 4.54 34.63 16.31
N VAL C 512 3.27 34.35 16.14
CA VAL C 512 2.81 33.21 15.37
C VAL C 512 2.02 33.71 14.19
N LEU C 513 2.56 33.53 12.99
CA LEU C 513 1.88 33.93 11.77
C LEU C 513 0.98 32.78 11.35
N SER C 514 -0.30 32.91 11.63
CA SER C 514 -1.28 31.94 11.18
C SER C 514 -1.70 32.27 9.76
N PHE C 515 -1.42 31.37 8.83
CA PHE C 515 -1.77 31.54 7.44
C PHE C 515 -3.09 30.82 7.15
N GLU C 516 -3.94 31.46 6.36
CA GLU C 516 -5.09 30.77 5.80
C GLU C 516 -4.79 30.49 4.34
N LEU C 517 -4.75 29.21 3.98
CA LEU C 517 -4.35 28.80 2.65
C LEU C 517 -5.24 29.45 1.58
N LEU C 518 -4.71 29.49 0.36
CA LEU C 518 -5.38 30.15 -0.75
C LEU C 518 -6.68 29.43 -1.08
N HIS C 519 -7.81 30.06 -0.74
CA HIS C 519 -9.13 29.57 -1.11
C HIS C 519 -10.02 30.65 -1.66
N ALA C 520 -9.57 31.89 -1.65
CA ALA C 520 -10.38 33.05 -2.00
C ALA C 520 -9.47 34.00 -2.75
N PRO C 521 -10.01 35.10 -3.30
CA PRO C 521 -9.09 36.10 -3.86
C PRO C 521 -8.13 36.59 -2.79
N ALA C 522 -6.86 36.25 -2.95
CA ALA C 522 -5.87 36.53 -1.92
C ALA C 522 -5.63 38.03 -1.84
N THR C 523 -5.04 38.45 -0.74
CA THR C 523 -4.81 39.87 -0.51
C THR C 523 -3.41 40.19 0.00
N VAL C 524 -2.68 39.22 0.51
CA VAL C 524 -1.31 39.42 0.93
C VAL C 524 -0.44 38.58 0.02
N CYS C 525 0.22 39.22 -0.95
CA CYS C 525 1.13 38.55 -1.85
C CYS C 525 2.57 38.92 -1.52
N GLY C 526 3.49 38.07 -1.98
CA GLY C 526 4.89 38.32 -1.78
C GLY C 526 5.43 39.33 -2.78
N PRO C 527 6.71 39.66 -2.65
CA PRO C 527 7.31 40.71 -3.48
C PRO C 527 7.68 40.20 -4.86
N LYS C 528 6.67 39.90 -5.66
CA LYS C 528 6.88 39.39 -7.01
C LYS C 528 6.53 40.46 -8.03
N LYS C 529 7.19 40.39 -9.18
CA LYS C 529 6.98 41.36 -10.24
C LYS C 529 6.02 40.79 -11.28
N SER C 530 4.95 41.52 -11.53
CA SER C 530 3.97 41.05 -12.50
C SER C 530 4.47 41.30 -13.92
N THR C 531 3.87 40.60 -14.88
CA THR C 531 4.17 40.77 -16.29
C THR C 531 2.88 40.97 -17.05
N ASN C 532 2.97 40.93 -18.37
CA ASN C 532 1.78 41.01 -19.18
C ASN C 532 1.17 39.62 -19.38
N LEU C 533 0.00 39.60 -19.98
CA LEU C 533 -0.79 38.39 -20.15
C LEU C 533 -0.84 37.99 -21.61
N VAL C 534 -0.72 36.69 -21.87
CA VAL C 534 -0.69 36.16 -23.22
C VAL C 534 -1.80 35.13 -23.34
N LYS C 535 -2.60 35.26 -24.38
CA LYS C 535 -3.73 34.37 -24.60
C LYS C 535 -3.46 33.44 -25.79
N ASN C 536 -4.15 32.30 -25.78
CA ASN C 536 -4.18 31.39 -26.91
C ASN C 536 -2.82 30.77 -27.20
N LYS C 537 -1.93 30.74 -26.22
CA LYS C 537 -0.61 30.18 -26.40
C LYS C 537 -0.18 29.44 -25.14
N CYS C 538 0.61 28.39 -25.31
CA CYS C 538 1.20 27.72 -24.16
C CYS C 538 2.15 28.64 -23.42
N VAL C 539 1.82 28.90 -22.16
CA VAL C 539 2.68 29.68 -21.28
C VAL C 539 2.75 28.96 -19.94
N ASN C 540 3.84 29.17 -19.23
CA ASN C 540 3.89 28.85 -17.81
C ASN C 540 3.28 30.03 -17.08
N PHE C 541 2.16 29.80 -16.42
CA PHE C 541 1.42 30.87 -15.77
C PHE C 541 1.49 30.73 -14.26
N ASN C 542 1.44 31.87 -13.58
CA ASN C 542 1.46 31.91 -12.13
C ASN C 542 0.49 33.01 -11.70
N PHE C 543 -0.69 32.63 -11.23
CA PHE C 543 -1.67 33.58 -10.73
C PHE C 543 -1.72 33.46 -9.21
N ASN C 544 -1.20 34.47 -8.52
CA ASN C 544 -1.30 34.56 -7.07
C ASN C 544 -0.71 33.33 -6.38
N GLY C 545 0.15 32.62 -7.10
CA GLY C 545 0.73 31.40 -6.58
C GLY C 545 0.08 30.11 -7.04
N LEU C 546 -0.98 30.20 -7.84
CA LEU C 546 -1.58 29.02 -8.47
C LEU C 546 -0.84 28.77 -9.77
N THR C 547 0.19 27.95 -9.73
CA THR C 547 1.07 27.76 -10.89
C THR C 547 0.56 26.61 -11.73
N GLY C 548 1.05 26.57 -12.96
CA GLY C 548 0.66 25.52 -13.89
C GLY C 548 1.00 25.92 -15.30
N THR C 549 0.69 25.02 -16.22
CA THR C 549 0.97 25.22 -17.63
C THR C 549 -0.28 24.94 -18.45
N GLY C 550 -0.63 25.88 -19.32
CA GLY C 550 -1.82 25.71 -20.14
C GLY C 550 -2.01 26.88 -21.06
N VAL C 551 -3.11 26.82 -21.80
CA VAL C 551 -3.45 27.83 -22.79
C VAL C 551 -4.58 28.70 -22.22
N LEU C 552 -4.31 29.98 -22.06
CA LEU C 552 -5.25 30.90 -21.42
C LEU C 552 -6.15 31.52 -22.48
N THR C 553 -7.44 31.25 -22.39
CA THR C 553 -8.42 31.79 -23.34
C THR C 553 -9.46 32.59 -22.58
N GLU C 554 -10.14 33.48 -23.29
CA GLU C 554 -11.27 34.18 -22.69
C GLU C 554 -12.40 33.18 -22.41
N SER C 555 -13.06 33.37 -21.29
CA SER C 555 -14.07 32.41 -20.85
C SER C 555 -15.46 33.02 -20.92
N ASN C 556 -16.45 32.13 -20.80
CA ASN C 556 -17.85 32.54 -20.69
C ASN C 556 -18.43 32.14 -19.34
N LYS C 557 -17.56 31.87 -18.38
CA LYS C 557 -17.98 31.52 -17.03
C LYS C 557 -18.28 32.78 -16.22
N LYS C 558 -19.27 32.68 -15.35
CA LYS C 558 -19.70 33.77 -14.49
C LYS C 558 -19.28 33.45 -13.06
N PHE C 559 -18.09 33.89 -12.68
CA PHE C 559 -17.64 33.71 -11.32
C PHE C 559 -18.46 34.56 -10.36
N LEU C 560 -18.60 34.07 -9.15
CA LEU C 560 -19.20 34.87 -8.10
C LEU C 560 -18.14 35.78 -7.49
N PRO C 561 -18.55 36.93 -6.95
CA PRO C 561 -17.58 37.97 -6.60
C PRO C 561 -16.55 37.55 -5.56
N PHE C 562 -16.80 36.44 -4.87
CA PHE C 562 -15.88 35.96 -3.85
C PHE C 562 -15.09 34.74 -4.29
N GLN C 563 -15.29 34.24 -5.51
CA GLN C 563 -14.62 33.03 -5.98
C GLN C 563 -13.42 33.40 -6.81
N GLN C 564 -12.23 33.08 -6.31
CA GLN C 564 -11.00 33.38 -7.03
C GLN C 564 -10.74 32.46 -8.20
N PHE C 565 -11.13 31.19 -8.09
CA PHE C 565 -10.75 30.24 -9.13
C PHE C 565 -11.65 29.02 -9.05
N GLY C 566 -11.90 28.43 -10.22
CA GLY C 566 -12.72 27.25 -10.31
C GLY C 566 -11.86 26.00 -10.20
N ARG C 567 -12.49 24.86 -10.42
CA ARG C 567 -11.81 23.57 -10.46
C ARG C 567 -12.55 22.63 -11.39
N ASP C 568 -11.87 21.56 -11.75
CA ASP C 568 -12.47 20.47 -12.48
C ASP C 568 -12.83 19.35 -11.51
N ILE C 569 -13.38 18.26 -12.04
CA ILE C 569 -13.66 17.10 -11.21
C ILE C 569 -12.37 16.48 -10.68
N ALA C 570 -11.24 16.74 -11.35
CA ALA C 570 -9.97 16.16 -10.97
C ALA C 570 -9.17 17.05 -10.02
N ASP C 571 -9.79 18.06 -9.42
CA ASP C 571 -9.15 19.02 -8.52
C ASP C 571 -8.08 19.84 -9.23
N THR C 572 -7.94 19.71 -10.53
CA THR C 572 -7.07 20.59 -11.30
C THR C 572 -7.77 21.92 -11.56
N THR C 573 -6.99 22.98 -11.61
CA THR C 573 -7.57 24.30 -11.84
C THR C 573 -8.15 24.38 -13.23
N ASP C 574 -9.36 24.90 -13.34
CA ASP C 574 -10.07 24.97 -14.61
C ASP C 574 -10.22 26.39 -15.10
N ALA C 575 -10.25 27.36 -14.20
CA ALA C 575 -10.43 28.75 -14.58
C ALA C 575 -9.93 29.64 -13.46
N VAL C 576 -9.37 30.78 -13.83
CA VAL C 576 -8.83 31.72 -12.86
C VAL C 576 -9.29 33.13 -13.20
N ARG C 577 -9.29 33.96 -12.17
CA ARG C 577 -9.64 35.36 -12.31
C ARG C 577 -8.36 36.19 -12.25
N ASP C 578 -8.10 36.94 -13.31
CA ASP C 578 -6.90 37.74 -13.35
C ASP C 578 -6.94 38.76 -12.23
N PRO C 579 -5.99 38.74 -11.30
CA PRO C 579 -6.06 39.65 -10.16
C PRO C 579 -6.00 41.12 -10.54
N GLN C 580 -5.43 41.47 -11.68
CA GLN C 580 -5.37 42.87 -12.09
C GLN C 580 -6.49 43.28 -13.02
N THR C 581 -6.92 42.39 -13.91
CA THR C 581 -8.05 42.65 -14.79
C THR C 581 -9.17 41.69 -14.40
N LEU C 582 -10.25 42.24 -13.86
CA LEU C 582 -11.30 41.40 -13.30
C LEU C 582 -12.03 40.71 -14.44
N GLU C 583 -11.39 39.65 -14.94
CA GLU C 583 -11.95 38.85 -16.00
C GLU C 583 -11.69 37.38 -15.68
N ILE C 584 -12.39 36.51 -16.38
CA ILE C 584 -12.33 35.07 -16.13
C ILE C 584 -11.70 34.39 -17.34
N LEU C 585 -10.67 33.61 -17.09
CA LEU C 585 -9.92 32.94 -18.14
C LEU C 585 -10.04 31.43 -17.96
N ASP C 586 -10.37 30.72 -19.03
CA ASP C 586 -10.26 29.28 -19.02
C ASP C 586 -8.79 28.88 -19.15
N ILE C 587 -8.46 27.70 -18.64
CA ILE C 587 -7.13 27.13 -18.79
C ILE C 587 -7.26 25.79 -19.50
N THR C 588 -6.64 25.68 -20.66
CA THR C 588 -6.65 24.44 -21.42
C THR C 588 -5.25 23.87 -21.45
N PRO C 589 -5.03 22.63 -21.01
CA PRO C 589 -3.70 22.05 -21.06
C PRO C 589 -3.18 21.98 -22.49
N CYS C 590 -1.87 22.15 -22.62
CA CYS C 590 -1.26 22.21 -23.95
C CYS C 590 -1.41 20.91 -24.71
N SER C 591 -1.50 21.02 -26.02
CA SER C 591 -1.72 19.85 -26.85
C SER C 591 -0.60 18.84 -26.65
N PHE C 592 -0.97 17.56 -26.60
CA PHE C 592 -0.02 16.49 -26.46
C PHE C 592 -0.63 15.24 -27.07
N GLY C 593 0.21 14.21 -27.23
CA GLY C 593 -0.25 12.97 -27.80
C GLY C 593 0.86 11.97 -27.84
N GLY C 594 0.48 10.71 -28.00
CA GLY C 594 1.46 9.66 -28.12
C GLY C 594 2.24 9.76 -29.42
N VAL C 595 3.40 9.12 -29.43
CA VAL C 595 4.27 9.09 -30.60
C VAL C 595 4.49 7.64 -30.97
N SER C 596 4.07 7.27 -32.17
CA SER C 596 4.23 5.91 -32.67
C SER C 596 4.99 5.93 -33.98
N VAL C 597 6.01 5.09 -34.09
CA VAL C 597 6.93 5.08 -35.22
C VAL C 597 6.52 3.97 -36.16
N ILE C 598 6.40 4.27 -37.44
CA ILE C 598 6.11 3.27 -38.47
C ILE C 598 7.42 2.90 -39.14
N THR C 599 7.92 1.70 -38.86
CA THR C 599 9.18 1.25 -39.44
C THR C 599 8.92 0.07 -40.37
N PRO C 600 9.32 0.13 -41.63
CA PRO C 600 9.17 -1.06 -42.49
C PRO C 600 10.03 -2.22 -42.03
N GLY C 601 11.00 -1.98 -41.16
CA GLY C 601 11.92 -3.01 -40.73
C GLY C 601 13.33 -2.69 -41.15
N THR C 602 14.23 -2.49 -40.18
CA THR C 602 15.60 -2.09 -40.51
C THR C 602 16.28 -3.07 -41.45
N ASN C 603 15.82 -4.32 -41.48
CA ASN C 603 16.29 -5.28 -42.45
C ASN C 603 15.94 -4.88 -43.87
N THR C 604 15.02 -3.93 -44.04
CA THR C 604 14.62 -3.46 -45.37
C THR C 604 14.98 -2.01 -45.61
N SER C 605 14.61 -1.11 -44.70
CA SER C 605 14.89 0.31 -44.88
C SER C 605 15.15 0.94 -43.53
N ASN C 606 15.80 2.09 -43.55
CA ASN C 606 15.97 2.91 -42.36
C ASN C 606 15.09 4.14 -42.38
N GLU C 607 14.20 4.24 -43.35
CA GLU C 607 13.32 5.38 -43.51
C GLU C 607 12.03 5.12 -42.73
N VAL C 608 11.63 6.08 -41.89
CA VAL C 608 10.53 5.88 -40.96
C VAL C 608 9.47 6.94 -41.16
N ALA C 609 8.27 6.63 -40.70
CA ALA C 609 7.16 7.56 -40.67
C ALA C 609 6.59 7.63 -39.27
N VAL C 610 6.29 8.84 -38.82
CA VAL C 610 5.94 9.12 -37.43
C VAL C 610 4.47 9.45 -37.35
N LEU C 611 3.80 8.91 -36.34
CA LEU C 611 2.38 9.15 -36.12
C LEU C 611 2.20 9.92 -34.83
N TYR C 612 1.68 11.14 -34.92
CA TYR C 612 1.30 11.91 -33.75
C TYR C 612 -0.18 11.67 -33.49
N GLN C 613 -0.47 10.84 -32.50
CA GLN C 613 -1.85 10.42 -32.24
C GLN C 613 -2.71 11.60 -31.82
N ASP C 614 -3.88 11.70 -32.44
CA ASP C 614 -4.96 12.56 -31.95
C ASP C 614 -4.50 14.00 -31.73
N VAL C 615 -3.68 14.50 -32.64
CA VAL C 615 -3.22 15.88 -32.61
C VAL C 615 -3.37 16.46 -34.01
N ASN C 616 -3.80 17.71 -34.05
CA ASN C 616 -3.95 18.43 -35.32
C ASN C 616 -2.57 18.68 -35.92
N CYS C 617 -2.48 18.62 -37.24
CA CYS C 617 -1.19 18.79 -37.90
C CYS C 617 -0.61 20.19 -37.73
N THR C 618 -1.42 21.17 -37.36
CA THR C 618 -0.92 22.54 -37.30
C THR C 618 0.01 22.77 -36.12
N GLU C 619 0.00 21.90 -35.11
CA GLU C 619 0.83 22.10 -33.93
C GLU C 619 2.14 21.34 -33.95
N VAL C 620 2.32 20.41 -34.87
CA VAL C 620 3.54 19.63 -34.87
C VAL C 620 4.73 20.49 -35.24
N ASN C 641 4.83 16.55 -47.39
CA ASN C 641 4.50 15.14 -47.18
C ASN C 641 3.91 14.91 -45.81
N VAL C 642 2.72 15.45 -45.58
CA VAL C 642 1.99 15.32 -44.32
C VAL C 642 0.58 14.87 -44.63
N PHE C 643 0.10 13.85 -43.93
CA PHE C 643 -1.25 13.36 -44.08
C PHE C 643 -1.94 13.38 -42.73
N GLN C 644 -3.10 14.02 -42.67
CA GLN C 644 -3.88 14.14 -41.44
C GLN C 644 -5.00 13.11 -41.45
N THR C 645 -4.97 12.21 -40.46
CA THR C 645 -5.95 11.14 -40.37
C THR C 645 -6.69 11.25 -39.04
N ARG C 646 -7.81 10.53 -38.94
CA ARG C 646 -8.60 10.58 -37.72
C ARG C 646 -7.80 10.16 -36.50
N ALA C 647 -6.78 9.31 -36.70
CA ALA C 647 -5.90 8.95 -35.60
C ALA C 647 -4.94 10.06 -35.23
N GLY C 648 -4.64 10.97 -36.13
CA GLY C 648 -3.75 12.06 -35.83
C GLY C 648 -3.00 12.50 -37.07
N CYS C 649 -1.83 13.09 -36.83
CA CYS C 649 -1.03 13.72 -37.88
C CYS C 649 0.10 12.79 -38.28
N LEU C 650 0.00 12.21 -39.48
CA LEU C 650 0.95 11.22 -39.96
C LEU C 650 2.00 11.91 -40.81
N ILE C 651 3.25 11.88 -40.36
CA ILE C 651 4.36 12.54 -41.05
C ILE C 651 5.19 11.49 -41.76
N GLY C 652 5.52 11.75 -43.02
CA GLY C 652 6.44 10.94 -43.76
C GLY C 652 5.79 9.97 -44.72
N ALA C 653 4.51 9.72 -44.58
CA ALA C 653 3.81 8.79 -45.44
C ALA C 653 3.14 9.54 -46.59
N GLU C 654 3.32 9.01 -47.79
CA GLU C 654 2.67 9.57 -48.96
C GLU C 654 1.35 8.84 -49.16
N HIS C 655 0.25 9.57 -49.00
CA HIS C 655 -1.09 9.00 -49.16
C HIS C 655 -1.24 8.42 -50.55
N VAL C 656 -1.89 7.27 -50.65
CA VAL C 656 -2.16 6.63 -51.93
C VAL C 656 -3.66 6.42 -52.06
N ASN C 657 -4.20 6.81 -53.20
CA ASN C 657 -5.64 6.64 -53.43
C ASN C 657 -6.00 5.19 -53.68
N ASN C 658 -5.02 4.34 -53.98
CA ASN C 658 -5.31 2.94 -54.24
C ASN C 658 -5.59 2.20 -52.94
N SER C 659 -6.26 1.06 -53.04
CA SER C 659 -6.61 0.25 -51.89
C SER C 659 -5.72 -0.99 -51.83
N TYR C 660 -5.10 -1.22 -50.68
CA TYR C 660 -4.26 -2.40 -50.46
C TYR C 660 -4.69 -3.07 -49.17
N GLU C 661 -4.29 -4.33 -49.02
CA GLU C 661 -4.52 -5.02 -47.76
C GLU C 661 -3.63 -4.40 -46.67
N CYS C 662 -4.02 -4.58 -45.42
CA CYS C 662 -3.29 -3.95 -44.33
C CYS C 662 -1.98 -4.68 -44.07
N ASP C 663 -0.93 -3.91 -43.86
CA ASP C 663 0.37 -4.48 -43.55
C ASP C 663 0.82 -4.02 -42.17
N ILE C 664 0.78 -2.71 -41.94
CA ILE C 664 1.04 -2.13 -40.63
C ILE C 664 -0.17 -1.27 -40.27
N PRO C 665 -0.92 -1.61 -39.23
CA PRO C 665 -2.12 -0.83 -38.92
C PRO C 665 -1.79 0.48 -38.23
N ILE C 666 -2.54 1.52 -38.57
CA ILE C 666 -2.36 2.85 -37.99
C ILE C 666 -3.56 3.24 -37.13
N GLY C 667 -4.76 3.05 -37.65
CA GLY C 667 -5.97 3.45 -36.97
C GLY C 667 -6.96 4.00 -37.98
N ALA C 668 -8.25 3.92 -37.61
CA ALA C 668 -9.31 4.46 -38.44
C ALA C 668 -9.23 3.93 -39.87
N GLY C 669 -8.86 2.67 -40.03
CA GLY C 669 -8.82 2.06 -41.33
C GLY C 669 -7.61 2.42 -42.17
N ILE C 670 -6.63 3.11 -41.61
CA ILE C 670 -5.44 3.54 -42.34
C ILE C 670 -4.29 2.61 -41.99
N CYS C 671 -3.66 2.05 -43.02
CA CYS C 671 -2.54 1.14 -42.83
C CYS C 671 -1.36 1.60 -43.68
N ALA C 672 -0.16 1.39 -43.15
CA ALA C 672 1.06 1.86 -43.77
C ALA C 672 1.89 0.69 -44.26
N SER C 673 2.49 0.86 -45.43
CA SER C 673 3.30 -0.18 -46.06
C SER C 673 4.38 0.49 -46.90
N TYR C 674 5.38 -0.29 -47.25
CA TYR C 674 6.57 0.20 -47.94
C TYR C 674 6.55 -0.34 -49.36
N GLN C 675 6.37 0.56 -50.34
CA GLN C 675 6.17 0.14 -51.71
C GLN C 675 6.97 1.02 -52.65
N THR C 676 7.27 0.47 -53.82
CA THR C 676 8.04 1.17 -54.85
C THR C 676 7.22 2.27 -55.51
N GLN C 690 11.49 3.87 -53.83
CA GLN C 690 10.77 3.26 -52.73
C GLN C 690 10.55 4.25 -51.60
N SER C 691 9.41 4.14 -50.91
CA SER C 691 9.08 5.04 -49.81
C SER C 691 7.95 4.42 -49.00
N ILE C 692 7.56 5.12 -47.94
CA ILE C 692 6.49 4.68 -47.06
C ILE C 692 5.19 5.33 -47.49
N ILE C 693 4.15 4.53 -47.68
CA ILE C 693 2.85 5.03 -48.07
C ILE C 693 1.84 4.62 -47.01
N ALA C 694 0.75 5.38 -46.94
CA ALA C 694 -0.38 5.06 -46.10
C ALA C 694 -1.65 5.09 -46.94
N TYR C 695 -2.55 4.15 -46.67
CA TYR C 695 -3.67 3.96 -47.56
C TYR C 695 -4.88 3.52 -46.76
N THR C 696 -6.05 3.72 -47.35
CA THR C 696 -7.27 3.17 -46.77
C THR C 696 -7.28 1.67 -46.97
N MET C 697 -7.23 0.92 -45.89
CA MET C 697 -6.97 -0.50 -46.00
C MET C 697 -8.07 -1.20 -46.77
N SER C 698 -7.67 -2.14 -47.61
CA SER C 698 -8.63 -2.92 -48.38
C SER C 698 -9.27 -3.97 -47.48
N LEU C 699 -10.50 -4.31 -47.80
CA LEU C 699 -11.16 -5.41 -47.12
C LEU C 699 -10.80 -6.73 -47.74
N GLY C 700 -10.42 -6.71 -49.00
CA GLY C 700 -10.31 -7.90 -49.79
C GLY C 700 -10.91 -7.63 -51.15
N ALA C 701 -10.79 -8.62 -52.01
CA ALA C 701 -11.35 -8.52 -53.33
C ALA C 701 -12.86 -8.68 -53.28
N GLU C 702 -13.57 -7.60 -53.61
CA GLU C 702 -15.02 -7.65 -53.73
C GLU C 702 -15.42 -8.73 -54.73
N ASN C 703 -16.44 -9.51 -54.37
CA ASN C 703 -16.86 -10.60 -55.24
C ASN C 703 -18.38 -10.71 -55.17
N SER C 704 -19.06 -10.06 -56.11
CA SER C 704 -20.49 -10.27 -56.24
C SER C 704 -20.75 -11.71 -56.65
N VAL C 705 -21.82 -12.28 -56.12
CA VAL C 705 -22.20 -13.65 -56.40
C VAL C 705 -23.31 -13.63 -57.44
N ALA C 706 -23.22 -14.55 -58.41
CA ALA C 706 -24.19 -14.59 -59.49
C ALA C 706 -25.48 -15.29 -59.03
N TYR C 707 -26.13 -14.66 -58.05
CA TYR C 707 -27.38 -15.19 -57.55
C TYR C 707 -28.43 -15.16 -58.63
N SER C 708 -29.22 -16.23 -58.72
CA SER C 708 -30.42 -16.24 -59.52
C SER C 708 -31.27 -17.43 -59.08
N ASN C 709 -32.58 -17.22 -59.12
CA ASN C 709 -33.51 -18.13 -58.48
C ASN C 709 -33.57 -19.51 -59.13
N ASN C 710 -32.77 -19.79 -60.15
CA ASN C 710 -32.79 -21.10 -60.76
C ASN C 710 -31.40 -21.57 -61.16
N SER C 711 -30.37 -21.19 -60.40
CA SER C 711 -29.01 -21.59 -60.73
C SER C 711 -28.28 -22.06 -59.47
N ILE C 712 -27.53 -23.15 -59.58
CA ILE C 712 -26.75 -23.69 -58.47
C ILE C 712 -25.29 -23.74 -58.90
N ALA C 713 -24.40 -23.76 -57.90
CA ALA C 713 -22.97 -23.91 -58.14
C ALA C 713 -22.46 -25.11 -57.36
N ILE C 714 -22.31 -26.24 -58.05
CA ILE C 714 -21.95 -27.51 -57.44
C ILE C 714 -20.51 -27.83 -57.82
N PRO C 715 -19.60 -27.96 -56.85
CA PRO C 715 -18.21 -28.24 -57.20
C PRO C 715 -18.06 -29.61 -57.84
N THR C 716 -17.10 -29.73 -58.76
CA THR C 716 -16.79 -30.99 -59.41
C THR C 716 -15.48 -31.60 -58.96
N ASN C 717 -14.69 -30.88 -58.19
CA ASN C 717 -13.41 -31.38 -57.72
C ASN C 717 -13.15 -30.80 -56.34
N PHE C 718 -12.19 -31.39 -55.64
CA PHE C 718 -11.95 -31.03 -54.26
C PHE C 718 -10.46 -30.92 -54.02
N THR C 719 -10.11 -30.48 -52.82
CA THR C 719 -8.75 -30.54 -52.33
C THR C 719 -8.79 -31.05 -50.90
N ILE C 720 -7.76 -31.79 -50.52
CA ILE C 720 -7.51 -32.11 -49.13
C ILE C 720 -6.35 -31.24 -48.68
N SER C 721 -6.59 -30.33 -47.77
CA SER C 721 -5.54 -29.46 -47.28
C SER C 721 -5.18 -29.90 -45.88
N VAL C 722 -4.10 -29.34 -45.36
CA VAL C 722 -3.69 -29.52 -43.97
C VAL C 722 -3.25 -28.17 -43.43
N THR C 723 -3.96 -27.69 -42.43
CA THR C 723 -3.63 -26.39 -41.86
C THR C 723 -3.09 -26.60 -40.46
N THR C 724 -2.28 -25.67 -40.01
CA THR C 724 -1.61 -25.76 -38.74
C THR C 724 -2.28 -24.84 -37.73
N GLU C 725 -2.69 -25.38 -36.61
CA GLU C 725 -3.31 -24.63 -35.53
C GLU C 725 -2.47 -24.82 -34.28
N ILE C 726 -2.05 -23.73 -33.66
CA ILE C 726 -1.14 -23.77 -32.53
C ILE C 726 -1.86 -23.21 -31.32
N LEU C 727 -1.68 -23.84 -30.17
CA LEU C 727 -2.32 -23.43 -28.93
C LEU C 727 -1.33 -23.56 -27.79
N PRO C 728 -1.22 -22.57 -26.91
CA PRO C 728 -0.44 -22.78 -25.69
C PRO C 728 -1.16 -23.79 -24.82
N VAL C 729 -0.42 -24.48 -23.96
CA VAL C 729 -0.99 -25.40 -22.99
C VAL C 729 -0.53 -25.09 -21.57
N SER C 730 0.78 -24.97 -21.36
CA SER C 730 1.27 -24.78 -20.01
C SER C 730 2.29 -23.66 -19.98
N MET C 731 2.35 -22.97 -18.86
CA MET C 731 3.38 -21.99 -18.61
C MET C 731 4.57 -22.67 -17.96
N THR C 732 5.63 -21.90 -17.73
CA THR C 732 6.75 -22.41 -16.96
C THR C 732 6.39 -22.40 -15.48
N LYS C 733 6.50 -23.56 -14.83
CA LYS C 733 5.99 -23.74 -13.48
C LYS C 733 6.89 -22.99 -12.49
N THR C 734 6.81 -21.65 -12.56
CA THR C 734 7.68 -20.82 -11.76
C THR C 734 7.31 -20.94 -10.29
N SER C 735 8.32 -20.82 -9.44
CA SER C 735 8.12 -20.68 -8.00
C SER C 735 9.07 -19.62 -7.47
N VAL C 736 8.60 -18.80 -6.55
CA VAL C 736 9.41 -17.75 -5.95
C VAL C 736 9.26 -17.80 -4.44
N ASP C 737 10.38 -17.85 -3.75
CA ASP C 737 10.42 -17.63 -2.31
C ASP C 737 10.46 -16.13 -2.07
N CYS C 738 9.57 -15.62 -1.22
CA CYS C 738 9.79 -14.25 -0.73
C CYS C 738 11.13 -14.13 -0.04
N THR C 739 11.28 -14.82 1.09
CA THR C 739 12.21 -14.35 2.12
C THR C 739 13.60 -14.16 1.55
N MET C 740 14.00 -15.02 0.62
CA MET C 740 15.25 -14.76 -0.10
C MET C 740 15.09 -13.58 -1.05
N TYR C 741 13.98 -13.52 -1.79
CA TYR C 741 13.79 -12.43 -2.75
C TYR C 741 13.72 -11.09 -2.04
N ILE C 742 13.03 -11.04 -0.91
CA ILE C 742 12.84 -9.76 -0.22
C ILE C 742 13.97 -9.49 0.76
N CYS C 743 14.31 -10.48 1.58
CA CYS C 743 15.29 -10.27 2.63
C CYS C 743 16.41 -11.30 2.55
N GLY C 744 16.95 -11.51 1.36
CA GLY C 744 17.91 -12.58 1.17
C GLY C 744 19.08 -12.55 2.12
N ASP C 745 19.11 -13.52 3.03
CA ASP C 745 20.23 -13.71 3.96
C ASP C 745 20.51 -12.44 4.77
N SER C 746 19.46 -11.83 5.30
CA SER C 746 19.61 -10.69 6.20
C SER C 746 18.68 -10.87 7.38
N THR C 747 19.25 -11.17 8.54
CA THR C 747 18.44 -11.38 9.74
C THR C 747 17.64 -10.12 10.07
N GLU C 748 18.28 -8.96 10.02
CA GLU C 748 17.58 -7.72 10.34
C GLU C 748 16.40 -7.50 9.40
N CYS C 749 16.51 -7.94 8.15
CA CYS C 749 15.41 -7.75 7.22
C CYS C 749 14.28 -8.71 7.52
N SER C 750 14.60 -9.98 7.78
CA SER C 750 13.55 -10.98 7.95
C SER C 750 12.67 -10.68 9.16
N ASN C 751 13.23 -10.00 10.16
CA ASN C 751 12.41 -9.59 11.29
C ASN C 751 11.33 -8.61 10.87
N LEU C 752 11.64 -7.70 9.96
CA LEU C 752 10.63 -6.77 9.46
C LEU C 752 9.59 -7.47 8.59
N LEU C 753 10.02 -8.36 7.70
CA LEU C 753 9.05 -9.03 6.83
C LEU C 753 8.02 -9.78 7.64
N LEU C 754 8.35 -10.15 8.88
CA LEU C 754 7.38 -10.84 9.71
C LEU C 754 6.24 -9.93 10.13
N GLN C 755 6.48 -8.62 10.27
CA GLN C 755 5.42 -7.72 10.67
C GLN C 755 4.35 -7.54 9.61
N TYR C 756 4.57 -8.03 8.40
CA TYR C 756 3.57 -7.93 7.33
C TYR C 756 2.67 -9.13 7.26
N GLY C 757 2.66 -9.96 8.28
CA GLY C 757 1.70 -11.06 8.33
C GLY C 757 1.92 -12.04 7.19
N SER C 758 0.83 -12.60 6.70
CA SER C 758 0.86 -13.70 5.75
C SER C 758 0.99 -13.25 4.30
N PHE C 759 1.43 -12.01 4.04
CA PHE C 759 1.62 -11.59 2.66
C PHE C 759 2.45 -12.60 1.88
N CYS C 760 3.53 -13.10 2.48
CA CYS C 760 4.36 -14.06 1.78
C CYS C 760 3.70 -15.42 1.64
N THR C 761 3.15 -15.97 2.72
CA THR C 761 2.66 -17.35 2.63
C THR C 761 1.59 -17.47 1.55
N GLN C 762 0.73 -16.46 1.41
CA GLN C 762 -0.25 -16.51 0.34
C GLN C 762 0.37 -16.29 -1.04
N LEU C 763 1.34 -15.39 -1.17
CA LEU C 763 2.01 -15.23 -2.45
C LEU C 763 2.63 -16.54 -2.90
N ASN C 764 3.42 -17.16 -2.02
CA ASN C 764 4.01 -18.44 -2.34
C ASN C 764 2.93 -19.47 -2.64
N ARG C 765 1.83 -19.42 -1.88
CA ARG C 765 0.75 -20.36 -2.13
C ARG C 765 0.11 -20.14 -3.49
N ALA C 766 -0.12 -18.89 -3.86
CA ALA C 766 -0.82 -18.62 -5.12
C ALA C 766 -0.01 -19.14 -6.31
N LEU C 767 1.30 -18.90 -6.32
CA LEU C 767 2.14 -19.42 -7.38
C LEU C 767 2.13 -20.94 -7.38
N THR C 768 2.15 -21.54 -6.19
CA THR C 768 2.09 -23.00 -6.10
C THR C 768 0.79 -23.53 -6.68
N GLY C 769 -0.31 -22.83 -6.43
CA GLY C 769 -1.56 -23.20 -7.08
C GLY C 769 -1.45 -23.16 -8.59
N ILE C 770 -0.77 -22.16 -9.12
CA ILE C 770 -0.51 -22.12 -10.56
C ILE C 770 0.31 -23.33 -10.97
N ALA C 771 1.30 -23.69 -10.17
CA ALA C 771 2.19 -24.78 -10.55
C ALA C 771 1.42 -26.08 -10.77
N VAL C 772 0.56 -26.44 -9.84
CA VAL C 772 -0.19 -27.68 -9.98
C VAL C 772 -1.15 -27.58 -11.17
N GLU C 773 -1.83 -26.46 -11.30
CA GLU C 773 -2.77 -26.28 -12.40
C GLU C 773 -2.10 -26.49 -13.74
N GLN C 774 -0.84 -26.07 -13.87
CA GLN C 774 -0.10 -26.32 -15.09
C GLN C 774 -0.02 -27.79 -15.41
N ASP C 775 0.33 -28.62 -14.42
CA ASP C 775 0.41 -30.05 -14.68
C ASP C 775 -0.94 -30.62 -15.04
N LYS C 776 -2.01 -30.14 -14.39
CA LYS C 776 -3.35 -30.58 -14.75
C LYS C 776 -3.67 -30.18 -16.18
N ASN C 777 -3.24 -29.00 -16.59
CA ASN C 777 -3.45 -28.59 -17.98
C ASN C 777 -2.88 -29.63 -18.93
N THR C 778 -1.62 -29.98 -18.75
CA THR C 778 -0.94 -30.85 -19.70
C THR C 778 -1.58 -32.23 -19.71
N GLN C 779 -1.98 -32.73 -18.55
CA GLN C 779 -2.53 -34.07 -18.47
C GLN C 779 -3.91 -34.13 -19.11
N GLU C 780 -4.70 -33.06 -18.97
CA GLU C 780 -6.03 -33.06 -19.56
C GLU C 780 -5.98 -32.85 -21.06
N VAL C 781 -4.97 -32.12 -21.55
CA VAL C 781 -4.87 -31.92 -23.00
C VAL C 781 -4.47 -33.22 -23.68
N PHE C 782 -3.48 -33.93 -23.16
CA PHE C 782 -2.92 -35.10 -23.79
C PHE C 782 -3.49 -36.41 -23.26
N ALA C 783 -3.45 -36.62 -21.94
CA ALA C 783 -3.72 -37.94 -21.36
C ALA C 783 -5.22 -38.24 -21.40
N GLN C 784 -5.75 -38.24 -22.61
CA GLN C 784 -7.15 -38.57 -22.83
C GLN C 784 -7.33 -40.03 -23.19
N VAL C 785 -6.26 -40.78 -23.28
CA VAL C 785 -6.31 -42.19 -23.66
C VAL C 785 -5.76 -43.03 -22.52
N LYS C 786 -6.44 -44.12 -22.21
CA LYS C 786 -6.01 -44.97 -21.10
C LYS C 786 -4.78 -45.78 -21.45
N GLN C 787 -4.74 -46.33 -22.65
CA GLN C 787 -3.67 -47.22 -23.07
C GLN C 787 -2.86 -46.56 -24.18
N ILE C 788 -1.54 -46.68 -24.09
CA ILE C 788 -0.65 -46.22 -25.14
C ILE C 788 -0.53 -47.29 -26.20
N TYR C 789 -1.09 -47.01 -27.36
CA TYR C 789 -1.05 -47.91 -28.49
C TYR C 789 0.25 -47.71 -29.24
N LYS C 790 0.61 -48.66 -30.08
CA LYS C 790 1.76 -48.48 -30.95
C LYS C 790 1.45 -49.04 -32.32
N THR C 791 1.87 -48.30 -33.33
CA THR C 791 1.64 -48.69 -34.71
C THR C 791 2.42 -49.94 -35.06
N PRO C 792 1.83 -50.82 -35.86
CA PRO C 792 2.55 -52.00 -36.30
C PRO C 792 3.66 -51.62 -37.27
N PRO C 793 4.65 -52.50 -37.47
CA PRO C 793 5.76 -52.16 -38.38
C PRO C 793 5.31 -51.87 -39.81
N ILE C 794 4.26 -52.52 -40.30
CA ILE C 794 3.77 -52.28 -41.65
C ILE C 794 3.02 -50.95 -41.66
N LYS C 795 3.24 -50.18 -42.72
CA LYS C 795 2.66 -48.85 -42.86
C LYS C 795 1.74 -48.78 -44.08
N ASP C 796 1.12 -49.90 -44.43
CA ASP C 796 0.25 -49.95 -45.61
C ASP C 796 -1.08 -49.26 -45.28
N PHE C 797 -1.00 -47.96 -45.04
CA PHE C 797 -2.18 -47.13 -44.81
C PHE C 797 -2.76 -46.64 -46.12
N GLY C 798 -3.26 -47.57 -46.93
CA GLY C 798 -3.93 -47.22 -48.16
C GLY C 798 -3.18 -46.29 -49.08
N GLY C 799 -1.91 -46.03 -48.81
CA GLY C 799 -1.15 -45.04 -49.55
C GLY C 799 -0.91 -43.76 -48.79
N PHE C 800 -1.61 -43.53 -47.70
CA PHE C 800 -1.37 -42.35 -46.88
C PHE C 800 -0.03 -42.53 -46.20
N ASN C 801 0.78 -41.48 -46.17
CA ASN C 801 2.13 -41.56 -45.65
C ASN C 801 2.26 -40.72 -44.39
N PHE C 802 2.31 -41.38 -43.24
CA PHE C 802 2.43 -40.71 -41.96
C PHE C 802 3.85 -40.71 -41.41
N SER C 803 4.82 -41.15 -42.21
CA SER C 803 6.16 -41.34 -41.67
C SER C 803 6.76 -40.05 -41.16
N GLN C 804 6.21 -38.91 -41.53
CA GLN C 804 6.67 -37.65 -40.98
C GLN C 804 6.14 -37.40 -39.57
N ILE C 805 4.95 -37.90 -39.25
CA ILE C 805 4.32 -37.62 -37.97
C ILE C 805 4.43 -38.76 -36.97
N LEU C 806 4.64 -39.99 -37.40
CA LEU C 806 4.88 -41.02 -36.41
C LEU C 806 6.26 -40.81 -35.78
N PRO C 807 6.46 -41.27 -34.54
CA PRO C 807 7.77 -41.11 -33.93
C PRO C 807 8.84 -41.85 -34.71
N ASP C 808 10.02 -41.23 -34.81
CA ASP C 808 11.16 -41.86 -35.46
C ASP C 808 11.86 -42.73 -34.43
N PRO C 809 11.87 -44.06 -34.60
CA PRO C 809 12.52 -44.92 -33.60
C PRO C 809 14.01 -44.68 -33.47
N SER C 810 14.67 -44.14 -34.49
CA SER C 810 16.12 -44.01 -34.49
C SER C 810 16.63 -42.82 -33.68
N LYS C 811 15.76 -41.90 -33.28
CA LYS C 811 16.21 -40.75 -32.51
C LYS C 811 16.07 -41.04 -31.02
N SER C 813 15.35 -39.21 -28.65
CA SER C 813 13.98 -39.06 -28.18
C SER C 813 13.02 -39.58 -29.25
N LYS C 814 12.07 -40.41 -28.83
CA LYS C 814 11.14 -41.06 -29.76
C LYS C 814 10.11 -40.04 -30.24
N ARG C 815 10.56 -39.18 -31.15
CA ARG C 815 9.75 -38.07 -31.64
C ARG C 815 9.71 -38.10 -33.16
N SER C 816 8.64 -37.54 -33.71
CA SER C 816 8.49 -37.49 -35.15
C SER C 816 9.34 -36.39 -35.75
N PHE C 817 9.55 -36.48 -37.06
CA PHE C 817 10.34 -35.47 -37.74
C PHE C 817 9.74 -34.09 -37.56
N ILE C 818 8.44 -33.97 -37.80
CA ILE C 818 7.79 -32.67 -37.68
C ILE C 818 7.88 -32.16 -36.25
N GLU C 819 7.80 -33.06 -35.28
CA GLU C 819 7.93 -32.65 -33.89
C GLU C 819 9.31 -32.08 -33.62
N ASP C 820 10.34 -32.61 -34.28
CA ASP C 820 11.68 -32.05 -34.12
C ASP C 820 11.74 -30.61 -34.59
N LEU C 821 11.16 -30.32 -35.75
CA LEU C 821 11.18 -28.95 -36.27
C LEU C 821 10.54 -28.00 -35.28
N LEU C 822 9.40 -28.41 -34.72
CA LEU C 822 8.73 -27.56 -33.75
C LEU C 822 9.63 -27.28 -32.56
N PHE C 823 10.36 -28.29 -32.10
CA PHE C 823 11.22 -28.11 -30.93
C PHE C 823 12.37 -27.16 -31.23
N ASN C 824 12.77 -27.05 -32.49
CA ASN C 824 13.93 -26.24 -32.83
C ASN C 824 13.59 -24.79 -33.14
N LYS C 825 12.31 -24.45 -33.33
CA LYS C 825 11.93 -23.09 -33.66
C LYS C 825 11.59 -22.27 -32.42
N VAL C 826 11.72 -22.85 -31.23
CA VAL C 826 11.30 -22.22 -29.99
C VAL C 826 12.49 -22.12 -29.07
N THR C 827 12.66 -20.97 -28.42
CA THR C 827 13.73 -20.78 -27.45
C THR C 827 13.41 -19.69 -26.44
N ASN C 856 18.86 -15.45 -5.81
CA ASN C 856 17.70 -14.57 -5.83
C ASN C 856 16.47 -15.28 -5.30
N GLY C 857 16.60 -16.57 -5.04
CA GLY C 857 15.52 -17.36 -4.54
C GLY C 857 14.47 -17.73 -5.57
N LEU C 858 14.71 -17.42 -6.83
CA LEU C 858 13.74 -17.67 -7.89
C LEU C 858 14.10 -18.98 -8.57
N THR C 859 13.17 -19.94 -8.53
CA THR C 859 13.42 -21.26 -9.07
C THR C 859 12.34 -21.63 -10.07
N VAL C 860 12.64 -22.62 -10.89
CA VAL C 860 11.70 -23.13 -11.88
C VAL C 860 11.46 -24.60 -11.57
N LEU C 861 10.27 -24.94 -11.36
CA LEU C 861 10.06 -26.36 -11.15
C LEU C 861 9.97 -27.06 -12.49
N PRO C 862 10.29 -28.35 -12.54
CA PRO C 862 10.16 -29.09 -13.79
C PRO C 862 8.75 -29.62 -13.95
N PRO C 863 8.26 -29.72 -15.19
CA PRO C 863 6.91 -30.24 -15.40
C PRO C 863 6.83 -31.69 -15.00
N LEU C 864 5.67 -32.09 -14.48
CA LEU C 864 5.51 -33.46 -14.04
C LEU C 864 5.73 -34.44 -15.19
N LEU C 865 5.14 -34.18 -16.33
CA LEU C 865 5.31 -35.00 -17.50
C LEU C 865 6.53 -34.49 -18.26
N THR C 866 7.37 -35.40 -18.72
CA THR C 866 8.54 -34.99 -19.48
C THR C 866 8.25 -35.07 -20.97
N ASP C 867 9.06 -34.32 -21.74
CA ASP C 867 8.87 -34.30 -23.19
C ASP C 867 8.92 -35.69 -23.78
N GLU C 868 9.74 -36.58 -23.21
CA GLU C 868 9.75 -37.96 -23.67
C GLU C 868 8.41 -38.63 -23.44
N MET C 869 7.78 -38.37 -22.29
CA MET C 869 6.45 -38.93 -22.05
C MET C 869 5.41 -38.31 -22.95
N ILE C 870 5.44 -36.98 -23.08
CA ILE C 870 4.46 -36.30 -23.91
C ILE C 870 4.47 -36.88 -25.31
N ALA C 871 5.67 -37.11 -25.85
CA ALA C 871 5.76 -37.75 -27.16
C ALA C 871 5.11 -39.12 -27.17
N GLN C 872 5.14 -39.82 -26.03
CA GLN C 872 4.52 -41.14 -25.99
C GLN C 872 3.00 -41.03 -26.07
N TYR C 873 2.40 -40.16 -25.28
CA TYR C 873 0.95 -39.96 -25.36
C TYR C 873 0.55 -39.61 -26.78
N THR C 874 1.18 -38.57 -27.34
CA THR C 874 0.86 -38.17 -28.70
C THR C 874 1.10 -39.30 -29.67
N SER C 875 2.08 -40.16 -29.40
CA SER C 875 2.28 -41.32 -30.26
C SER C 875 1.05 -42.21 -30.26
N ALA C 876 0.42 -42.38 -29.10
CA ALA C 876 -0.80 -43.17 -29.06
C ALA C 876 -1.92 -42.50 -29.81
N LEU C 877 -2.16 -41.22 -29.54
CA LEU C 877 -3.27 -40.52 -30.16
C LEU C 877 -3.21 -40.61 -31.68
N LEU C 878 -2.01 -40.48 -32.24
CA LEU C 878 -1.86 -40.81 -33.66
C LEU C 878 -2.11 -42.29 -33.89
N ALA C 879 -1.54 -43.15 -33.05
CA ALA C 879 -1.66 -44.59 -33.31
C ALA C 879 -3.11 -45.04 -33.23
N GLY C 880 -3.85 -44.53 -32.25
CA GLY C 880 -5.28 -44.84 -32.19
C GLY C 880 -6.03 -44.24 -33.35
N THR C 881 -5.75 -42.97 -33.65
CA THR C 881 -6.44 -42.29 -34.75
C THR C 881 -6.14 -42.97 -36.07
N ILE C 882 -4.89 -43.31 -36.30
CA ILE C 882 -4.49 -43.92 -37.55
C ILE C 882 -5.13 -45.30 -37.72
N THR C 883 -5.11 -46.10 -36.66
CA THR C 883 -5.46 -47.51 -36.77
C THR C 883 -6.92 -47.81 -36.45
N SER C 884 -7.57 -47.01 -35.61
CA SER C 884 -8.86 -47.38 -35.06
C SER C 884 -9.95 -46.35 -35.26
N GLY C 885 -9.61 -45.16 -35.75
CA GLY C 885 -10.63 -44.15 -35.93
C GLY C 885 -10.97 -43.48 -34.62
N TRP C 886 -12.25 -43.12 -34.45
CA TRP C 886 -12.70 -42.47 -33.24
C TRP C 886 -13.08 -43.45 -32.15
N THR C 887 -13.14 -44.75 -32.47
CA THR C 887 -13.63 -45.72 -31.51
C THR C 887 -12.79 -45.77 -30.25
N PHE C 888 -11.49 -45.47 -30.33
CA PHE C 888 -10.65 -45.63 -29.17
C PHE C 888 -10.94 -44.59 -28.10
N GLY C 889 -11.74 -43.59 -28.40
CA GLY C 889 -12.18 -42.67 -27.37
C GLY C 889 -13.41 -43.18 -26.66
N ALA C 890 -14.26 -43.91 -27.41
CA ALA C 890 -15.53 -44.36 -26.86
C ALA C 890 -15.38 -45.63 -26.03
N GLY C 891 -14.31 -46.37 -26.23
CA GLY C 891 -14.19 -47.67 -25.58
C GLY C 891 -12.98 -48.45 -26.01
N ALA C 892 -13.18 -49.71 -26.35
CA ALA C 892 -12.09 -50.53 -26.85
C ALA C 892 -11.77 -50.15 -28.28
N ALA C 893 -10.48 -49.85 -28.52
CA ALA C 893 -10.02 -49.42 -29.83
C ALA C 893 -10.19 -50.57 -30.81
N LEU C 894 -10.89 -50.33 -31.90
CA LEU C 894 -11.14 -51.35 -32.91
C LEU C 894 -10.34 -51.00 -34.16
N GLN C 895 -9.46 -51.90 -34.57
CA GLN C 895 -8.63 -51.64 -35.72
C GLN C 895 -9.48 -51.40 -36.97
N ILE C 896 -9.13 -50.35 -37.71
CA ILE C 896 -9.87 -49.92 -38.88
C ILE C 896 -8.89 -49.77 -40.05
N PRO C 897 -9.02 -50.56 -41.11
CA PRO C 897 -8.17 -50.35 -42.28
C PRO C 897 -8.40 -48.95 -42.84
N PHE C 898 -7.30 -48.21 -42.96
CA PHE C 898 -7.40 -46.76 -43.10
C PHE C 898 -8.17 -46.34 -44.34
N ALA C 899 -8.25 -47.23 -45.32
CA ALA C 899 -9.06 -46.94 -46.50
C ALA C 899 -10.53 -46.76 -46.14
N MET C 900 -11.05 -47.61 -45.26
CA MET C 900 -12.46 -47.46 -44.92
C MET C 900 -12.67 -46.55 -43.72
N GLN C 901 -11.60 -46.04 -43.11
CA GLN C 901 -11.84 -45.02 -42.12
C GLN C 901 -12.24 -43.71 -42.76
N MET C 902 -11.52 -43.29 -43.80
CA MET C 902 -11.91 -42.04 -44.46
C MET C 902 -13.30 -42.16 -45.05
N ALA C 903 -13.64 -43.32 -45.61
CA ALA C 903 -14.97 -43.52 -46.16
C ALA C 903 -16.04 -43.19 -45.13
N TYR C 904 -15.78 -43.48 -43.86
CA TYR C 904 -16.62 -42.92 -42.81
C TYR C 904 -16.53 -41.40 -42.78
N ARG C 905 -15.32 -40.86 -42.72
CA ARG C 905 -15.17 -39.42 -42.53
C ARG C 905 -15.79 -38.65 -43.69
N PHE C 906 -15.65 -39.14 -44.92
CA PHE C 906 -16.36 -38.51 -46.03
C PHE C 906 -17.86 -38.64 -45.85
N ASN C 907 -18.33 -39.78 -45.36
CA ASN C 907 -19.74 -39.92 -45.03
C ASN C 907 -20.12 -38.96 -43.90
N GLY C 908 -19.14 -38.42 -43.20
CA GLY C 908 -19.39 -37.49 -42.13
C GLY C 908 -19.52 -36.05 -42.58
N ILE C 909 -19.29 -35.76 -43.85
CA ILE C 909 -19.49 -34.42 -44.40
C ILE C 909 -20.42 -34.43 -45.61
N GLY C 910 -21.31 -35.40 -45.68
CA GLY C 910 -22.27 -35.43 -46.78
C GLY C 910 -21.69 -35.79 -48.12
N VAL C 911 -20.56 -36.50 -48.16
CA VAL C 911 -19.95 -36.96 -49.39
C VAL C 911 -20.00 -38.47 -49.39
N THR C 912 -20.65 -39.04 -50.41
CA THR C 912 -20.81 -40.48 -50.46
C THR C 912 -19.46 -41.15 -50.50
N GLN C 913 -19.33 -42.29 -49.81
CA GLN C 913 -18.03 -42.94 -49.68
C GLN C 913 -17.45 -43.34 -51.04
N ASN C 914 -18.28 -43.59 -52.04
CA ASN C 914 -17.75 -44.01 -53.33
C ASN C 914 -16.82 -42.98 -53.93
N VAL C 915 -16.88 -41.74 -53.46
CA VAL C 915 -15.91 -40.75 -53.87
C VAL C 915 -14.51 -41.16 -53.45
N LEU C 916 -14.34 -41.58 -52.20
CA LEU C 916 -13.00 -41.79 -51.66
C LEU C 916 -12.26 -42.87 -52.42
N TYR C 917 -12.86 -44.06 -52.54
CA TYR C 917 -12.14 -45.18 -53.16
C TYR C 917 -11.85 -44.91 -54.62
N GLU C 918 -12.84 -44.40 -55.35
CA GLU C 918 -12.62 -44.12 -56.76
C GLU C 918 -11.57 -43.03 -56.95
N ASN C 919 -11.28 -42.27 -55.90
CA ASN C 919 -10.22 -41.27 -55.93
C ASN C 919 -9.15 -41.53 -54.88
N GLN C 920 -8.95 -42.79 -54.49
CA GLN C 920 -8.04 -43.08 -53.39
C GLN C 920 -6.62 -42.60 -53.69
N LYS C 921 -6.12 -42.92 -54.88
CA LYS C 921 -4.75 -42.55 -55.23
C LYS C 921 -4.55 -41.05 -55.19
N LEU C 922 -5.46 -40.31 -55.81
CA LEU C 922 -5.35 -38.85 -55.82
C LEU C 922 -5.36 -38.29 -54.41
N ILE C 923 -6.29 -38.76 -53.58
CA ILE C 923 -6.39 -38.24 -52.22
C ILE C 923 -5.13 -38.59 -51.45
N ALA C 924 -4.55 -39.75 -51.73
CA ALA C 924 -3.30 -40.12 -51.09
C ALA C 924 -2.21 -39.09 -51.39
N ASN C 925 -1.96 -38.82 -52.66
CA ASN C 925 -0.90 -37.88 -53.01
C ASN C 925 -1.20 -36.49 -52.48
N GLN C 926 -2.46 -36.06 -52.55
CA GLN C 926 -2.79 -34.74 -52.04
C GLN C 926 -2.49 -34.65 -50.55
N PHE C 927 -2.83 -35.70 -49.80
CA PHE C 927 -2.54 -35.66 -48.38
C PHE C 927 -1.04 -35.76 -48.13
N ASN C 928 -0.35 -36.62 -48.88
CA ASN C 928 1.09 -36.72 -48.71
C ASN C 928 1.77 -35.40 -49.02
N SER C 929 1.45 -34.81 -50.18
CA SER C 929 2.02 -33.52 -50.54
C SER C 929 1.65 -32.47 -49.50
N ALA C 930 0.40 -32.50 -49.03
CA ALA C 930 -0.02 -31.55 -48.00
C ALA C 930 0.90 -31.63 -46.79
N ILE C 931 1.22 -32.85 -46.36
CA ILE C 931 2.15 -33.01 -45.24
C ILE C 931 3.47 -32.33 -45.54
N GLY C 932 3.98 -32.52 -46.76
CA GLY C 932 5.28 -31.95 -47.11
C GLY C 932 5.31 -30.45 -46.96
N LYS C 933 4.27 -29.77 -47.45
CA LYS C 933 4.22 -28.32 -47.33
C LYS C 933 4.35 -27.88 -45.88
N ILE C 934 3.83 -28.67 -44.94
CA ILE C 934 3.89 -28.30 -43.54
C ILE C 934 5.34 -28.26 -43.07
N GLN C 935 6.15 -29.21 -43.54
CA GLN C 935 7.57 -29.19 -43.16
C GLN C 935 8.23 -27.91 -43.66
N ASP C 936 7.95 -27.52 -44.90
CA ASP C 936 8.56 -26.33 -45.46
C ASP C 936 8.10 -25.08 -44.73
N SER C 937 6.79 -24.94 -44.52
CA SER C 937 6.25 -23.76 -43.84
C SER C 937 6.84 -23.64 -42.44
N LEU C 938 6.93 -24.75 -41.73
CA LEU C 938 7.54 -24.74 -40.41
C LEU C 938 9.03 -24.42 -40.51
N SER C 939 9.71 -24.96 -41.53
CA SER C 939 11.14 -24.73 -41.66
C SER C 939 11.45 -23.31 -42.11
N SER C 940 10.61 -22.76 -42.99
CA SER C 940 10.94 -21.47 -43.60
C SER C 940 10.79 -20.33 -42.61
N THR C 941 9.58 -20.10 -42.12
CA THR C 941 9.28 -18.96 -41.25
C THR C 941 9.12 -19.48 -39.82
N ALA C 942 9.87 -18.87 -38.90
CA ALA C 942 9.73 -19.24 -37.49
C ALA C 942 8.49 -18.62 -36.87
N SER C 943 7.96 -17.56 -37.47
CA SER C 943 6.82 -16.85 -36.88
C SER C 943 5.54 -17.68 -36.89
N ALA C 944 5.50 -18.80 -37.63
CA ALA C 944 4.33 -19.67 -37.55
C ALA C 944 4.13 -20.20 -36.15
N LEU C 945 5.19 -20.25 -35.34
CA LEU C 945 5.12 -20.63 -33.94
C LEU C 945 5.15 -19.40 -33.04
N GLY C 946 4.55 -18.32 -33.49
CA GLY C 946 4.58 -17.09 -32.73
C GLY C 946 3.88 -17.19 -31.38
N LYS C 947 2.75 -17.90 -31.34
CA LYS C 947 1.98 -17.96 -30.10
C LYS C 947 2.80 -18.54 -28.97
N LEU C 948 3.40 -19.71 -29.19
CA LEU C 948 4.20 -20.35 -28.14
C LEU C 948 5.38 -19.50 -27.74
N GLN C 949 6.11 -18.97 -28.72
CA GLN C 949 7.25 -18.11 -28.42
C GLN C 949 6.80 -16.89 -27.61
N ASP C 950 5.60 -16.39 -27.88
CA ASP C 950 5.08 -15.28 -27.10
C ASP C 950 4.92 -15.67 -25.64
N VAL C 951 4.43 -16.89 -25.38
CA VAL C 951 4.25 -17.33 -24.00
C VAL C 951 5.58 -17.29 -23.26
N VAL C 952 6.61 -17.88 -23.85
CA VAL C 952 7.92 -17.91 -23.18
C VAL C 952 8.45 -16.50 -23.00
N ASN C 953 8.36 -15.68 -24.05
CA ASN C 953 8.89 -14.32 -23.95
C ASN C 953 8.22 -13.54 -22.83
N GLN C 954 6.88 -13.58 -22.78
CA GLN C 954 6.17 -12.89 -21.70
C GLN C 954 6.68 -13.35 -20.35
N ASN C 955 6.71 -14.66 -20.13
CA ASN C 955 7.22 -15.17 -18.86
C ASN C 955 8.67 -14.77 -18.65
N ALA C 956 9.50 -14.92 -19.69
CA ALA C 956 10.86 -14.41 -19.59
C ALA C 956 10.87 -12.92 -19.33
N GLN C 957 10.00 -12.18 -20.01
CA GLN C 957 9.92 -10.75 -19.77
C GLN C 957 9.47 -10.46 -18.34
N ALA C 958 8.49 -11.21 -17.84
CA ALA C 958 8.02 -10.98 -16.49
C ALA C 958 9.14 -11.21 -15.48
N LEU C 959 9.80 -12.36 -15.55
CA LEU C 959 10.85 -12.66 -14.60
C LEU C 959 11.97 -11.63 -14.66
N ASN C 960 12.41 -11.26 -15.85
CA ASN C 960 13.46 -10.26 -15.96
C ASN C 960 13.01 -8.95 -15.34
N THR C 961 11.77 -8.55 -15.58
CA THR C 961 11.24 -7.38 -14.90
C THR C 961 11.20 -7.61 -13.39
N LEU C 962 10.86 -8.84 -12.98
CA LEU C 962 10.79 -9.13 -11.56
C LEU C 962 12.16 -9.00 -10.90
N VAL C 963 13.21 -9.47 -11.58
CA VAL C 963 14.55 -9.40 -11.00
C VAL C 963 15.02 -7.95 -10.91
N LYS C 964 14.85 -7.19 -11.98
CA LYS C 964 15.46 -5.86 -12.06
C LYS C 964 15.01 -4.96 -10.92
N GLN C 965 13.81 -5.18 -10.39
CA GLN C 965 13.32 -4.33 -9.32
C GLN C 965 14.25 -4.31 -8.12
N LEU C 966 15.04 -5.37 -7.93
CA LEU C 966 15.98 -5.39 -6.83
C LEU C 966 16.98 -4.25 -6.88
N SER C 967 17.21 -3.67 -8.06
CA SER C 967 18.15 -2.58 -8.21
C SER C 967 17.53 -1.23 -7.91
N SER C 968 16.24 -1.18 -7.62
CA SER C 968 15.55 0.10 -7.49
C SER C 968 15.55 0.55 -6.03
N ASN C 969 15.65 1.87 -5.84
CA ASN C 969 15.79 2.40 -4.50
C ASN C 969 14.46 2.61 -3.80
N PHE C 970 13.38 2.72 -4.55
CA PHE C 970 12.05 2.93 -3.98
C PHE C 970 12.02 4.12 -3.04
N GLY C 971 12.95 5.05 -3.20
CA GLY C 971 13.15 6.10 -2.24
C GLY C 971 14.11 5.76 -1.12
N ALA C 972 14.57 4.53 -1.03
CA ALA C 972 15.55 4.22 -0.01
C ALA C 972 16.91 4.78 -0.41
N ILE C 973 17.79 4.90 0.58
CA ILE C 973 19.09 5.52 0.35
C ILE C 973 19.91 4.73 -0.66
N SER C 974 19.66 3.43 -0.77
CA SER C 974 20.36 2.61 -1.75
C SER C 974 19.59 1.31 -1.93
N SER C 975 19.85 0.64 -3.05
CA SER C 975 19.16 -0.60 -3.33
C SER C 975 19.97 -1.84 -2.95
N VAL C 976 21.08 -1.66 -2.26
CA VAL C 976 21.85 -2.77 -1.71
C VAL C 976 21.44 -2.95 -0.25
N LEU C 977 20.89 -4.11 0.07
CA LEU C 977 20.42 -4.34 1.42
C LEU C 977 21.57 -4.29 2.42
N ASN C 978 22.77 -4.67 1.98
CA ASN C 978 23.89 -4.76 2.90
C ASN C 978 24.46 -3.39 3.25
N ASP C 979 24.55 -2.48 2.26
CA ASP C 979 25.12 -1.17 2.53
C ASP C 979 24.34 -0.43 3.61
N ILE C 980 23.01 -0.49 3.52
CA ILE C 980 22.17 0.18 4.50
C ILE C 980 22.48 -0.34 5.89
N LEU C 981 22.58 -1.67 6.01
CA LEU C 981 22.91 -2.29 7.29
C LEU C 981 24.29 -1.85 7.77
N SER C 982 25.26 -1.81 6.87
CA SER C 982 26.63 -1.51 7.25
C SER C 982 26.86 -0.03 7.55
N ARG C 983 26.13 0.85 6.87
CA ARG C 983 26.44 2.28 6.95
C ARG C 983 25.63 3.00 8.03
N LEU C 984 24.35 2.69 8.16
CA LEU C 984 23.46 3.38 9.07
C LEU C 984 23.29 2.59 10.35
N ASP C 985 23.11 3.29 11.46
CA ASP C 985 22.77 2.63 12.71
C ASP C 985 21.39 1.99 12.57
N PRO C 986 21.12 0.91 13.30
CA PRO C 986 19.83 0.20 13.16
C PRO C 986 18.63 1.11 13.31
N PRO C 987 18.64 2.10 14.22
CA PRO C 987 17.48 3.00 14.30
C PRO C 987 17.14 3.69 13.00
N GLU C 988 18.13 4.14 12.24
CA GLU C 988 17.90 4.82 10.98
C GLU C 988 17.84 3.88 9.78
N ALA C 989 18.64 2.82 9.79
CA ALA C 989 18.54 1.81 8.74
C ALA C 989 17.20 1.11 8.80
N GLU C 990 16.54 1.19 9.95
CA GLU C 990 15.26 0.53 10.12
C GLU C 990 14.21 1.04 9.12
N VAL C 991 14.06 2.36 9.01
CA VAL C 991 13.05 2.91 8.12
C VAL C 991 13.42 2.66 6.67
N GLN C 992 14.71 2.72 6.34
CA GLN C 992 15.13 2.55 4.96
C GLN C 992 14.75 1.16 4.43
N ILE C 993 15.02 0.12 5.22
CA ILE C 993 14.71 -1.23 4.78
C ILE C 993 13.20 -1.40 4.61
N ASP C 994 12.42 -0.82 5.51
CA ASP C 994 10.97 -0.86 5.36
C ASP C 994 10.54 -0.36 3.99
N ARG C 995 11.21 0.69 3.49
CA ARG C 995 10.90 1.19 2.16
C ARG C 995 11.15 0.14 1.11
N LEU C 996 12.32 -0.52 1.16
CA LEU C 996 12.66 -1.51 0.16
C LEU C 996 11.69 -2.68 0.19
N ILE C 997 11.35 -3.14 1.40
CA ILE C 997 10.43 -4.26 1.51
C ILE C 997 9.09 -3.90 0.91
N THR C 998 8.60 -2.69 1.21
CA THR C 998 7.34 -2.24 0.62
C THR C 998 7.39 -2.34 -0.89
N GLY C 999 8.42 -1.77 -1.51
CA GLY C 999 8.49 -1.79 -2.95
C GLY C 999 8.65 -3.20 -3.51
N ARG C 1000 9.57 -3.98 -2.95
CA ARG C 1000 9.78 -5.32 -3.47
C ARG C 1000 8.55 -6.18 -3.26
N LEU C 1001 7.96 -6.12 -2.06
CA LEU C 1001 6.74 -6.89 -1.81
C LEU C 1001 5.64 -6.46 -2.76
N GLN C 1002 5.53 -5.16 -3.02
CA GLN C 1002 4.59 -4.69 -4.02
C GLN C 1002 4.92 -5.27 -5.39
N SER C 1003 6.21 -5.46 -5.66
CA SER C 1003 6.60 -5.96 -6.98
C SER C 1003 6.18 -7.40 -7.17
N LEU C 1004 6.48 -8.27 -6.21
CA LEU C 1004 6.02 -9.65 -6.28
C LEU C 1004 4.52 -9.70 -6.46
N GLN C 1005 3.80 -9.01 -5.57
CA GLN C 1005 2.34 -8.97 -5.64
C GLN C 1005 1.88 -8.59 -7.05
N THR C 1006 2.54 -7.61 -7.66
CA THR C 1006 2.24 -7.28 -9.03
C THR C 1006 2.55 -8.44 -9.96
N TYR C 1007 3.70 -9.08 -9.75
CA TYR C 1007 4.10 -10.16 -10.64
C TYR C 1007 3.15 -11.34 -10.54
N VAL C 1008 2.88 -11.80 -9.32
CA VAL C 1008 2.02 -12.98 -9.17
C VAL C 1008 0.62 -12.70 -9.68
N THR C 1009 0.11 -11.50 -9.42
CA THR C 1009 -1.18 -11.11 -9.97
C THR C 1009 -1.17 -11.20 -11.48
N GLN C 1010 -0.07 -10.76 -12.08
CA GLN C 1010 0.09 -10.90 -13.52
C GLN C 1010 0.07 -12.36 -13.93
N GLN C 1011 0.72 -13.22 -13.15
CA GLN C 1011 0.77 -14.64 -13.50
C GLN C 1011 -0.60 -15.27 -13.44
N LEU C 1012 -1.34 -15.04 -12.35
CA LEU C 1012 -2.67 -15.62 -12.21
C LEU C 1012 -3.52 -15.31 -13.43
N ILE C 1013 -3.58 -14.04 -13.81
CA ILE C 1013 -4.38 -13.63 -14.95
C ILE C 1013 -3.90 -14.33 -16.21
N ARG C 1014 -2.59 -14.27 -16.47
CA ARG C 1014 -2.06 -14.89 -17.67
C ARG C 1014 -2.25 -16.39 -17.64
N ALA C 1015 -2.13 -17.01 -16.46
CA ALA C 1015 -2.39 -18.43 -16.36
C ALA C 1015 -3.84 -18.75 -16.66
N ALA C 1016 -4.77 -17.87 -16.28
CA ALA C 1016 -6.17 -18.09 -16.58
C ALA C 1016 -6.40 -18.13 -18.08
N GLU C 1017 -5.72 -17.25 -18.82
CA GLU C 1017 -5.82 -17.30 -20.28
C GLU C 1017 -5.30 -18.63 -20.80
N ILE C 1018 -4.19 -19.11 -20.24
CA ILE C 1018 -3.63 -20.39 -20.69
C ILE C 1018 -4.63 -21.50 -20.44
N ARG C 1019 -5.23 -21.53 -19.25
CA ARG C 1019 -6.19 -22.58 -18.91
C ARG C 1019 -7.36 -22.59 -19.89
N ALA C 1020 -7.90 -21.41 -20.21
CA ALA C 1020 -8.99 -21.37 -21.17
C ALA C 1020 -8.53 -21.91 -22.52
N SER C 1021 -7.32 -21.54 -22.95
CA SER C 1021 -6.76 -22.12 -24.16
C SER C 1021 -6.55 -23.62 -23.99
N ALA C 1022 -6.06 -24.04 -22.83
CA ALA C 1022 -5.87 -25.46 -22.59
C ALA C 1022 -7.18 -26.21 -22.71
N ASN C 1023 -8.23 -25.70 -22.06
CA ASN C 1023 -9.54 -26.33 -22.18
C ASN C 1023 -9.99 -26.35 -23.63
N LEU C 1024 -9.81 -25.24 -24.34
CA LEU C 1024 -10.11 -25.23 -25.76
C LEU C 1024 -9.27 -26.26 -26.49
N ALA C 1025 -7.99 -26.36 -26.15
CA ALA C 1025 -7.17 -27.41 -26.73
C ALA C 1025 -7.74 -28.78 -26.41
N ALA C 1026 -8.06 -29.02 -25.14
CA ALA C 1026 -8.58 -30.31 -24.75
C ALA C 1026 -9.84 -30.65 -25.54
N THR C 1027 -10.74 -29.68 -25.67
CA THR C 1027 -11.96 -29.93 -26.43
C THR C 1027 -11.63 -30.23 -27.88
N LYS C 1028 -10.69 -29.49 -28.46
CA LYS C 1028 -10.23 -29.80 -29.80
C LYS C 1028 -9.61 -31.20 -29.82
N MET C 1029 -8.83 -31.51 -28.80
CA MET C 1029 -8.21 -32.83 -28.73
C MET C 1029 -9.27 -33.91 -28.63
N SER C 1030 -10.29 -33.70 -27.80
CA SER C 1030 -11.33 -34.70 -27.65
C SER C 1030 -12.22 -34.77 -28.88
N GLU C 1031 -12.65 -33.62 -29.37
CA GLU C 1031 -13.66 -33.59 -30.43
C GLU C 1031 -13.06 -33.74 -31.81
N CYS C 1032 -11.94 -33.07 -32.07
CA CYS C 1032 -11.37 -33.06 -33.41
C CYS C 1032 -10.42 -34.22 -33.65
N VAL C 1033 -9.70 -34.66 -32.64
CA VAL C 1033 -8.77 -35.77 -32.79
C VAL C 1033 -9.45 -37.11 -32.53
N LEU C 1034 -9.98 -37.28 -31.32
CA LEU C 1034 -10.62 -38.52 -30.93
C LEU C 1034 -11.91 -38.78 -31.70
N GLY C 1035 -12.40 -37.79 -32.43
CA GLY C 1035 -13.56 -37.93 -33.28
C GLY C 1035 -13.50 -36.93 -34.43
N GLN C 1036 -14.64 -36.75 -35.09
CA GLN C 1036 -14.76 -35.82 -36.22
C GLN C 1036 -15.81 -34.79 -35.89
N SER C 1037 -15.39 -33.61 -35.47
CA SER C 1037 -16.34 -32.56 -35.14
C SER C 1037 -17.07 -32.09 -36.39
N LYS C 1038 -18.31 -31.66 -36.21
CA LYS C 1038 -19.10 -31.08 -37.29
C LYS C 1038 -19.27 -29.58 -37.12
N ARG C 1039 -18.43 -28.96 -36.33
CA ARG C 1039 -18.51 -27.53 -36.08
C ARG C 1039 -17.70 -26.78 -37.13
N VAL C 1040 -18.38 -25.99 -37.95
CA VAL C 1040 -17.70 -25.33 -39.06
C VAL C 1040 -16.74 -24.28 -38.50
N ASP C 1041 -15.51 -24.30 -38.99
CA ASP C 1041 -14.42 -23.47 -38.48
C ASP C 1041 -14.15 -23.70 -37.01
N PHE C 1042 -14.32 -24.94 -36.55
CA PHE C 1042 -13.68 -25.36 -35.31
C PHE C 1042 -12.36 -26.06 -35.60
N CYS C 1043 -12.28 -26.79 -36.70
CA CYS C 1043 -11.11 -27.55 -37.05
C CYS C 1043 -10.49 -27.04 -38.35
N GLY C 1044 -10.39 -25.72 -38.48
CA GLY C 1044 -9.85 -25.11 -39.68
C GLY C 1044 -10.91 -25.00 -40.78
N LYS C 1045 -10.63 -24.11 -41.72
CA LYS C 1045 -11.58 -23.82 -42.76
C LYS C 1045 -11.89 -25.06 -43.56
N GLY C 1046 -13.17 -25.43 -43.58
CA GLY C 1046 -13.67 -26.50 -44.42
C GLY C 1046 -14.40 -27.56 -43.63
N TYR C 1047 -15.01 -28.47 -44.38
CA TYR C 1047 -15.70 -29.61 -43.80
C TYR C 1047 -14.67 -30.54 -43.17
N HIS C 1048 -14.43 -30.37 -41.88
CA HIS C 1048 -13.34 -31.06 -41.19
C HIS C 1048 -13.45 -32.57 -41.34
N LEU C 1049 -12.30 -33.23 -41.57
CA LEU C 1049 -12.24 -34.68 -41.67
C LEU C 1049 -11.63 -35.33 -40.45
N MET C 1050 -10.39 -34.99 -40.10
CA MET C 1050 -9.68 -35.71 -39.06
C MET C 1050 -8.45 -34.88 -38.73
N SER C 1051 -7.86 -35.16 -37.58
CA SER C 1051 -6.75 -34.31 -37.17
C SER C 1051 -5.73 -35.12 -36.40
N PHE C 1052 -4.51 -34.59 -36.36
CA PHE C 1052 -3.40 -35.22 -35.67
C PHE C 1052 -2.76 -34.18 -34.74
N PRO C 1053 -2.46 -34.53 -33.52
CA PRO C 1053 -1.70 -33.64 -32.67
C PRO C 1053 -0.21 -33.87 -32.84
N GLN C 1054 0.56 -32.89 -32.40
CA GLN C 1054 2.00 -33.04 -32.28
C GLN C 1054 2.42 -32.25 -31.05
N SER C 1055 3.41 -32.77 -30.33
CA SER C 1055 3.86 -32.06 -29.15
C SER C 1055 4.58 -30.79 -29.55
N ALA C 1056 4.76 -29.91 -28.58
CA ALA C 1056 5.47 -28.67 -28.80
C ALA C 1056 5.85 -28.10 -27.45
N PRO C 1057 6.90 -27.28 -27.39
CA PRO C 1057 7.30 -26.70 -26.11
C PRO C 1057 6.19 -25.88 -25.46
N HIS C 1058 5.69 -26.33 -24.32
CA HIS C 1058 4.65 -25.63 -23.59
C HIS C 1058 3.39 -25.46 -24.42
N GLY C 1059 3.09 -26.42 -25.27
CA GLY C 1059 1.89 -26.28 -26.09
C GLY C 1059 1.71 -27.46 -26.99
N VAL C 1060 0.68 -27.39 -27.81
CA VAL C 1060 0.32 -28.46 -28.72
C VAL C 1060 0.08 -27.87 -30.10
N VAL C 1061 0.28 -28.68 -31.14
CA VAL C 1061 0.08 -28.27 -32.52
C VAL C 1061 -0.79 -29.31 -33.19
N PHE C 1062 -1.82 -28.86 -33.91
CA PHE C 1062 -2.74 -29.74 -34.59
C PHE C 1062 -2.49 -29.67 -36.09
N LEU C 1063 -2.74 -30.76 -36.78
CA LEU C 1063 -2.74 -30.76 -38.24
C LEU C 1063 -4.13 -31.14 -38.71
N HIS C 1064 -5.04 -30.17 -38.77
CA HIS C 1064 -6.39 -30.43 -39.19
C HIS C 1064 -6.36 -30.82 -40.65
N VAL C 1065 -7.03 -31.90 -40.99
CA VAL C 1065 -7.13 -32.36 -42.38
C VAL C 1065 -8.54 -32.09 -42.86
N THR C 1066 -8.70 -31.02 -43.64
CA THR C 1066 -10.02 -30.50 -43.96
C THR C 1066 -10.28 -30.64 -45.45
N TYR C 1067 -11.54 -30.83 -45.79
CA TYR C 1067 -11.97 -30.97 -47.17
C TYR C 1067 -12.48 -29.63 -47.65
N VAL C 1068 -11.95 -29.15 -48.77
CA VAL C 1068 -12.31 -27.85 -49.34
C VAL C 1068 -12.62 -28.03 -50.82
N PRO C 1069 -13.84 -27.78 -51.27
CA PRO C 1069 -14.14 -27.92 -52.71
C PRO C 1069 -13.37 -26.89 -53.52
N ALA C 1070 -13.04 -27.24 -54.76
CA ALA C 1070 -12.23 -26.36 -55.58
C ALA C 1070 -12.90 -25.91 -56.86
N GLN C 1071 -13.36 -26.84 -57.69
CA GLN C 1071 -13.78 -26.52 -59.05
C GLN C 1071 -15.27 -26.69 -59.20
N GLU C 1072 -15.97 -25.61 -59.57
CA GLU C 1072 -17.42 -25.62 -59.62
C GLU C 1072 -17.92 -25.30 -61.02
N LYS C 1073 -19.15 -25.72 -61.29
CA LYS C 1073 -19.83 -25.44 -62.54
C LYS C 1073 -21.23 -24.91 -62.26
N ASN C 1074 -21.68 -24.02 -63.12
CA ASN C 1074 -23.03 -23.46 -63.06
C ASN C 1074 -24.02 -24.51 -63.55
N PHE C 1075 -25.21 -24.54 -62.98
CA PHE C 1075 -26.27 -25.43 -63.42
C PHE C 1075 -27.64 -24.81 -63.21
N THR C 1076 -28.65 -25.43 -63.80
CA THR C 1076 -30.03 -25.01 -63.67
C THR C 1076 -30.79 -25.98 -62.79
N THR C 1077 -31.55 -25.44 -61.82
CA THR C 1077 -32.20 -26.25 -60.81
C THR C 1077 -33.72 -26.07 -60.87
N ALA C 1078 -34.39 -26.76 -59.96
CA ALA C 1078 -35.79 -26.58 -59.62
C ALA C 1078 -36.02 -27.40 -58.36
N PRO C 1079 -36.72 -26.87 -57.36
CA PRO C 1079 -36.83 -27.60 -56.09
C PRO C 1079 -37.64 -28.87 -56.17
N ALA C 1080 -38.31 -29.13 -57.28
CA ALA C 1080 -39.11 -30.34 -57.39
C ALA C 1080 -39.36 -30.59 -58.87
N ILE C 1081 -39.84 -31.79 -59.18
CA ILE C 1081 -40.21 -32.13 -60.55
C ILE C 1081 -41.50 -32.94 -60.55
N CYS C 1082 -42.31 -32.74 -61.59
CA CYS C 1082 -43.57 -33.43 -61.75
C CYS C 1082 -43.38 -34.66 -62.61
N HIS C 1083 -44.11 -35.74 -62.30
CA HIS C 1083 -44.18 -36.85 -63.25
C HIS C 1083 -45.59 -37.03 -63.78
N ASP C 1084 -46.55 -37.26 -62.90
CA ASP C 1084 -47.95 -37.42 -63.27
C ASP C 1084 -48.84 -36.44 -62.53
N GLY C 1085 -48.33 -35.25 -62.22
CA GLY C 1085 -48.97 -34.33 -61.33
C GLY C 1085 -48.44 -34.40 -59.92
N LYS C 1086 -47.80 -35.51 -59.56
CA LYS C 1086 -47.17 -35.64 -58.26
C LYS C 1086 -45.93 -34.78 -58.21
N ALA C 1087 -45.69 -34.17 -57.05
CA ALA C 1087 -44.45 -33.45 -56.80
C ALA C 1087 -43.41 -34.44 -56.31
N HIS C 1088 -42.21 -34.38 -56.86
CA HIS C 1088 -41.11 -35.22 -56.44
C HIS C 1088 -39.99 -34.38 -55.86
N PHE C 1089 -39.32 -34.92 -54.86
CA PHE C 1089 -38.19 -34.29 -54.21
C PHE C 1089 -37.05 -35.31 -54.09
N PRO C 1090 -35.80 -34.86 -54.02
CA PRO C 1090 -34.70 -35.81 -53.90
C PRO C 1090 -34.67 -36.40 -52.50
N ARG C 1091 -34.26 -37.67 -52.40
CA ARG C 1091 -34.06 -38.21 -51.05
C ARG C 1091 -32.90 -37.52 -50.34
N GLU C 1092 -31.75 -37.41 -51.01
CA GLU C 1092 -30.63 -36.69 -50.43
C GLU C 1092 -29.78 -36.11 -51.57
N GLY C 1093 -29.95 -34.84 -51.85
CA GLY C 1093 -29.28 -34.21 -52.97
C GLY C 1093 -30.00 -32.94 -53.36
N VAL C 1094 -29.70 -32.48 -54.57
CA VAL C 1094 -30.35 -31.31 -55.16
C VAL C 1094 -30.55 -31.56 -56.64
N PHE C 1095 -31.67 -31.08 -57.17
CA PHE C 1095 -31.96 -31.27 -58.58
C PHE C 1095 -31.15 -30.30 -59.43
N VAL C 1096 -30.61 -30.81 -60.54
CA VAL C 1096 -29.80 -30.01 -61.46
C VAL C 1096 -30.04 -30.47 -62.88
N SER C 1097 -29.61 -29.65 -63.83
CA SER C 1097 -29.61 -30.04 -65.23
C SER C 1097 -28.44 -29.37 -65.95
N ASN C 1098 -27.94 -30.03 -66.99
CA ASN C 1098 -26.90 -29.47 -67.82
C ASN C 1098 -27.47 -28.69 -69.00
N GLY C 1099 -28.78 -28.52 -69.05
CA GLY C 1099 -29.44 -27.75 -70.08
C GLY C 1099 -30.41 -28.54 -70.94
N THR C 1100 -30.21 -29.86 -71.05
CA THR C 1100 -31.10 -30.68 -71.87
C THR C 1100 -31.67 -31.83 -71.06
N HIS C 1101 -30.90 -32.31 -70.09
CA HIS C 1101 -31.30 -33.44 -69.29
C HIS C 1101 -31.25 -33.05 -67.82
N TRP C 1102 -32.15 -33.58 -67.03
CA TRP C 1102 -32.25 -33.26 -65.61
C TRP C 1102 -31.69 -34.38 -64.75
N PHE C 1103 -30.85 -34.01 -63.79
CA PHE C 1103 -30.20 -34.97 -62.92
C PHE C 1103 -30.33 -34.52 -61.48
N VAL C 1104 -30.24 -35.50 -60.57
CA VAL C 1104 -30.07 -35.25 -59.14
C VAL C 1104 -28.66 -35.66 -58.78
N THR C 1105 -28.02 -34.85 -57.94
CA THR C 1105 -26.66 -35.15 -57.53
C THR C 1105 -26.50 -34.86 -56.05
N GLN C 1106 -25.49 -35.48 -55.45
CA GLN C 1106 -25.16 -35.18 -54.06
C GLN C 1106 -24.75 -33.72 -53.95
N ARG C 1107 -24.64 -33.25 -52.71
CA ARG C 1107 -24.69 -31.81 -52.50
C ARG C 1107 -23.31 -31.17 -52.66
N ASN C 1108 -22.24 -31.87 -52.30
CA ASN C 1108 -20.92 -31.24 -52.28
C ASN C 1108 -19.93 -31.84 -53.27
N PHE C 1109 -20.41 -32.60 -54.26
CA PHE C 1109 -19.51 -33.07 -55.30
C PHE C 1109 -20.32 -33.52 -56.51
N TYR C 1110 -20.16 -32.83 -57.63
CA TYR C 1110 -20.99 -33.09 -58.78
C TYR C 1110 -20.94 -34.56 -59.17
N GLU C 1111 -22.08 -35.22 -59.11
CA GLU C 1111 -22.18 -36.61 -59.55
C GLU C 1111 -23.59 -36.86 -60.05
N PRO C 1112 -23.87 -36.53 -61.30
CA PRO C 1112 -25.23 -36.68 -61.81
C PRO C 1112 -25.66 -38.12 -61.82
N GLN C 1113 -26.93 -38.34 -61.52
CA GLN C 1113 -27.55 -39.64 -61.58
C GLN C 1113 -28.94 -39.52 -62.18
N ILE C 1114 -29.33 -40.50 -62.98
CA ILE C 1114 -30.67 -40.51 -63.54
C ILE C 1114 -31.68 -40.51 -62.41
N ILE C 1115 -32.63 -39.58 -62.48
CA ILE C 1115 -33.64 -39.47 -61.43
C ILE C 1115 -34.62 -40.61 -61.57
N THR C 1116 -34.75 -41.40 -60.51
CA THR C 1116 -35.67 -42.52 -60.47
C THR C 1116 -36.33 -42.56 -59.11
N THR C 1117 -37.39 -43.37 -59.00
CA THR C 1117 -38.17 -43.44 -57.78
C THR C 1117 -37.34 -43.85 -56.58
N ASP C 1118 -36.29 -44.64 -56.77
CA ASP C 1118 -35.40 -45.02 -55.68
C ASP C 1118 -34.61 -43.85 -55.14
N ASN C 1119 -34.59 -42.73 -55.87
CA ASN C 1119 -33.84 -41.55 -55.47
C ASN C 1119 -34.72 -40.41 -55.00
N THR C 1120 -36.03 -40.52 -55.19
CA THR C 1120 -36.96 -39.44 -54.94
C THR C 1120 -38.19 -39.93 -54.19
N PHE C 1121 -38.82 -39.01 -53.48
CA PHE C 1121 -40.06 -39.29 -52.77
C PHE C 1121 -41.13 -38.28 -53.18
N VAL C 1122 -42.39 -38.73 -53.13
CA VAL C 1122 -43.52 -37.95 -53.60
C VAL C 1122 -44.16 -37.24 -52.41
N SER C 1123 -44.58 -35.99 -52.63
CA SER C 1123 -45.21 -35.20 -51.58
C SER C 1123 -46.06 -34.10 -52.20
N GLY C 1124 -47.38 -34.24 -52.13
CA GLY C 1124 -48.21 -33.18 -52.66
C GLY C 1124 -48.53 -33.35 -54.14
N ASN C 1125 -48.60 -32.22 -54.84
CA ASN C 1125 -48.80 -32.21 -56.28
C ASN C 1125 -48.27 -30.89 -56.85
N CYS C 1126 -48.29 -30.81 -58.19
CA CYS C 1126 -47.58 -29.73 -58.90
C CYS C 1126 -48.09 -28.34 -58.55
N ASP C 1127 -49.36 -28.20 -58.20
CA ASP C 1127 -49.96 -26.90 -58.02
C ASP C 1127 -49.38 -26.13 -56.85
N VAL C 1128 -48.57 -26.77 -56.02
CA VAL C 1128 -48.23 -26.26 -54.70
C VAL C 1128 -46.86 -25.61 -54.69
N VAL C 1129 -45.84 -26.34 -55.11
CA VAL C 1129 -44.46 -25.95 -54.87
C VAL C 1129 -44.01 -24.97 -55.94
N ILE C 1130 -43.41 -23.87 -55.52
CA ILE C 1130 -42.98 -22.82 -56.43
C ILE C 1130 -41.77 -23.31 -57.21
N GLY C 1131 -41.83 -23.21 -58.53
CA GLY C 1131 -40.68 -23.51 -59.36
C GLY C 1131 -40.54 -24.95 -59.79
N ILE C 1132 -41.56 -25.78 -59.58
CA ILE C 1132 -41.49 -27.15 -60.06
C ILE C 1132 -41.46 -27.15 -61.59
N VAL C 1133 -40.73 -28.10 -62.16
CA VAL C 1133 -40.55 -28.17 -63.60
C VAL C 1133 -40.86 -29.58 -64.07
N ASN C 1134 -41.24 -29.70 -65.33
CA ASN C 1134 -41.68 -30.97 -65.88
C ASN C 1134 -40.49 -31.86 -66.23
N ASN C 1135 -40.59 -33.14 -65.86
CA ASN C 1135 -39.60 -34.14 -66.22
C ASN C 1135 -40.25 -35.52 -66.23
N THR C 1136 -39.40 -36.54 -66.31
CA THR C 1136 -39.80 -37.93 -66.28
C THR C 1136 -38.91 -38.65 -65.28
N VAL C 1137 -39.50 -39.47 -64.44
CA VAL C 1137 -38.77 -40.21 -63.42
C VAL C 1137 -38.80 -41.70 -63.76
N TYR C 1138 -37.63 -42.30 -63.87
CA TYR C 1138 -37.53 -43.70 -64.28
C TYR C 1138 -38.07 -44.61 -63.20
N ASP C 1139 -38.81 -45.63 -63.61
CA ASP C 1139 -39.24 -46.69 -62.70
C ASP C 1139 -38.44 -47.95 -63.01
N PRO C 1140 -37.54 -48.38 -62.12
CA PRO C 1140 -36.76 -49.58 -62.40
C PRO C 1140 -37.60 -50.82 -62.62
N LEU C 1141 -38.76 -50.91 -61.95
CA LEU C 1141 -39.54 -52.14 -61.97
C LEU C 1141 -40.18 -52.42 -63.32
N GLN C 1142 -40.70 -51.37 -63.98
CA GLN C 1142 -41.52 -51.60 -65.17
C GLN C 1142 -40.80 -52.37 -66.26
N PRO C 1143 -39.55 -52.09 -66.60
CA PRO C 1143 -38.85 -52.95 -67.58
C PRO C 1143 -38.81 -54.40 -67.16
N GLU C 1144 -38.64 -54.67 -65.86
CA GLU C 1144 -38.63 -56.04 -65.39
C GLU C 1144 -39.98 -56.72 -65.60
N LEU C 1145 -41.07 -56.01 -65.31
CA LEU C 1145 -42.39 -56.57 -65.57
C LEU C 1145 -42.61 -56.80 -67.05
N ASP C 1146 -42.21 -55.84 -67.88
CA ASP C 1146 -42.39 -55.99 -69.32
C ASP C 1146 -41.55 -57.13 -69.86
N SER C 1147 -40.32 -57.27 -69.38
CA SER C 1147 -39.43 -58.33 -69.84
C SER C 1147 -39.82 -59.68 -69.23
N GLN D 1 36.45 39.19 54.97
CA GLN D 1 36.40 37.85 54.38
C GLN D 1 34.92 37.50 54.15
N VAL D 2 34.49 36.34 54.61
CA VAL D 2 33.12 35.88 54.45
C VAL D 2 32.41 36.09 55.78
N GLN D 3 31.45 37.00 55.81
CA GLN D 3 30.70 37.31 57.03
C GLN D 3 29.22 37.28 56.72
N LEU D 4 28.45 36.69 57.61
CA LEU D 4 27.00 36.61 57.48
C LEU D 4 26.39 37.22 58.73
N VAL D 5 25.50 38.18 58.54
CA VAL D 5 24.95 38.99 59.64
C VAL D 5 23.46 38.77 59.71
N GLU D 6 22.99 38.17 60.81
CA GLU D 6 21.56 38.00 61.03
C GLU D 6 20.98 39.23 61.71
N SER D 7 19.71 39.51 61.41
CA SER D 7 19.04 40.66 61.96
C SER D 7 17.55 40.37 62.07
N GLY D 8 16.87 41.18 62.90
CA GLY D 8 15.44 41.06 63.10
C GLY D 8 15.02 40.28 64.33
N GLY D 9 15.96 39.76 65.10
CA GLY D 9 15.60 38.97 66.26
C GLY D 9 15.00 39.81 67.37
N GLY D 10 14.16 39.17 68.18
CA GLY D 10 13.51 39.86 69.28
C GLY D 10 12.61 38.97 70.12
N VAL D 11 11.44 39.49 70.49
CA VAL D 11 10.48 38.78 71.32
C VAL D 11 9.17 38.69 70.57
N VAL D 12 8.55 37.51 70.63
CA VAL D 12 7.34 37.23 69.86
C VAL D 12 6.25 36.76 70.80
N GLN D 13 5.06 37.31 70.64
CA GLN D 13 3.90 36.73 71.30
C GLN D 13 3.39 35.55 70.48
N PRO D 14 2.82 34.54 71.14
CA PRO D 14 2.39 33.34 70.41
C PRO D 14 1.35 33.67 69.34
N GLY D 15 1.56 33.11 68.15
CA GLY D 15 0.62 33.25 67.06
C GLY D 15 0.91 34.36 66.08
N ARG D 16 1.73 35.34 66.43
CA ARG D 16 2.00 36.47 65.55
C ARG D 16 3.23 36.15 64.69
N SER D 17 3.72 37.15 63.96
CA SER D 17 4.68 36.91 62.89
C SER D 17 5.92 37.77 63.07
N LEU D 18 7.00 37.38 62.38
CA LEU D 18 8.25 38.12 62.41
C LEU D 18 9.03 37.81 61.14
N ARG D 19 9.90 38.74 60.75
CA ARG D 19 10.77 38.60 59.59
C ARG D 19 12.22 38.74 60.02
N LEU D 20 13.05 37.78 59.61
CA LEU D 20 14.48 37.84 59.85
C LEU D 20 15.21 38.18 58.55
N SER D 21 16.43 38.68 58.72
CA SER D 21 17.27 39.03 57.58
C SER D 21 18.70 38.60 57.85
N CYS D 22 19.34 38.08 56.82
CA CYS D 22 20.75 37.70 56.88
C CYS D 22 21.48 38.37 55.74
N ALA D 23 22.59 39.02 56.04
CA ALA D 23 23.37 39.77 55.05
C ALA D 23 24.63 39.01 54.70
N ALA D 24 25.02 39.06 53.44
CA ALA D 24 26.16 38.31 52.91
C ALA D 24 27.22 39.26 52.39
N SER D 25 28.48 38.92 52.65
CA SER D 25 29.61 39.66 52.13
C SER D 25 30.82 38.75 52.03
N GLY D 26 31.59 38.92 50.96
CA GLY D 26 32.83 38.19 50.79
C GLY D 26 32.73 36.92 49.96
N PHE D 27 31.62 36.69 49.28
CA PHE D 27 31.47 35.51 48.44
C PHE D 27 30.36 35.76 47.44
N THR D 28 30.25 34.87 46.46
CA THR D 28 29.25 34.98 45.40
C THR D 28 27.91 34.48 45.92
N PHE D 29 27.26 35.34 46.70
CA PHE D 29 25.94 35.01 47.26
C PHE D 29 24.94 34.69 46.17
N SER D 30 25.06 35.34 45.02
CA SER D 30 24.12 35.12 43.93
C SER D 30 24.27 33.76 43.28
N SER D 31 25.27 32.98 43.68
CA SER D 31 25.50 31.67 43.07
C SER D 31 25.54 30.54 44.08
N TYR D 32 25.23 30.80 45.35
CA TYR D 32 25.30 29.79 46.39
C TYR D 32 23.91 29.46 46.92
N ALA D 33 23.68 28.17 47.14
CA ALA D 33 22.50 27.76 47.90
C ALA D 33 22.68 28.20 49.35
N MET D 34 21.59 28.66 49.94
CA MET D 34 21.61 29.34 51.23
C MET D 34 20.70 28.57 52.18
N HIS D 35 21.02 28.58 53.47
CA HIS D 35 20.27 27.82 54.46
C HIS D 35 19.99 28.62 55.72
N TRP D 36 18.95 28.19 56.45
CA TRP D 36 18.68 28.62 57.81
C TRP D 36 18.79 27.43 58.75
N VAL D 37 19.44 27.66 59.90
CA VAL D 37 19.49 26.67 60.97
C VAL D 37 19.27 27.38 62.30
N ARG D 38 18.47 26.76 63.16
CA ARG D 38 18.17 27.31 64.48
C ARG D 38 18.65 26.34 65.55
N GLN D 39 18.91 26.89 66.73
CA GLN D 39 19.33 26.08 67.87
C GLN D 39 18.72 26.68 69.13
N ALA D 40 17.76 25.96 69.70
CA ALA D 40 17.10 26.42 70.91
C ALA D 40 18.06 26.36 72.10
N PRO D 41 17.82 27.17 73.15
CA PRO D 41 18.77 27.26 74.26
C PRO D 41 19.18 25.91 74.84
N GLY D 42 20.49 25.66 74.88
CA GLY D 42 21.05 24.46 75.48
C GLY D 42 20.52 23.17 74.89
N LYS D 43 20.06 23.21 73.64
CA LYS D 43 19.51 22.05 72.98
C LYS D 43 20.15 21.91 71.60
N GLY D 44 19.81 20.82 70.92
CA GLY D 44 20.42 20.55 69.64
C GLY D 44 20.00 21.51 68.54
N LEU D 45 20.88 21.69 67.56
CA LEU D 45 20.54 22.50 66.41
C LEU D 45 19.50 21.77 65.58
N GLU D 46 18.65 22.54 64.90
CA GLU D 46 17.62 21.97 64.04
C GLU D 46 17.76 22.58 62.66
N TRP D 47 17.85 21.73 61.64
CA TRP D 47 17.84 22.23 60.28
C TRP D 47 16.46 22.77 59.97
N VAL D 48 16.40 23.92 59.33
CA VAL D 48 15.14 24.63 59.12
C VAL D 48 14.77 24.69 57.65
N ALA D 49 15.57 25.37 56.84
CA ALA D 49 15.18 25.62 55.46
C ALA D 49 16.40 25.87 54.60
N VAL D 50 16.23 25.68 53.30
CA VAL D 50 17.28 25.91 52.30
C VAL D 50 16.65 26.50 51.06
N ILE D 51 17.35 27.45 50.45
CA ILE D 51 16.93 27.98 49.16
C ILE D 51 18.09 27.92 48.18
N PRO D 52 17.91 27.26 47.05
CA PRO D 52 18.89 27.35 45.96
C PRO D 52 19.06 28.78 45.47
N PHE D 53 20.11 29.05 44.68
CA PHE D 53 20.43 30.43 44.35
C PHE D 53 19.37 31.07 43.46
N ASP D 54 18.67 30.28 42.65
CA ASP D 54 17.66 30.82 41.76
C ASP D 54 16.26 30.77 42.37
N GLY D 55 16.11 30.19 43.55
CA GLY D 55 14.82 30.16 44.20
C GLY D 55 13.77 29.30 43.53
N ARG D 56 14.16 28.48 42.55
CA ARG D 56 13.20 27.58 41.92
C ARG D 56 12.76 26.47 42.88
N ASN D 57 13.52 26.21 43.94
CA ASN D 57 13.14 25.22 44.93
C ASN D 57 13.25 25.85 46.31
N LYS D 58 12.41 25.36 47.22
CA LYS D 58 12.45 25.79 48.62
C LYS D 58 12.04 24.59 49.45
N TYR D 59 12.93 24.11 50.31
CA TYR D 59 12.59 22.97 51.14
C TYR D 59 12.62 23.41 52.61
N TYR D 60 11.72 22.84 53.40
CA TYR D 60 11.47 23.31 54.76
C TYR D 60 11.43 22.12 55.71
N ALA D 61 11.74 22.37 56.97
CA ALA D 61 11.60 21.33 57.99
C ALA D 61 10.13 21.08 58.28
N ASP D 62 9.83 19.85 58.71
CA ASP D 62 8.44 19.46 58.97
C ASP D 62 7.81 20.32 60.04
N SER D 63 8.58 20.69 61.06
CA SER D 63 8.05 21.49 62.16
C SER D 63 7.66 22.90 61.75
N VAL D 64 8.05 23.34 60.55
CA VAL D 64 7.79 24.70 60.10
C VAL D 64 7.15 24.74 58.73
N THR D 65 6.82 23.58 58.15
CA THR D 65 6.18 23.56 56.85
C THR D 65 4.80 24.19 56.94
N GLY D 66 4.50 25.08 55.98
CA GLY D 66 3.24 25.78 55.96
C GLY D 66 3.21 27.03 56.83
N ARG D 67 4.23 27.22 57.66
CA ARG D 67 4.32 28.41 58.50
C ARG D 67 5.53 29.28 58.18
N PHE D 68 6.65 28.70 57.77
CA PHE D 68 7.86 29.45 57.49
C PHE D 68 7.99 29.70 56.00
N THR D 69 8.57 30.84 55.67
CA THR D 69 8.83 31.20 54.27
C THR D 69 10.22 31.80 54.17
N ILE D 70 11.10 31.13 53.43
CA ILE D 70 12.44 31.62 53.17
C ILE D 70 12.44 32.33 51.84
N SER D 71 13.26 33.36 51.71
CA SER D 71 13.38 34.10 50.45
C SER D 71 14.76 34.72 50.39
N ARG D 72 15.17 35.07 49.18
CA ARG D 72 16.46 35.70 48.96
C ARG D 72 16.34 36.71 47.83
N ASP D 73 17.22 37.71 47.87
CA ASP D 73 17.36 38.68 46.79
C ASP D 73 18.84 38.87 46.53
N ASN D 74 19.34 38.26 45.46
CA ASN D 74 20.77 38.30 45.17
C ASN D 74 21.26 39.72 44.90
N SER D 75 20.37 40.60 44.44
CA SER D 75 20.74 41.98 44.21
C SER D 75 21.24 42.63 45.49
N LYS D 76 20.53 42.41 46.59
CA LYS D 76 20.94 42.94 47.88
C LYS D 76 21.89 42.02 48.63
N ASN D 77 22.12 40.80 48.12
CA ASN D 77 22.98 39.82 48.77
C ASN D 77 22.52 39.51 50.19
N THR D 78 21.22 39.26 50.33
CA THR D 78 20.62 39.08 51.65
C THR D 78 19.71 37.86 51.65
N LEU D 79 19.55 37.28 52.83
CA LEU D 79 18.66 36.16 53.07
C LEU D 79 17.52 36.57 53.98
N TYR D 80 16.30 36.20 53.60
CA TYR D 80 15.10 36.55 54.35
C TYR D 80 14.33 35.30 54.73
N LEU D 81 13.91 35.23 55.99
CA LEU D 81 13.04 34.16 56.47
C LEU D 81 11.79 34.80 57.06
N GLN D 82 10.62 34.33 56.65
CA GLN D 82 9.35 34.78 57.21
C GLN D 82 8.81 33.74 58.18
N MET D 83 8.43 34.19 59.37
CA MET D 83 7.81 33.32 60.37
C MET D 83 6.39 33.79 60.57
N ASN D 84 5.45 32.85 60.51
CA ASN D 84 4.05 33.12 60.83
C ASN D 84 3.56 32.03 61.77
N SER D 85 2.54 32.38 62.57
CA SER D 85 1.98 31.47 63.56
C SER D 85 3.07 30.93 64.48
N LEU D 86 3.93 31.82 64.95
CA LEU D 86 5.03 31.41 65.80
C LEU D 86 4.54 30.85 67.13
N ARG D 87 5.12 29.72 67.52
CA ARG D 87 4.78 29.06 68.77
C ARG D 87 5.98 29.10 69.70
N ALA D 88 5.74 28.79 70.97
CA ALA D 88 6.77 28.91 71.98
C ALA D 88 7.98 28.05 71.66
N GLU D 89 7.76 26.87 71.10
CA GLU D 89 8.86 25.96 70.78
C GLU D 89 9.72 26.47 69.63
N ASP D 90 9.28 27.49 68.91
CA ASP D 90 10.08 28.09 67.86
C ASP D 90 11.11 29.09 68.40
N THR D 91 11.12 29.31 69.71
CA THR D 91 12.14 30.16 70.32
C THR D 91 13.51 29.51 70.19
N ALA D 92 14.42 30.19 69.51
CA ALA D 92 15.76 29.65 69.26
C ALA D 92 16.62 30.77 68.68
N VAL D 93 17.92 30.50 68.63
CA VAL D 93 18.86 31.35 67.90
C VAL D 93 18.97 30.83 66.48
N TYR D 94 18.69 31.69 65.50
CA TYR D 94 18.60 31.28 64.12
C TYR D 94 19.87 31.68 63.38
N TYR D 95 20.46 30.73 62.65
CA TYR D 95 21.68 30.94 61.90
C TYR D 95 21.43 30.80 60.41
N CYS D 96 21.98 31.72 59.64
CA CYS D 96 22.06 31.57 58.20
C CYS D 96 23.43 31.03 57.82
N ALA D 97 23.43 29.95 57.05
CA ALA D 97 24.67 29.28 56.71
C ALA D 97 24.63 28.82 55.26
N SER D 98 25.81 28.57 54.71
CA SER D 98 25.91 28.09 53.33
C SER D 98 27.12 27.20 53.13
N SER D 99 27.47 26.99 51.87
CA SER D 99 28.59 26.13 51.54
C SER D 99 29.26 26.67 50.29
N SER D 100 30.60 26.74 50.33
CA SER D 100 31.35 26.98 49.10
C SER D 100 31.11 25.86 48.10
N GLY D 101 30.87 24.66 48.59
CA GLY D 101 30.44 23.55 47.77
C GLY D 101 29.02 23.16 48.16
N TYR D 102 28.90 22.05 48.89
CA TYR D 102 27.59 21.50 49.19
C TYR D 102 27.29 21.40 50.68
N LEU D 103 28.31 21.22 51.53
CA LEU D 103 28.07 21.05 52.96
C LEU D 103 28.37 22.32 53.74
N PHE D 104 27.55 22.56 54.76
CA PHE D 104 27.75 23.71 55.65
C PHE D 104 29.21 23.83 56.06
N HIS D 105 29.84 24.93 55.66
CA HIS D 105 31.24 25.13 55.94
C HIS D 105 31.44 26.18 57.02
N SER D 106 32.45 25.92 57.86
CA SER D 106 32.64 26.67 59.09
C SER D 106 32.84 28.17 58.84
N ASP D 107 33.41 28.54 57.69
CA ASP D 107 33.54 29.95 57.35
C ASP D 107 32.20 30.54 56.97
N TYR D 108 31.19 29.70 56.77
CA TYR D 108 29.92 30.15 56.21
C TYR D 108 28.79 30.04 57.23
N TRP D 109 29.07 30.42 58.47
CA TRP D 109 28.06 30.48 59.52
C TRP D 109 28.07 31.86 60.15
N GLY D 110 26.89 32.41 60.39
CA GLY D 110 26.75 33.71 61.01
C GLY D 110 26.81 33.65 62.52
N GLN D 111 26.75 34.84 63.13
CA GLN D 111 26.71 34.93 64.57
C GLN D 111 25.35 34.54 65.15
N GLY D 112 24.30 34.64 64.35
CA GLY D 112 22.98 34.26 64.80
C GLY D 112 22.25 35.41 65.48
N THR D 113 20.92 35.30 65.53
CA THR D 113 20.10 36.24 66.27
C THR D 113 19.09 35.46 67.09
N LEU D 114 18.68 36.02 68.22
CA LEU D 114 17.79 35.32 69.13
C LEU D 114 16.33 35.66 68.84
N VAL D 115 15.51 34.62 68.73
CA VAL D 115 14.07 34.76 68.55
C VAL D 115 13.39 34.11 69.75
N THR D 116 12.58 34.87 70.46
CA THR D 116 11.87 34.38 71.64
C THR D 116 10.38 34.52 71.42
N VAL D 117 9.65 33.41 71.57
CA VAL D 117 8.21 33.38 71.43
C VAL D 117 7.59 33.18 72.81
N SER D 118 6.85 34.17 73.27
CA SER D 118 6.20 34.10 74.58
C SER D 118 5.10 35.15 74.71
N ASP E 1 11.85 9.59 58.00
CA ASP E 1 13.08 10.13 57.40
C ASP E 1 14.30 9.27 57.70
N ILE E 2 15.47 9.88 57.61
CA ILE E 2 16.71 9.23 58.02
C ILE E 2 16.98 9.58 59.48
N GLN E 3 17.12 8.57 60.32
CA GLN E 3 17.42 8.75 61.74
C GLN E 3 18.89 8.42 62.00
N MET E 4 19.52 9.18 62.88
CA MET E 4 20.93 8.98 63.21
C MET E 4 21.11 9.01 64.72
N THR E 5 21.84 8.02 65.24
CA THR E 5 22.04 7.80 66.67
C THR E 5 23.52 7.94 66.99
N GLN E 6 23.84 8.78 67.96
CA GLN E 6 25.20 8.92 68.45
C GLN E 6 25.38 8.14 69.75
N SER E 7 26.59 7.63 69.95
CA SER E 7 26.92 6.88 71.14
C SER E 7 28.40 7.05 71.42
N PRO E 8 28.77 7.35 72.68
CA PRO E 8 27.86 7.56 73.80
C PRO E 8 27.25 8.96 73.82
N SER E 9 26.23 9.16 74.65
CA SER E 9 25.66 10.50 74.81
C SER E 9 26.62 11.42 75.55
N THR E 10 27.18 10.96 76.66
CA THR E 10 28.17 11.72 77.40
C THR E 10 29.34 10.82 77.76
N LEU E 11 30.54 11.39 77.78
CA LEU E 11 31.73 10.59 77.98
C LEU E 11 32.85 11.48 78.52
N SER E 12 33.46 11.04 79.62
CA SER E 12 34.43 11.82 80.37
C SER E 12 35.82 11.24 80.15
N ALA E 13 36.78 12.10 79.81
CA ALA E 13 38.15 11.68 79.56
C ALA E 13 39.11 12.79 79.94
N SER E 14 40.38 12.43 80.07
CA SER E 14 41.44 13.37 80.40
C SER E 14 42.25 13.71 79.16
N VAL E 15 43.12 14.71 79.31
CA VAL E 15 43.90 15.19 78.16
C VAL E 15 44.85 14.11 77.67
N GLY E 16 44.91 13.93 76.36
CA GLY E 16 45.75 12.94 75.73
C GLY E 16 45.08 11.62 75.42
N ASP E 17 43.83 11.42 75.84
CA ASP E 17 43.23 10.09 75.77
C ASP E 17 42.71 9.78 74.37
N ARG E 18 42.57 8.48 74.12
CA ARG E 18 41.88 7.96 72.94
C ARG E 18 40.38 7.89 73.19
N VAL E 19 39.60 8.54 72.33
CA VAL E 19 38.14 8.49 72.41
C VAL E 19 37.59 8.17 71.03
N THR E 20 36.44 7.49 71.00
CA THR E 20 35.75 7.15 69.77
C THR E 20 34.28 7.50 69.91
N ILE E 21 33.72 8.12 68.87
CA ILE E 21 32.31 8.47 68.84
C ILE E 21 31.67 7.69 67.70
N THR E 22 30.59 6.98 68.00
CA THR E 22 29.96 6.09 67.04
C THR E 22 28.65 6.71 66.59
N CYS E 23 28.44 6.75 65.28
CA CYS E 23 27.21 7.31 64.73
C CYS E 23 26.42 6.19 64.05
N ARG E 24 25.11 6.14 64.29
CA ARG E 24 24.26 5.06 63.83
C ARG E 24 23.19 5.57 62.87
N ALA E 25 23.24 5.12 61.62
CA ALA E 25 22.32 5.52 60.57
C ALA E 25 21.24 4.48 60.33
N SER E 26 20.00 4.96 60.14
CA SER E 26 18.91 4.05 59.89
C SER E 26 18.98 3.41 58.52
N GLN E 27 19.73 3.98 57.59
CA GLN E 27 20.02 3.31 56.32
C GLN E 27 21.18 4.00 55.63
N SER E 28 21.50 3.55 54.42
CA SER E 28 22.75 3.92 53.79
C SER E 28 22.86 5.42 53.54
N ILE E 29 23.96 6.00 53.99
CA ILE E 29 24.34 7.39 53.71
C ILE E 29 25.70 7.32 53.01
N SER E 30 25.81 6.41 52.05
CA SER E 30 26.91 5.46 51.90
C SER E 30 28.23 5.93 52.49
N ASN E 31 28.75 7.07 52.09
CA ASN E 31 29.86 7.66 52.83
C ASN E 31 29.66 9.15 53.08
N TRP E 32 28.42 9.64 53.00
CA TRP E 32 28.10 11.07 53.10
C TRP E 32 27.60 11.43 54.49
N LEU E 33 28.56 11.76 55.34
CA LEU E 33 28.36 12.12 56.74
C LEU E 33 29.28 13.27 57.08
N ALA E 34 28.88 14.10 58.05
CA ALA E 34 29.69 15.20 58.53
C ALA E 34 29.74 15.22 60.05
N TRP E 35 30.88 15.65 60.58
CA TRP E 35 31.10 15.78 62.01
C TRP E 35 31.28 17.24 62.37
N PHE E 36 30.59 17.69 63.42
CA PHE E 36 30.64 19.07 63.88
C PHE E 36 30.89 19.13 65.38
N GLN E 37 31.57 20.20 65.80
CA GLN E 37 31.85 20.48 67.20
C GLN E 37 31.27 21.84 67.57
N GLN E 38 30.70 21.91 68.78
CA GLN E 38 30.07 23.13 69.26
C GLN E 38 30.47 23.37 70.70
N LYS E 39 31.11 24.43 70.95
CA LYS E 39 31.13 24.77 72.36
C LYS E 39 30.00 25.75 72.68
N PRO E 40 29.59 25.90 73.94
CA PRO E 40 28.49 26.83 74.25
C PRO E 40 28.85 28.26 73.88
N GLY E 41 27.87 28.98 73.33
CA GLY E 41 28.16 30.27 72.77
C GLY E 41 28.88 30.20 71.44
N LYS E 42 29.06 29.02 70.89
CA LYS E 42 29.73 28.86 69.59
C LYS E 42 28.79 28.20 68.60
N ALA E 43 29.01 28.54 67.33
CA ALA E 43 28.24 27.97 66.24
C ALA E 43 28.67 26.54 65.99
N PRO E 44 27.88 25.75 65.25
CA PRO E 44 28.38 24.45 64.82
C PRO E 44 29.56 24.59 63.86
N LYS E 45 30.66 23.98 64.26
CA LYS E 45 31.97 24.23 63.67
C LYS E 45 32.45 22.93 63.05
N LEU E 46 32.80 22.98 61.76
CA LEU E 46 32.97 21.76 60.97
C LEU E 46 34.23 21.01 61.39
N LEU E 47 34.19 19.68 61.28
CA LEU E 47 35.38 18.82 61.35
C LEU E 47 35.63 18.06 60.05
N ILE E 48 34.69 17.21 59.62
CA ILE E 48 34.91 16.23 58.56
C ILE E 48 33.73 16.22 57.60
N TYR E 49 33.98 15.86 56.35
CA TYR E 49 32.97 15.75 55.31
C TYR E 49 33.17 14.46 54.51
N GLU E 50 32.06 13.84 54.12
CA GLU E 50 32.05 12.43 53.77
C GLU E 50 32.84 11.58 54.75
N ALA E 51 32.94 12.04 55.99
CA ALA E 51 33.22 11.19 57.14
C ALA E 51 34.66 10.67 57.19
N SER E 52 35.47 10.99 56.19
CA SER E 52 36.90 10.68 56.28
C SER E 52 37.78 11.78 55.71
N SER E 53 37.22 12.91 55.29
CA SER E 53 38.01 13.91 54.60
C SER E 53 38.22 15.16 55.47
N LEU E 54 39.49 15.57 55.56
CA LEU E 54 39.92 16.60 56.49
C LEU E 54 39.64 17.99 55.94
N GLU E 55 38.92 18.81 56.71
CA GLU E 55 38.81 20.23 56.37
C GLU E 55 40.10 20.99 56.69
N SER E 56 40.28 22.10 55.98
CA SER E 56 41.35 23.05 56.25
C SER E 56 41.29 23.55 57.68
N GLY E 57 42.46 23.58 58.33
CA GLY E 57 42.56 24.13 59.67
C GLY E 57 42.10 23.19 60.75
N VAL E 58 41.87 21.94 60.41
CA VAL E 58 41.39 20.92 61.34
C VAL E 58 42.57 20.05 61.73
N PRO E 59 42.95 20.01 63.01
CA PRO E 59 44.11 19.20 63.43
C PRO E 59 44.00 17.74 63.04
N SER E 60 45.13 17.14 62.68
CA SER E 60 45.16 15.77 62.20
C SER E 60 44.68 14.77 63.25
N ARG E 61 44.67 15.14 64.53
CA ARG E 61 44.08 14.28 65.56
C ARG E 61 42.60 14.04 65.29
N PHE E 62 41.94 14.96 64.61
CA PHE E 62 40.56 14.77 64.18
C PHE E 62 40.55 13.95 62.90
N SER E 63 39.78 12.87 62.91
CA SER E 63 39.60 12.05 61.73
C SER E 63 38.34 11.21 61.91
N GLY E 64 37.86 10.66 60.80
CA GLY E 64 36.66 9.86 60.83
C GLY E 64 36.82 8.63 59.97
N SER E 65 35.89 7.69 60.16
CA SER E 65 35.89 6.48 59.37
C SER E 65 34.48 5.93 59.34
N GLY E 66 34.23 5.05 58.38
CA GLY E 66 32.96 4.39 58.25
C GLY E 66 32.31 4.67 56.91
N SER E 67 31.49 3.70 56.49
CA SER E 67 30.72 3.83 55.27
C SER E 67 29.43 3.05 55.45
N GLY E 68 28.40 3.48 54.72
CA GLY E 68 27.11 2.83 54.80
C GLY E 68 26.27 3.33 55.94
N THR E 69 26.23 2.57 57.03
CA THR E 69 25.41 2.93 58.19
C THR E 69 26.21 3.09 59.47
N GLU E 70 27.41 2.55 59.55
CA GLU E 70 28.17 2.58 60.79
C GLU E 70 29.39 3.46 60.59
N PHE E 71 29.53 4.47 61.45
CA PHE E 71 30.55 5.51 61.26
C PHE E 71 31.22 5.83 62.58
N THR E 72 32.39 6.46 62.48
CA THR E 72 33.32 6.64 63.60
C THR E 72 33.99 8.00 63.51
N LEU E 73 34.04 8.69 64.65
CA LEU E 73 34.86 9.89 64.82
C LEU E 73 36.03 9.55 65.73
N THR E 74 37.20 10.09 65.41
CA THR E 74 38.45 9.70 66.04
C THR E 74 39.16 10.88 66.67
N ILE E 75 39.58 10.70 67.92
CA ILE E 75 40.56 11.55 68.56
C ILE E 75 41.75 10.66 68.92
N SER E 76 42.90 10.98 68.35
CA SER E 76 44.12 10.26 68.68
C SER E 76 44.59 10.60 70.10
N SER E 77 44.89 11.89 70.35
CA SER E 77 45.32 12.41 71.65
C SER E 77 44.49 13.67 71.95
N LEU E 78 43.89 13.70 73.14
CA LEU E 78 43.04 14.81 73.54
C LEU E 78 43.88 16.07 73.73
N GLN E 79 43.41 17.18 73.20
CA GLN E 79 43.89 18.51 73.53
C GLN E 79 42.91 19.19 74.47
N PRO E 80 43.34 20.19 75.23
CA PRO E 80 42.42 20.80 76.20
C PRO E 80 41.28 21.56 75.54
N ASP E 81 41.40 21.92 74.27
CA ASP E 81 40.34 22.68 73.62
C ASP E 81 39.32 21.80 72.89
N ASP E 82 39.43 20.48 73.05
CA ASP E 82 38.53 19.54 72.41
C ASP E 82 37.34 19.17 73.29
N PHE E 83 37.28 19.70 74.52
CA PHE E 83 36.15 19.47 75.41
C PHE E 83 34.92 20.18 74.86
N ALA E 84 34.06 19.44 74.18
CA ALA E 84 32.86 20.02 73.57
C ALA E 84 31.94 18.89 73.13
N THR E 85 30.80 19.26 72.56
CA THR E 85 29.84 18.32 72.00
C THR E 85 30.16 18.08 70.53
N TYR E 86 29.80 16.89 70.05
CA TYR E 86 30.10 16.49 68.68
C TYR E 86 28.87 15.90 68.03
N TYR E 87 28.56 16.36 66.82
CA TYR E 87 27.37 15.94 66.10
C TYR E 87 27.78 15.32 64.77
N CYS E 88 27.41 14.05 64.58
CA CYS E 88 27.46 13.47 63.25
C CYS E 88 26.24 13.96 62.49
N GLN E 89 26.43 14.25 61.21
CA GLN E 89 25.36 14.77 60.38
C GLN E 89 25.32 14.04 59.06
N GLN E 90 24.13 13.58 58.67
CA GLN E 90 23.95 13.03 57.34
C GLN E 90 23.46 14.13 56.41
N TYR E 91 23.72 13.95 55.12
CA TYR E 91 23.18 14.80 54.07
C TYR E 91 22.88 13.99 52.82
N ASN E 92 22.67 12.69 52.98
CA ASN E 92 22.30 11.87 51.82
C ASN E 92 20.93 12.28 51.30
N SER E 93 19.96 12.48 52.19
CA SER E 93 18.63 12.85 51.77
C SER E 93 18.05 13.89 52.71
N TYR E 94 17.44 14.91 52.14
CA TYR E 94 16.74 15.95 52.86
C TYR E 94 15.52 15.37 53.57
N PRO E 95 15.15 15.89 54.74
CA PRO E 95 15.81 16.98 55.45
C PRO E 95 17.10 16.53 56.08
N TRP E 96 18.05 17.44 56.24
CA TRP E 96 19.30 17.08 56.88
C TRP E 96 19.07 16.89 58.38
N THR E 97 19.47 15.73 58.89
CA THR E 97 19.14 15.37 60.25
C THR E 97 20.42 15.36 61.08
N PHE E 98 20.27 15.46 62.39
CA PHE E 98 21.41 15.53 63.28
C PHE E 98 21.27 14.54 64.42
N GLY E 99 22.40 14.01 64.87
CA GLY E 99 22.39 13.14 66.01
C GLY E 99 22.11 13.87 67.29
N GLN E 100 21.83 13.09 68.34
CA GLN E 100 21.57 13.66 69.65
C GLN E 100 22.79 14.36 70.25
N GLY E 101 23.98 14.02 69.81
CA GLY E 101 25.16 14.70 70.27
C GLY E 101 25.95 13.87 71.28
N THR E 102 27.24 14.19 71.37
CA THR E 102 28.14 13.56 72.34
C THR E 102 29.04 14.66 72.90
N LYS E 103 28.84 15.01 74.17
CA LYS E 103 29.62 16.04 74.84
C LYS E 103 30.73 15.32 75.62
N VAL E 104 31.98 15.69 75.35
CA VAL E 104 33.13 15.09 76.03
C VAL E 104 33.40 15.91 77.29
N GLU E 105 33.53 15.24 78.42
CA GLU E 105 33.77 15.91 79.68
C GLU E 105 35.16 15.59 80.23
N ILE E 106 35.60 16.39 81.19
CA ILE E 106 36.91 16.23 81.81
C ILE E 106 36.95 14.95 82.64
N GLN F 1 25.57 56.19 47.01
CA GLN F 1 24.37 55.48 46.59
C GLN F 1 24.43 55.30 45.07
N VAL F 2 23.42 55.76 44.35
CA VAL F 2 23.35 55.61 42.90
C VAL F 2 23.69 56.97 42.29
N GLN F 3 24.70 57.00 41.44
CA GLN F 3 25.10 58.21 40.74
C GLN F 3 25.54 57.88 39.33
N LEU F 4 25.15 58.71 38.39
CA LEU F 4 25.60 58.63 37.00
C LEU F 4 26.37 59.89 36.69
N VAL F 5 27.60 59.72 36.20
CA VAL F 5 28.50 60.84 35.96
C VAL F 5 28.78 60.90 34.46
N GLU F 6 28.40 62.00 33.82
CA GLU F 6 28.71 62.21 32.42
C GLU F 6 30.03 62.95 32.25
N SER F 7 30.73 62.65 31.17
CA SER F 7 32.00 63.28 30.86
C SER F 7 32.20 63.28 29.36
N GLY F 8 33.05 64.20 28.90
CA GLY F 8 33.35 64.34 27.48
C GLY F 8 32.66 65.49 26.79
N GLY F 9 31.84 66.26 27.48
CA GLY F 9 31.19 67.39 26.84
C GLY F 9 32.13 68.53 26.58
N GLY F 10 31.77 69.36 25.61
CA GLY F 10 32.58 70.53 25.26
C GLY F 10 32.06 71.30 24.07
N VAL F 11 32.96 71.83 23.26
CA VAL F 11 32.61 72.59 22.07
C VAL F 11 33.10 71.84 20.84
N VAL F 12 32.24 71.77 19.83
CA VAL F 12 32.53 71.03 18.61
C VAL F 12 32.19 71.91 17.41
N GLN F 13 33.04 71.89 16.39
CA GLN F 13 32.70 72.59 15.17
C GLN F 13 31.65 71.79 14.39
N PRO F 14 30.80 72.48 13.62
CA PRO F 14 29.75 71.77 12.87
C PRO F 14 30.34 70.74 11.93
N GLY F 15 29.66 69.60 11.82
CA GLY F 15 30.12 68.51 11.00
C GLY F 15 31.19 67.64 11.63
N ARG F 16 31.62 67.94 12.84
CA ARG F 16 32.66 67.19 13.52
C ARG F 16 32.02 66.16 14.47
N SER F 17 32.84 65.53 15.30
CA SER F 17 32.40 64.41 16.12
C SER F 17 32.76 64.65 17.58
N LEU F 18 32.03 63.98 18.47
CA LEU F 18 32.31 64.01 19.90
C LEU F 18 31.85 62.70 20.52
N ARG F 19 32.55 62.28 21.57
CA ARG F 19 32.22 61.07 22.31
C ARG F 19 31.91 61.44 23.74
N LEU F 20 30.81 60.94 24.27
CA LEU F 20 30.47 61.10 25.67
C LEU F 20 30.74 59.82 26.43
N SER F 21 31.14 59.99 27.68
CA SER F 21 31.42 58.87 28.57
C SER F 21 30.58 59.03 29.82
N CYS F 22 30.15 57.90 30.39
CA CYS F 22 29.18 57.92 31.48
C CYS F 22 29.49 56.82 32.46
N ALA F 23 29.85 57.20 33.68
CA ALA F 23 30.21 56.27 34.73
C ALA F 23 29.01 55.97 35.62
N ALA F 24 28.87 54.71 36.01
CA ALA F 24 27.75 54.26 36.83
C ALA F 24 28.28 53.67 38.13
N SER F 25 27.56 53.93 39.22
CA SER F 25 27.92 53.38 40.52
C SER F 25 26.68 53.23 41.38
N GLY F 26 26.69 52.20 42.22
CA GLY F 26 25.61 51.99 43.16
C GLY F 26 24.49 51.09 42.70
N PHE F 27 24.64 50.44 41.54
CA PHE F 27 23.60 49.55 41.05
C PHE F 27 24.20 48.59 40.05
N THR F 28 23.47 47.50 39.80
CA THR F 28 23.91 46.46 38.88
C THR F 28 23.79 46.97 37.43
N PHE F 29 24.81 47.71 37.03
CA PHE F 29 24.87 48.27 35.68
C PHE F 29 24.84 47.18 34.61
N SER F 30 25.35 45.99 34.93
CA SER F 30 25.48 44.92 33.96
C SER F 30 24.14 44.30 33.58
N SER F 31 23.06 44.64 34.27
CA SER F 31 21.74 44.09 33.96
C SER F 31 20.68 45.16 33.80
N TYR F 32 21.07 46.42 33.66
CA TYR F 32 20.14 47.52 33.52
C TYR F 32 20.24 48.13 32.13
N ALA F 33 19.10 48.40 31.52
CA ALA F 33 19.09 49.15 30.27
C ALA F 33 19.46 50.59 30.53
N MET F 34 20.14 51.19 29.55
CA MET F 34 20.68 52.54 29.67
C MET F 34 19.95 53.48 28.72
N HIS F 35 19.85 54.75 29.10
CA HIS F 35 19.26 55.78 28.25
C HIS F 35 20.14 57.02 28.21
N TRP F 36 20.13 57.67 27.06
CA TRP F 36 20.67 59.01 26.88
C TRP F 36 19.52 59.96 26.59
N VAL F 37 19.60 61.17 27.16
CA VAL F 37 18.58 62.18 26.94
C VAL F 37 19.24 63.56 27.00
N ARG F 38 18.75 64.45 26.14
CA ARG F 38 19.33 65.78 26.02
C ARG F 38 18.24 66.83 26.20
N GLN F 39 18.65 67.98 26.74
CA GLN F 39 17.75 69.12 26.88
C GLN F 39 18.46 70.33 26.28
N ALA F 40 17.79 71.01 25.35
CA ALA F 40 18.34 72.22 24.79
C ALA F 40 18.15 73.37 25.77
N PRO F 41 19.08 74.36 25.76
CA PRO F 41 19.05 75.41 26.78
C PRO F 41 17.70 76.13 26.90
N GLY F 42 16.97 75.80 27.96
CA GLY F 42 15.65 76.36 28.15
C GLY F 42 14.66 75.92 27.09
N LYS F 43 14.80 74.70 26.59
CA LYS F 43 13.84 74.07 25.71
C LYS F 43 13.41 72.72 26.28
N GLY F 44 12.44 72.10 25.62
CA GLY F 44 11.97 70.80 26.03
C GLY F 44 12.97 69.71 25.75
N LEU F 45 13.07 68.80 26.71
CA LEU F 45 14.06 67.74 26.64
C LEU F 45 13.65 66.70 25.60
N GLU F 46 14.63 66.06 25.00
CA GLU F 46 14.40 65.13 23.90
C GLU F 46 15.08 63.81 24.20
N TRP F 47 14.33 62.71 24.11
CA TRP F 47 14.95 61.40 24.24
C TRP F 47 15.90 61.16 23.08
N VAL F 48 17.01 60.48 23.36
CA VAL F 48 18.10 60.31 22.41
C VAL F 48 18.30 58.85 22.03
N ALA F 49 18.65 58.01 23.00
CA ALA F 49 19.06 56.65 22.68
C ALA F 49 18.80 55.75 23.88
N VAL F 50 18.82 54.44 23.61
CA VAL F 50 18.65 53.42 24.63
C VAL F 50 19.40 52.17 24.21
N ILE F 51 19.99 51.49 25.18
CA ILE F 51 20.58 50.19 24.91
C ILE F 51 20.26 49.26 26.08
N PRO F 52 19.80 48.05 25.81
CA PRO F 52 19.65 47.05 26.88
C PRO F 52 20.99 46.62 27.43
N PHE F 53 21.01 45.78 28.47
CA PHE F 53 22.29 45.50 29.12
C PHE F 53 23.21 44.67 28.24
N ASP F 54 22.66 43.73 27.46
CA ASP F 54 23.49 42.93 26.56
C ASP F 54 23.63 43.57 25.19
N GLY F 55 22.90 44.64 24.91
CA GLY F 55 23.11 45.44 23.73
C GLY F 55 22.78 44.80 22.40
N ARG F 56 22.05 43.68 22.39
CA ARG F 56 21.65 43.11 21.11
C ARG F 56 20.77 44.07 20.31
N ASN F 57 20.08 44.98 20.99
CA ASN F 57 19.20 45.94 20.34
C ASN F 57 19.67 47.34 20.68
N LYS F 58 19.32 48.29 19.83
CA LYS F 58 19.84 49.64 19.93
C LYS F 58 18.89 50.58 19.21
N TYR F 59 18.19 51.42 19.95
CA TYR F 59 17.18 52.31 19.40
C TYR F 59 17.63 53.76 19.51
N TYR F 60 17.16 54.57 18.57
CA TYR F 60 17.54 55.97 18.50
C TYR F 60 16.31 56.82 18.23
N ALA F 61 16.38 58.09 18.61
CA ALA F 61 15.40 59.05 18.11
C ALA F 61 15.69 59.35 16.65
N ASP F 62 14.64 59.82 15.94
CA ASP F 62 14.75 60.00 14.50
C ASP F 62 15.83 61.01 14.12
N SER F 63 15.91 62.13 14.85
CA SER F 63 16.78 63.22 14.47
C SER F 63 18.26 62.86 14.54
N VAL F 64 18.62 61.76 15.19
CA VAL F 64 20.00 61.36 15.35
C VAL F 64 20.30 60.03 14.70
N THR F 65 19.35 59.47 13.96
CA THR F 65 19.56 58.20 13.29
C THR F 65 20.64 58.31 12.23
N GLY F 66 21.57 57.37 12.22
CA GLY F 66 22.63 57.33 11.25
C GLY F 66 23.83 58.19 11.59
N ARG F 67 23.72 59.03 12.61
CA ARG F 67 24.81 59.88 13.04
C ARG F 67 25.29 59.60 14.45
N PHE F 68 24.45 59.01 15.29
CA PHE F 68 24.77 58.74 16.68
C PHE F 68 24.87 57.25 16.91
N THR F 69 25.81 56.84 17.75
CA THR F 69 25.89 55.45 18.18
C THR F 69 26.11 55.39 19.69
N ILE F 70 25.38 54.49 20.33
CA ILE F 70 25.46 54.29 21.78
C ILE F 70 26.19 52.99 22.05
N SER F 71 27.01 52.98 23.09
CA SER F 71 27.80 51.79 23.40
C SER F 71 27.98 51.71 24.90
N ARG F 72 28.26 50.49 25.36
CA ARG F 72 28.43 50.21 26.78
C ARG F 72 29.46 49.12 26.96
N ASP F 73 30.06 49.09 28.14
CA ASP F 73 30.95 48.00 28.54
C ASP F 73 30.72 47.74 30.02
N ASN F 74 29.97 46.69 30.32
CA ASN F 74 29.64 46.39 31.70
C ASN F 74 30.87 46.13 32.55
N SER F 75 31.99 45.75 31.90
CA SER F 75 33.25 45.55 32.60
C SER F 75 33.69 46.82 33.31
N LYS F 76 33.65 47.95 32.59
CA LYS F 76 34.00 49.23 33.18
C LYS F 76 32.83 49.94 33.82
N ASN F 77 31.62 49.37 33.72
CA ASN F 77 30.41 50.01 34.24
C ASN F 77 30.24 51.40 33.64
N THR F 78 30.48 51.51 32.34
CA THR F 78 30.47 52.80 31.68
C THR F 78 29.55 52.75 30.46
N LEU F 79 28.92 53.89 30.19
CA LEU F 79 28.07 54.08 29.03
C LEU F 79 28.67 55.14 28.13
N TYR F 80 28.55 54.93 26.82
CA TYR F 80 29.14 55.82 25.85
C TYR F 80 28.12 56.17 24.77
N LEU F 81 28.29 57.35 24.21
CA LEU F 81 27.50 57.81 23.06
C LEU F 81 28.44 58.55 22.13
N GLN F 82 28.69 57.99 20.96
CA GLN F 82 29.56 58.59 19.96
C GLN F 82 28.72 59.37 18.97
N MET F 83 29.04 60.64 18.80
CA MET F 83 28.31 61.54 17.90
C MET F 83 29.19 61.81 16.69
N ASN F 84 28.60 61.76 15.50
CA ASN F 84 29.28 62.12 14.27
C ASN F 84 28.36 63.02 13.45
N SER F 85 28.98 63.85 12.60
CA SER F 85 28.25 64.81 11.78
C SER F 85 27.38 65.71 12.66
N LEU F 86 27.99 66.31 13.67
CA LEU F 86 27.26 67.15 14.60
C LEU F 86 26.78 68.43 13.94
N ARG F 87 25.57 68.85 14.28
CA ARG F 87 24.99 70.09 13.78
C ARG F 87 24.70 71.02 14.94
N ALA F 88 24.41 72.28 14.60
CA ALA F 88 24.18 73.31 15.61
C ALA F 88 22.97 72.97 16.48
N GLU F 89 21.91 72.42 15.87
CA GLU F 89 20.71 72.07 16.61
C GLU F 89 20.93 70.95 17.62
N ASP F 90 22.06 70.26 17.55
CA ASP F 90 22.39 69.22 18.51
C ASP F 90 22.98 69.77 19.80
N THR F 91 23.15 71.09 19.89
CA THR F 91 23.64 71.69 21.12
C THR F 91 22.63 71.49 22.25
N ALA F 92 23.04 70.76 23.29
CA ALA F 92 22.15 70.43 24.39
C ALA F 92 22.99 69.87 25.54
N VAL F 93 22.39 69.84 26.72
CA VAL F 93 22.97 69.14 27.85
C VAL F 93 22.50 67.69 27.81
N TYR F 94 23.44 66.76 27.81
CA TYR F 94 23.16 65.35 27.61
C TYR F 94 23.23 64.61 28.94
N TYR F 95 22.18 63.83 29.23
CA TYR F 95 22.05 63.14 30.50
C TYR F 95 22.07 61.63 30.30
N CYS F 96 22.57 60.91 31.30
CA CYS F 96 22.35 59.47 31.39
C CYS F 96 21.16 59.19 32.27
N ALA F 97 20.37 58.20 31.87
CA ALA F 97 19.22 57.80 32.66
C ALA F 97 19.01 56.30 32.52
N SER F 98 18.50 55.70 33.59
CA SER F 98 18.17 54.29 33.54
C SER F 98 17.01 53.97 34.47
N SER F 99 16.80 52.70 34.74
CA SER F 99 15.64 52.30 35.52
C SER F 99 15.98 51.06 36.33
N SER F 100 15.52 51.05 37.57
CA SER F 100 15.47 49.79 38.29
C SER F 100 14.54 48.81 37.60
N GLY F 101 13.48 49.32 36.96
CA GLY F 101 12.61 48.56 36.12
C GLY F 101 12.66 49.06 34.68
N TYR F 102 11.59 49.78 34.31
CA TYR F 102 11.30 50.12 32.92
C TYR F 102 11.26 51.63 32.66
N LEU F 103 11.28 52.46 33.69
CA LEU F 103 11.09 53.89 33.51
C LEU F 103 12.27 54.68 34.06
N PHE F 104 12.62 55.76 33.37
CA PHE F 104 13.53 56.70 34.01
C PHE F 104 13.02 57.02 35.41
N HIS F 105 13.82 56.71 36.41
CA HIS F 105 13.53 57.16 37.76
C HIS F 105 14.55 58.21 38.17
N SER F 106 14.05 59.22 38.89
CA SER F 106 14.85 60.39 39.24
C SER F 106 16.13 60.02 39.98
N ASP F 107 16.13 58.88 40.68
CA ASP F 107 17.36 58.42 41.32
C ASP F 107 18.41 58.04 40.29
N TYR F 108 18.00 57.80 39.05
CA TYR F 108 18.90 57.26 38.03
C TYR F 108 19.10 58.26 36.90
N TRP F 109 19.35 59.52 37.23
CA TRP F 109 19.65 60.55 36.24
C TRP F 109 20.96 61.23 36.60
N GLY F 110 21.79 61.45 35.58
CA GLY F 110 23.05 62.10 35.78
C GLY F 110 22.93 63.60 35.89
N GLN F 111 24.03 64.23 36.28
CA GLN F 111 24.08 65.68 36.37
C GLN F 111 24.05 66.34 35.00
N GLY F 112 24.51 65.65 33.97
CA GLY F 112 24.51 66.18 32.62
C GLY F 112 25.83 66.86 32.28
N THR F 113 26.14 66.87 30.99
CA THR F 113 27.30 67.57 30.47
C THR F 113 26.87 68.34 29.22
N LEU F 114 27.45 69.51 29.01
CA LEU F 114 27.03 70.37 27.91
C LEU F 114 27.83 70.10 26.66
N VAL F 115 27.12 70.02 25.52
CA VAL F 115 27.73 69.88 24.20
C VAL F 115 27.29 71.07 23.37
N THR F 116 28.26 71.85 22.90
CA THR F 116 27.99 73.03 22.08
C THR F 116 28.59 72.80 20.69
N VAL F 117 27.77 72.93 19.66
CA VAL F 117 28.24 72.72 18.30
C VAL F 117 28.29 74.05 17.56
N ASP G 1 4.26 59.33 15.31
CA ASP G 1 4.49 58.71 16.62
C ASP G 1 3.32 58.96 17.57
N ILE G 2 3.61 58.86 18.86
CA ILE G 2 2.66 59.22 19.90
C ILE G 2 2.88 60.67 20.28
N GLN G 3 1.83 61.49 20.17
CA GLN G 3 1.88 62.90 20.53
C GLN G 3 1.18 63.11 21.86
N MET G 4 1.72 64.00 22.69
CA MET G 4 1.15 64.29 23.99
C MET G 4 1.07 65.79 24.20
N THR G 5 -0.09 66.27 24.67
CA THR G 5 -0.39 67.68 24.82
C THR G 5 -0.66 67.97 26.29
N GLN G 6 0.05 68.95 26.83
CA GLN G 6 -0.18 69.42 28.20
C GLN G 6 -1.03 70.69 28.18
N SER G 7 -1.85 70.85 29.22
CA SER G 7 -2.70 72.00 29.36
C SER G 7 -2.92 72.25 30.84
N PRO G 8 -2.78 73.51 31.30
CA PRO G 8 -2.37 74.66 30.50
C PRO G 8 -0.86 74.72 30.28
N SER G 9 -0.42 75.60 29.37
CA SER G 9 1.00 75.79 29.17
C SER G 9 1.63 76.53 30.34
N THR G 10 1.00 77.62 30.79
CA THR G 10 1.46 78.35 31.96
C THR G 10 0.26 78.67 32.85
N LEU G 11 0.50 78.67 34.16
CA LEU G 11 -0.59 78.82 35.11
C LEU G 11 -0.04 79.36 36.43
N SER G 12 -0.65 80.43 36.91
CA SER G 12 -0.18 81.17 38.07
C SER G 12 -1.10 80.89 39.26
N ALA G 13 -0.50 80.56 40.40
CA ALA G 13 -1.26 80.26 41.60
C ALA G 13 -0.45 80.65 42.83
N SER G 14 -1.13 80.73 43.97
CA SER G 14 -0.50 81.07 45.24
C SER G 14 -0.34 79.81 46.09
N VAL G 15 0.39 79.96 47.20
CA VAL G 15 0.69 78.82 48.05
C VAL G 15 -0.59 78.28 48.68
N GLY G 16 -0.73 76.95 48.67
CA GLY G 16 -1.89 76.27 49.21
C GLY G 16 -2.98 75.95 48.22
N ASP G 17 -2.86 76.39 46.97
CA ASP G 17 -3.99 76.30 46.05
C ASP G 17 -4.11 74.91 45.42
N ARG G 18 -5.32 74.62 44.95
CA ARG G 18 -5.60 73.45 44.13
C ARG G 18 -5.29 73.73 42.67
N VAL G 19 -4.43 72.91 42.07
CA VAL G 19 -4.10 73.04 40.65
C VAL G 19 -4.22 71.67 40.00
N THR G 20 -4.57 71.64 38.72
CA THR G 20 -4.68 70.41 37.94
C THR G 20 -3.97 70.60 36.62
N ILE G 21 -3.20 69.60 36.22
CA ILE G 21 -2.48 69.61 34.94
C ILE G 21 -3.04 68.47 34.11
N THR G 22 -3.45 68.78 32.89
CA THR G 22 -4.11 67.81 32.03
C THR G 22 -3.16 67.41 30.91
N CYS G 23 -3.03 66.10 30.71
CA CYS G 23 -2.15 65.61 29.64
C CYS G 23 -2.99 64.91 28.59
N ARG G 24 -2.71 65.19 27.31
CA ARG G 24 -3.53 64.71 26.20
C ARG G 24 -2.73 63.80 25.28
N ALA G 25 -3.13 62.54 25.19
CA ALA G 25 -2.46 61.52 24.39
C ALA G 25 -3.18 61.28 23.07
N SER G 26 -2.39 61.13 22.01
CA SER G 26 -2.97 60.90 20.69
C SER G 26 -3.58 59.50 20.58
N GLN G 27 -3.19 58.56 21.44
CA GLN G 27 -3.86 57.27 21.52
C GLN G 27 -3.48 56.58 22.82
N SER G 28 -3.96 55.35 22.98
CA SER G 28 -3.91 54.69 24.28
C SER G 28 -2.48 54.48 24.76
N ILE G 29 -2.21 54.91 25.98
CA ILE G 29 -0.97 54.67 26.71
C ILE G 29 -1.36 53.93 27.99
N SER G 30 -2.24 52.94 27.84
CA SER G 30 -3.43 52.73 28.66
C SER G 30 -3.35 53.31 30.06
N ASN G 31 -2.36 52.92 30.86
CA ASN G 31 -2.10 53.64 32.09
C ASN G 31 -0.62 53.95 32.30
N TRP G 32 0.17 53.90 31.23
CA TRP G 32 1.63 54.05 31.29
C TRP G 32 2.06 55.47 30.92
N LEU G 33 2.10 56.30 31.95
CA LEU G 33 2.45 57.72 31.88
C LEU G 33 3.32 58.07 33.07
N ALA G 34 4.19 59.07 32.91
CA ALA G 34 5.03 59.55 34.00
C ALA G 34 4.99 61.06 34.07
N TRP G 35 5.09 61.58 35.30
CA TRP G 35 5.09 63.01 35.57
C TRP G 35 6.47 63.41 36.12
N PHE G 36 7.03 64.49 35.59
CA PHE G 36 8.34 64.98 36.01
C PHE G 36 8.29 66.48 36.29
N GLN G 37 9.13 66.90 37.23
CA GLN G 37 9.28 68.30 37.60
C GLN G 37 10.72 68.73 37.40
N GLN G 38 10.90 69.94 36.89
CA GLN G 38 12.22 70.47 36.61
C GLN G 38 12.31 71.92 37.09
N LYS G 39 13.16 72.18 37.99
CA LYS G 39 13.43 73.60 38.12
C LYS G 39 14.67 73.97 37.29
N PRO G 40 14.88 75.25 36.95
CA PRO G 40 16.05 75.60 36.14
C PRO G 40 17.35 75.26 36.86
N GLY G 41 18.31 74.76 36.09
CA GLY G 41 19.50 74.22 36.69
C GLY G 41 19.30 72.87 37.35
N LYS G 42 18.12 72.29 37.20
CA LYS G 42 17.84 70.98 37.79
C LYS G 42 17.48 69.99 36.69
N ALA G 43 17.78 68.73 36.96
CA ALA G 43 17.48 67.64 36.06
C ALA G 43 15.99 67.34 36.09
N PRO G 44 15.45 66.60 35.11
CA PRO G 44 14.09 66.11 35.25
C PRO G 44 13.95 65.14 36.41
N LYS G 45 13.05 65.48 37.32
CA LYS G 45 12.98 64.87 38.64
C LYS G 45 11.62 64.21 38.75
N LEU G 46 11.62 62.92 39.07
CA LEU G 46 10.43 62.08 38.91
C LEU G 46 9.36 62.45 39.94
N LEU G 47 8.09 62.30 39.55
CA LEU G 47 6.96 62.32 40.47
C LEU G 47 6.19 60.99 40.50
N ILE G 48 5.63 60.58 39.36
CA ILE G 48 4.66 59.48 39.31
C ILE G 48 4.98 58.56 38.13
N TYR G 49 4.62 57.28 38.28
CA TYR G 49 4.80 56.28 37.25
C TYR G 49 3.54 55.43 37.10
N GLU G 50 3.25 55.06 35.84
CA GLU G 50 1.89 54.67 35.47
C GLU G 50 0.83 55.60 36.03
N ALA G 51 1.21 56.85 36.27
CA ALA G 51 0.28 57.97 36.34
C ALA G 51 -0.60 57.97 37.58
N SER G 52 -0.46 56.96 38.44
CA SER G 52 -1.14 57.00 39.73
C SER G 52 -0.29 56.43 40.86
N SER G 53 0.96 56.06 40.61
CA SER G 53 1.75 55.38 41.61
C SER G 53 2.86 56.28 42.17
N LEU G 54 2.92 56.35 43.49
CA LEU G 54 3.78 57.30 44.19
C LEU G 54 5.22 56.79 44.28
N GLU G 55 6.17 57.60 43.82
CA GLU G 55 7.58 57.30 44.07
C GLU G 55 7.96 57.60 45.51
N SER G 56 9.01 56.92 45.96
CA SER G 56 9.64 57.19 47.26
C SER G 56 10.10 58.64 47.36
N GLY G 57 9.80 59.26 48.50
CA GLY G 57 10.27 60.60 48.77
C GLY G 57 9.45 61.67 48.10
N VAL G 58 8.30 61.30 47.54
CA VAL G 58 7.42 62.22 46.83
C VAL G 58 6.25 62.55 47.74
N PRO G 59 6.06 63.82 48.12
CA PRO G 59 4.98 64.19 49.04
C PRO G 59 3.61 63.77 48.56
N SER G 60 2.75 63.35 49.48
CA SER G 60 1.43 62.85 49.13
C SER G 60 0.56 63.88 48.44
N ARG G 61 0.88 65.17 48.54
CA ARG G 61 0.18 66.19 47.77
C ARG G 61 0.33 65.96 46.27
N PHE G 62 1.41 65.31 45.86
CA PHE G 62 1.59 64.91 44.48
C PHE G 62 0.85 63.62 44.23
N SER G 63 0.02 63.61 43.19
CA SER G 63 -0.70 62.42 42.79
C SER G 63 -1.18 62.61 41.36
N GLY G 64 -1.55 61.49 40.73
CA GLY G 64 -2.01 61.54 39.37
C GLY G 64 -3.21 60.63 39.19
N SER G 65 -3.89 60.83 38.06
CA SER G 65 -5.03 60.01 37.72
C SER G 65 -5.20 60.00 36.21
N GLY G 66 -5.94 59.03 35.73
CA GLY G 66 -6.25 58.90 34.32
C GLY G 66 -5.76 57.58 33.74
N SER G 67 -6.47 57.16 32.70
CA SER G 67 -6.10 55.97 31.97
C SER G 67 -6.53 56.16 30.52
N GLY G 68 -5.83 55.47 29.62
CA GLY G 68 -6.13 55.56 28.22
C GLY G 68 -5.47 56.74 27.54
N THR G 69 -6.22 57.81 27.34
CA THR G 69 -5.70 58.99 26.66
C THR G 69 -5.78 60.26 27.49
N GLU G 70 -6.62 60.30 28.52
CA GLU G 70 -6.84 61.51 29.28
C GLU G 70 -6.29 61.30 30.68
N PHE G 71 -5.39 62.19 31.10
CA PHE G 71 -4.65 62.01 32.34
C PHE G 71 -4.55 63.32 33.10
N THR G 72 -4.24 63.20 34.39
CA THR G 72 -4.35 64.30 35.35
C THR G 72 -3.20 64.23 36.35
N LEU G 73 -2.58 65.39 36.60
CA LEU G 73 -1.65 65.57 37.71
C LEU G 73 -2.31 66.44 38.76
N THR G 74 -2.08 66.11 40.04
CA THR G 74 -2.81 66.70 41.14
C THR G 74 -1.87 67.33 42.15
N ILE G 75 -2.19 68.57 42.53
CA ILE G 75 -1.65 69.21 43.71
C ILE G 75 -2.83 69.51 44.63
N SER G 76 -2.80 68.93 45.82
CA SER G 76 -3.82 69.20 46.82
C SER G 76 -3.66 70.62 47.38
N SER G 77 -2.51 70.89 48.00
CA SER G 77 -2.15 72.19 48.58
C SER G 77 -0.73 72.54 48.13
N LEU G 78 -0.59 73.75 47.57
CA LEU G 78 0.69 74.21 47.04
C LEU G 78 1.68 74.41 48.18
N GLN G 79 2.90 73.92 48.00
CA GLN G 79 4.05 74.27 48.82
C GLN G 79 4.92 75.24 48.08
N PRO G 80 5.76 76.03 48.78
CA PRO G 80 6.55 77.03 48.06
C PRO G 80 7.59 76.43 47.14
N ASP G 81 7.96 75.17 47.33
CA ASP G 81 8.98 74.57 46.48
C ASP G 81 8.42 73.83 45.26
N ASP G 82 7.12 73.96 45.03
CA ASP G 82 6.46 73.32 43.91
C ASP G 82 6.39 74.22 42.68
N PHE G 83 6.88 75.45 42.77
CA PHE G 83 6.92 76.38 41.65
C PHE G 83 7.94 75.88 40.62
N ALA G 84 7.47 75.18 39.59
CA ALA G 84 8.37 74.63 38.57
C ALA G 84 7.53 74.19 37.37
N THR G 85 8.21 73.65 36.37
CA THR G 85 7.55 73.10 35.19
C THR G 85 7.29 71.61 35.41
N TYR G 86 6.27 71.10 34.74
CA TYR G 86 5.83 69.72 34.91
C TYR G 86 5.61 69.09 33.54
N TYR G 87 6.18 67.91 33.34
CA TYR G 87 6.10 67.19 32.08
C TYR G 87 5.43 65.84 32.28
N CYS G 88 4.31 65.63 31.60
CA CYS G 88 3.78 64.29 31.48
C CYS G 88 4.60 63.57 30.41
N GLN G 89 4.86 62.29 30.65
CA GLN G 89 5.68 61.50 29.74
C GLN G 89 5.01 60.16 29.48
N GLN G 90 4.90 59.79 28.21
CA GLN G 90 4.46 58.45 27.86
C GLN G 90 5.68 57.57 27.66
N TYR G 91 5.48 56.27 27.84
CA TYR G 91 6.47 55.25 27.53
C TYR G 91 5.81 53.99 27.00
N ASN G 92 4.60 54.11 26.46
CA ASN G 92 3.94 52.95 25.88
C ASN G 92 4.71 52.47 24.65
N SER G 93 5.14 53.39 23.80
CA SER G 93 5.85 53.01 22.58
C SER G 93 6.97 54.00 22.31
N TYR G 94 8.14 53.46 21.98
CA TYR G 94 9.30 54.25 21.59
C TYR G 94 9.03 54.96 20.28
N PRO G 95 9.59 56.15 20.06
CA PRO G 95 10.45 56.88 21.00
C PRO G 95 9.65 57.46 22.14
N TRP G 96 10.29 57.63 23.30
CA TRP G 96 9.58 58.23 24.43
C TRP G 96 9.42 59.72 24.18
N THR G 97 8.18 60.19 24.26
CA THR G 97 7.87 61.55 23.88
C THR G 97 7.50 62.34 25.12
N PHE G 98 7.60 63.66 25.04
CA PHE G 98 7.34 64.52 26.17
C PHE G 98 6.38 65.63 25.79
N GLY G 99 5.57 66.04 26.76
CA GLY G 99 4.68 67.15 26.55
C GLY G 99 5.43 68.47 26.48
N GLN G 100 4.72 69.50 26.03
CA GLN G 100 5.28 70.83 25.95
C GLN G 100 5.62 71.41 27.31
N GLY G 101 5.01 70.93 28.36
CA GLY G 101 5.34 71.39 29.69
C GLY G 101 4.30 72.36 30.26
N THR G 102 4.27 72.42 31.58
CA THR G 102 3.40 73.35 32.31
C THR G 102 4.21 73.92 33.48
N LYS G 103 4.55 75.21 33.39
CA LYS G 103 5.32 75.88 34.43
C LYS G 103 4.32 76.60 35.33
N VAL G 104 4.35 76.32 36.63
CA VAL G 104 3.45 76.94 37.58
C VAL G 104 4.14 78.21 38.09
N GLU G 105 3.41 79.34 38.06
CA GLU G 105 3.96 80.61 38.48
C GLU G 105 3.28 81.10 39.76
N ILE G 106 3.91 82.08 40.40
CA ILE G 106 3.38 82.66 41.63
C ILE G 106 2.11 83.46 41.36
#